data_7VEB
#
_entry.id   7VEB
#
_cell.length_a   1.00
_cell.length_b   1.00
_cell.length_c   1.00
_cell.angle_alpha   90.00
_cell.angle_beta   90.00
_cell.angle_gamma   90.00
#
_symmetry.space_group_name_H-M   'P 1'
#
loop_
_entity.id
_entity.type
_entity.pdbx_description
1 polymer 'C-phycocyanin alpha subunit'
2 polymer 'C-phycocyanin beta subunit'
3 polymer 'Phycobilisome 8.9 kDa linker polypeptide, phycocyanin-associated, rod'
4 polymer 'Phycobilisome 32.1 kDa linker polypeptide, phycocyanin-associated, rod'
5 polymer 'Phycobilisome rod-core linker polypeptide CpcG2'
6 non-polymer PHYCOCYANOBILIN
#
loop_
_entity_poly.entity_id
_entity_poly.type
_entity_poly.pdbx_seq_one_letter_code
_entity_poly.pdbx_strand_id
1 'polypeptide(L)'
;MKTPITEAIAAADTQGRFLSNTELQAVDGRFKRAVASMEAARALTNNAQSLIDGAAQAVYQKFPYTTTMQGSQYASTPEG
KAKCARDIGYYLRMVTYCLVAGGTGPMDEYLIAGLSEINSTFDLSPSWYIEALKYIKANHGLTGQAAVEANAYIDYAINA
LS
;
A,C,E,G,I,K,M,O,Q,S,U,W
2 'polypeptide(L)'
;MLDAFAKVVAQADARGEFLTNAQFDALSNLVKEGNKRLDAVNRITSNASTIVANAARALFAEQPQLIQPGG(MEN)AYTN
RRMAACLRDMEIILRYVTYAILAGDSSVLDDRCLNGLRETYQALGTPGSSVAVAIQKMKDAAIAIANDPNGITPGDCSAL
MSEIAGYFDRAAAAVA
;
B,D,F,H,J,L,N,P,R,T,V,X
3 'polypeptide(L)' MFGQTASGSAALSPSGARVFRYEVVGLRQNEETDRMEFPIRRSGSTFITVPYNRMNEEMQRITRMGGKIVSITPVVAS Y
4 'polypeptide(L)'
;MAITAAASRLGTSAFSDAPPVELRANWSEEDLETVIRAVYRQVLGNDYVMASERLVSAESLLRNGKITVREFVRAVAKSE
LYKEKFLYGNFQTRVIELNYKHLLGRAPYDESEVIFHLDLYENEGFDADIDSYIDSPEYTNSFGDWVVPYYRGFNTQPGQ
KTVGFNRIFRLYRGYANSDRAQAEGSMSRLARDLATNRANTVVPPSNSDTAFAYYTPSADVPPRACLGGSFGESGRVYRI
EVAGIRQPGYPGVRRSSTAFLVPYEQLSAKMQQLQRTGARIISVNPA
;
Z
5 'polypeptide(L)'
;MTIPLLSYAPSSQNQRVAGYEVPNEETPWRYSLEDAVDQSDIDELIWAAYRQVFSEHVVLKSTRQPHLESQLANRAISVR
DFIRGLAKSETFRRLVVETNSNYRLVEIALKRLLGRAPYNKQEELAWSIRIATDGWQKFVDTLVDSDEYTQNFGDNTVPY
QRRRYKDRPFNLVTPRYSDYWRDKLENSRYKWGDIRNFLEMARSVKVTPVQFKPVSTANVQIPDTTRRDRPTVPASINPT
ASFPLR
;
a
#
loop_
_chem_comp.id
_chem_comp.type
_chem_comp.name
_chem_comp.formula
CYC non-polymer PHYCOCYANOBILIN 'C33 H40 N4 O6'
#
# COMPACT_ATOMS: atom_id res chain seq x y z
N MET A 1 29.31 32.06 -20.67
CA MET A 1 30.12 30.85 -20.69
C MET A 1 30.15 30.20 -19.32
N LYS A 2 30.62 28.96 -19.25
CA LYS A 2 30.85 28.32 -17.96
C LYS A 2 32.29 28.61 -17.52
N THR A 3 32.49 29.83 -17.10
CA THR A 3 33.72 30.27 -16.45
C THR A 3 33.55 30.17 -14.93
N PRO A 4 34.55 29.67 -14.20
CA PRO A 4 34.36 29.46 -12.76
C PRO A 4 33.80 30.66 -12.03
N ILE A 5 34.30 31.86 -12.37
CA ILE A 5 33.82 33.09 -11.76
C ILE A 5 32.32 33.21 -11.95
N THR A 6 31.88 33.14 -13.21
CA THR A 6 30.48 33.37 -13.49
C THR A 6 29.60 32.19 -13.06
N GLU A 7 30.18 30.99 -12.97
CA GLU A 7 29.41 29.88 -12.40
C GLU A 7 29.10 30.13 -10.94
N ALA A 8 30.08 30.62 -10.17
CA ALA A 8 29.80 30.98 -8.79
C ALA A 8 28.76 32.10 -8.70
N ILE A 9 28.91 33.10 -9.57
CA ILE A 9 27.95 34.21 -9.54
C ILE A 9 26.54 33.72 -9.84
N ALA A 10 26.39 32.85 -10.83
CA ALA A 10 25.08 32.32 -11.16
C ALA A 10 24.52 31.47 -10.02
N ALA A 11 25.37 30.68 -9.38
CA ALA A 11 24.92 29.88 -8.25
C ALA A 11 24.35 30.76 -7.15
N ALA A 12 24.99 31.91 -6.90
CA ALA A 12 24.43 32.81 -5.91
C ALA A 12 23.19 33.53 -6.43
N ASP A 13 23.12 33.78 -7.73
CA ASP A 13 22.01 34.56 -8.27
C ASP A 13 20.72 33.76 -8.27
N THR A 14 20.79 32.46 -8.56
CA THR A 14 19.57 31.68 -8.58
C THR A 14 18.93 31.59 -7.20
N GLN A 15 19.72 31.72 -6.15
CA GLN A 15 19.21 31.70 -4.79
C GLN A 15 19.03 33.10 -4.21
N GLY A 16 19.27 34.14 -5.00
CA GLY A 16 18.98 35.50 -4.57
C GLY A 16 19.67 35.93 -3.30
N ARG A 17 20.95 35.59 -3.14
CA ARG A 17 21.67 35.89 -1.93
C ARG A 17 23.03 36.47 -2.26
N PHE A 18 23.53 37.33 -1.38
CA PHE A 18 24.86 37.91 -1.56
C PHE A 18 25.92 36.82 -1.56
N LEU A 19 27.01 37.08 -2.27
CA LEU A 19 28.09 36.10 -2.40
C LEU A 19 28.61 35.64 -1.06
N SER A 20 28.42 34.37 -0.74
CA SER A 20 28.89 33.80 0.50
C SER A 20 30.36 33.38 0.36
N ASN A 21 30.95 32.93 1.47
CA ASN A 21 32.34 32.52 1.43
C ASN A 21 32.55 31.33 0.49
N THR A 22 31.50 30.56 0.23
CA THR A 22 31.60 29.44 -0.71
C THR A 22 32.09 29.91 -2.08
N GLU A 23 31.39 30.88 -2.65
CA GLU A 23 31.74 31.38 -3.97
C GLU A 23 33.08 32.09 -3.96
N LEU A 24 33.37 32.82 -2.88
CA LEU A 24 34.65 33.50 -2.77
C LEU A 24 35.80 32.50 -2.75
N GLN A 25 35.63 31.38 -2.04
CA GLN A 25 36.64 30.33 -2.06
C GLN A 25 36.83 29.78 -3.46
N ALA A 26 35.73 29.55 -4.18
CA ALA A 26 35.86 29.05 -5.54
C ALA A 26 36.69 29.99 -6.41
N VAL A 27 36.35 31.28 -6.38
CA VAL A 27 37.07 32.25 -7.20
C VAL A 27 38.54 32.31 -6.78
N ASP A 28 38.79 32.19 -5.47
CA ASP A 28 40.17 32.18 -5.00
C ASP A 28 40.95 31.02 -5.61
N GLY A 29 40.33 29.84 -5.66
CA GLY A 29 40.99 28.71 -6.30
C GLY A 29 41.28 28.99 -7.76
N ARG A 30 40.35 29.64 -8.45
CA ARG A 30 40.59 29.99 -9.85
C ARG A 30 41.81 30.89 -9.99
N PHE A 31 41.91 31.90 -9.14
CA PHE A 31 43.05 32.81 -9.21
C PHE A 31 44.35 32.09 -8.88
N LYS A 32 44.30 31.16 -7.93
CA LYS A 32 45.50 30.40 -7.59
C LYS A 32 45.98 29.57 -8.78
N ARG A 33 45.05 28.91 -9.47
CA ARG A 33 45.42 28.08 -10.62
C ARG A 33 45.74 28.90 -11.86
N ALA A 34 45.37 30.18 -11.87
CA ALA A 34 45.52 30.99 -13.06
C ALA A 34 46.97 31.16 -13.48
N VAL A 35 47.91 31.14 -12.53
CA VAL A 35 49.32 31.30 -12.89
C VAL A 35 49.74 30.21 -13.86
N ALA A 36 49.51 28.96 -13.47
CA ALA A 36 49.83 27.83 -14.34
C ALA A 36 48.98 27.85 -15.60
N SER A 37 47.71 28.24 -15.49
CA SER A 37 46.85 28.23 -16.66
C SER A 37 47.36 29.19 -17.73
N MET A 38 47.75 30.39 -17.33
CA MET A 38 48.27 31.36 -18.28
C MET A 38 49.60 30.90 -18.85
N GLU A 39 50.45 30.25 -18.03
CA GLU A 39 51.68 29.70 -18.59
C GLU A 39 51.38 28.69 -19.68
N ALA A 40 50.40 27.81 -19.45
CA ALA A 40 50.05 26.80 -20.44
C ALA A 40 49.52 27.46 -21.72
N ALA A 41 48.68 28.48 -21.57
CA ALA A 41 48.12 29.15 -22.74
C ALA A 41 49.23 29.78 -23.57
N ARG A 42 50.16 30.48 -22.90
CA ARG A 42 51.28 31.07 -23.62
C ARG A 42 52.06 30.01 -24.37
N ALA A 43 52.31 28.87 -23.73
CA ALA A 43 53.07 27.82 -24.38
C ALA A 43 52.37 27.33 -25.65
N LEU A 44 51.06 27.08 -25.56
CA LEU A 44 50.37 26.56 -26.73
C LEU A 44 50.33 27.59 -27.86
N THR A 45 50.12 28.86 -27.53
CA THR A 45 50.00 29.85 -28.59
C THR A 45 51.34 30.16 -29.24
N ASN A 46 52.44 30.11 -28.48
CA ASN A 46 53.72 30.51 -29.04
C ASN A 46 54.21 29.56 -30.11
N ASN A 47 53.87 28.27 -30.03
CA ASN A 47 54.26 27.30 -31.06
C ASN A 47 53.05 26.76 -31.80
N ALA A 48 52.02 27.60 -31.98
CA ALA A 48 50.76 27.14 -32.52
C ALA A 48 50.90 26.63 -33.95
N GLN A 49 51.63 27.37 -34.79
CA GLN A 49 51.75 26.99 -36.19
C GLN A 49 52.40 25.62 -36.34
N SER A 50 53.46 25.38 -35.57
CA SER A 50 54.16 24.11 -35.62
C SER A 50 53.22 22.95 -35.30
N LEU A 51 52.46 23.09 -34.22
CA LEU A 51 51.54 22.03 -33.81
C LEU A 51 50.43 21.84 -34.83
N ILE A 52 49.93 22.93 -35.41
CA ILE A 52 48.85 22.82 -36.39
C ILE A 52 49.30 22.00 -37.59
N ASP A 53 50.46 22.35 -38.15
CA ASP A 53 50.91 21.62 -39.34
C ASP A 53 51.23 20.16 -39.00
N GLY A 54 51.86 19.94 -37.84
CA GLY A 54 52.13 18.57 -37.43
C GLY A 54 50.87 17.73 -37.31
N ALA A 55 49.81 18.30 -36.72
CA ALA A 55 48.57 17.57 -36.58
C ALA A 55 47.95 17.27 -37.95
N ALA A 56 48.03 18.23 -38.87
CA ALA A 56 47.51 17.97 -40.22
C ALA A 56 48.19 16.76 -40.84
N GLN A 57 49.53 16.71 -40.76
CA GLN A 57 50.22 15.56 -41.31
C GLN A 57 49.87 14.28 -40.56
N ALA A 58 49.65 14.37 -39.25
CA ALA A 58 49.30 13.18 -38.48
C ALA A 58 47.98 12.59 -38.97
N VAL A 59 46.98 13.43 -39.19
CA VAL A 59 45.71 12.92 -39.69
C VAL A 59 45.89 12.35 -41.09
N TYR A 60 46.70 13.00 -41.93
CA TYR A 60 46.94 12.47 -43.25
C TYR A 60 47.58 11.08 -43.20
N GLN A 61 48.46 10.84 -42.21
CA GLN A 61 49.11 9.55 -42.12
C GLN A 61 48.19 8.48 -41.54
N LYS A 62 47.43 8.82 -40.50
CA LYS A 62 46.56 7.81 -39.88
C LYS A 62 45.44 7.40 -40.81
N PHE A 63 44.93 8.31 -41.63
CA PHE A 63 43.84 8.02 -42.56
C PHE A 63 44.28 8.42 -43.97
N PRO A 64 45.09 7.59 -44.62
CA PRO A 64 45.53 7.92 -45.99
C PRO A 64 44.37 8.06 -46.95
N TYR A 65 43.30 7.28 -46.75
CA TYR A 65 42.16 7.32 -47.65
C TYR A 65 41.52 8.70 -47.71
N THR A 66 41.69 9.51 -46.67
CA THR A 66 41.10 10.84 -46.68
C THR A 66 41.80 11.77 -47.67
N THR A 67 43.02 11.45 -48.08
CA THR A 67 43.75 12.29 -49.02
C THR A 67 43.62 11.83 -50.46
N THR A 68 42.89 10.74 -50.71
CA THR A 68 42.83 10.17 -52.05
C THR A 68 41.41 10.10 -52.60
N MET A 69 40.45 9.59 -51.82
CA MET A 69 39.09 9.43 -52.31
C MET A 69 38.52 10.76 -52.79
N GLN A 70 37.91 10.75 -53.96
CA GLN A 70 37.30 11.96 -54.48
C GLN A 70 35.98 12.23 -53.79
N GLY A 71 35.68 13.52 -53.63
CA GLY A 71 34.50 13.95 -52.92
C GLY A 71 34.76 15.28 -52.23
N SER A 72 33.66 15.93 -51.84
CA SER A 72 33.80 17.22 -51.19
C SER A 72 34.32 17.08 -49.76
N GLN A 73 34.06 15.95 -49.12
CA GLN A 73 34.46 15.73 -47.73
C GLN A 73 35.84 15.12 -47.61
N TYR A 74 36.74 15.44 -48.54
CA TYR A 74 38.09 14.93 -48.50
C TYR A 74 39.07 16.04 -48.82
N ALA A 75 40.32 15.84 -48.43
CA ALA A 75 41.39 16.79 -48.70
C ALA A 75 42.26 16.37 -49.89
N SER A 76 41.65 15.73 -50.89
CA SER A 76 42.42 15.37 -52.08
C SER A 76 42.84 16.61 -52.86
N THR A 77 41.94 17.59 -52.97
CA THR A 77 42.15 18.88 -53.60
C THR A 77 42.93 19.80 -52.66
N PRO A 78 43.72 20.73 -53.19
CA PRO A 78 44.39 21.70 -52.30
C PRO A 78 43.42 22.51 -51.47
N GLU A 79 42.24 22.82 -52.00
CA GLU A 79 41.25 23.54 -51.20
C GLU A 79 40.84 22.72 -49.99
N GLY A 80 40.75 21.41 -50.14
CA GLY A 80 40.43 20.55 -49.01
C GLY A 80 41.53 20.55 -47.97
N LYS A 81 42.78 20.53 -48.41
CA LYS A 81 43.89 20.62 -47.46
C LYS A 81 43.82 21.95 -46.70
N ALA A 82 43.48 23.03 -47.40
CA ALA A 82 43.32 24.31 -46.74
C ALA A 82 42.22 24.26 -45.68
N LYS A 83 41.08 23.67 -46.02
CA LYS A 83 39.99 23.61 -45.04
C LYS A 83 40.38 22.73 -43.85
N CYS A 84 41.13 21.66 -44.10
CA CYS A 84 41.59 20.82 -42.99
C CYS A 84 42.49 21.62 -42.05
N ALA A 85 43.41 22.39 -42.63
CA ALA A 85 44.26 23.24 -41.81
C ALA A 85 43.42 24.23 -41.01
N ARG A 86 42.40 24.81 -41.65
CA ARG A 86 41.54 25.77 -40.96
C ARG A 86 40.84 25.13 -39.77
N ASP A 87 40.33 23.90 -39.95
CA ASP A 87 39.59 23.25 -38.88
C ASP A 87 40.50 22.91 -37.69
N ILE A 88 41.66 22.33 -37.97
CA ILE A 88 42.52 21.99 -36.84
C ILE A 88 43.02 23.26 -36.16
N GLY A 89 43.23 24.32 -36.93
CA GLY A 89 43.53 25.60 -36.34
C GLY A 89 42.42 26.09 -35.44
N TYR A 90 41.17 25.88 -35.85
CA TYR A 90 40.05 26.26 -35.00
C TYR A 90 40.10 25.52 -33.68
N TYR A 91 40.38 24.21 -33.73
CA TYR A 91 40.44 23.45 -32.47
C TYR A 91 41.54 23.99 -31.56
N LEU A 92 42.71 24.26 -32.11
CA LEU A 92 43.80 24.76 -31.26
C LEU A 92 43.48 26.16 -30.73
N ARG A 93 42.88 27.02 -31.55
CA ARG A 93 42.54 28.35 -31.08
C ARG A 93 41.50 28.28 -29.97
N MET A 94 40.55 27.36 -30.09
CA MET A 94 39.54 27.23 -29.05
C MET A 94 40.13 26.68 -27.77
N VAL A 95 41.07 25.74 -27.85
CA VAL A 95 41.68 25.24 -26.62
C VAL A 95 42.48 26.34 -25.94
N THR A 96 43.13 27.21 -26.72
CA THR A 96 43.84 28.32 -26.09
C THR A 96 42.91 29.41 -25.57
N TYR A 97 41.68 29.48 -26.10
CA TYR A 97 40.68 30.34 -25.47
C TYR A 97 40.21 29.74 -24.14
N CYS A 98 40.03 28.42 -24.12
CA CYS A 98 39.54 27.74 -22.92
C CYS A 98 40.57 27.81 -21.80
N LEU A 99 41.85 27.71 -22.15
CA LEU A 99 42.89 27.81 -21.12
C LEU A 99 42.86 29.15 -20.42
N VAL A 100 42.68 30.23 -21.18
CA VAL A 100 42.69 31.55 -20.59
C VAL A 100 41.39 31.86 -19.86
N ALA A 101 40.26 31.36 -20.37
CA ALA A 101 39.01 31.61 -19.68
C ALA A 101 38.94 30.93 -18.32
N GLY A 102 39.72 29.86 -18.11
CA GLY A 102 39.74 29.16 -16.85
C GLY A 102 38.75 28.01 -16.73
N GLY A 103 37.96 27.74 -17.76
CA GLY A 103 37.05 26.62 -17.73
C GLY A 103 36.70 26.18 -19.13
N THR A 104 35.79 25.20 -19.23
CA THR A 104 35.38 24.68 -20.53
C THR A 104 34.26 25.49 -21.17
N GLY A 105 34.06 26.74 -20.74
CA GLY A 105 33.08 27.62 -21.32
C GLY A 105 33.27 27.82 -22.82
N PRO A 106 34.44 28.35 -23.22
CA PRO A 106 34.65 28.61 -24.65
C PRO A 106 34.49 27.37 -25.51
N MET A 107 35.09 26.26 -25.11
CA MET A 107 34.99 25.04 -25.89
C MET A 107 33.53 24.61 -26.03
N ASP A 108 32.72 24.83 -24.99
CA ASP A 108 31.33 24.41 -25.03
C ASP A 108 30.48 25.32 -25.91
N GLU A 109 30.66 26.64 -25.83
CA GLU A 109 29.74 27.52 -26.53
C GLU A 109 30.15 27.70 -27.99
N TYR A 110 31.44 27.86 -28.25
CA TYR A 110 31.89 28.11 -29.63
C TYR A 110 32.22 26.83 -30.37
N LEU A 111 32.11 25.68 -29.72
CA LEU A 111 32.33 24.39 -30.35
C LEU A 111 31.53 23.39 -29.52
N ILE A 112 31.51 22.14 -29.97
CA ILE A 112 30.97 21.04 -29.18
C ILE A 112 29.44 21.10 -29.10
N ALA A 113 28.84 22.15 -29.65
CA ALA A 113 27.39 22.31 -29.65
C ALA A 113 26.87 22.06 -31.06
N GLY A 114 25.99 21.08 -31.19
CA GLY A 114 25.55 20.68 -32.51
C GLY A 114 26.67 20.09 -33.34
N LEU A 115 27.83 19.86 -32.74
CA LEU A 115 28.96 19.28 -33.45
C LEU A 115 28.52 18.00 -34.13
N SER A 116 27.66 17.24 -33.49
CA SER A 116 27.14 16.01 -34.10
C SER A 116 26.36 16.33 -35.36
N GLU A 117 25.53 17.37 -35.33
CA GLU A 117 24.77 17.73 -36.51
C GLU A 117 25.69 18.02 -37.69
N ILE A 118 26.68 18.88 -37.47
CA ILE A 118 27.56 19.29 -38.56
C ILE A 118 28.37 18.11 -39.06
N ASN A 119 28.94 17.33 -38.13
CA ASN A 119 29.74 16.19 -38.54
C ASN A 119 28.92 15.14 -39.25
N SER A 120 27.61 15.12 -39.06
CA SER A 120 26.77 14.17 -39.77
C SER A 120 26.31 14.68 -41.11
N THR A 121 26.05 15.99 -41.23
CA THR A 121 25.51 16.50 -42.49
C THR A 121 26.60 16.61 -43.55
N PHE A 122 27.73 17.21 -43.23
CA PHE A 122 28.82 17.33 -44.18
C PHE A 122 29.75 16.14 -44.17
N ASP A 123 29.45 15.12 -43.37
CA ASP A 123 30.15 13.83 -43.42
C ASP A 123 31.63 13.97 -43.09
N LEU A 124 31.94 14.79 -42.10
CA LEU A 124 33.29 14.83 -41.52
C LEU A 124 33.28 13.94 -40.30
N SER A 125 33.82 12.74 -40.44
CA SER A 125 33.82 11.80 -39.32
C SER A 125 34.65 12.35 -38.18
N PRO A 126 34.15 12.30 -36.94
CA PRO A 126 34.89 12.90 -35.82
C PRO A 126 36.28 12.32 -35.62
N SER A 127 36.51 11.09 -36.05
CA SER A 127 37.78 10.41 -35.76
C SER A 127 38.96 11.22 -36.26
N TRP A 128 38.81 11.89 -37.40
CA TRP A 128 39.89 12.71 -37.93
C TRP A 128 40.34 13.76 -36.92
N TYR A 129 39.39 14.56 -36.44
CA TYR A 129 39.74 15.59 -35.47
C TYR A 129 40.20 15.00 -34.16
N ILE A 130 39.67 13.83 -33.80
CA ILE A 130 40.08 13.19 -32.55
C ILE A 130 41.56 12.83 -32.60
N GLU A 131 42.00 12.24 -33.71
CA GLU A 131 43.42 11.92 -33.85
C GLU A 131 44.27 13.19 -33.87
N ALA A 132 43.77 14.24 -34.53
CA ALA A 132 44.52 15.49 -34.55
C ALA A 132 44.71 16.03 -33.14
N LEU A 133 43.63 16.05 -32.35
CA LEU A 133 43.73 16.49 -30.97
C LEU A 133 44.66 15.62 -30.17
N LYS A 134 44.70 14.31 -30.47
CA LYS A 134 45.64 13.43 -29.79
C LYS A 134 47.09 13.83 -30.08
N TYR A 135 47.38 14.16 -31.34
CA TYR A 135 48.72 14.64 -31.67
C TYR A 135 49.04 15.89 -30.88
N ILE A 136 48.10 16.83 -30.82
CA ILE A 136 48.35 18.06 -30.07
C ILE A 136 48.63 17.73 -28.61
N LYS A 137 47.87 16.79 -28.05
CA LYS A 137 48.03 16.40 -26.65
C LYS A 137 49.36 15.72 -26.39
N ALA A 138 49.97 15.12 -27.41
CA ALA A 138 51.26 14.48 -27.22
C ALA A 138 52.45 15.37 -27.52
N ASN A 139 52.28 16.39 -28.36
CA ASN A 139 53.40 17.23 -28.77
C ASN A 139 53.36 18.63 -28.18
N HIS A 140 52.44 18.90 -27.25
CA HIS A 140 52.29 20.26 -26.74
C HIS A 140 53.56 20.76 -26.07
N GLY A 141 54.38 19.85 -25.54
CA GLY A 141 55.65 20.24 -24.96
C GLY A 141 55.55 21.07 -23.71
N LEU A 142 54.55 20.83 -22.88
CA LEU A 142 54.42 21.46 -21.57
C LEU A 142 54.91 20.52 -20.49
N THR A 143 55.08 21.06 -19.29
CA THR A 143 55.55 20.28 -18.15
C THR A 143 54.80 20.72 -16.90
N GLY A 144 54.68 19.79 -15.95
CA GLY A 144 54.08 20.10 -14.67
C GLY A 144 52.56 20.21 -14.71
N GLN A 145 52.03 20.92 -13.72
CA GLN A 145 50.59 21.06 -13.62
C GLN A 145 50.03 21.85 -14.79
N ALA A 146 50.85 22.71 -15.41
CA ALA A 146 50.42 23.36 -16.64
C ALA A 146 50.12 22.32 -17.71
N ALA A 147 51.02 21.35 -17.86
CA ALA A 147 50.76 20.26 -18.80
C ALA A 147 49.51 19.51 -18.42
N VAL A 148 49.32 19.27 -17.12
CA VAL A 148 48.14 18.54 -16.67
C VAL A 148 46.87 19.23 -17.14
N GLU A 149 46.76 20.53 -16.89
CA GLU A 149 45.51 21.23 -17.22
C GLU A 149 45.30 21.33 -18.73
N ALA A 150 46.37 21.60 -19.48
CA ALA A 150 46.22 21.66 -20.94
C ALA A 150 45.72 20.32 -21.48
N ASN A 151 46.32 19.23 -21.00
CA ASN A 151 45.87 17.90 -21.40
C ASN A 151 44.40 17.71 -21.03
N ALA A 152 44.03 18.13 -19.82
CA ALA A 152 42.65 17.91 -19.37
C ALA A 152 41.66 18.55 -20.34
N TYR A 153 41.92 19.79 -20.74
CA TYR A 153 41.01 20.44 -21.69
C TYR A 153 41.01 19.72 -23.04
N ILE A 154 42.19 19.35 -23.53
CA ILE A 154 42.23 18.64 -24.82
C ILE A 154 41.41 17.37 -24.75
N ASP A 155 41.53 16.64 -23.65
CA ASP A 155 40.81 15.37 -23.52
C ASP A 155 39.33 15.59 -23.34
N TYR A 156 38.92 16.70 -22.71
CA TYR A 156 37.51 17.05 -22.70
C TYR A 156 36.99 17.18 -24.12
N ALA A 157 37.74 17.88 -24.97
CA ALA A 157 37.34 17.98 -26.37
C ALA A 157 37.29 16.61 -27.04
N ILE A 158 38.29 15.77 -26.78
CA ILE A 158 38.36 14.46 -27.40
C ILE A 158 37.12 13.64 -27.03
N ASN A 159 36.79 13.60 -25.75
CA ASN A 159 35.63 12.83 -25.32
C ASN A 159 34.33 13.44 -25.84
N ALA A 160 34.29 14.76 -26.00
CA ALA A 160 33.09 15.38 -26.55
C ALA A 160 32.89 15.00 -28.01
N LEU A 161 33.97 14.95 -28.79
CA LEU A 161 33.85 14.53 -30.18
C LEU A 161 33.40 13.08 -30.29
N SER A 162 33.87 12.23 -29.39
CA SER A 162 33.47 10.83 -29.39
C SER A 162 32.03 10.70 -28.90
N MET B 1 26.34 36.33 -20.07
CA MET B 1 27.15 36.92 -19.01
C MET B 1 28.63 36.60 -19.23
N LEU B 2 29.45 37.65 -19.34
CA LEU B 2 30.88 37.51 -19.55
C LEU B 2 31.61 38.31 -18.48
N ASP B 3 32.29 37.61 -17.58
CA ASP B 3 33.20 38.29 -16.65
C ASP B 3 34.41 38.82 -17.43
N ALA B 4 35.34 39.43 -16.70
CA ALA B 4 36.46 40.12 -17.34
C ALA B 4 37.25 39.19 -18.26
N PHE B 5 37.68 38.05 -17.70
CA PHE B 5 38.37 37.04 -18.51
C PHE B 5 37.51 36.64 -19.71
N ALA B 6 36.25 36.31 -19.44
CA ALA B 6 35.36 35.89 -20.51
C ALA B 6 35.17 36.99 -21.53
N LYS B 7 35.09 38.24 -21.09
CA LYS B 7 34.91 39.34 -22.02
C LYS B 7 36.07 39.42 -23.00
N VAL B 8 37.31 39.42 -22.49
CA VAL B 8 38.45 39.55 -23.38
C VAL B 8 38.52 38.37 -24.33
N VAL B 9 38.27 37.15 -23.83
CA VAL B 9 38.35 36.01 -24.72
C VAL B 9 37.23 36.05 -25.76
N ALA B 10 36.07 36.58 -25.41
CA ALA B 10 34.95 36.61 -26.36
C ALA B 10 35.23 37.58 -27.50
N GLN B 11 35.72 38.79 -27.17
CA GLN B 11 36.05 39.71 -28.25
C GLN B 11 37.17 39.15 -29.12
N ALA B 12 38.16 38.51 -28.50
CA ALA B 12 39.24 37.90 -29.28
C ALA B 12 38.73 36.78 -30.17
N ASP B 13 37.71 36.05 -29.72
CA ASP B 13 37.13 35.01 -30.57
C ASP B 13 36.34 35.62 -31.72
N ALA B 14 35.66 36.74 -31.48
CA ALA B 14 34.95 37.42 -32.55
C ALA B 14 35.93 37.88 -33.64
N ARG B 15 37.10 38.39 -33.23
CA ARG B 15 38.09 38.76 -34.24
C ARG B 15 38.76 37.54 -34.85
N GLY B 16 38.83 36.43 -34.11
CA GLY B 16 39.40 35.20 -34.67
C GLY B 16 40.90 35.11 -34.61
N GLU B 17 41.53 35.75 -33.63
CA GLU B 17 42.98 35.76 -33.50
C GLU B 17 43.38 35.15 -32.16
N PHE B 18 44.42 34.32 -32.18
CA PHE B 18 45.00 33.81 -30.95
C PHE B 18 45.29 34.96 -30.00
N LEU B 19 45.04 34.73 -28.71
CA LEU B 19 45.26 35.78 -27.72
C LEU B 19 46.69 36.29 -27.81
N THR B 20 46.84 37.61 -27.92
CA THR B 20 48.15 38.21 -28.10
C THR B 20 48.84 38.39 -26.76
N ASN B 21 50.15 38.63 -26.81
CA ASN B 21 50.94 38.71 -25.58
C ASN B 21 50.46 39.83 -24.67
N ALA B 22 50.03 40.95 -25.27
CA ALA B 22 49.48 42.04 -24.47
C ALA B 22 48.27 41.59 -23.66
N GLN B 23 47.36 40.86 -24.30
CA GLN B 23 46.19 40.37 -23.59
C GLN B 23 46.58 39.40 -22.47
N PHE B 24 47.54 38.51 -22.74
CA PHE B 24 48.02 37.60 -21.70
C PHE B 24 48.49 38.38 -20.48
N ASP B 25 49.34 39.40 -20.69
CA ASP B 25 49.88 40.10 -19.52
C ASP B 25 48.81 40.93 -18.82
N ALA B 26 47.82 41.44 -19.55
CA ALA B 26 46.70 42.10 -18.90
C ALA B 26 45.98 41.13 -17.95
N LEU B 27 45.72 39.92 -18.42
CA LEU B 27 45.05 38.93 -17.57
C LEU B 27 45.91 38.56 -16.37
N SER B 28 47.23 38.44 -16.58
CA SER B 28 48.12 38.12 -15.46
C SER B 28 48.09 39.23 -14.42
N ASN B 29 48.02 40.49 -14.86
CA ASN B 29 47.87 41.59 -13.92
C ASN B 29 46.56 41.47 -13.15
N LEU B 30 45.49 41.08 -13.84
CA LEU B 30 44.21 40.90 -13.15
C LEU B 30 44.33 39.85 -12.05
N VAL B 31 45.00 38.73 -12.34
CA VAL B 31 45.15 37.69 -11.34
C VAL B 31 46.05 38.16 -10.20
N LYS B 32 47.08 38.94 -10.51
CA LYS B 32 48.02 39.36 -9.48
C LYS B 32 47.34 40.21 -8.42
N GLU B 33 46.34 41.00 -8.78
CA GLU B 33 45.59 41.80 -7.83
C GLU B 33 44.25 41.17 -7.47
N GLY B 34 44.10 39.87 -7.73
CA GLY B 34 42.82 39.22 -7.46
C GLY B 34 42.51 39.13 -5.98
N ASN B 35 43.52 38.85 -5.15
CA ASN B 35 43.29 38.77 -3.71
C ASN B 35 42.65 40.04 -3.19
N LYS B 36 43.10 41.20 -3.67
CA LYS B 36 42.52 42.46 -3.24
C LYS B 36 41.04 42.51 -3.60
N ARG B 37 40.69 42.09 -4.81
CA ARG B 37 39.30 42.11 -5.26
C ARG B 37 38.44 41.24 -4.35
N LEU B 38 38.91 40.03 -4.06
CA LEU B 38 38.18 39.14 -3.17
C LEU B 38 37.99 39.76 -1.79
N ASP B 39 39.05 40.37 -1.26
CA ASP B 39 38.95 40.98 0.07
C ASP B 39 37.89 42.08 0.08
N ALA B 40 37.90 42.92 -0.94
CA ALA B 40 36.95 44.03 -0.98
C ALA B 40 35.52 43.50 -1.03
N VAL B 41 35.27 42.49 -1.87
CA VAL B 41 33.90 42.01 -1.99
C VAL B 41 33.46 41.33 -0.70
N ASN B 42 34.38 40.63 -0.04
CA ASN B 42 34.03 39.99 1.23
C ASN B 42 33.63 41.03 2.26
N ARG B 43 34.38 42.13 2.34
CA ARG B 43 34.05 43.15 3.32
C ARG B 43 32.74 43.85 3.01
N ILE B 44 32.47 44.11 1.73
CA ILE B 44 31.20 44.75 1.39
C ILE B 44 30.03 43.82 1.71
N THR B 45 30.15 42.54 1.34
CA THR B 45 29.04 41.64 1.54
C THR B 45 28.82 41.35 3.02
N SER B 46 29.86 41.45 3.84
CA SER B 46 29.66 41.19 5.26
C SER B 46 28.80 42.26 5.93
N ASN B 47 28.84 43.49 5.42
CA ASN B 47 28.05 44.58 5.99
C ASN B 47 26.89 44.99 5.10
N ALA B 48 26.55 44.17 4.10
CA ALA B 48 25.42 44.45 3.21
C ALA B 48 24.19 44.99 3.94
N SER B 49 23.71 44.25 4.95
CA SER B 49 22.45 44.61 5.59
C SER B 49 22.52 45.99 6.22
N THR B 50 23.59 46.25 6.96
CA THR B 50 23.75 47.56 7.59
C THR B 50 23.87 48.66 6.55
N ILE B 51 24.58 48.39 5.45
CA ILE B 51 24.73 49.39 4.41
C ILE B 51 23.37 49.81 3.89
N VAL B 52 22.55 48.82 3.52
CA VAL B 52 21.25 49.13 2.94
C VAL B 52 20.37 49.84 3.96
N ALA B 53 20.38 49.36 5.21
CA ALA B 53 19.49 49.94 6.22
C ALA B 53 19.84 51.39 6.51
N ASN B 54 21.13 51.67 6.74
CA ASN B 54 21.53 53.04 7.03
C ASN B 54 21.24 53.95 5.85
N ALA B 55 21.54 53.49 4.63
CA ALA B 55 21.27 54.33 3.46
C ALA B 55 19.78 54.62 3.35
N ALA B 56 18.94 53.63 3.65
CA ALA B 56 17.50 53.83 3.57
C ALA B 56 17.03 54.88 4.57
N ARG B 57 17.50 54.76 5.83
CA ARG B 57 17.12 55.76 6.82
C ARG B 57 17.52 57.16 6.34
N ALA B 58 18.73 57.29 5.80
CA ALA B 58 19.18 58.59 5.32
C ALA B 58 18.29 59.12 4.20
N LEU B 59 17.94 58.25 3.25
CA LEU B 59 17.11 58.69 2.13
C LEU B 59 15.76 59.19 2.59
N PHE B 60 15.13 58.46 3.51
CA PHE B 60 13.81 58.89 3.96
C PHE B 60 13.90 60.12 4.85
N ALA B 61 15.04 60.37 5.49
CA ALA B 61 15.20 61.61 6.23
C ALA B 61 15.41 62.81 5.30
N GLU B 62 16.18 62.62 4.21
CA GLU B 62 16.46 63.73 3.31
C GLU B 62 15.30 64.05 2.39
N GLN B 63 14.46 63.07 2.05
CA GLN B 63 13.34 63.26 1.14
C GLN B 63 12.08 62.73 1.82
N PRO B 64 11.52 63.48 2.77
CA PRO B 64 10.35 62.98 3.51
C PRO B 64 9.13 62.75 2.65
N GLN B 65 9.05 63.37 1.46
CA GLN B 65 7.88 63.20 0.62
C GLN B 65 7.62 61.72 0.34
N LEU B 66 8.67 60.91 0.24
CA LEU B 66 8.51 59.51 -0.08
C LEU B 66 7.69 58.78 0.98
N ILE B 67 7.95 59.07 2.27
CA ILE B 67 7.28 58.36 3.35
C ILE B 67 6.05 59.09 3.85
N GLN B 68 5.78 60.29 3.35
CA GLN B 68 4.52 60.94 3.66
C GLN B 68 3.37 60.18 3.01
N PRO B 69 2.18 60.23 3.58
CA PRO B 69 1.03 59.55 2.96
C PRO B 69 0.84 60.03 1.54
N GLY B 70 0.63 59.08 0.64
CA GLY B 70 0.49 59.38 -0.78
C GLY B 70 1.79 59.35 -1.56
N GLY B 71 2.92 59.18 -0.89
CA GLY B 71 4.20 59.09 -1.58
C GLY B 71 4.57 57.66 -1.89
N MEN B 72 5.54 57.45 -2.77
CA MEN B 72 5.85 56.10 -3.22
C MEN B 72 6.50 55.16 -2.21
O MEN B 72 6.52 53.96 -2.45
CB MEN B 72 6.74 56.14 -4.45
CG MEN B 72 6.11 55.24 -5.48
OD1 MEN B 72 6.46 54.07 -5.61
ND2 MEN B 72 5.14 55.80 -6.21
CE2 MEN B 72 4.55 54.84 -7.20
N ALA B 73 7.01 55.70 -1.12
CA ALA B 73 7.62 54.86 -0.10
C ALA B 73 6.75 54.85 1.16
N TYR B 74 5.45 54.90 0.93
CA TYR B 74 4.43 54.78 1.97
C TYR B 74 3.75 53.43 1.81
N THR B 75 2.83 53.11 2.71
CA THR B 75 1.95 51.95 2.71
C THR B 75 2.62 50.67 3.26
N ASN B 76 3.90 50.70 3.58
CA ASN B 76 4.63 49.61 4.24
C ASN B 76 4.82 48.40 3.33
N ARG B 77 4.04 48.33 2.25
CA ARG B 77 4.28 47.32 1.24
C ARG B 77 5.26 47.84 0.22
N ARG B 78 5.02 49.08 -0.21
CA ARG B 78 5.97 49.76 -1.07
C ARG B 78 7.27 50.07 -0.34
N MET B 79 7.23 50.25 0.98
CA MET B 79 8.47 50.40 1.73
C MET B 79 9.31 49.12 1.64
N ALA B 80 8.65 47.97 1.80
CA ALA B 80 9.36 46.70 1.64
C ALA B 80 9.92 46.57 0.24
N ALA B 81 9.14 46.95 -0.77
CA ALA B 81 9.63 46.89 -2.14
C ALA B 81 10.86 47.78 -2.32
N CYS B 82 10.84 48.99 -1.76
CA CYS B 82 11.98 49.89 -1.94
C CYS B 82 13.23 49.33 -1.30
N LEU B 83 13.11 48.81 -0.08
CA LEU B 83 14.26 48.20 0.56
C LEU B 83 14.78 47.02 -0.26
N ARG B 84 13.85 46.22 -0.78
CA ARG B 84 14.23 45.06 -1.58
C ARG B 84 15.03 45.49 -2.80
N ASP B 85 14.60 46.54 -3.48
CA ASP B 85 15.30 46.95 -4.70
C ASP B 85 16.65 47.56 -4.39
N MET B 86 16.76 48.31 -3.29
CA MET B 86 18.07 48.82 -2.92
C MET B 86 19.05 47.68 -2.65
N GLU B 87 18.61 46.67 -1.90
CA GLU B 87 19.52 45.55 -1.64
C GLU B 87 19.78 44.75 -2.91
N ILE B 88 18.83 44.70 -3.84
CA ILE B 88 19.06 44.01 -5.10
C ILE B 88 20.18 44.70 -5.88
N ILE B 89 20.13 46.03 -5.94
CA ILE B 89 21.19 46.76 -6.63
C ILE B 89 22.53 46.51 -5.97
N LEU B 90 22.56 46.51 -4.63
CA LEU B 90 23.80 46.21 -3.94
C LEU B 90 24.30 44.80 -4.28
N ARG B 91 23.37 43.85 -4.37
CA ARG B 91 23.76 42.46 -4.64
C ARG B 91 24.36 42.33 -6.04
N TYR B 92 23.71 42.93 -7.03
CA TYR B 92 24.25 42.81 -8.38
C TYR B 92 25.54 43.59 -8.54
N VAL B 93 25.73 44.70 -7.82
CA VAL B 93 27.00 45.39 -7.93
C VAL B 93 28.11 44.57 -7.28
N THR B 94 27.82 43.86 -6.19
CA THR B 94 28.83 42.98 -5.61
C THR B 94 29.18 41.84 -6.57
N TYR B 95 28.18 41.26 -7.22
CA TYR B 95 28.44 40.31 -8.29
C TYR B 95 29.40 40.91 -9.31
N ALA B 96 29.13 42.15 -9.73
CA ALA B 96 29.96 42.79 -10.74
C ALA B 96 31.40 42.95 -10.25
N ILE B 97 31.57 43.38 -9.00
CA ILE B 97 32.92 43.56 -8.47
C ILE B 97 33.68 42.25 -8.53
N LEU B 98 33.06 41.17 -8.06
CA LEU B 98 33.74 39.89 -8.09
C LEU B 98 34.09 39.49 -9.52
N ALA B 99 33.16 39.73 -10.46
CA ALA B 99 33.42 39.36 -11.84
C ALA B 99 34.57 40.14 -12.44
N GLY B 100 34.67 41.43 -12.13
CA GLY B 100 35.61 42.31 -12.78
C GLY B 100 35.07 43.02 -14.00
N ASP B 101 33.81 42.76 -14.37
CA ASP B 101 33.20 43.37 -15.53
C ASP B 101 31.77 43.76 -15.18
N SER B 102 31.19 44.63 -16.00
CA SER B 102 29.86 45.14 -15.77
C SER B 102 28.78 44.33 -16.47
N SER B 103 29.13 43.18 -17.06
CA SER B 103 28.16 42.43 -17.84
C SER B 103 26.98 41.98 -16.98
N VAL B 104 27.25 41.47 -15.79
CA VAL B 104 26.17 41.03 -14.91
C VAL B 104 25.32 42.22 -14.46
N LEU B 105 25.95 43.39 -14.27
CA LEU B 105 25.19 44.55 -13.83
C LEU B 105 24.18 44.98 -14.89
N ASP B 106 24.54 44.85 -16.16
CA ASP B 106 23.65 45.25 -17.24
C ASP B 106 22.68 44.16 -17.65
N ASP B 107 23.07 42.89 -17.48
CA ASP B 107 22.20 41.76 -17.77
C ASP B 107 21.69 41.21 -16.45
N ARG B 108 20.37 41.24 -16.26
CA ARG B 108 19.60 41.00 -15.03
C ARG B 108 19.49 42.25 -14.15
N CYS B 109 19.97 43.40 -14.58
CA CYS B 109 19.65 44.66 -13.92
C CYS B 109 19.94 45.80 -14.89
N LEU B 110 19.23 46.91 -14.68
CA LEU B 110 19.36 48.14 -15.44
C LEU B 110 18.83 48.01 -16.86
N ASN B 111 18.67 46.78 -17.34
CA ASN B 111 18.15 46.56 -18.67
C ASN B 111 16.64 46.47 -18.54
N GLY B 112 15.94 47.45 -19.08
CA GLY B 112 14.52 47.53 -18.82
C GLY B 112 14.23 47.68 -17.35
N LEU B 113 15.04 48.45 -16.63
CA LEU B 113 14.72 48.88 -15.28
C LEU B 113 14.22 50.30 -15.24
N ARG B 114 14.81 51.19 -16.04
CA ARG B 114 14.30 52.55 -16.14
C ARG B 114 12.83 52.55 -16.53
N GLU B 115 12.46 51.70 -17.50
CA GLU B 115 11.09 51.68 -17.97
C GLU B 115 10.13 51.22 -16.89
N THR B 116 10.53 50.25 -16.07
CA THR B 116 9.64 49.75 -15.03
C THR B 116 9.36 50.83 -14.00
N TYR B 117 10.40 51.51 -13.52
CA TYR B 117 10.18 52.61 -12.60
C TYR B 117 9.33 53.70 -13.25
N GLN B 118 9.61 54.01 -14.52
CA GLN B 118 8.87 55.08 -15.19
C GLN B 118 7.39 54.73 -15.31
N ALA B 119 7.08 53.47 -15.58
CA ALA B 119 5.68 53.06 -15.70
C ALA B 119 4.99 53.02 -14.35
N LEU B 120 5.68 52.52 -13.33
CA LEU B 120 5.11 52.52 -11.99
C LEU B 120 4.87 53.92 -11.46
N GLY B 121 5.60 54.91 -11.97
CA GLY B 121 5.51 56.26 -11.47
C GLY B 121 6.46 56.58 -10.34
N THR B 122 7.34 55.66 -9.98
CA THR B 122 8.30 55.90 -8.93
C THR B 122 9.40 56.83 -9.43
N PRO B 123 9.75 57.87 -8.67
CA PRO B 123 10.78 58.81 -9.14
C PRO B 123 12.14 58.13 -9.29
N GLY B 124 12.67 58.15 -10.50
CA GLY B 124 13.98 57.56 -10.74
C GLY B 124 15.11 58.38 -10.16
N SER B 125 14.94 59.69 -10.09
CA SER B 125 15.96 60.56 -9.50
C SER B 125 16.20 60.19 -8.04
N SER B 126 15.14 59.94 -7.29
CA SER B 126 15.30 59.53 -5.90
C SER B 126 16.02 58.21 -5.80
N VAL B 127 15.72 57.27 -6.71
CA VAL B 127 16.45 56.01 -6.74
C VAL B 127 17.93 56.25 -6.93
N ALA B 128 18.27 57.19 -7.82
CA ALA B 128 19.67 57.51 -8.04
C ALA B 128 20.33 58.06 -6.77
N VAL B 129 19.61 58.92 -6.05
CA VAL B 129 20.15 59.44 -4.79
C VAL B 129 20.43 58.30 -3.82
N ALA B 130 19.52 57.33 -3.76
CA ALA B 130 19.72 56.18 -2.88
C ALA B 130 20.96 55.39 -3.30
N ILE B 131 21.12 55.17 -4.60
CA ILE B 131 22.30 54.46 -5.09
C ILE B 131 23.56 55.20 -4.69
N GLN B 132 23.54 56.53 -4.75
CA GLN B 132 24.71 57.32 -4.40
C GLN B 132 25.05 57.18 -2.91
N LYS B 133 24.02 57.20 -2.05
CA LYS B 133 24.28 56.98 -0.63
C LYS B 133 24.93 55.63 -0.41
N MET B 134 24.39 54.59 -1.06
CA MET B 134 25.02 53.28 -0.94
C MET B 134 26.43 53.27 -1.52
N LYS B 135 26.68 54.10 -2.54
CA LYS B 135 28.03 54.16 -3.10
C LYS B 135 29.02 54.67 -2.07
N ASP B 136 28.68 55.76 -1.39
CA ASP B 136 29.58 56.30 -0.36
C ASP B 136 29.78 55.27 0.74
N ALA B 137 28.70 54.65 1.21
CA ALA B 137 28.81 53.68 2.28
C ALA B 137 29.73 52.52 1.89
N ALA B 138 29.50 51.96 0.70
CA ALA B 138 30.26 50.80 0.27
C ALA B 138 31.72 51.14 0.01
N ILE B 139 32.00 52.29 -0.58
CA ILE B 139 33.38 52.62 -0.86
C ILE B 139 34.14 52.84 0.44
N ALA B 140 33.48 53.44 1.44
CA ALA B 140 34.14 53.62 2.73
C ALA B 140 34.42 52.27 3.38
N ILE B 141 33.42 51.38 3.39
CA ILE B 141 33.62 50.08 4.04
C ILE B 141 34.64 49.24 3.29
N ALA B 142 34.70 49.39 1.97
CA ALA B 142 35.63 48.62 1.15
C ALA B 142 37.03 49.20 1.13
N ASN B 143 37.22 50.43 1.59
CA ASN B 143 38.57 50.98 1.72
C ASN B 143 38.99 51.16 3.16
N ASP B 144 38.24 50.61 4.11
CA ASP B 144 38.60 50.75 5.52
C ASP B 144 39.98 50.13 5.74
N PRO B 145 40.97 50.89 6.19
CA PRO B 145 42.33 50.38 6.32
C PRO B 145 42.65 49.71 7.65
N ASN B 146 41.67 49.44 8.48
CA ASN B 146 41.90 48.84 9.80
C ASN B 146 41.36 47.42 9.81
N GLY B 147 42.17 46.50 10.33
CA GLY B 147 41.81 45.11 10.43
C GLY B 147 42.29 44.22 9.30
N ILE B 148 43.21 44.68 8.46
CA ILE B 148 43.60 43.97 7.26
C ILE B 148 45.07 44.23 6.94
N THR B 149 45.61 43.44 6.02
CA THR B 149 46.96 43.66 5.53
C THR B 149 47.04 45.00 4.81
N PRO B 150 48.15 45.73 4.95
CA PRO B 150 48.26 47.03 4.28
C PRO B 150 48.43 46.91 2.79
N GLY B 151 48.14 48.01 2.10
CA GLY B 151 48.30 48.09 0.66
C GLY B 151 47.58 49.32 0.14
N ASP B 152 47.55 49.44 -1.19
CA ASP B 152 46.75 50.47 -1.84
C ASP B 152 45.81 49.83 -2.84
N CYS B 153 44.51 50.06 -2.66
CA CYS B 153 43.46 49.51 -3.50
C CYS B 153 42.60 50.61 -4.12
N SER B 154 43.18 51.80 -4.35
CA SER B 154 42.39 52.93 -4.85
C SER B 154 41.81 52.63 -6.22
N ALA B 155 42.54 51.91 -7.06
CA ALA B 155 42.05 51.56 -8.38
C ALA B 155 40.76 50.76 -8.28
N LEU B 156 40.73 49.76 -7.40
CA LEU B 156 39.54 48.95 -7.22
C LEU B 156 38.39 49.77 -6.67
N MET B 157 38.68 50.71 -5.76
CA MET B 157 37.63 51.58 -5.25
C MET B 157 37.03 52.43 -6.35
N SER B 158 37.86 52.96 -7.24
CA SER B 158 37.34 53.73 -8.37
C SER B 158 36.49 52.85 -9.27
N GLU B 159 36.89 51.60 -9.45
CA GLU B 159 36.08 50.67 -10.24
C GLU B 159 34.71 50.44 -9.61
N ILE B 160 34.69 50.26 -8.29
CA ILE B 160 33.41 50.09 -7.58
C ILE B 160 32.53 51.31 -7.78
N ALA B 161 33.13 52.49 -7.62
CA ALA B 161 32.39 53.73 -7.83
C ALA B 161 31.84 53.80 -9.24
N GLY B 162 32.62 53.34 -10.21
CA GLY B 162 32.16 53.34 -11.58
C GLY B 162 30.93 52.47 -11.78
N TYR B 163 30.92 51.29 -11.17
CA TYR B 163 29.75 50.42 -11.28
C TYR B 163 28.51 51.11 -10.69
N PHE B 164 28.65 51.65 -9.47
CA PHE B 164 27.51 52.33 -8.86
C PHE B 164 27.03 53.48 -9.74
N ASP B 165 27.95 54.26 -10.29
CA ASP B 165 27.59 55.37 -11.14
C ASP B 165 26.84 54.91 -12.36
N ARG B 166 27.29 53.81 -12.97
CA ARG B 166 26.60 53.28 -14.14
C ARG B 166 25.15 52.99 -13.81
N ALA B 167 24.93 52.32 -12.67
CA ALA B 167 23.55 52.00 -12.30
C ALA B 167 22.72 53.26 -12.08
N ALA B 168 23.27 54.22 -11.33
CA ALA B 168 22.51 55.42 -11.00
C ALA B 168 22.17 56.21 -12.26
N ALA B 169 23.10 56.25 -13.22
CA ALA B 169 22.82 56.93 -14.48
C ALA B 169 21.76 56.20 -15.29
N ALA B 170 21.79 54.85 -15.26
CA ALA B 170 20.80 54.11 -16.03
C ALA B 170 19.40 54.28 -15.48
N VAL B 171 19.25 54.39 -14.16
CA VAL B 171 17.92 54.59 -13.62
C VAL B 171 17.50 56.06 -13.61
N ALA B 172 18.45 56.98 -13.72
CA ALA B 172 18.13 58.40 -13.77
C ALA B 172 19.08 59.14 -14.71
N MET C 1 -9.37 25.16 -43.42
CA MET C 1 -10.55 24.30 -43.37
C MET C 1 -10.13 22.84 -43.20
N LYS C 2 -11.07 21.98 -42.80
CA LYS C 2 -10.75 20.59 -42.49
C LYS C 2 -10.76 19.71 -43.73
N THR C 3 -10.05 20.15 -44.76
CA THR C 3 -9.89 19.36 -45.96
C THR C 3 -8.97 18.16 -45.67
N PRO C 4 -9.23 17.00 -46.27
CA PRO C 4 -8.30 15.86 -46.06
C PRO C 4 -6.85 16.22 -46.33
N ILE C 5 -6.59 16.90 -47.43
CA ILE C 5 -5.23 17.34 -47.75
C ILE C 5 -4.67 18.19 -46.63
N THR C 6 -5.45 19.19 -46.19
CA THR C 6 -5.00 20.11 -45.16
C THR C 6 -4.80 19.40 -43.83
N GLU C 7 -5.69 18.45 -43.51
CA GLU C 7 -5.55 17.70 -42.26
C GLU C 7 -4.24 16.90 -42.26
N ALA C 8 -3.91 16.26 -43.38
CA ALA C 8 -2.64 15.55 -43.47
C ALA C 8 -1.46 16.51 -43.30
N ILE C 9 -1.54 17.67 -43.96
CA ILE C 9 -0.47 18.65 -43.84
C ILE C 9 -0.28 19.07 -42.38
N ALA C 10 -1.37 19.33 -41.67
CA ALA C 10 -1.28 19.74 -40.28
C ALA C 10 -0.72 18.63 -39.40
N ALA C 11 -1.13 17.39 -39.68
CA ALA C 11 -0.61 16.26 -38.90
C ALA C 11 0.90 16.16 -39.06
N ALA C 12 1.40 16.36 -40.29
CA ALA C 12 2.85 16.33 -40.47
C ALA C 12 3.52 17.56 -39.86
N ASP C 13 2.83 18.70 -39.84
CA ASP C 13 3.42 19.92 -39.30
C ASP C 13 3.62 19.82 -37.81
N THR C 14 2.65 19.25 -37.08
CA THR C 14 2.79 19.17 -35.63
C THR C 14 3.98 18.31 -35.22
N GLN C 15 4.33 17.31 -36.01
CA GLN C 15 5.47 16.47 -35.73
C GLN C 15 6.76 17.00 -36.34
N GLY C 16 6.67 17.95 -37.27
CA GLY C 16 7.86 18.52 -37.87
C GLY C 16 8.59 17.62 -38.84
N ARG C 17 7.90 16.66 -39.45
CA ARG C 17 8.51 15.71 -40.35
C ARG C 17 8.02 15.94 -41.77
N PHE C 18 8.87 15.59 -42.74
CA PHE C 18 8.49 15.68 -44.14
C PHE C 18 7.36 14.71 -44.44
N LEU C 19 6.54 15.06 -45.42
CA LEU C 19 5.35 14.28 -45.75
C LEU C 19 5.73 12.88 -46.20
N SER C 20 5.33 11.87 -45.43
CA SER C 20 5.64 10.50 -45.77
C SER C 20 4.57 9.93 -46.69
N ASN C 21 4.77 8.69 -47.13
CA ASN C 21 3.89 8.08 -48.12
C ASN C 21 2.46 7.95 -47.62
N THR C 22 2.26 7.90 -46.30
CA THR C 22 0.90 7.83 -45.77
C THR C 22 0.05 9.02 -46.21
N GLU C 23 0.58 10.23 -46.00
CA GLU C 23 -0.15 11.43 -46.38
C GLU C 23 -0.35 11.50 -47.90
N LEU C 24 0.67 11.10 -48.65
CA LEU C 24 0.57 11.10 -50.10
C LEU C 24 -0.52 10.16 -50.58
N GLN C 25 -0.64 8.98 -49.96
CA GLN C 25 -1.73 8.06 -50.28
C GLN C 25 -3.07 8.70 -50.00
N ALA C 26 -3.20 9.38 -48.85
CA ALA C 26 -4.48 10.02 -48.53
C ALA C 26 -4.88 11.05 -49.58
N VAL C 27 -3.94 11.92 -49.94
CA VAL C 27 -4.29 12.95 -50.91
C VAL C 27 -4.58 12.34 -52.28
N ASP C 28 -3.89 11.25 -52.62
CA ASP C 28 -4.22 10.57 -53.87
C ASP C 28 -5.64 10.06 -53.86
N GLY C 29 -6.07 9.49 -52.74
CA GLY C 29 -7.47 9.06 -52.65
C GLY C 29 -8.43 10.22 -52.85
N ARG C 30 -8.12 11.37 -52.26
CA ARG C 30 -9.01 12.51 -52.44
C ARG C 30 -9.07 12.93 -53.90
N PHE C 31 -7.92 12.94 -54.59
CA PHE C 31 -7.94 13.27 -56.01
C PHE C 31 -8.78 12.27 -56.79
N LYS C 32 -8.69 10.99 -56.44
CA LYS C 32 -9.44 9.98 -57.19
C LYS C 32 -10.95 10.14 -56.98
N ARG C 33 -11.37 10.61 -55.81
CA ARG C 33 -12.81 10.82 -55.55
C ARG C 33 -13.31 12.19 -56.02
N ALA C 34 -12.38 13.12 -56.26
CA ALA C 34 -12.77 14.48 -56.56
C ALA C 34 -13.56 14.60 -57.85
N VAL C 35 -13.38 13.67 -58.79
CA VAL C 35 -14.07 13.78 -60.08
C VAL C 35 -15.58 13.72 -59.86
N ALA C 36 -16.04 12.71 -59.13
CA ALA C 36 -17.45 12.61 -58.83
C ALA C 36 -17.92 13.79 -58.00
N SER C 37 -17.14 14.18 -56.98
CA SER C 37 -17.61 15.27 -56.13
C SER C 37 -17.80 16.56 -56.92
N MET C 38 -16.85 16.88 -57.80
CA MET C 38 -16.92 18.12 -58.55
C MET C 38 -18.05 18.10 -59.57
N GLU C 39 -18.30 16.96 -60.20
CA GLU C 39 -19.45 16.90 -61.11
C GLU C 39 -20.74 17.15 -60.35
N ALA C 40 -20.88 16.55 -59.16
CA ALA C 40 -22.08 16.76 -58.37
C ALA C 40 -22.24 18.22 -58.00
N ALA C 41 -21.15 18.87 -57.59
CA ALA C 41 -21.24 20.28 -57.21
C ALA C 41 -21.65 21.15 -58.38
N ARG C 42 -21.08 20.90 -59.56
CA ARG C 42 -21.46 21.64 -60.75
C ARG C 42 -22.95 21.48 -61.02
N ALA C 43 -23.45 20.25 -60.93
CA ALA C 43 -24.86 20.01 -61.18
C ALA C 43 -25.74 20.76 -60.20
N LEU C 44 -25.38 20.72 -58.91
CA LEU C 44 -26.21 21.36 -57.91
C LEU C 44 -26.24 22.87 -58.09
N THR C 45 -25.10 23.47 -58.44
CA THR C 45 -25.11 24.92 -58.58
C THR C 45 -25.77 25.36 -59.87
N ASN C 46 -25.75 24.55 -60.93
CA ASN C 46 -26.44 24.92 -62.15
C ASN C 46 -27.95 24.91 -61.95
N ASN C 47 -28.44 24.11 -61.00
CA ASN C 47 -29.87 23.96 -60.74
C ASN C 47 -30.28 24.56 -59.40
N ALA C 48 -29.52 25.54 -58.90
CA ALA C 48 -29.68 26.00 -57.53
C ALA C 48 -31.02 26.72 -57.32
N GLN C 49 -31.43 27.54 -58.28
CA GLN C 49 -32.59 28.41 -58.09
C GLN C 49 -33.85 27.59 -57.79
N SER C 50 -34.05 26.51 -58.56
CA SER C 50 -35.23 25.67 -58.36
C SER C 50 -35.25 25.10 -56.95
N LEU C 51 -34.12 24.57 -56.50
CA LEU C 51 -34.08 23.91 -55.20
C LEU C 51 -34.36 24.90 -54.07
N ILE C 52 -33.75 26.09 -54.14
CA ILE C 52 -33.94 27.05 -53.05
C ILE C 52 -35.41 27.47 -52.95
N ASP C 53 -36.02 27.79 -54.09
CA ASP C 53 -37.43 28.21 -54.04
C ASP C 53 -38.34 27.07 -53.57
N GLY C 54 -38.10 25.85 -54.07
CA GLY C 54 -38.93 24.74 -53.68
C GLY C 54 -38.85 24.44 -52.19
N ALA C 55 -37.64 24.53 -51.64
CA ALA C 55 -37.49 24.29 -50.19
C ALA C 55 -38.24 25.35 -49.39
N ALA C 56 -38.18 26.61 -49.83
CA ALA C 56 -38.94 27.65 -49.14
C ALA C 56 -40.42 27.31 -49.11
N GLN C 57 -40.97 26.93 -50.26
CA GLN C 57 -42.39 26.58 -50.29
C GLN C 57 -42.66 25.35 -49.42
N ALA C 58 -41.73 24.40 -49.39
CA ALA C 58 -41.92 23.18 -48.61
C ALA C 58 -42.08 23.51 -47.13
N VAL C 59 -41.23 24.38 -46.60
CA VAL C 59 -41.37 24.72 -45.19
C VAL C 59 -42.61 25.57 -44.95
N TYR C 60 -42.99 26.41 -45.92
CA TYR C 60 -44.23 27.17 -45.74
C TYR C 60 -45.45 26.25 -45.68
N GLN C 61 -45.38 25.11 -46.37
CA GLN C 61 -46.52 24.18 -46.35
C GLN C 61 -46.51 23.28 -45.12
N LYS C 62 -45.34 22.77 -44.74
CA LYS C 62 -45.28 21.89 -43.56
C LYS C 62 -45.60 22.65 -42.28
N PHE C 63 -45.24 23.93 -42.20
CA PHE C 63 -45.49 24.76 -41.02
C PHE C 63 -46.24 26.00 -41.48
N PRO C 64 -47.55 25.89 -41.71
CA PRO C 64 -48.30 27.08 -42.16
C PRO C 64 -48.27 28.22 -41.16
N TYR C 65 -48.26 27.90 -39.85
CA TYR C 65 -48.27 28.94 -38.83
C TYR C 65 -47.08 29.88 -38.99
N THR C 66 -45.97 29.39 -39.53
CA THR C 66 -44.78 30.22 -39.66
C THR C 66 -44.96 31.35 -40.68
N THR C 67 -45.86 31.19 -41.64
CA THR C 67 -46.08 32.27 -42.60
C THR C 67 -47.35 33.05 -42.31
N THR C 68 -47.98 32.80 -41.17
CA THR C 68 -49.19 33.51 -40.76
C THR C 68 -49.14 33.99 -39.31
N MET C 69 -48.00 33.90 -38.64
CA MET C 69 -47.88 34.31 -37.24
C MET C 69 -47.01 35.55 -37.15
N GLN C 70 -47.48 36.55 -36.40
CA GLN C 70 -46.74 37.80 -36.27
C GLN C 70 -45.50 37.60 -35.41
N GLY C 71 -44.42 38.27 -35.80
CA GLY C 71 -43.13 38.14 -35.14
C GLY C 71 -42.05 38.26 -36.19
N SER C 72 -40.90 38.81 -35.80
CA SER C 72 -39.80 38.98 -36.74
C SER C 72 -39.23 37.64 -37.19
N GLN C 73 -39.24 36.63 -36.31
CA GLN C 73 -38.73 35.33 -36.68
C GLN C 73 -39.58 34.66 -37.75
N TYR C 74 -40.78 35.13 -37.99
CA TYR C 74 -41.69 34.50 -38.93
C TYR C 74 -41.64 35.20 -40.29
N ALA C 75 -42.04 34.46 -41.32
CA ALA C 75 -41.95 34.91 -42.70
C ALA C 75 -43.29 35.39 -43.25
N SER C 76 -44.21 35.79 -42.37
CA SER C 76 -45.51 36.26 -42.85
C SER C 76 -45.35 37.50 -43.72
N THR C 77 -44.48 38.42 -43.33
CA THR C 77 -44.18 39.61 -44.13
C THR C 77 -43.26 39.25 -45.30
N PRO C 78 -43.32 40.01 -46.40
CA PRO C 78 -42.47 39.67 -47.56
C PRO C 78 -41.00 39.70 -47.24
N GLU C 79 -40.56 40.62 -46.39
CA GLU C 79 -39.16 40.66 -45.99
C GLU C 79 -38.77 39.38 -45.26
N GLY C 80 -39.66 38.87 -44.41
CA GLY C 80 -39.37 37.65 -43.69
C GLY C 80 -39.22 36.45 -44.60
N LYS C 81 -40.11 36.29 -45.58
CA LYS C 81 -39.99 35.17 -46.50
C LYS C 81 -38.76 35.32 -47.38
N ALA C 82 -38.39 36.55 -47.73
CA ALA C 82 -37.12 36.77 -48.43
C ALA C 82 -35.94 36.31 -47.59
N LYS C 83 -35.94 36.62 -46.30
CA LYS C 83 -34.84 36.20 -45.43
C LYS C 83 -34.81 34.68 -45.30
N CYS C 84 -35.99 34.04 -45.22
CA CYS C 84 -36.02 32.58 -45.19
C CYS C 84 -35.38 32.00 -46.44
N ALA C 85 -35.74 32.54 -47.61
CA ALA C 85 -35.14 32.07 -48.85
C ALA C 85 -33.64 32.28 -48.85
N ARG C 86 -33.20 33.44 -48.34
CA ARG C 86 -31.77 33.73 -48.29
C ARG C 86 -31.02 32.72 -47.45
N ASP C 87 -31.58 32.35 -46.29
CA ASP C 87 -30.91 31.38 -45.44
C ASP C 87 -30.87 30.00 -46.08
N ILE C 88 -31.96 29.59 -46.72
CA ILE C 88 -31.95 28.32 -47.44
C ILE C 88 -30.86 28.35 -48.52
N GLY C 89 -30.73 29.49 -49.19
CA GLY C 89 -29.66 29.64 -50.17
C GLY C 89 -28.28 29.51 -49.55
N TYR C 90 -28.11 30.05 -48.34
CA TYR C 90 -26.84 29.88 -47.65
C TYR C 90 -26.54 28.41 -47.44
N TYR C 91 -27.54 27.65 -46.99
CA TYR C 91 -27.32 26.22 -46.76
C TYR C 91 -26.91 25.52 -48.05
N LEU C 92 -27.59 25.83 -49.15
CA LEU C 92 -27.25 25.20 -50.43
C LEU C 92 -25.84 25.59 -50.89
N ARG C 93 -25.47 26.86 -50.69
CA ARG C 93 -24.13 27.28 -51.07
C ARG C 93 -23.09 26.55 -50.25
N MET C 94 -23.36 26.35 -48.96
CA MET C 94 -22.43 25.60 -48.12
C MET C 94 -22.33 24.15 -48.57
N VAL C 95 -23.44 23.55 -49.01
CA VAL C 95 -23.33 22.16 -49.45
C VAL C 95 -22.48 22.05 -50.70
N THR C 96 -22.59 23.01 -51.62
CA THR C 96 -21.70 22.97 -52.78
C THR C 96 -20.24 23.16 -52.36
N TYR C 97 -20.01 24.07 -51.41
CA TYR C 97 -18.65 24.28 -50.92
C TYR C 97 -18.06 23.01 -50.32
N CYS C 98 -18.86 22.30 -49.51
CA CYS C 98 -18.32 21.10 -48.87
C CYS C 98 -18.18 19.96 -49.87
N LEU C 99 -19.01 19.94 -50.92
CA LEU C 99 -18.81 18.96 -51.98
C LEU C 99 -17.45 19.16 -52.65
N VAL C 100 -17.10 20.40 -52.99
CA VAL C 100 -15.83 20.58 -53.66
C VAL C 100 -14.64 20.50 -52.71
N ALA C 101 -14.85 20.75 -51.42
CA ALA C 101 -13.73 20.68 -50.48
C ALA C 101 -13.44 19.26 -50.02
N GLY C 102 -14.25 18.28 -50.41
CA GLY C 102 -13.96 16.91 -50.08
C GLY C 102 -14.06 16.56 -48.61
N GLY C 103 -14.75 17.37 -47.83
CA GLY C 103 -14.91 17.09 -46.41
C GLY C 103 -16.04 17.95 -45.87
N THR C 104 -16.24 17.88 -44.56
CA THR C 104 -17.24 18.68 -43.91
C THR C 104 -16.69 20.00 -43.38
N GLY C 105 -15.43 20.31 -43.69
CA GLY C 105 -14.77 21.51 -43.23
C GLY C 105 -15.56 22.79 -43.40
N PRO C 106 -15.91 23.12 -44.65
CA PRO C 106 -16.64 24.38 -44.88
C PRO C 106 -17.92 24.48 -44.08
N MET C 107 -18.67 23.37 -44.00
CA MET C 107 -19.91 23.37 -43.23
C MET C 107 -19.62 23.66 -41.76
N ASP C 108 -18.57 23.05 -41.22
CA ASP C 108 -18.29 23.25 -39.80
C ASP C 108 -17.78 24.66 -39.51
N GLU C 109 -17.11 25.29 -40.47
CA GLU C 109 -16.58 26.63 -40.19
C GLU C 109 -17.61 27.71 -40.39
N TYR C 110 -18.49 27.57 -41.39
CA TYR C 110 -19.48 28.60 -41.67
C TYR C 110 -20.86 28.24 -41.16
N LEU C 111 -21.00 27.08 -40.51
CA LEU C 111 -22.24 26.62 -39.91
C LEU C 111 -21.84 25.68 -38.79
N ILE C 112 -22.82 24.98 -38.22
CA ILE C 112 -22.58 23.93 -37.23
C ILE C 112 -21.96 24.53 -35.98
N ALA C 113 -20.74 25.06 -36.10
CA ALA C 113 -20.10 25.72 -34.98
C ALA C 113 -20.77 27.06 -34.76
N GLY C 114 -21.83 27.06 -33.97
CA GLY C 114 -22.56 28.29 -33.69
C GLY C 114 -24.04 28.19 -33.91
N LEU C 115 -24.50 27.15 -34.61
CA LEU C 115 -25.90 27.10 -35.01
C LEU C 115 -26.82 27.01 -33.80
N SER C 116 -26.40 26.31 -32.76
CA SER C 116 -27.25 26.17 -31.57
C SER C 116 -27.51 27.53 -30.91
N GLU C 117 -26.44 28.27 -30.66
CA GLU C 117 -26.58 29.57 -29.99
C GLU C 117 -27.47 30.50 -30.79
N ILE C 118 -27.24 30.60 -32.10
CA ILE C 118 -28.00 31.54 -32.89
C ILE C 118 -29.45 31.11 -33.01
N ASN C 119 -29.68 29.79 -33.14
CA ASN C 119 -31.04 29.30 -33.22
C ASN C 119 -31.81 29.56 -31.93
N SER C 120 -31.11 29.65 -30.80
CA SER C 120 -31.82 30.03 -29.58
C SER C 120 -32.05 31.53 -29.48
N THR C 121 -31.06 32.35 -29.85
CA THR C 121 -31.19 33.78 -29.62
C THR C 121 -32.20 34.43 -30.56
N PHE C 122 -32.10 34.12 -31.85
CA PHE C 122 -32.96 34.76 -32.85
C PHE C 122 -34.24 33.98 -33.10
N ASP C 123 -34.54 32.98 -32.26
CA ASP C 123 -35.80 32.25 -32.33
C ASP C 123 -35.96 31.53 -33.66
N LEU C 124 -34.87 30.97 -34.17
CA LEU C 124 -34.86 30.26 -35.44
C LEU C 124 -35.01 28.77 -35.15
N SER C 125 -36.25 28.29 -35.19
CA SER C 125 -36.53 26.91 -34.85
C SER C 125 -35.75 25.97 -35.78
N PRO C 126 -35.00 25.00 -35.23
CA PRO C 126 -34.26 24.08 -36.10
C PRO C 126 -35.14 23.28 -37.03
N SER C 127 -36.39 23.00 -36.63
CA SER C 127 -37.28 22.19 -37.44
C SER C 127 -37.45 22.76 -38.85
N TRP C 128 -37.51 24.08 -38.95
CA TRP C 128 -37.63 24.74 -40.24
C TRP C 128 -36.52 24.28 -41.18
N TYR C 129 -35.28 24.39 -40.71
CA TYR C 129 -34.11 24.03 -41.50
C TYR C 129 -33.87 22.53 -41.57
N ILE C 130 -34.59 21.74 -40.78
CA ILE C 130 -34.60 20.30 -40.98
C ILE C 130 -35.43 19.93 -42.20
N GLU C 131 -36.67 20.42 -42.22
CA GLU C 131 -37.59 20.06 -43.31
C GLU C 131 -37.09 20.60 -44.65
N ALA C 132 -36.56 21.84 -44.66
CA ALA C 132 -36.04 22.37 -45.91
C ALA C 132 -34.90 21.51 -46.46
N LEU C 133 -33.98 21.11 -45.59
CA LEU C 133 -32.86 20.29 -46.02
C LEU C 133 -33.34 18.92 -46.51
N LYS C 134 -34.40 18.38 -45.90
CA LYS C 134 -34.94 17.12 -46.40
C LYS C 134 -35.50 17.29 -47.81
N TYR C 135 -36.20 18.40 -48.06
CA TYR C 135 -36.66 18.66 -49.43
C TYR C 135 -35.48 18.68 -50.40
N ILE C 136 -34.41 19.37 -50.01
CA ILE C 136 -33.24 19.42 -50.89
C ILE C 136 -32.66 18.04 -51.09
N LYS C 137 -32.65 17.22 -50.04
CA LYS C 137 -32.14 15.86 -50.13
C LYS C 137 -32.95 15.03 -51.11
N ALA C 138 -34.24 15.32 -51.24
CA ALA C 138 -35.08 14.53 -52.14
C ALA C 138 -35.13 15.08 -53.57
N ASN C 139 -34.97 16.38 -53.75
CA ASN C 139 -35.08 16.99 -55.07
C ASN C 139 -33.73 17.34 -55.68
N HIS C 140 -32.63 16.89 -55.08
CA HIS C 140 -31.32 17.23 -55.59
C HIS C 140 -31.12 16.79 -57.03
N GLY C 141 -31.78 15.71 -57.44
CA GLY C 141 -31.71 15.28 -58.82
C GLY C 141 -30.43 14.61 -59.23
N LEU C 142 -29.55 14.31 -58.29
CA LEU C 142 -28.31 13.62 -58.60
C LEU C 142 -28.55 12.12 -58.73
N THR C 143 -27.55 11.41 -59.23
CA THR C 143 -27.62 9.97 -59.41
C THR C 143 -26.23 9.37 -59.21
N GLY C 144 -26.21 8.09 -58.84
CA GLY C 144 -24.94 7.41 -58.65
C GLY C 144 -24.22 7.85 -57.38
N GLN C 145 -22.89 7.86 -57.46
CA GLN C 145 -22.08 8.26 -56.31
C GLN C 145 -22.29 9.73 -55.94
N ALA C 146 -22.58 10.57 -56.93
CA ALA C 146 -22.91 11.96 -56.64
C ALA C 146 -24.08 12.05 -55.67
N ALA C 147 -25.12 11.27 -55.92
CA ALA C 147 -26.30 11.29 -55.06
C ALA C 147 -25.94 10.94 -53.63
N VAL C 148 -25.17 9.86 -53.44
CA VAL C 148 -24.87 9.42 -52.08
C VAL C 148 -23.99 10.44 -51.35
N GLU C 149 -22.95 10.95 -52.01
CA GLU C 149 -22.06 11.87 -51.29
C GLU C 149 -22.77 13.18 -50.94
N ALA C 150 -23.54 13.73 -51.89
CA ALA C 150 -24.26 14.95 -51.59
C ALA C 150 -25.27 14.74 -50.46
N ASN C 151 -26.00 13.62 -50.51
CA ASN C 151 -26.95 13.35 -49.45
C ASN C 151 -26.25 13.13 -48.11
N ALA C 152 -25.03 12.61 -48.13
CA ALA C 152 -24.28 12.48 -46.89
C ALA C 152 -24.02 13.84 -46.27
N TYR C 153 -23.58 14.80 -47.08
CA TYR C 153 -23.36 16.14 -46.52
C TYR C 153 -24.66 16.76 -46.01
N ILE C 154 -25.75 16.62 -46.77
CA ILE C 154 -27.00 17.24 -46.36
C ILE C 154 -27.49 16.63 -45.05
N ASP C 155 -27.30 15.31 -44.88
CA ASP C 155 -27.75 14.72 -43.63
C ASP C 155 -26.81 15.06 -42.48
N TYR C 156 -25.53 15.30 -42.77
CA TYR C 156 -24.66 15.86 -41.74
C TYR C 156 -25.25 17.15 -41.20
N ALA C 157 -25.68 18.03 -42.10
CA ALA C 157 -26.28 19.28 -41.67
C ALA C 157 -27.57 19.04 -40.89
N ILE C 158 -28.40 18.12 -41.36
CA ILE C 158 -29.66 17.81 -40.67
C ILE C 158 -29.37 17.34 -39.25
N ASN C 159 -28.45 16.39 -39.10
CA ASN C 159 -28.12 15.83 -37.80
C ASN C 159 -27.38 16.82 -36.91
N ALA C 160 -26.81 17.87 -37.49
CA ALA C 160 -26.19 18.89 -36.65
C ALA C 160 -27.22 19.89 -36.15
N LEU C 161 -28.19 20.24 -37.00
CA LEU C 161 -29.23 21.18 -36.57
C LEU C 161 -30.07 20.58 -35.45
N SER C 162 -30.38 19.30 -35.54
CA SER C 162 -31.06 18.59 -34.47
C SER C 162 -30.09 17.60 -33.82
N MET D 1 -5.67 27.65 -42.23
CA MET D 1 -4.89 26.78 -43.11
C MET D 1 -5.74 26.30 -44.27
N LEU D 2 -5.41 26.77 -45.46
CA LEU D 2 -6.18 26.47 -46.66
C LEU D 2 -5.32 25.74 -47.68
N ASP D 3 -5.97 24.98 -48.54
CA ASP D 3 -5.37 24.44 -49.74
C ASP D 3 -6.05 25.06 -50.95
N ALA D 4 -5.66 24.61 -52.15
CA ALA D 4 -6.16 25.23 -53.37
C ALA D 4 -7.69 25.19 -53.42
N PHE D 5 -8.27 24.00 -53.22
CA PHE D 5 -9.72 23.86 -53.20
C PHE D 5 -10.33 24.74 -52.11
N ALA D 6 -9.74 24.71 -50.91
CA ALA D 6 -10.22 25.58 -49.85
C ALA D 6 -10.06 27.04 -50.21
N LYS D 7 -9.03 27.39 -50.96
CA LYS D 7 -8.84 28.79 -51.36
C LYS D 7 -9.99 29.26 -52.22
N VAL D 8 -10.37 28.47 -53.23
CA VAL D 8 -11.47 28.93 -54.08
C VAL D 8 -12.77 28.99 -53.29
N VAL D 9 -13.03 28.01 -52.42
CA VAL D 9 -14.29 28.10 -51.68
C VAL D 9 -14.28 29.28 -50.72
N ALA D 10 -13.12 29.62 -50.13
CA ALA D 10 -13.08 30.73 -49.21
C ALA D 10 -13.34 32.06 -49.92
N GLN D 11 -12.73 32.24 -51.10
CA GLN D 11 -13.04 33.42 -51.89
C GLN D 11 -14.53 33.49 -52.18
N ALA D 12 -15.09 32.39 -52.69
CA ALA D 12 -16.51 32.39 -53.06
C ALA D 12 -17.39 32.65 -51.85
N ASP D 13 -16.97 32.22 -50.66
CA ASP D 13 -17.75 32.51 -49.45
C ASP D 13 -17.67 33.98 -49.11
N ALA D 14 -16.51 34.59 -49.30
CA ALA D 14 -16.40 36.03 -49.06
C ALA D 14 -17.35 36.80 -49.98
N ARG D 15 -17.41 36.41 -51.26
CA ARG D 15 -18.33 37.08 -52.16
C ARG D 15 -19.78 36.69 -51.95
N GLY D 16 -20.04 35.54 -51.33
CA GLY D 16 -21.40 35.08 -51.14
C GLY D 16 -22.03 34.49 -52.37
N GLU D 17 -21.24 34.02 -53.34
CA GLU D 17 -21.75 33.52 -54.60
C GLU D 17 -21.31 32.08 -54.82
N PHE D 18 -22.21 31.27 -55.35
CA PHE D 18 -21.91 29.89 -55.70
C PHE D 18 -20.68 29.83 -56.60
N LEU D 19 -19.92 28.74 -56.44
CA LEU D 19 -18.74 28.50 -57.27
C LEU D 19 -19.06 28.72 -58.74
N THR D 20 -18.29 29.58 -59.39
CA THR D 20 -18.53 29.88 -60.78
C THR D 20 -17.92 28.79 -61.67
N ASN D 21 -18.39 28.74 -62.92
CA ASN D 21 -17.94 27.68 -63.83
C ASN D 21 -16.44 27.74 -64.06
N ALA D 22 -15.87 28.94 -64.08
CA ALA D 22 -14.43 29.08 -64.24
C ALA D 22 -13.69 28.39 -63.10
N GLN D 23 -14.14 28.60 -61.87
CA GLN D 23 -13.50 27.95 -60.73
C GLN D 23 -13.65 26.43 -60.81
N PHE D 24 -14.81 25.96 -61.27
CA PHE D 24 -15.02 24.52 -61.42
C PHE D 24 -14.00 23.93 -62.38
N ASP D 25 -13.84 24.53 -63.55
CA ASP D 25 -12.90 23.95 -64.50
C ASP D 25 -11.46 24.08 -64.01
N ALA D 26 -11.15 25.15 -63.26
CA ALA D 26 -9.81 25.27 -62.70
C ALA D 26 -9.51 24.12 -61.75
N LEU D 27 -10.44 23.81 -60.85
CA LEU D 27 -10.18 22.72 -59.92
C LEU D 27 -10.17 21.37 -60.63
N SER D 28 -10.96 21.22 -61.69
CA SER D 28 -10.88 19.99 -62.49
C SER D 28 -9.50 19.84 -63.10
N ASN D 29 -8.92 20.94 -63.59
CA ASN D 29 -7.55 20.87 -64.09
C ASN D 29 -6.59 20.48 -62.98
N LEU D 30 -6.82 21.01 -61.78
CA LEU D 30 -5.95 20.67 -60.66
C LEU D 30 -5.97 19.17 -60.39
N VAL D 31 -7.16 18.58 -60.38
CA VAL D 31 -7.23 17.15 -60.07
C VAL D 31 -6.70 16.32 -61.24
N LYS D 32 -6.88 16.78 -62.48
CA LYS D 32 -6.40 16.00 -63.62
C LYS D 32 -4.88 15.90 -63.62
N GLU D 33 -4.20 16.88 -63.03
CA GLU D 33 -2.76 16.87 -62.93
C GLU D 33 -2.29 16.57 -61.51
N GLY D 34 -3.13 15.92 -60.71
CA GLY D 34 -2.77 15.65 -59.32
C GLY D 34 -1.61 14.70 -59.17
N ASN D 35 -1.59 13.62 -59.97
CA ASN D 35 -0.50 12.66 -59.88
C ASN D 35 0.85 13.32 -60.11
N LYS D 36 0.89 14.29 -61.03
CA LYS D 36 2.11 15.05 -61.25
C LYS D 36 2.56 15.73 -59.96
N ARG D 37 1.62 16.42 -59.31
CA ARG D 37 1.93 17.15 -58.08
C ARG D 37 2.50 16.20 -57.02
N LEU D 38 1.85 15.05 -56.87
CA LEU D 38 2.32 14.06 -55.90
C LEU D 38 3.72 13.57 -56.24
N ASP D 39 3.98 13.30 -57.52
CA ASP D 39 5.31 12.84 -57.91
C ASP D 39 6.37 13.88 -57.57
N ALA D 40 6.07 15.15 -57.85
CA ALA D 40 7.04 16.21 -57.59
C ALA D 40 7.35 16.29 -56.10
N VAL D 41 6.32 16.27 -55.25
CA VAL D 41 6.60 16.39 -53.83
C VAL D 41 7.35 15.15 -53.34
N ASN D 42 7.03 13.97 -53.89
CA ASN D 42 7.73 12.77 -53.47
C ASN D 42 9.21 12.85 -53.81
N ARG D 43 9.53 13.32 -55.02
CA ARG D 43 10.93 13.43 -55.41
C ARG D 43 11.67 14.43 -54.53
N ILE D 44 11.06 15.58 -54.27
CA ILE D 44 11.76 16.57 -53.47
C ILE D 44 11.98 16.07 -52.05
N THR D 45 10.95 15.44 -51.46
CA THR D 45 11.08 14.93 -50.10
C THR D 45 12.10 13.80 -50.01
N SER D 46 12.18 12.96 -51.04
CA SER D 46 13.11 11.84 -51.02
C SER D 46 14.56 12.31 -51.05
N ASN D 47 14.83 13.46 -51.66
CA ASN D 47 16.19 13.99 -51.77
C ASN D 47 16.41 15.20 -50.88
N ALA D 48 15.62 15.35 -49.81
CA ALA D 48 15.69 16.55 -49.00
C ALA D 48 17.11 16.79 -48.46
N SER D 49 17.70 15.76 -47.88
CA SER D 49 19.01 15.91 -47.25
C SER D 49 20.04 16.38 -48.24
N THR D 50 20.12 15.75 -49.41
CA THR D 50 21.15 16.11 -50.38
C THR D 50 20.90 17.50 -50.94
N ILE D 51 19.64 17.87 -51.14
CA ILE D 51 19.34 19.22 -51.62
C ILE D 51 19.89 20.25 -50.65
N VAL D 52 19.56 20.09 -49.36
CA VAL D 52 20.00 21.07 -48.38
C VAL D 52 21.52 21.09 -48.28
N ALA D 53 22.15 19.92 -48.28
CA ALA D 53 23.60 19.86 -48.11
C ALA D 53 24.34 20.52 -49.29
N ASN D 54 23.96 20.17 -50.52
CA ASN D 54 24.62 20.75 -51.68
C ASN D 54 24.40 22.25 -51.72
N ALA D 55 23.17 22.70 -51.45
CA ALA D 55 22.90 24.13 -51.44
C ALA D 55 23.75 24.83 -50.39
N ALA D 56 23.96 24.18 -49.24
CA ALA D 56 24.76 24.79 -48.19
C ALA D 56 26.21 24.96 -48.62
N ARG D 57 26.79 23.90 -49.21
CA ARG D 57 28.16 24.02 -49.70
C ARG D 57 28.27 25.20 -50.68
N ALA D 58 27.31 25.29 -51.61
CA ALA D 58 27.35 26.39 -52.57
C ALA D 58 27.25 27.74 -51.89
N LEU D 59 26.37 27.87 -50.90
CA LEU D 59 26.19 29.16 -50.23
C LEU D 59 27.48 29.58 -49.52
N PHE D 60 28.07 28.68 -48.74
CA PHE D 60 29.28 29.08 -48.05
C PHE D 60 30.47 29.19 -48.96
N ALA D 61 30.33 28.85 -50.25
CA ALA D 61 31.36 29.23 -51.20
C ALA D 61 31.11 30.57 -51.89
N GLU D 62 29.85 30.95 -52.13
CA GLU D 62 29.58 32.19 -52.84
C GLU D 62 29.53 33.41 -51.93
N GLN D 63 29.57 33.21 -50.61
CA GLN D 63 29.60 34.31 -49.64
C GLN D 63 30.50 33.93 -48.48
N PRO D 64 31.81 33.81 -48.72
CA PRO D 64 32.71 33.38 -47.64
C PRO D 64 32.64 34.27 -46.42
N GLN D 65 32.10 35.48 -46.54
CA GLN D 65 31.99 36.35 -45.39
C GLN D 65 31.25 35.68 -44.23
N LEU D 66 30.18 34.94 -44.55
CA LEU D 66 29.40 34.31 -43.50
C LEU D 66 30.23 33.31 -42.70
N ILE D 67 31.02 32.49 -43.39
CA ILE D 67 31.79 31.47 -42.68
C ILE D 67 33.00 32.08 -41.97
N GLN D 68 33.60 33.12 -42.54
CA GLN D 68 34.79 33.70 -41.94
C GLN D 68 34.48 34.15 -40.51
N PRO D 69 35.38 33.88 -39.55
CA PRO D 69 35.12 34.25 -38.15
C PRO D 69 34.53 35.63 -37.98
N GLY D 70 33.57 35.75 -37.06
CA GLY D 70 32.85 36.99 -36.89
C GLY D 70 31.66 37.17 -37.81
N GLY D 71 31.37 36.19 -38.65
CA GLY D 71 30.22 36.25 -39.54
C GLY D 71 29.12 35.41 -38.93
N MEN D 72 27.88 35.82 -39.15
CA MEN D 72 26.75 35.09 -38.61
C MEN D 72 26.64 33.63 -38.99
O MEN D 72 25.58 33.22 -39.44
CB MEN D 72 25.44 35.77 -39.03
CG MEN D 72 24.86 36.70 -37.98
OD1 MEN D 72 23.71 36.54 -37.56
ND2 MEN D 72 25.65 37.69 -37.57
CE2 MEN D 72 24.97 38.55 -36.54
N ALA D 73 27.71 32.85 -38.83
CA ALA D 73 27.64 31.44 -39.22
C ALA D 73 28.79 30.66 -38.58
N TYR D 74 29.79 31.41 -38.10
CA TYR D 74 30.86 30.83 -37.31
C TYR D 74 30.25 30.36 -36.00
N THR D 75 31.07 29.73 -35.14
CA THR D 75 30.72 29.23 -33.81
C THR D 75 30.09 27.82 -33.82
N ASN D 76 29.77 27.26 -34.98
CA ASN D 76 29.36 25.86 -35.08
C ASN D 76 28.02 25.60 -34.41
N ARG D 77 27.56 26.54 -33.60
CA ARG D 77 26.18 26.55 -33.13
C ARG D 77 25.31 27.26 -34.14
N ARG D 78 25.76 28.45 -34.55
CA ARG D 78 25.07 29.19 -35.58
C ARG D 78 25.13 28.48 -36.92
N MET D 79 26.19 27.73 -37.18
CA MET D 79 26.23 26.91 -38.39
C MET D 79 25.11 25.88 -38.38
N ALA D 80 24.93 25.21 -37.24
CA ALA D 80 23.83 24.26 -37.10
C ALA D 80 22.50 24.96 -37.29
N ALA D 81 22.35 26.15 -36.73
CA ALA D 81 21.10 26.88 -36.89
C ALA D 81 20.85 27.22 -38.36
N CYS D 82 21.89 27.60 -39.10
CA CYS D 82 21.69 27.95 -40.50
C CYS D 82 21.22 26.75 -41.29
N LEU D 83 21.89 25.61 -41.10
CA LEU D 83 21.43 24.40 -41.80
C LEU D 83 20.00 24.06 -41.40
N ARG D 84 19.69 24.21 -40.11
CA ARG D 84 18.35 23.90 -39.61
C ARG D 84 17.30 24.74 -40.32
N ASP D 85 17.57 26.04 -40.48
CA ASP D 85 16.58 26.92 -41.08
C ASP D 85 16.44 26.68 -42.58
N MET D 86 17.55 26.37 -43.26
CA MET D 86 17.42 26.00 -44.67
C MET D 86 16.51 24.78 -44.82
N GLU D 87 16.72 23.76 -43.99
CA GLU D 87 15.86 22.58 -44.07
C GLU D 87 14.43 22.92 -43.70
N ILE D 88 14.23 23.81 -42.73
CA ILE D 88 12.89 24.18 -42.32
C ILE D 88 12.14 24.82 -43.50
N ILE D 89 12.80 25.73 -44.19
CA ILE D 89 12.16 26.40 -45.32
C ILE D 89 11.83 25.39 -46.41
N LEU D 90 12.75 24.46 -46.68
CA LEU D 90 12.43 23.41 -47.65
C LEU D 90 11.22 22.61 -47.22
N ARG D 91 11.12 22.29 -45.93
CA ARG D 91 10.01 21.48 -45.46
C ARG D 91 8.69 22.18 -45.67
N TYR D 92 8.60 23.45 -45.28
CA TYR D 92 7.34 24.15 -45.45
C TYR D 92 7.02 24.39 -46.91
N VAL D 93 8.03 24.57 -47.75
CA VAL D 93 7.72 24.76 -49.17
C VAL D 93 7.24 23.46 -49.80
N THR D 94 7.75 22.30 -49.35
CA THR D 94 7.20 21.04 -49.84
C THR D 94 5.75 20.85 -49.40
N TYR D 95 5.46 21.23 -48.14
CA TYR D 95 4.06 21.27 -47.72
C TYR D 95 3.24 22.08 -48.71
N ALA D 96 3.75 23.26 -49.07
CA ALA D 96 3.01 24.14 -49.97
C ALA D 96 2.80 23.51 -51.34
N ILE D 97 3.82 22.84 -51.87
CA ILE D 97 3.66 22.28 -53.21
C ILE D 97 2.64 21.17 -53.19
N LEU D 98 2.63 20.34 -52.15
CA LEU D 98 1.58 19.33 -52.07
C LEU D 98 0.21 19.98 -51.97
N ALA D 99 0.10 21.05 -51.18
CA ALA D 99 -1.19 21.73 -51.03
C ALA D 99 -1.65 22.35 -52.34
N GLY D 100 -0.73 22.98 -53.07
CA GLY D 100 -1.10 23.69 -54.28
C GLY D 100 -1.30 25.18 -54.12
N ASP D 101 -1.09 25.72 -52.93
CA ASP D 101 -1.16 27.16 -52.71
C ASP D 101 0.00 27.57 -51.79
N SER D 102 0.05 28.85 -51.47
CA SER D 102 1.12 29.38 -50.64
C SER D 102 0.67 29.72 -49.22
N SER D 103 -0.58 29.41 -48.88
CA SER D 103 -1.11 29.81 -47.57
C SER D 103 -0.31 29.17 -46.44
N VAL D 104 -0.02 27.88 -46.55
CA VAL D 104 0.72 27.18 -45.51
C VAL D 104 2.12 27.77 -45.39
N LEU D 105 2.72 28.15 -46.52
CA LEU D 105 4.09 28.66 -46.49
C LEU D 105 4.18 30.00 -45.80
N ASP D 106 3.21 30.89 -46.06
CA ASP D 106 3.27 32.22 -45.48
C ASP D 106 2.62 32.30 -44.10
N ASP D 107 1.91 31.27 -43.67
CA ASP D 107 1.25 31.31 -42.36
C ASP D 107 2.18 30.89 -41.23
N ARG D 108 3.14 30.01 -41.48
CA ARG D 108 4.00 29.50 -40.43
C ARG D 108 5.47 29.81 -40.66
N CYS D 109 5.97 29.60 -41.87
CA CYS D 109 7.41 29.67 -42.10
C CYS D 109 7.90 31.11 -42.22
N LEU D 110 7.28 31.90 -43.11
CA LEU D 110 7.71 33.26 -43.35
C LEU D 110 6.74 34.28 -42.78
N ASN D 111 6.12 33.95 -41.65
CA ASN D 111 5.16 34.85 -41.01
C ASN D 111 5.92 35.70 -39.99
N GLY D 112 6.61 36.72 -40.50
CA GLY D 112 7.42 37.57 -39.67
C GLY D 112 8.88 37.18 -39.60
N LEU D 113 9.31 36.17 -40.37
CA LEU D 113 10.69 35.72 -40.32
C LEU D 113 11.66 36.86 -40.63
N ARG D 114 11.27 37.79 -41.50
CA ARG D 114 12.16 38.87 -41.88
C ARG D 114 12.56 39.69 -40.67
N GLU D 115 11.59 40.03 -39.83
CA GLU D 115 11.90 40.81 -38.63
C GLU D 115 12.80 40.02 -37.69
N THR D 116 12.55 38.71 -37.57
CA THR D 116 13.39 37.89 -36.70
C THR D 116 14.85 37.94 -37.13
N TYR D 117 15.10 37.75 -38.43
CA TYR D 117 16.48 37.82 -38.90
C TYR D 117 17.04 39.23 -38.76
N GLN D 118 16.23 40.24 -39.01
CA GLN D 118 16.71 41.62 -38.90
C GLN D 118 17.16 41.92 -37.47
N ALA D 119 16.44 41.41 -36.49
CA ALA D 119 16.85 41.61 -35.10
C ALA D 119 18.08 40.77 -34.78
N LEU D 120 18.12 39.52 -35.26
CA LEU D 120 19.26 38.65 -34.97
C LEU D 120 20.55 39.22 -35.54
N GLY D 121 20.46 39.95 -36.65
CA GLY D 121 21.63 40.41 -37.35
C GLY D 121 22.04 39.54 -38.53
N THR D 122 21.37 38.41 -38.74
CA THR D 122 21.67 37.59 -39.89
C THR D 122 21.15 38.27 -41.15
N PRO D 123 21.97 38.42 -42.19
CA PRO D 123 21.52 39.13 -43.40
C PRO D 123 20.41 38.35 -44.10
N GLY D 124 19.26 38.99 -44.29
CA GLY D 124 18.16 38.33 -44.96
C GLY D 124 18.42 38.11 -46.44
N SER D 125 19.21 38.99 -47.06
CA SER D 125 19.55 38.84 -48.47
C SER D 125 20.29 37.53 -48.71
N SER D 126 21.26 37.21 -47.85
CA SER D 126 21.99 35.96 -48.00
C SER D 126 21.07 34.77 -47.80
N VAL D 127 20.14 34.86 -46.86
CA VAL D 127 19.16 33.79 -46.69
C VAL D 127 18.38 33.57 -47.98
N ALA D 128 18.00 34.67 -48.64
CA ALA D 128 17.30 34.54 -49.91
C ALA D 128 18.16 33.85 -50.95
N VAL D 129 19.46 34.18 -50.98
CA VAL D 129 20.35 33.51 -51.92
C VAL D 129 20.39 32.00 -51.65
N ALA D 130 20.41 31.63 -50.37
CA ALA D 130 20.41 30.21 -50.02
C ALA D 130 19.12 29.54 -50.49
N ILE D 131 17.98 30.20 -50.29
CA ILE D 131 16.71 29.66 -50.75
C ILE D 131 16.74 29.46 -52.26
N GLN D 132 17.36 30.40 -52.99
CA GLN D 132 17.45 30.26 -54.44
C GLN D 132 18.31 29.05 -54.83
N LYS D 133 19.42 28.84 -54.11
CA LYS D 133 20.23 27.65 -54.34
C LYS D 133 19.39 26.39 -54.19
N MET D 134 18.65 26.31 -53.09
CA MET D 134 17.75 25.18 -52.89
C MET D 134 16.73 25.08 -54.02
N LYS D 135 16.26 26.23 -54.50
CA LYS D 135 15.25 26.24 -55.56
C LYS D 135 15.78 25.54 -56.80
N ASP D 136 16.97 25.92 -57.25
CA ASP D 136 17.49 25.31 -58.47
C ASP D 136 17.75 23.82 -58.25
N ALA D 137 18.30 23.44 -57.09
CA ALA D 137 18.54 22.02 -56.84
C ALA D 137 17.24 21.22 -56.89
N ALA D 138 16.21 21.72 -56.19
CA ALA D 138 14.95 20.99 -56.11
C ALA D 138 14.25 20.92 -57.45
N ILE D 139 14.27 22.04 -58.20
CA ILE D 139 13.67 22.04 -59.53
C ILE D 139 14.33 20.98 -60.39
N ALA D 140 15.66 20.91 -60.35
CA ALA D 140 16.37 19.95 -61.17
C ALA D 140 15.99 18.52 -60.82
N ILE D 141 15.98 18.18 -59.53
CA ILE D 141 15.69 16.78 -59.21
C ILE D 141 14.21 16.45 -59.36
N ALA D 142 13.31 17.43 -59.30
CA ALA D 142 11.91 17.14 -59.58
C ALA D 142 11.67 16.97 -61.07
N ASN D 143 12.42 17.68 -61.90
CA ASN D 143 12.30 17.58 -63.35
C ASN D 143 13.17 16.47 -63.93
N ASP D 144 13.91 15.76 -63.10
CA ASP D 144 14.72 14.65 -63.56
C ASP D 144 13.83 13.59 -64.18
N PRO D 145 13.97 13.29 -65.48
CA PRO D 145 13.05 12.37 -66.16
C PRO D 145 13.46 10.91 -66.10
N ASN D 146 14.55 10.59 -65.42
CA ASN D 146 15.20 9.29 -65.54
C ASN D 146 14.57 8.31 -64.54
N GLY D 147 13.66 7.48 -65.03
CA GLY D 147 13.06 6.45 -64.21
C GLY D 147 11.64 6.73 -63.75
N ILE D 148 10.81 7.22 -64.67
CA ILE D 148 9.41 7.52 -64.34
C ILE D 148 8.64 7.67 -65.65
N THR D 149 7.33 7.49 -65.58
CA THR D 149 6.47 7.65 -66.75
C THR D 149 6.64 9.05 -67.33
N PRO D 150 6.95 9.18 -68.62
CA PRO D 150 7.25 10.50 -69.18
C PRO D 150 6.01 11.35 -69.37
N GLY D 151 6.24 12.66 -69.42
CA GLY D 151 5.23 13.65 -69.75
C GLY D 151 5.60 15.02 -69.24
N ASP D 152 5.45 16.05 -70.08
CA ASP D 152 5.97 17.36 -69.73
C ASP D 152 5.10 18.02 -68.67
N CYS D 153 5.73 18.48 -67.60
CA CYS D 153 5.05 19.18 -66.51
C CYS D 153 5.80 20.44 -66.15
N SER D 154 6.17 21.23 -67.16
CA SER D 154 6.85 22.50 -66.92
C SER D 154 6.01 23.42 -66.06
N ALA D 155 4.68 23.34 -66.18
CA ALA D 155 3.81 24.20 -65.39
C ALA D 155 4.00 23.94 -63.90
N LEU D 156 4.02 22.67 -63.51
CA LEU D 156 4.22 22.33 -62.11
C LEU D 156 5.58 22.80 -61.61
N MET D 157 6.61 22.65 -62.43
CA MET D 157 7.94 23.12 -62.05
C MET D 157 7.95 24.63 -61.86
N SER D 158 7.26 25.35 -62.74
CA SER D 158 7.17 26.80 -62.57
C SER D 158 6.46 27.14 -61.26
N GLU D 159 5.43 26.38 -60.90
CA GLU D 159 4.75 26.64 -59.63
C GLU D 159 5.68 26.41 -58.44
N ILE D 160 6.47 25.32 -58.49
CA ILE D 160 7.44 25.06 -57.43
C ILE D 160 8.39 26.24 -57.29
N ALA D 161 8.94 26.68 -58.43
CA ALA D 161 9.84 27.81 -58.43
C ALA D 161 9.16 29.04 -57.85
N GLY D 162 7.89 29.25 -58.18
CA GLY D 162 7.18 30.39 -57.66
C GLY D 162 7.08 30.36 -56.14
N TYR D 163 6.85 29.19 -55.57
CA TYR D 163 6.74 29.12 -54.12
C TYR D 163 8.09 29.38 -53.46
N PHE D 164 9.16 28.80 -54.00
CA PHE D 164 10.49 29.11 -53.47
C PHE D 164 10.79 30.60 -53.58
N ASP D 165 10.42 31.21 -54.70
CA ASP D 165 10.67 32.63 -54.90
C ASP D 165 9.89 33.47 -53.91
N ARG D 166 8.64 33.09 -53.64
CA ARG D 166 7.83 33.82 -52.67
C ARG D 166 8.52 33.80 -51.31
N ALA D 167 9.02 32.64 -50.90
CA ALA D 167 9.76 32.57 -49.64
C ALA D 167 11.00 33.47 -49.67
N ALA D 168 11.77 33.38 -50.76
CA ALA D 168 13.03 34.12 -50.83
C ALA D 168 12.78 35.62 -50.77
N ALA D 169 11.72 36.09 -51.42
CA ALA D 169 11.40 37.51 -51.37
C ALA D 169 10.91 37.92 -50.00
N ALA D 170 10.10 37.07 -49.36
CA ALA D 170 9.55 37.44 -48.06
C ALA D 170 10.60 37.48 -46.97
N VAL D 171 11.64 36.64 -47.07
CA VAL D 171 12.66 36.66 -46.02
C VAL D 171 13.62 37.82 -46.21
N ALA D 172 13.81 38.29 -47.43
CA ALA D 172 14.69 39.42 -47.68
C ALA D 172 13.89 40.70 -47.83
N MET E 1 23.57 20.11 2.24
CA MET E 1 23.92 21.48 2.59
C MET E 1 24.58 22.21 1.43
N LYS E 2 24.64 23.54 1.52
CA LYS E 2 25.35 24.34 0.52
C LYS E 2 26.83 24.40 0.89
N THR E 3 27.49 23.29 0.67
CA THR E 3 28.93 23.09 0.80
C THR E 3 29.59 23.31 -0.56
N PRO E 4 30.74 23.99 -0.61
CA PRO E 4 31.38 24.23 -1.92
C PRO E 4 31.47 22.98 -2.79
N ILE E 5 31.87 21.86 -2.20
CA ILE E 5 31.97 20.61 -2.96
C ILE E 5 30.61 20.23 -3.54
N THR E 6 29.58 20.22 -2.70
CA THR E 6 28.26 19.82 -3.18
C THR E 6 27.71 20.82 -4.17
N GLU E 7 28.02 22.11 -4.01
CA GLU E 7 27.55 23.10 -4.96
C GLU E 7 28.16 22.87 -6.34
N ALA E 8 29.45 22.56 -6.40
CA ALA E 8 30.05 22.22 -7.69
C ALA E 8 29.43 20.97 -8.27
N ILE E 9 29.19 19.96 -7.43
CA ILE E 9 28.58 18.73 -7.92
C ILE E 9 27.21 19.00 -8.51
N ALA E 10 26.40 19.81 -7.82
CA ALA E 10 25.06 20.13 -8.32
C ALA E 10 25.14 20.93 -9.62
N ALA E 11 26.10 21.85 -9.71
CA ALA E 11 26.27 22.61 -10.94
C ALA E 11 26.57 21.69 -12.11
N ALA E 12 27.39 20.67 -11.89
CA ALA E 12 27.67 19.72 -12.96
C ALA E 12 26.47 18.81 -13.23
N ASP E 13 25.68 18.50 -12.20
CA ASP E 13 24.60 17.55 -12.37
C ASP E 13 23.43 18.17 -13.14
N THR E 14 23.14 19.45 -12.91
CA THR E 14 22.02 20.05 -13.61
C THR E 14 22.29 20.15 -15.11
N GLN E 15 23.55 20.19 -15.52
CA GLN E 15 23.88 20.18 -16.93
C GLN E 15 24.11 18.77 -17.47
N GLY E 16 24.30 17.80 -16.58
CA GLY E 16 24.50 16.42 -16.99
C GLY E 16 25.91 16.06 -17.40
N ARG E 17 26.88 16.95 -17.20
CA ARG E 17 28.22 16.75 -17.69
C ARG E 17 29.13 16.18 -16.61
N PHE E 18 30.15 15.44 -17.03
CA PHE E 18 31.18 14.99 -16.11
C PHE E 18 31.93 16.19 -15.54
N LEU E 19 32.47 16.00 -14.34
CA LEU E 19 33.10 17.09 -13.59
C LEU E 19 34.23 17.73 -14.37
N SER E 20 34.04 18.99 -14.76
CA SER E 20 35.02 19.71 -15.58
C SER E 20 36.08 20.36 -14.70
N ASN E 21 37.05 20.99 -15.35
CA ASN E 21 38.14 21.63 -14.62
C ASN E 21 37.63 22.76 -13.73
N THR E 22 36.52 23.40 -14.09
CA THR E 22 35.96 24.46 -13.26
C THR E 22 35.68 23.96 -11.85
N GLU E 23 34.92 22.86 -11.75
CA GLU E 23 34.52 22.35 -10.46
C GLU E 23 35.74 21.86 -9.67
N LEU E 24 36.69 21.22 -10.35
CA LEU E 24 37.89 20.76 -9.67
C LEU E 24 38.69 21.93 -9.11
N GLN E 25 38.78 23.02 -9.88
CA GLN E 25 39.45 24.21 -9.37
C GLN E 25 38.76 24.72 -8.12
N ALA E 26 37.42 24.75 -8.13
CA ALA E 26 36.70 25.24 -6.97
C ALA E 26 37.01 24.40 -5.73
N VAL E 27 36.91 23.08 -5.85
CA VAL E 27 37.14 22.27 -4.65
C VAL E 27 38.60 22.36 -4.22
N ASP E 28 39.52 22.56 -5.16
CA ASP E 28 40.91 22.76 -4.77
C ASP E 28 41.06 24.03 -3.94
N GLY E 29 40.37 25.09 -4.34
CA GLY E 29 40.39 26.30 -3.53
C GLY E 29 39.88 26.04 -2.13
N ARG E 30 38.81 25.24 -2.01
CA ARG E 30 38.31 24.93 -0.68
C ARG E 30 39.35 24.18 0.15
N PHE E 31 40.00 23.19 -0.45
CA PHE E 31 41.04 22.45 0.27
C PHE E 31 42.17 23.38 0.70
N LYS E 32 42.54 24.32 -0.16
CA LYS E 32 43.62 25.24 0.18
C LYS E 32 43.24 26.15 1.33
N ARG E 33 41.97 26.56 1.41
CA ARG E 33 41.52 27.38 2.53
C ARG E 33 41.26 26.57 3.79
N ALA E 34 41.14 25.26 3.65
CA ALA E 34 40.71 24.43 4.78
C ALA E 34 41.69 24.46 5.94
N VAL E 35 42.99 24.69 5.69
CA VAL E 35 43.94 24.69 6.79
C VAL E 35 43.61 25.81 7.77
N ALA E 36 43.46 27.03 7.25
CA ALA E 36 43.07 28.15 8.10
C ALA E 36 41.67 27.94 8.67
N SER E 37 40.76 27.39 7.87
CA SER E 37 39.40 27.19 8.37
C SER E 37 39.39 26.27 9.59
N MET E 38 40.14 25.18 9.53
CA MET E 38 40.18 24.25 10.65
C MET E 38 40.88 24.85 11.85
N GLU E 39 41.92 25.66 11.62
CA GLU E 39 42.52 26.35 12.77
C GLU E 39 41.49 27.22 13.48
N ALA E 40 40.72 27.99 12.70
CA ALA E 40 39.72 28.87 13.31
C ALA E 40 38.67 28.06 14.07
N ALA E 41 38.22 26.96 13.47
CA ALA E 41 37.23 26.12 14.14
C ALA E 41 37.76 25.57 15.45
N ARG E 42 39.01 25.10 15.46
CA ARG E 42 39.61 24.63 16.69
C ARG E 42 39.61 25.71 17.75
N ALA E 43 39.96 26.94 17.35
CA ALA E 43 39.99 28.03 18.31
C ALA E 43 38.63 28.27 18.93
N LEU E 44 37.58 28.30 18.11
CA LEU E 44 36.26 28.57 18.65
C LEU E 44 35.79 27.43 19.56
N THR E 45 36.01 26.19 19.14
CA THR E 45 35.47 25.08 19.92
C THR E 45 36.28 24.76 21.16
N ASN E 46 37.54 25.17 21.21
CA ASN E 46 38.35 24.93 22.39
C ASN E 46 38.21 26.01 23.44
N ASN E 47 37.66 27.17 23.06
CA ASN E 47 37.47 28.28 23.98
C ASN E 47 35.98 28.61 24.13
N ALA E 48 35.13 27.60 23.92
CA ALA E 48 33.69 27.86 23.78
C ALA E 48 33.09 28.46 25.03
N GLN E 49 33.49 27.97 26.20
CA GLN E 49 32.85 28.41 27.44
C GLN E 49 33.04 29.90 27.66
N SER E 50 34.26 30.40 27.46
CA SER E 50 34.51 31.82 27.63
C SER E 50 33.63 32.63 26.68
N LEU E 51 33.61 32.25 25.41
CA LEU E 51 32.84 33.00 24.42
C LEU E 51 31.36 33.02 24.78
N ILE E 52 30.79 31.88 25.15
CA ILE E 52 29.35 31.82 25.39
C ILE E 52 28.97 32.54 26.68
N ASP E 53 29.68 32.26 27.78
CA ASP E 53 29.35 32.91 29.04
C ASP E 53 29.52 34.42 28.92
N GLY E 54 30.61 34.86 28.30
CA GLY E 54 30.82 36.27 28.09
C GLY E 54 29.73 36.89 27.22
N ALA E 55 29.29 36.17 26.18
CA ALA E 55 28.22 36.69 25.35
C ALA E 55 26.93 36.85 26.14
N ALA E 56 26.63 35.89 27.00
CA ALA E 56 25.44 35.99 27.84
C ALA E 56 25.49 37.25 28.70
N GLN E 57 26.62 37.47 29.36
CA GLN E 57 26.72 38.68 30.18
C GLN E 57 26.66 39.93 29.31
N ALA E 58 27.22 39.87 28.10
CA ALA E 58 27.19 41.03 27.22
C ALA E 58 25.78 41.41 26.85
N VAL E 59 24.94 40.42 26.54
CA VAL E 59 23.56 40.76 26.18
C VAL E 59 22.80 41.21 27.43
N TYR E 60 23.14 40.69 28.60
CA TYR E 60 22.48 41.18 29.81
C TYR E 60 22.82 42.65 30.06
N GLN E 61 24.05 43.06 29.74
CA GLN E 61 24.44 44.45 29.92
C GLN E 61 23.83 45.36 28.86
N LYS E 62 23.85 44.92 27.60
CA LYS E 62 23.33 45.76 26.51
C LYS E 62 21.84 45.99 26.67
N PHE E 63 21.11 44.96 27.10
CA PHE E 63 19.66 45.03 27.27
C PHE E 63 19.36 44.67 28.73
N PRO E 64 19.49 45.61 29.66
CA PRO E 64 19.18 45.29 31.06
C PRO E 64 17.75 44.86 31.26
N TYR E 65 16.81 45.40 30.49
CA TYR E 65 15.41 45.05 30.68
C TYR E 65 15.17 43.56 30.49
N THR E 66 16.03 42.89 29.72
CA THR E 66 15.83 41.47 29.47
C THR E 66 16.13 40.62 30.70
N THR E 67 16.89 41.13 31.66
CA THR E 67 17.18 40.34 32.85
C THR E 67 16.39 40.83 34.06
N THR E 68 15.41 41.70 33.85
CA THR E 68 14.50 42.11 34.91
C THR E 68 13.04 41.85 34.58
N MET E 69 12.60 42.22 33.37
CA MET E 69 11.18 42.14 33.04
C MET E 69 10.65 40.73 33.24
N GLN E 70 9.51 40.62 33.92
CA GLN E 70 8.88 39.33 34.11
C GLN E 70 8.18 38.90 32.83
N GLY E 71 8.25 37.62 32.53
CA GLY E 71 7.69 37.05 31.31
C GLY E 71 8.59 35.95 30.80
N SER E 72 7.98 34.98 30.11
CA SER E 72 8.73 33.81 29.69
C SER E 72 9.78 34.15 28.63
N GLN E 73 9.51 35.15 27.80
CA GLN E 73 10.48 35.50 26.77
C GLN E 73 11.77 36.06 27.34
N TYR E 74 11.76 36.51 28.59
CA TYR E 74 12.94 37.09 29.20
C TYR E 74 13.70 36.06 30.02
N ALA E 75 14.95 36.38 30.34
CA ALA E 75 15.80 35.53 31.15
C ALA E 75 15.86 35.98 32.61
N SER E 76 14.82 36.68 33.07
CA SER E 76 14.79 37.09 34.48
C SER E 76 14.72 35.88 35.41
N THR E 77 13.99 34.86 35.01
CA THR E 77 13.95 33.61 35.77
C THR E 77 15.20 32.77 35.47
N PRO E 78 15.62 31.94 36.42
CA PRO E 78 16.79 31.07 36.15
C PRO E 78 16.57 30.13 34.98
N GLU E 79 15.35 29.67 34.76
CA GLU E 79 15.06 28.83 33.60
C GLU E 79 15.35 29.58 32.31
N GLY E 80 14.98 30.86 32.26
CA GLY E 80 15.30 31.67 31.09
C GLY E 80 16.80 31.86 30.91
N LYS E 81 17.54 31.98 32.00
CA LYS E 81 18.99 32.05 31.91
C LYS E 81 19.55 30.78 31.27
N ALA E 82 19.02 29.62 31.68
CA ALA E 82 19.44 28.36 31.07
C ALA E 82 19.12 28.33 29.58
N LYS E 83 17.92 28.80 29.22
CA LYS E 83 17.55 28.87 27.80
C LYS E 83 18.53 29.74 27.02
N CYS E 84 18.88 30.89 27.58
CA CYS E 84 19.79 31.79 26.90
C CYS E 84 21.15 31.14 26.68
N ALA E 85 21.64 30.44 27.71
CA ALA E 85 22.93 29.75 27.56
C ALA E 85 22.84 28.70 26.46
N ARG E 86 21.76 27.91 26.45
CA ARG E 86 21.62 26.86 25.46
C ARG E 86 21.59 27.42 24.05
N ASP E 87 20.84 28.51 23.83
CA ASP E 87 20.71 29.04 22.48
C ASP E 87 22.01 29.69 22.00
N ILE E 88 22.68 30.45 22.87
CA ILE E 88 23.97 31.01 22.48
C ILE E 88 24.93 29.89 22.13
N GLY E 89 24.91 28.81 22.91
CA GLY E 89 25.71 27.66 22.57
C GLY E 89 25.36 27.08 21.21
N TYR E 90 24.08 27.04 20.88
CA TYR E 90 23.67 26.56 19.57
C TYR E 90 24.26 27.43 18.46
N TYR E 91 24.22 28.74 18.65
CA TYR E 91 24.78 29.63 17.62
C TYR E 91 26.26 29.37 17.43
N LEU E 92 27.01 29.25 18.53
CA LEU E 92 28.45 28.99 18.40
C LEU E 92 28.71 27.63 17.78
N ARG E 93 27.90 26.63 18.13
CA ARG E 93 28.08 25.30 17.56
C ARG E 93 27.88 25.33 16.05
N MET E 94 26.85 26.05 15.60
CA MET E 94 26.60 26.14 14.17
C MET E 94 27.72 26.89 13.46
N VAL E 95 28.27 27.94 14.09
CA VAL E 95 29.35 28.64 13.41
C VAL E 95 30.57 27.75 13.27
N THR E 96 30.84 26.92 14.28
CA THR E 96 31.97 25.98 14.14
C THR E 96 31.68 24.96 13.03
N TYR E 97 30.45 24.48 12.96
CA TYR E 97 30.08 23.57 11.87
C TYR E 97 30.31 24.24 10.52
N CYS E 98 29.92 25.50 10.39
CA CYS E 98 30.11 26.19 9.12
C CYS E 98 31.58 26.38 8.81
N LEU E 99 32.38 26.67 9.82
CA LEU E 99 33.81 26.82 9.60
C LEU E 99 34.42 25.54 9.06
N VAL E 100 34.05 24.39 9.62
CA VAL E 100 34.64 23.17 9.12
C VAL E 100 34.05 22.75 7.78
N ALA E 101 32.78 23.08 7.54
CA ALA E 101 32.16 22.69 6.28
C ALA E 101 32.75 23.44 5.09
N GLY E 102 33.27 24.64 5.33
CA GLY E 102 33.82 25.46 4.27
C GLY E 102 32.82 26.33 3.55
N GLY E 103 31.57 26.31 3.96
CA GLY E 103 30.55 27.16 3.37
C GLY E 103 29.52 27.58 4.38
N THR E 104 28.46 28.25 3.95
CA THR E 104 27.41 28.69 4.85
C THR E 104 26.28 27.68 4.96
N GLY E 105 26.41 26.51 4.33
CA GLY E 105 25.38 25.50 4.31
C GLY E 105 24.79 25.15 5.67
N PRO E 106 25.63 24.71 6.61
CA PRO E 106 25.07 24.25 7.89
C PRO E 106 24.23 25.29 8.61
N MET E 107 24.67 26.55 8.64
CA MET E 107 23.85 27.55 9.32
C MET E 107 22.61 27.87 8.51
N ASP E 108 22.67 27.74 7.19
CA ASP E 108 21.46 27.91 6.40
C ASP E 108 20.40 26.89 6.80
N GLU E 109 20.81 25.65 7.00
CA GLU E 109 19.81 24.61 7.21
C GLU E 109 19.41 24.43 8.67
N TYR E 110 20.31 24.68 9.60
CA TYR E 110 20.01 24.45 11.01
C TYR E 110 19.89 25.72 11.83
N LEU E 111 20.08 26.90 11.24
CA LEU E 111 19.80 28.15 11.93
C LEU E 111 18.83 29.04 11.18
N ILE E 112 19.16 29.40 9.95
CA ILE E 112 18.51 30.54 9.31
C ILE E 112 17.15 30.14 8.75
N ALA E 113 17.01 28.89 8.35
CA ALA E 113 15.76 28.42 7.76
C ALA E 113 14.60 28.62 8.73
N GLY E 114 13.68 29.52 8.38
CA GLY E 114 12.54 29.77 9.23
C GLY E 114 12.84 30.49 10.52
N LEU E 115 14.00 31.13 10.63
CA LEU E 115 14.37 31.82 11.85
C LEU E 115 13.39 32.95 12.16
N SER E 116 12.85 33.60 11.13
CA SER E 116 11.93 34.70 11.33
C SER E 116 10.66 34.25 12.04
N GLU E 117 10.10 33.11 11.60
CA GLU E 117 8.87 32.61 12.21
C GLU E 117 9.07 32.35 13.69
N ILE E 118 10.16 31.70 14.06
CA ILE E 118 10.40 31.36 15.45
C ILE E 118 10.64 32.63 16.26
N ASN E 119 11.49 33.53 15.75
CA ASN E 119 11.78 34.75 16.47
C ASN E 119 10.55 35.61 16.66
N SER E 120 9.55 35.48 15.79
CA SER E 120 8.33 36.24 15.99
C SER E 120 7.36 35.55 16.92
N THR E 121 7.25 34.22 16.86
CA THR E 121 6.23 33.53 17.63
C THR E 121 6.56 33.51 19.11
N PHE E 122 7.81 33.19 19.46
CA PHE E 122 8.21 33.13 20.85
C PHE E 122 8.76 34.46 21.36
N ASP E 123 8.53 35.55 20.63
CA ASP E 123 8.91 36.90 21.05
C ASP E 123 10.39 37.00 21.38
N LEU E 124 11.23 36.39 20.55
CA LEU E 124 12.68 36.42 20.74
C LEU E 124 13.26 37.44 19.78
N SER E 125 13.46 38.66 20.26
CA SER E 125 13.90 39.74 19.39
C SER E 125 15.28 39.42 18.81
N PRO E 126 15.46 39.51 17.49
CA PRO E 126 16.75 39.14 16.89
C PRO E 126 17.92 39.97 17.38
N SER E 127 17.65 41.19 17.83
CA SER E 127 18.72 42.08 18.27
C SER E 127 19.55 41.47 19.39
N TRP E 128 18.91 40.69 20.26
CA TRP E 128 19.65 40.02 21.33
C TRP E 128 20.78 39.17 20.76
N TYR E 129 20.44 38.28 19.83
CA TYR E 129 21.46 37.41 19.25
C TYR E 129 22.44 38.20 18.40
N ILE E 130 22.00 39.31 17.80
CA ILE E 130 22.91 40.13 17.02
C ILE E 130 24.03 40.67 17.90
N GLU E 131 23.66 41.21 19.06
CA GLU E 131 24.68 41.73 19.98
C GLU E 131 25.56 40.61 20.51
N ALA E 132 24.98 39.45 20.81
CA ALA E 132 25.79 38.33 21.28
C ALA E 132 26.82 37.92 20.24
N LEU E 133 26.40 37.83 18.97
CA LEU E 133 27.32 37.51 17.90
C LEU E 133 28.41 38.57 17.78
N LYS E 134 28.06 39.84 18.03
CA LYS E 134 29.09 40.87 18.02
C LYS E 134 30.16 40.60 19.06
N TYR E 135 29.73 40.25 20.27
CA TYR E 135 30.71 39.93 21.31
C TYR E 135 31.60 38.79 20.86
N ILE E 136 31.02 37.73 20.29
CA ILE E 136 31.82 36.60 19.87
C ILE E 136 32.79 37.00 18.77
N LYS E 137 32.36 37.90 17.88
CA LYS E 137 33.24 38.37 16.82
C LYS E 137 34.37 39.22 17.36
N ALA E 138 34.21 39.79 18.54
CA ALA E 138 35.30 40.59 19.10
C ALA E 138 36.23 39.80 20.01
N ASN E 139 35.74 38.74 20.66
CA ASN E 139 36.54 37.99 21.62
C ASN E 139 37.07 36.67 21.09
N HIS E 140 36.81 36.35 19.82
CA HIS E 140 37.23 35.05 19.30
C HIS E 140 38.73 34.84 19.41
N GLY E 141 39.50 35.93 19.37
CA GLY E 141 40.94 35.82 19.53
C GLY E 141 41.65 35.10 18.40
N LEU E 142 41.20 35.28 17.18
CA LEU E 142 41.87 34.74 16.01
C LEU E 142 42.69 35.82 15.32
N THR E 143 43.53 35.39 14.38
CA THR E 143 44.40 36.30 13.66
C THR E 143 44.64 35.77 12.26
N GLY E 144 45.08 36.67 11.38
CA GLY E 144 45.39 36.27 10.01
C GLY E 144 44.12 36.08 9.18
N GLN E 145 44.23 35.19 8.19
CA GLN E 145 43.07 34.85 7.37
C GLN E 145 42.08 33.96 8.12
N ALA E 146 42.55 33.22 9.13
CA ALA E 146 41.62 32.45 9.95
C ALA E 146 40.58 33.36 10.60
N ALA E 147 41.04 34.50 11.12
CA ALA E 147 40.11 35.47 11.68
C ALA E 147 39.14 35.97 10.61
N VAL E 148 39.63 36.16 9.39
CA VAL E 148 38.76 36.64 8.32
C VAL E 148 37.63 35.64 8.08
N GLU E 149 37.97 34.36 7.99
CA GLU E 149 36.96 33.34 7.74
C GLU E 149 35.92 33.31 8.87
N ALA E 150 36.39 33.29 10.11
CA ALA E 150 35.45 33.22 11.24
C ALA E 150 34.54 34.44 11.25
N ASN E 151 35.11 35.63 11.05
CA ASN E 151 34.31 36.84 11.04
C ASN E 151 33.31 36.83 9.89
N ALA E 152 33.69 36.26 8.75
CA ALA E 152 32.77 36.19 7.62
C ALA E 152 31.52 35.39 7.99
N TYR E 153 31.72 34.21 8.59
CA TYR E 153 30.55 33.41 8.95
C TYR E 153 29.73 34.09 10.04
N ILE E 154 30.40 34.68 11.04
CA ILE E 154 29.67 35.37 12.10
C ILE E 154 28.83 36.50 11.51
N ASP E 155 29.39 37.25 10.57
CA ASP E 155 28.64 38.35 9.98
C ASP E 155 27.53 37.84 9.09
N TYR E 156 27.70 36.66 8.48
CA TYR E 156 26.58 36.05 7.78
C TYR E 156 25.41 35.86 8.73
N ALA E 157 25.70 35.32 9.92
CA ALA E 157 24.64 35.17 10.91
C ALA E 157 24.04 36.51 11.30
N ILE E 158 24.88 37.52 11.50
CA ILE E 158 24.39 38.83 11.92
C ILE E 158 23.43 39.40 10.88
N ASN E 159 23.84 39.37 9.61
CA ASN E 159 22.99 39.90 8.55
C ASN E 159 21.73 39.07 8.37
N ALA E 160 21.80 37.76 8.62
CA ALA E 160 20.61 36.94 8.51
C ALA E 160 19.61 37.27 9.61
N LEU E 161 20.10 37.51 10.83
CA LEU E 161 19.21 37.92 11.91
C LEU E 161 18.53 39.24 11.60
N SER E 162 19.28 40.18 11.03
CA SER E 162 18.71 41.47 10.64
C SER E 162 17.75 41.31 9.48
N MET F 1 22.56 15.85 -0.84
CA MET F 1 23.96 15.53 -1.13
C MET F 1 24.86 15.92 0.02
N LEU F 2 25.56 14.94 0.58
CA LEU F 2 26.52 15.18 1.64
C LEU F 2 27.91 14.80 1.16
N ASP F 3 28.88 15.66 1.42
CA ASP F 3 30.28 15.33 1.23
C ASP F 3 30.88 14.93 2.58
N ALA F 4 32.16 14.59 2.57
CA ALA F 4 32.81 14.06 3.77
C ALA F 4 32.69 15.03 4.93
N PHE F 5 33.11 16.29 4.72
CA PHE F 5 32.99 17.31 5.75
C PHE F 5 31.56 17.43 6.23
N ALA F 6 30.62 17.47 5.28
CA ALA F 6 29.21 17.58 5.62
C ALA F 6 28.74 16.38 6.42
N LYS F 7 29.23 15.19 6.08
CA LYS F 7 28.83 14.00 6.83
C LYS F 7 29.23 14.11 8.29
N VAL F 8 30.48 14.49 8.54
CA VAL F 8 30.94 14.65 9.91
C VAL F 8 30.12 15.72 10.63
N VAL F 9 29.84 16.82 9.93
CA VAL F 9 29.07 17.90 10.54
C VAL F 9 27.67 17.43 10.90
N ALA F 10 27.05 16.62 10.03
CA ALA F 10 25.69 16.18 10.28
C ALA F 10 25.62 15.24 11.47
N GLN F 11 26.57 14.30 11.58
CA GLN F 11 26.59 13.47 12.77
C GLN F 11 26.76 14.33 14.03
N ALA F 12 27.71 15.27 13.98
CA ALA F 12 27.93 16.14 15.12
C ALA F 12 26.71 16.98 15.45
N ASP F 13 25.91 17.35 14.45
CA ASP F 13 24.70 18.10 14.69
C ASP F 13 23.64 17.23 15.34
N ALA F 14 23.57 15.96 14.94
CA ALA F 14 22.65 15.06 15.59
C ALA F 14 22.97 14.92 17.08
N ARG F 15 24.26 14.84 17.41
CA ARG F 15 24.61 14.69 18.81
C ARG F 15 24.84 16.00 19.55
N GLY F 16 24.74 17.14 18.87
CA GLY F 16 24.95 18.41 19.53
C GLY F 16 26.41 18.69 19.82
N GLU F 17 26.78 18.63 21.10
CA GLU F 17 28.14 18.83 21.60
C GLU F 17 28.97 19.85 20.82
N PHE F 18 30.19 19.50 20.46
CA PHE F 18 31.08 20.36 19.69
C PHE F 18 32.10 19.43 19.04
N LEU F 19 32.57 19.80 17.85
CA LEU F 19 33.51 18.97 17.10
C LEU F 19 34.68 18.52 17.97
N THR F 20 34.85 17.21 18.11
CA THR F 20 35.90 16.66 18.94
C THR F 20 37.23 16.69 18.22
N ASN F 21 38.31 16.59 19.00
CA ASN F 21 39.65 16.61 18.42
C ASN F 21 39.84 15.47 17.43
N ALA F 22 39.26 14.31 17.71
CA ALA F 22 39.36 13.18 16.78
C ALA F 22 38.76 13.54 15.43
N GLN F 23 37.58 14.15 15.43
CA GLN F 23 36.95 14.54 14.18
C GLN F 23 37.79 15.55 13.41
N PHE F 24 38.38 16.51 14.14
CA PHE F 24 39.29 17.47 13.51
C PHE F 24 40.43 16.74 12.82
N ASP F 25 41.04 15.78 13.51
CA ASP F 25 42.16 15.05 12.90
C ASP F 25 41.73 14.31 11.66
N ALA F 26 40.53 13.71 11.70
CA ALA F 26 40.04 12.98 10.53
C ALA F 26 39.92 13.92 9.33
N LEU F 27 39.31 15.08 9.53
CA LEU F 27 39.17 16.01 8.41
C LEU F 27 40.53 16.51 7.93
N SER F 28 41.47 16.71 8.85
CA SER F 28 42.81 17.13 8.43
C SER F 28 43.47 16.07 7.57
N ASN F 29 43.27 14.80 7.91
CA ASN F 29 43.76 13.72 7.06
C ASN F 29 43.12 13.79 5.68
N LEU F 30 41.82 14.09 5.63
CA LEU F 30 41.16 14.21 4.34
C LEU F 30 41.79 15.31 3.50
N VAL F 31 42.06 16.47 4.10
CA VAL F 31 42.60 17.56 3.30
C VAL F 31 44.06 17.33 2.91
N LYS F 32 44.84 16.68 3.77
CA LYS F 32 46.25 16.48 3.42
C LYS F 32 46.41 15.47 2.28
N GLU F 33 45.40 14.65 2.02
CA GLU F 33 45.40 13.73 0.89
C GLU F 33 44.47 14.20 -0.22
N GLY F 34 44.08 15.48 -0.21
CA GLY F 34 43.11 15.98 -1.17
C GLY F 34 43.63 16.02 -2.59
N ASN F 35 44.89 16.42 -2.76
CA ASN F 35 45.47 16.48 -4.11
C ASN F 35 45.35 15.14 -4.81
N LYS F 36 45.56 14.04 -4.07
CA LYS F 36 45.39 12.71 -4.63
C LYS F 36 43.97 12.52 -5.13
N ARG F 37 42.99 12.90 -4.31
CA ARG F 37 41.58 12.73 -4.68
C ARG F 37 41.27 13.46 -5.97
N LEU F 38 41.71 14.72 -6.05
CA LEU F 38 41.44 15.51 -7.24
C LEU F 38 42.11 14.91 -8.47
N ASP F 39 43.35 14.43 -8.32
CA ASP F 39 44.02 13.82 -9.46
C ASP F 39 43.26 12.60 -9.95
N ALA F 40 42.81 11.75 -9.03
CA ALA F 40 42.10 10.55 -9.44
C ALA F 40 40.84 10.90 -10.20
N VAL F 41 40.06 11.86 -9.67
CA VAL F 41 38.81 12.20 -10.34
C VAL F 41 39.10 12.81 -11.70
N ASN F 42 40.18 13.59 -11.81
CA ASN F 42 40.52 14.18 -13.11
C ASN F 42 40.85 13.10 -14.13
N ARG F 43 41.63 12.10 -13.71
CA ARG F 43 41.99 11.03 -14.64
C ARG F 43 40.76 10.26 -15.09
N ILE F 44 39.86 9.93 -14.17
CA ILE F 44 38.70 9.15 -14.57
C ILE F 44 37.80 9.97 -15.49
N THR F 45 37.58 11.25 -15.18
CA THR F 45 36.74 12.08 -16.03
C THR F 45 37.33 12.28 -17.41
N SER F 46 38.66 12.37 -17.50
CA SER F 46 39.27 12.63 -18.80
C SER F 46 39.10 11.46 -19.76
N ASN F 47 38.98 10.24 -19.25
CA ASN F 47 38.83 9.06 -20.11
C ASN F 47 37.44 8.44 -19.99
N ALA F 48 36.44 9.24 -19.61
CA ALA F 48 35.11 8.69 -19.36
C ALA F 48 34.57 7.97 -20.59
N SER F 49 34.63 8.64 -21.75
CA SER F 49 34.03 8.09 -22.95
C SER F 49 34.66 6.76 -23.33
N THR F 50 35.99 6.68 -23.29
CA THR F 50 36.63 5.42 -23.68
C THR F 50 36.38 4.33 -22.66
N ILE F 51 36.29 4.68 -21.37
CA ILE F 51 35.95 3.67 -20.36
C ILE F 51 34.61 3.06 -20.67
N VAL F 52 33.60 3.89 -20.90
CA VAL F 52 32.26 3.39 -21.17
C VAL F 52 32.25 2.56 -22.45
N ALA F 53 32.89 3.06 -23.51
CA ALA F 53 32.86 2.36 -24.79
C ALA F 53 33.52 0.99 -24.70
N ASN F 54 34.71 0.93 -24.11
CA ASN F 54 35.43 -0.34 -24.01
C ASN F 54 34.64 -1.33 -23.17
N ALA F 55 34.12 -0.89 -22.03
CA ALA F 55 33.34 -1.79 -21.20
C ALA F 55 32.11 -2.29 -21.94
N ALA F 56 31.49 -1.44 -22.75
CA ALA F 56 30.30 -1.86 -23.48
C ALA F 56 30.64 -2.94 -24.49
N ARG F 57 31.73 -2.74 -25.26
CA ARG F 57 32.13 -3.76 -26.21
C ARG F 57 32.39 -5.09 -25.51
N ALA F 58 33.06 -5.04 -24.35
CA ALA F 58 33.32 -6.27 -23.61
C ALA F 58 32.02 -6.93 -23.15
N LEU F 59 31.08 -6.14 -22.65
CA LEU F 59 29.83 -6.71 -22.17
C LEU F 59 29.09 -7.43 -23.29
N PHE F 60 29.01 -6.79 -24.47
CA PHE F 60 28.28 -7.44 -25.55
C PHE F 60 29.05 -8.59 -26.17
N ALA F 61 30.37 -8.64 -25.99
CA ALA F 61 31.10 -9.83 -26.41
C ALA F 61 30.90 -10.99 -25.44
N GLU F 62 30.79 -10.70 -24.15
CA GLU F 62 30.69 -11.76 -23.15
C GLU F 62 29.27 -12.31 -23.03
N GLN F 63 28.25 -11.49 -23.24
CA GLN F 63 26.86 -11.89 -23.07
C GLN F 63 26.08 -11.54 -24.32
N PRO F 64 26.26 -12.30 -25.40
CA PRO F 64 25.66 -11.93 -26.68
C PRO F 64 24.14 -11.95 -26.68
N GLN F 65 23.51 -12.71 -25.79
CA GLN F 65 22.06 -12.79 -25.82
C GLN F 65 21.41 -11.43 -25.58
N LEU F 66 22.13 -10.49 -24.97
CA LEU F 66 21.58 -9.15 -24.76
C LEU F 66 21.34 -8.44 -26.09
N ILE F 67 22.27 -8.56 -27.03
CA ILE F 67 22.15 -7.86 -28.31
C ILE F 67 21.55 -8.74 -29.40
N GLN F 68 21.24 -10.00 -29.10
CA GLN F 68 20.53 -10.82 -30.05
C GLN F 68 19.08 -10.36 -30.15
N PRO F 69 18.41 -10.62 -31.26
CA PRO F 69 17.05 -10.12 -31.43
C PRO F 69 16.14 -10.58 -30.30
N GLY F 70 15.35 -9.65 -29.79
CA GLY F 70 14.44 -9.92 -28.69
C GLY F 70 15.03 -9.73 -27.31
N GLY F 71 16.31 -9.38 -27.21
CA GLY F 71 16.93 -9.14 -25.93
C GLY F 71 16.84 -7.68 -25.56
N MEN F 72 17.14 -7.34 -24.31
CA MEN F 72 16.92 -5.97 -23.88
C MEN F 72 17.88 -4.92 -24.37
O MEN F 72 17.63 -3.74 -24.18
CB MEN F 72 16.87 -5.88 -22.36
CG MEN F 72 15.67 -5.02 -22.08
OD1 MEN F 72 15.78 -3.89 -21.62
ND2 MEN F 72 14.50 -5.56 -22.44
CE2 MEN F 72 13.33 -4.68 -22.16
N ALA F 73 18.97 -5.32 -25.02
CA ALA F 73 19.88 -4.34 -25.60
C ALA F 73 19.79 -4.42 -27.12
N TYR F 74 18.57 -4.49 -27.63
CA TYR F 74 18.31 -4.60 -29.05
C TYR F 74 17.53 -3.37 -29.52
N THR F 75 17.40 -3.24 -30.84
CA THR F 75 16.56 -2.25 -31.55
C THR F 75 17.15 -0.85 -31.63
N ASN F 76 18.38 -0.63 -31.18
CA ASN F 76 19.11 0.62 -31.39
C ASN F 76 18.55 1.78 -30.58
N ARG F 77 17.35 1.63 -30.03
CA ARG F 77 16.87 2.62 -29.08
C ARG F 77 17.26 2.20 -27.68
N ARG F 78 16.99 0.94 -27.36
CA ARG F 78 17.42 0.40 -26.08
C ARG F 78 18.93 0.33 -25.99
N MET F 79 19.63 0.15 -27.11
CA MET F 79 21.08 0.22 -27.07
C MET F 79 21.54 1.61 -26.64
N ALA F 80 20.90 2.65 -27.17
CA ALA F 80 21.22 4.00 -26.74
C ALA F 80 20.94 4.18 -25.27
N ALA F 81 19.81 3.66 -24.80
CA ALA F 81 19.51 3.79 -23.38
C ALA F 81 20.54 3.05 -22.52
N CYS F 82 20.99 1.88 -22.96
CA CYS F 82 21.96 1.13 -22.18
C CYS F 82 23.28 1.87 -22.08
N LEU F 83 23.75 2.42 -23.21
CA LEU F 83 24.97 3.23 -23.15
C LEU F 83 24.78 4.42 -22.22
N ARG F 84 23.61 5.06 -22.30
CA ARG F 84 23.33 6.19 -21.44
C ARG F 84 23.44 5.80 -19.97
N ASP F 85 22.85 4.67 -19.60
CA ASP F 85 22.84 4.26 -18.20
C ASP F 85 24.23 3.92 -17.70
N MET F 86 25.03 3.25 -18.53
CA MET F 86 26.41 2.99 -18.15
C MET F 86 27.14 4.30 -17.87
N GLU F 87 26.99 5.27 -18.77
CA GLU F 87 27.67 6.55 -18.57
C GLU F 87 27.16 7.25 -17.32
N ILE F 88 25.87 7.15 -17.03
CA ILE F 88 25.31 7.83 -15.86
C ILE F 88 25.86 7.21 -14.57
N ILE F 89 25.97 5.88 -14.53
CA ILE F 89 26.57 5.25 -13.35
C ILE F 89 27.99 5.74 -13.17
N LEU F 90 28.76 5.78 -14.25
CA LEU F 90 30.13 6.29 -14.15
C LEU F 90 30.15 7.73 -13.65
N ARG F 91 29.21 8.54 -14.13
CA ARG F 91 29.19 9.96 -13.76
C ARG F 91 28.91 10.13 -12.27
N TYR F 92 27.93 9.40 -11.75
CA TYR F 92 27.63 9.57 -10.34
C TYR F 92 28.71 8.96 -9.45
N VAL F 93 29.40 7.92 -9.92
CA VAL F 93 30.54 7.42 -9.16
C VAL F 93 31.67 8.44 -9.14
N THR F 94 31.88 9.12 -10.26
CA THR F 94 32.88 10.19 -10.30
C THR F 94 32.53 11.31 -9.33
N TYR F 95 31.25 11.68 -9.28
CA TYR F 95 30.79 12.62 -8.27
C TYR F 95 31.16 12.13 -6.88
N ALA F 96 30.89 10.86 -6.60
CA ALA F 96 31.16 10.32 -5.28
C ALA F 96 32.64 10.40 -4.94
N ILE F 97 33.51 10.08 -5.91
CA ILE F 97 34.95 10.13 -5.66
C ILE F 97 35.37 11.54 -5.29
N LEU F 98 34.91 12.54 -6.05
CA LEU F 98 35.28 13.90 -5.72
C LEU F 98 34.79 14.29 -4.35
N ALA F 99 33.55 13.90 -4.02
CA ALA F 99 32.99 14.25 -2.72
C ALA F 99 33.76 13.59 -1.58
N GLY F 100 34.15 12.34 -1.76
CA GLY F 100 34.74 11.56 -0.68
C GLY F 100 33.73 10.75 0.11
N ASP F 101 32.45 10.87 -0.20
CA ASP F 101 31.38 10.19 0.50
C ASP F 101 30.47 9.56 -0.55
N SER F 102 29.86 8.43 -0.21
CA SER F 102 28.99 7.75 -1.15
C SER F 102 27.55 8.19 -1.03
N SER F 103 27.27 9.25 -0.27
CA SER F 103 25.90 9.70 -0.12
C SER F 103 25.29 10.11 -1.44
N VAL F 104 26.05 10.84 -2.27
CA VAL F 104 25.54 11.27 -3.57
C VAL F 104 25.23 10.06 -4.44
N LEU F 105 26.07 9.02 -4.36
CA LEU F 105 25.87 7.85 -5.20
C LEU F 105 24.60 7.10 -4.86
N ASP F 106 24.21 7.08 -3.59
CA ASP F 106 22.99 6.38 -3.19
C ASP F 106 21.78 7.29 -3.15
N ASP F 107 21.96 8.61 -3.16
CA ASP F 107 20.84 9.53 -2.98
C ASP F 107 20.13 9.86 -4.28
N ARG F 108 20.85 9.93 -5.40
CA ARG F 108 20.23 10.20 -6.69
C ARG F 108 20.27 9.00 -7.61
N CYS F 109 21.46 8.45 -7.86
CA CYS F 109 21.61 7.48 -8.93
C CYS F 109 21.06 6.12 -8.52
N LEU F 110 21.50 5.59 -7.39
CA LEU F 110 21.03 4.28 -6.96
C LEU F 110 19.66 4.35 -6.28
N ASN F 111 19.13 5.56 -6.09
CA ASN F 111 17.85 5.75 -5.42
C ASN F 111 16.73 5.43 -6.39
N GLY F 112 16.27 4.18 -6.36
CA GLY F 112 15.19 3.73 -7.20
C GLY F 112 15.61 2.91 -8.40
N LEU F 113 16.91 2.82 -8.66
CA LEU F 113 17.38 2.12 -9.85
C LEU F 113 16.95 0.65 -9.85
N ARG F 114 16.97 0.02 -8.67
CA ARG F 114 16.67 -1.40 -8.60
C ARG F 114 15.27 -1.69 -9.13
N GLU F 115 14.26 -0.98 -8.63
CA GLU F 115 12.90 -1.23 -9.10
C GLU F 115 12.74 -0.84 -10.56
N THR F 116 13.44 0.21 -11.00
CA THR F 116 13.38 0.59 -12.41
C THR F 116 13.80 -0.58 -13.30
N TYR F 117 14.95 -1.18 -13.01
CA TYR F 117 15.39 -2.31 -13.82
C TYR F 117 14.50 -3.53 -13.63
N GLN F 118 13.99 -3.74 -12.41
CA GLN F 118 13.10 -4.87 -12.20
C GLN F 118 11.84 -4.75 -13.06
N ALA F 119 11.31 -3.55 -13.20
CA ALA F 119 10.12 -3.36 -14.03
C ALA F 119 10.45 -3.44 -15.50
N LEU F 120 11.58 -2.85 -15.92
CA LEU F 120 11.94 -2.90 -17.33
C LEU F 120 12.17 -4.32 -17.81
N GLY F 121 12.64 -5.20 -16.93
CA GLY F 121 13.05 -6.53 -17.31
C GLY F 121 14.53 -6.67 -17.57
N THR F 122 15.27 -5.57 -17.58
CA THR F 122 16.70 -5.63 -17.82
C THR F 122 17.38 -6.51 -16.79
N PRO F 123 18.23 -7.45 -17.21
CA PRO F 123 18.94 -8.30 -16.24
C PRO F 123 19.88 -7.47 -15.38
N GLY F 124 19.60 -7.43 -14.08
CA GLY F 124 20.44 -6.66 -13.18
C GLY F 124 21.84 -7.23 -13.04
N SER F 125 21.97 -8.56 -13.07
CA SER F 125 23.27 -9.18 -12.92
C SER F 125 24.22 -8.76 -14.04
N SER F 126 23.71 -8.68 -15.27
CA SER F 126 24.55 -8.25 -16.38
C SER F 126 25.00 -6.81 -16.20
N VAL F 127 24.11 -5.95 -15.71
CA VAL F 127 24.52 -4.57 -15.43
C VAL F 127 25.63 -4.56 -14.40
N ALA F 128 25.53 -5.41 -13.38
CA ALA F 128 26.59 -5.49 -12.39
C ALA F 128 27.91 -5.90 -13.02
N VAL F 129 27.87 -6.88 -13.93
CA VAL F 129 29.10 -7.28 -14.62
C VAL F 129 29.69 -6.09 -15.37
N ALA F 130 28.84 -5.32 -16.04
CA ALA F 130 29.32 -4.16 -16.78
C ALA F 130 29.98 -3.13 -15.85
N ILE F 131 29.35 -2.88 -14.71
CA ILE F 131 29.93 -1.95 -13.75
C ILE F 131 31.29 -2.46 -13.28
N GLN F 132 31.43 -3.77 -13.11
CA GLN F 132 32.71 -4.30 -12.67
C GLN F 132 33.78 -4.15 -13.74
N LYS F 133 33.41 -4.34 -15.01
CA LYS F 133 34.35 -4.06 -16.09
C LYS F 133 34.84 -2.61 -15.99
N MET F 134 33.90 -1.68 -15.84
CA MET F 134 34.28 -0.28 -15.68
C MET F 134 35.15 -0.08 -14.45
N LYS F 135 34.87 -0.83 -13.37
CA LYS F 135 35.66 -0.69 -12.15
C LYS F 135 37.12 -0.99 -12.42
N ASP F 136 37.38 -2.14 -13.03
CA ASP F 136 38.77 -2.49 -13.33
C ASP F 136 39.40 -1.46 -14.26
N ALA F 137 38.69 -1.06 -15.31
CA ALA F 137 39.27 -0.11 -16.25
C ALA F 137 39.63 1.21 -15.57
N ALA F 138 38.69 1.78 -14.83
CA ALA F 138 38.90 3.09 -14.24
C ALA F 138 39.99 3.03 -13.17
N ILE F 139 39.99 1.98 -12.34
CA ILE F 139 40.99 1.90 -11.30
C ILE F 139 42.38 1.74 -11.90
N ALA F 140 42.50 0.98 -12.99
CA ALA F 140 43.78 0.89 -13.66
C ALA F 140 44.21 2.24 -14.22
N ILE F 141 43.28 2.97 -14.83
CA ILE F 141 43.61 4.27 -15.41
C ILE F 141 44.08 5.23 -14.34
N ALA F 142 43.41 5.23 -13.19
CA ALA F 142 43.78 6.14 -12.11
C ALA F 142 45.09 5.72 -11.45
N ASN F 143 45.34 4.43 -11.36
CA ASN F 143 46.51 3.92 -10.65
C ASN F 143 47.74 3.81 -11.55
N ASP F 144 47.62 4.21 -12.81
CA ASP F 144 48.75 4.27 -13.74
C ASP F 144 49.90 5.06 -13.10
N PRO F 145 51.04 4.41 -12.83
CA PRO F 145 52.11 5.10 -12.10
C PRO F 145 52.87 6.13 -12.90
N ASN F 146 52.79 6.08 -14.23
CA ASN F 146 53.50 7.05 -15.05
C ASN F 146 52.59 8.23 -15.38
N GLY F 147 53.18 9.41 -15.48
CA GLY F 147 52.48 10.61 -15.89
C GLY F 147 52.28 11.65 -14.81
N ILE F 148 52.62 11.35 -13.55
CA ILE F 148 52.39 12.27 -12.45
C ILE F 148 53.42 11.97 -11.37
N THR F 149 53.59 12.92 -10.46
CA THR F 149 54.50 12.76 -9.34
C THR F 149 54.16 11.51 -8.54
N PRO F 150 55.09 10.58 -8.37
CA PRO F 150 54.76 9.30 -7.73
C PRO F 150 54.47 9.47 -6.24
N GLY F 151 53.72 8.52 -5.72
CA GLY F 151 53.39 8.51 -4.30
C GLY F 151 52.34 7.47 -4.01
N ASP F 152 52.14 7.25 -2.71
CA ASP F 152 51.16 6.25 -2.27
C ASP F 152 49.74 6.70 -2.60
N CYS F 153 48.98 5.81 -3.23
CA CYS F 153 47.62 6.12 -3.65
C CYS F 153 46.68 4.92 -3.44
N SER F 154 47.17 3.83 -2.83
CA SER F 154 46.40 2.59 -2.79
C SER F 154 45.09 2.75 -2.04
N ALA F 155 45.08 3.55 -0.97
CA ALA F 155 43.86 3.77 -0.21
C ALA F 155 42.78 4.38 -1.08
N LEU F 156 43.13 5.39 -1.86
CA LEU F 156 42.17 6.04 -2.73
C LEU F 156 41.65 5.08 -3.81
N MET F 157 42.54 4.23 -4.34
CA MET F 157 42.11 3.25 -5.32
C MET F 157 41.12 2.26 -4.71
N SER F 158 41.38 1.82 -3.49
CA SER F 158 40.44 0.92 -2.82
C SER F 158 39.09 1.63 -2.61
N GLU F 159 39.13 2.92 -2.31
CA GLU F 159 37.89 3.68 -2.15
C GLU F 159 37.09 3.73 -3.45
N ILE F 160 37.79 3.93 -4.57
CA ILE F 160 37.13 3.92 -5.87
C ILE F 160 36.46 2.58 -6.11
N ALA F 161 37.20 1.50 -5.84
CA ALA F 161 36.62 0.16 -5.94
C ALA F 161 35.37 0.05 -5.08
N GLY F 162 35.41 0.61 -3.88
CA GLY F 162 34.27 0.53 -2.99
C GLY F 162 33.03 1.18 -3.58
N TYR F 163 33.19 2.35 -4.18
CA TYR F 163 32.04 3.00 -4.81
C TYR F 163 31.46 2.14 -5.92
N PHE F 164 32.33 1.69 -6.84
CA PHE F 164 31.84 0.86 -7.94
C PHE F 164 31.12 -0.38 -7.40
N ASP F 165 31.69 -0.99 -6.36
CA ASP F 165 31.11 -2.17 -5.75
C ASP F 165 29.73 -1.88 -5.20
N ARG F 166 29.58 -0.74 -4.52
CA ARG F 166 28.27 -0.41 -3.96
C ARG F 166 27.24 -0.34 -5.06
N ALA F 167 27.56 0.33 -6.15
CA ALA F 167 26.60 0.42 -7.25
C ALA F 167 26.28 -0.95 -7.81
N ALA F 168 27.31 -1.75 -8.08
CA ALA F 168 27.11 -3.04 -8.71
C ALA F 168 26.26 -3.96 -7.84
N ALA F 169 26.48 -3.93 -6.53
CA ALA F 169 25.70 -4.76 -5.64
C ALA F 169 24.26 -4.27 -5.54
N ALA F 170 24.05 -2.95 -5.57
CA ALA F 170 22.69 -2.46 -5.43
C ALA F 170 21.86 -2.73 -6.68
N VAL F 171 22.49 -2.77 -7.86
CA VAL F 171 21.73 -3.07 -9.07
C VAL F 171 21.39 -4.56 -9.13
N ALA F 172 22.30 -5.42 -8.67
CA ALA F 172 22.08 -6.86 -8.70
C ALA F 172 21.51 -7.34 -7.36
N MET G 1 2.77 1.99 -33.04
CA MET G 1 3.59 2.40 -34.16
C MET G 1 2.92 3.50 -34.97
N LYS G 2 3.68 4.12 -35.86
CA LYS G 2 3.14 5.07 -36.82
C LYS G 2 2.69 4.32 -38.07
N THR G 3 1.68 3.49 -37.88
CA THR G 3 0.96 2.72 -38.89
C THR G 3 -0.27 3.50 -39.34
N PRO G 4 -0.56 3.53 -40.65
CA PRO G 4 -1.72 4.30 -41.12
C PRO G 4 -2.99 4.05 -40.31
N ILE G 5 -3.33 2.78 -40.10
CA ILE G 5 -4.49 2.43 -39.29
C ILE G 5 -4.37 3.02 -37.89
N THR G 6 -3.22 2.77 -37.25
CA THR G 6 -3.02 3.24 -35.88
C THR G 6 -3.05 4.76 -35.83
N GLU G 7 -2.46 5.42 -36.82
CA GLU G 7 -2.47 6.88 -36.83
C GLU G 7 -3.88 7.42 -36.90
N ALA G 8 -4.73 6.83 -37.75
CA ALA G 8 -6.12 7.28 -37.81
C ALA G 8 -6.81 7.08 -36.46
N ILE G 9 -6.60 5.92 -35.85
CA ILE G 9 -7.23 5.65 -34.55
C ILE G 9 -6.77 6.68 -33.53
N ALA G 10 -5.47 6.98 -33.50
CA ALA G 10 -4.95 7.95 -32.52
C ALA G 10 -5.52 9.34 -32.77
N ALA G 11 -5.63 9.72 -34.05
CA ALA G 11 -6.19 11.03 -34.37
C ALA G 11 -7.61 11.16 -33.85
N ALA G 12 -8.40 10.10 -33.98
CA ALA G 12 -9.74 10.14 -33.42
C ALA G 12 -9.72 10.11 -31.89
N ASP G 13 -8.76 9.40 -31.30
CA ASP G 13 -8.76 9.19 -29.86
C ASP G 13 -8.39 10.47 -29.11
N THR G 14 -7.43 11.22 -29.65
CA THR G 14 -7.02 12.45 -28.96
C THR G 14 -8.16 13.45 -28.88
N GLN G 15 -9.07 13.43 -29.84
CA GLN G 15 -10.22 14.33 -29.83
C GLN G 15 -11.47 13.71 -29.25
N GLY G 16 -11.41 12.43 -28.88
CA GLY G 16 -12.56 11.77 -28.28
C GLY G 16 -13.78 11.77 -29.17
N ARG G 17 -13.59 11.42 -30.44
CA ARG G 17 -14.69 11.38 -31.40
C ARG G 17 -14.70 10.04 -32.12
N PHE G 18 -15.90 9.62 -32.51
CA PHE G 18 -16.03 8.41 -33.32
C PHE G 18 -15.34 8.61 -34.66
N LEU G 19 -14.91 7.50 -35.26
CA LEU G 19 -14.14 7.55 -36.49
C LEU G 19 -14.92 8.23 -37.60
N SER G 20 -14.39 9.34 -38.10
CA SER G 20 -15.05 10.12 -39.13
C SER G 20 -14.71 9.59 -40.52
N ASN G 21 -15.51 10.01 -41.51
CA ASN G 21 -15.35 9.50 -42.86
C ASN G 21 -13.96 9.76 -43.43
N THR G 22 -13.33 10.86 -43.00
CA THR G 22 -11.99 11.18 -43.50
C THR G 22 -11.00 10.06 -43.18
N GLU G 23 -10.96 9.65 -41.91
CA GLU G 23 -10.04 8.59 -41.51
C GLU G 23 -10.38 7.28 -42.19
N LEU G 24 -11.67 6.99 -42.34
CA LEU G 24 -12.07 5.75 -43.00
C LEU G 24 -11.61 5.74 -44.45
N GLN G 25 -11.72 6.88 -45.14
CA GLN G 25 -11.21 6.96 -46.50
C GLN G 25 -9.71 6.71 -46.54
N ALA G 26 -8.97 7.27 -45.60
CA ALA G 26 -7.52 7.04 -45.57
C ALA G 26 -7.20 5.56 -45.41
N VAL G 27 -7.87 4.91 -44.46
CA VAL G 27 -7.59 3.49 -44.24
C VAL G 27 -8.00 2.68 -45.46
N ASP G 28 -9.07 3.09 -46.14
CA ASP G 28 -9.45 2.40 -47.37
C ASP G 28 -8.34 2.49 -48.41
N GLY G 29 -7.74 3.66 -48.55
CA GLY G 29 -6.60 3.79 -49.44
C GLY G 29 -5.48 2.85 -49.06
N ARG G 30 -5.21 2.73 -47.75
CA ARG G 30 -4.19 1.81 -47.29
C ARG G 30 -4.49 0.38 -47.73
N PHE G 31 -5.73 -0.05 -47.55
CA PHE G 31 -6.09 -1.41 -47.96
C PHE G 31 -5.96 -1.58 -49.47
N LYS G 32 -6.34 -0.56 -50.23
CA LYS G 32 -6.27 -0.68 -51.69
C LYS G 32 -4.82 -0.80 -52.16
N ARG G 33 -3.88 -0.15 -51.48
CA ARG G 33 -2.49 -0.25 -51.90
C ARG G 33 -1.74 -1.41 -51.23
N ALA G 34 -2.38 -2.07 -50.26
CA ALA G 34 -1.72 -3.15 -49.54
C ALA G 34 -1.34 -4.32 -50.46
N VAL G 35 -2.10 -4.56 -51.52
CA VAL G 35 -1.77 -5.69 -52.40
C VAL G 35 -0.38 -5.49 -53.01
N ALA G 36 -0.12 -4.29 -53.52
CA ALA G 36 1.19 -4.00 -54.09
C ALA G 36 2.25 -3.95 -53.01
N SER G 37 1.93 -3.39 -51.85
CA SER G 37 2.92 -3.33 -50.78
C SER G 37 3.37 -4.73 -50.38
N MET G 38 2.44 -5.66 -50.23
CA MET G 38 2.80 -7.02 -49.85
C MET G 38 3.56 -7.71 -50.97
N GLU G 39 3.19 -7.46 -52.22
CA GLU G 39 3.99 -8.01 -53.32
C GLU G 39 5.44 -7.56 -53.22
N ALA G 40 5.66 -6.27 -52.96
CA ALA G 40 7.02 -5.76 -52.85
C ALA G 40 7.76 -6.39 -51.68
N ALA G 41 7.07 -6.56 -50.55
CA ALA G 41 7.71 -7.19 -49.40
C ALA G 41 8.13 -8.62 -49.72
N ARG G 42 7.24 -9.38 -50.37
CA ARG G 42 7.58 -10.73 -50.80
C ARG G 42 8.82 -10.71 -51.68
N ALA G 43 8.85 -9.81 -52.65
CA ALA G 43 9.98 -9.77 -53.58
C ALA G 43 11.29 -9.49 -52.85
N LEU G 44 11.27 -8.54 -51.91
CA LEU G 44 12.48 -8.22 -51.17
C LEU G 44 12.95 -9.41 -50.34
N THR G 45 12.02 -10.09 -49.67
CA THR G 45 12.46 -11.16 -48.79
C THR G 45 12.89 -12.41 -49.55
N ASN G 46 12.36 -12.62 -50.76
CA ASN G 46 12.78 -13.79 -51.53
C ASN G 46 14.22 -13.69 -52.00
N ASN G 47 14.71 -12.47 -52.19
CA ASN G 47 16.08 -12.22 -52.62
C ASN G 47 16.92 -11.61 -51.51
N ALA G 48 16.57 -11.89 -50.26
CA ALA G 48 17.19 -11.21 -49.13
C ALA G 48 18.68 -11.51 -49.04
N GLN G 49 19.04 -12.79 -49.11
CA GLN G 49 20.45 -13.17 -48.93
C GLN G 49 21.33 -12.57 -50.01
N SER G 50 20.88 -12.64 -51.26
CA SER G 50 21.65 -12.05 -52.35
C SER G 50 21.84 -10.56 -52.16
N LEU G 51 20.77 -9.87 -51.74
CA LEU G 51 20.85 -8.43 -51.51
C LEU G 51 21.85 -8.11 -50.41
N ILE G 52 21.80 -8.85 -49.31
CA ILE G 52 22.69 -8.57 -48.19
C ILE G 52 24.14 -8.75 -48.61
N ASP G 53 24.43 -9.87 -49.29
CA ASP G 53 25.81 -10.12 -49.71
C ASP G 53 26.29 -9.06 -50.70
N GLY G 54 25.44 -8.70 -51.66
CA GLY G 54 25.83 -7.70 -52.63
C GLY G 54 26.11 -6.35 -52.00
N ALA G 55 25.27 -5.95 -51.04
CA ALA G 55 25.49 -4.69 -50.36
C ALA G 55 26.80 -4.71 -49.57
N ALA G 56 27.10 -5.83 -48.92
CA ALA G 56 28.36 -5.93 -48.21
C ALA G 56 29.54 -5.70 -49.15
N GLN G 57 29.53 -6.38 -50.29
CA GLN G 57 30.63 -6.17 -51.24
C GLN G 57 30.65 -4.74 -51.75
N ALA G 58 29.48 -4.12 -51.92
CA ALA G 58 29.43 -2.75 -52.41
C ALA G 58 30.12 -1.80 -51.46
N VAL G 59 29.84 -1.93 -50.16
CA VAL G 59 30.50 -1.02 -49.22
C VAL G 59 31.98 -1.34 -49.11
N TYR G 60 32.36 -2.60 -49.27
CA TYR G 60 33.79 -2.91 -49.27
C TYR G 60 34.50 -2.24 -50.43
N GLN G 61 33.84 -2.16 -51.59
CA GLN G 61 34.46 -1.51 -52.74
C GLN G 61 34.46 0.00 -52.62
N LYS G 62 33.37 0.59 -52.15
CA LYS G 62 33.31 2.06 -52.05
C LYS G 62 34.29 2.59 -51.01
N PHE G 63 34.50 1.85 -49.92
CA PHE G 63 35.40 2.26 -48.85
C PHE G 63 36.40 1.15 -48.60
N PRO G 64 37.43 1.05 -49.43
CA PRO G 64 38.42 -0.02 -49.23
C PRO G 64 39.12 0.09 -47.90
N TYR G 65 39.30 1.30 -47.37
CA TYR G 65 40.00 1.48 -46.11
C TYR G 65 39.29 0.76 -44.97
N THR G 66 37.99 0.53 -45.08
CA THR G 66 37.28 -0.17 -44.02
C THR G 66 37.64 -1.64 -43.95
N THR G 67 38.23 -2.20 -44.99
CA THR G 67 38.63 -3.60 -44.97
C THR G 67 40.09 -3.80 -44.57
N THR G 68 40.83 -2.72 -44.36
CA THR G 68 42.25 -2.79 -44.03
C THR G 68 42.58 -2.13 -42.71
N MET G 69 42.06 -0.93 -42.47
CA MET G 69 42.37 -0.20 -41.25
C MET G 69 42.01 -1.02 -40.02
N GLN G 70 42.95 -1.12 -39.09
CA GLN G 70 42.71 -1.86 -37.87
C GLN G 70 41.82 -1.06 -36.93
N GLY G 71 40.92 -1.76 -36.26
CA GLY G 71 39.99 -1.14 -35.33
C GLY G 71 38.71 -1.93 -35.25
N SER G 72 38.00 -1.79 -34.13
CA SER G 72 36.78 -2.54 -33.92
C SER G 72 35.69 -2.12 -34.90
N GLN G 73 35.62 -0.82 -35.22
CA GLN G 73 34.60 -0.36 -36.15
C GLN G 73 34.80 -0.91 -37.55
N TYR G 74 35.99 -1.38 -37.88
CA TYR G 74 36.27 -1.86 -39.22
C TYR G 74 36.07 -3.36 -39.31
N ALA G 75 35.86 -3.84 -40.54
CA ALA G 75 35.62 -5.25 -40.80
C ALA G 75 36.86 -5.96 -41.31
N SER G 76 38.04 -5.55 -40.86
CA SER G 76 39.26 -6.20 -41.30
C SER G 76 39.34 -7.64 -40.78
N THR G 77 38.86 -7.88 -39.58
CA THR G 77 38.77 -9.22 -39.05
C THR G 77 37.54 -9.94 -39.59
N PRO G 78 37.55 -11.27 -39.66
CA PRO G 78 36.35 -11.99 -40.10
C PRO G 78 35.15 -11.73 -39.21
N GLU G 79 35.38 -11.56 -37.90
CA GLU G 79 34.29 -11.23 -37.00
C GLU G 79 33.60 -9.94 -37.42
N GLY G 80 34.40 -8.95 -37.83
CA GLY G 80 33.83 -7.70 -38.31
C GLY G 80 33.04 -7.86 -39.59
N LYS G 81 33.49 -8.73 -40.50
CA LYS G 81 32.71 -9.00 -41.70
C LYS G 81 31.36 -9.61 -41.35
N ALA G 82 31.35 -10.52 -40.37
CA ALA G 82 30.07 -11.07 -39.91
C ALA G 82 29.18 -9.99 -39.34
N LYS G 83 29.75 -9.09 -38.54
CA LYS G 83 28.94 -7.99 -37.99
C LYS G 83 28.37 -7.12 -39.09
N CYS G 84 29.17 -6.80 -40.11
CA CYS G 84 28.70 -5.97 -41.20
C CYS G 84 27.53 -6.64 -41.92
N ALA G 85 27.67 -7.94 -42.19
CA ALA G 85 26.58 -8.67 -42.83
C ALA G 85 25.33 -8.63 -41.96
N ARG G 86 25.49 -8.82 -40.66
CA ARG G 86 24.33 -8.83 -39.77
C ARG G 86 23.61 -7.49 -39.78
N ASP G 87 24.36 -6.39 -39.79
CA ASP G 87 23.71 -5.09 -39.70
C ASP G 87 23.03 -4.70 -41.01
N ILE G 88 23.66 -5.01 -42.15
CA ILE G 88 22.97 -4.78 -43.41
C ILE G 88 21.71 -5.64 -43.47
N GLY G 89 21.78 -6.85 -42.93
CA GLY G 89 20.59 -7.67 -42.81
C GLY G 89 19.52 -7.01 -41.96
N TYR G 90 19.93 -6.38 -40.86
CA TYR G 90 18.96 -5.65 -40.05
C TYR G 90 18.24 -4.60 -40.89
N TYR G 91 19.00 -3.83 -41.66
CA TYR G 91 18.38 -2.76 -42.44
C TYR G 91 17.38 -3.32 -43.45
N LEU G 92 17.76 -4.38 -44.16
CA LEU G 92 16.84 -4.96 -45.15
C LEU G 92 15.61 -5.53 -44.48
N ARG G 93 15.78 -6.20 -43.34
CA ARG G 93 14.64 -6.74 -42.62
C ARG G 93 13.69 -5.63 -42.19
N MET G 94 14.24 -4.51 -41.74
CA MET G 94 13.41 -3.38 -41.35
C MET G 94 12.67 -2.79 -42.54
N VAL G 95 13.33 -2.74 -43.70
CA VAL G 95 12.65 -2.21 -44.88
C VAL G 95 11.46 -3.11 -45.25
N THR G 96 11.63 -4.42 -45.15
CA THR G 96 10.49 -5.30 -45.42
C THR G 96 9.38 -5.09 -44.40
N TYR G 97 9.73 -4.94 -43.12
CA TYR G 97 8.71 -4.66 -42.11
C TYR G 97 7.96 -3.38 -42.45
N CYS G 98 8.68 -2.34 -42.88
CA CYS G 98 8.03 -1.09 -43.24
C CYS G 98 7.14 -1.27 -44.46
N LEU G 99 7.58 -2.08 -45.42
CA LEU G 99 6.77 -2.33 -46.60
C LEU G 99 5.44 -2.97 -46.23
N VAL G 100 5.47 -3.93 -45.31
CA VAL G 100 4.20 -4.58 -44.95
C VAL G 100 3.37 -3.68 -44.04
N ALA G 101 3.99 -2.86 -43.20
CA ALA G 101 3.23 -2.00 -42.31
C ALA G 101 2.63 -0.79 -43.02
N GLY G 102 3.03 -0.53 -44.26
CA GLY G 102 2.47 0.58 -45.01
C GLY G 102 2.82 1.95 -44.48
N GLY G 103 3.75 2.05 -43.53
CA GLY G 103 4.15 3.32 -42.98
C GLY G 103 5.58 3.25 -42.51
N THR G 104 6.08 4.36 -41.96
CA THR G 104 7.44 4.41 -41.46
C THR G 104 7.55 3.98 -40.01
N GLY G 105 6.45 3.53 -39.41
CA GLY G 105 6.41 3.14 -38.02
C GLY G 105 7.52 2.20 -37.59
N PRO G 106 7.58 1.01 -38.19
CA PRO G 106 8.64 0.07 -37.81
C PRO G 106 10.02 0.66 -37.91
N MET G 107 10.29 1.40 -38.99
CA MET G 107 11.60 2.03 -39.16
C MET G 107 11.92 2.92 -37.97
N ASP G 108 10.95 3.74 -37.56
CA ASP G 108 11.22 4.69 -36.50
C ASP G 108 11.35 4.00 -35.15
N GLU G 109 10.65 2.89 -34.95
CA GLU G 109 10.68 2.26 -33.63
C GLU G 109 11.90 1.39 -33.43
N TYR G 110 12.26 0.59 -34.44
CA TYR G 110 13.38 -0.34 -34.31
C TYR G 110 14.65 0.21 -34.94
N LEU G 111 14.61 1.41 -35.49
CA LEU G 111 15.77 2.08 -36.05
C LEU G 111 15.55 3.58 -35.86
N ILE G 112 16.46 4.38 -36.40
CA ILE G 112 16.31 5.83 -36.45
C ILE G 112 16.37 6.43 -35.05
N ALA G 113 15.50 5.95 -34.15
CA ALA G 113 15.52 6.43 -32.77
C ALA G 113 16.89 6.17 -32.17
N GLY G 114 17.64 7.22 -31.90
CA GLY G 114 18.97 7.06 -31.36
C GLY G 114 20.00 6.53 -32.32
N LEU G 115 19.71 6.52 -33.63
CA LEU G 115 20.70 6.08 -34.60
C LEU G 115 21.96 6.92 -34.51
N SER G 116 21.79 8.22 -34.28
CA SER G 116 22.94 9.11 -34.15
C SER G 116 23.80 8.74 -32.94
N GLU G 117 23.16 8.45 -31.80
CA GLU G 117 23.91 8.10 -30.60
C GLU G 117 24.81 6.91 -30.84
N ILE G 118 24.24 5.83 -31.36
CA ILE G 118 25.00 4.60 -31.55
C ILE G 118 26.10 4.81 -32.57
N ASN G 119 25.77 5.44 -33.70
CA ASN G 119 26.79 5.65 -34.71
C ASN G 119 27.92 6.54 -34.21
N SER G 120 27.66 7.35 -33.19
CA SER G 120 28.77 8.14 -32.65
C SER G 120 29.60 7.35 -31.65
N THR G 121 28.97 6.57 -30.77
CA THR G 121 29.72 5.93 -29.70
C THR G 121 30.61 4.80 -30.23
N PHE G 122 30.07 3.94 -31.08
CA PHE G 122 30.84 2.83 -31.63
C PHE G 122 31.61 3.21 -32.87
N ASP G 123 31.62 4.49 -33.24
CA ASP G 123 32.47 5.01 -34.31
C ASP G 123 32.12 4.38 -35.66
N LEU G 124 30.82 4.21 -35.90
CA LEU G 124 30.32 3.60 -37.14
C LEU G 124 29.80 4.73 -38.03
N SER G 125 30.60 5.12 -39.01
CA SER G 125 30.24 6.26 -39.85
C SER G 125 28.97 5.96 -40.62
N PRO G 126 27.98 6.86 -40.59
CA PRO G 126 26.72 6.59 -41.29
C PRO G 126 26.88 6.38 -42.79
N SER G 127 27.94 6.97 -43.37
CA SER G 127 28.14 6.87 -44.81
C SER G 127 28.17 5.41 -45.29
N TRP G 128 28.74 4.53 -44.46
CA TRP G 128 28.79 3.12 -44.82
C TRP G 128 27.40 2.58 -45.09
N TYR G 129 26.50 2.73 -44.12
CA TYR G 129 25.14 2.24 -44.29
C TYR G 129 24.42 2.97 -45.41
N ILE G 130 24.74 4.25 -45.62
CA ILE G 130 24.08 5.01 -46.68
C ILE G 130 24.39 4.39 -48.03
N GLU G 131 25.67 4.09 -48.28
CA GLU G 131 26.04 3.46 -49.55
C GLU G 131 25.38 2.09 -49.68
N ALA G 132 25.34 1.33 -48.59
CA ALA G 132 24.70 0.01 -48.66
C ALA G 132 23.23 0.13 -49.05
N LEU G 133 22.52 1.09 -48.44
CA LEU G 133 21.11 1.27 -48.78
C LEU G 133 20.94 1.69 -50.23
N LYS G 134 21.86 2.50 -50.76
CA LYS G 134 21.80 2.84 -52.17
C LYS G 134 21.88 1.58 -53.03
N TYR G 135 22.80 0.69 -52.70
CA TYR G 135 22.91 -0.56 -53.46
C TYR G 135 21.61 -1.35 -53.39
N ILE G 136 21.02 -1.45 -52.21
CA ILE G 136 19.76 -2.19 -52.08
C ILE G 136 18.68 -1.54 -52.95
N LYS G 137 18.64 -0.21 -52.96
CA LYS G 137 17.64 0.48 -53.76
C LYS G 137 17.83 0.18 -55.25
N ALA G 138 19.08 0.02 -55.68
CA ALA G 138 19.31 -0.21 -57.11
C ALA G 138 19.18 -1.67 -57.53
N ASN G 139 19.38 -2.61 -56.62
CA ASN G 139 19.40 -4.02 -57.01
C ASN G 139 18.14 -4.78 -56.64
N HIS G 140 17.22 -4.18 -55.88
CA HIS G 140 16.04 -4.95 -55.50
C HIS G 140 15.20 -5.32 -56.70
N GLY G 141 15.35 -4.60 -57.82
CA GLY G 141 14.72 -5.01 -59.05
C GLY G 141 13.21 -4.98 -59.05
N LEU G 142 12.62 -3.94 -58.47
CA LEU G 142 11.17 -3.77 -58.46
C LEU G 142 10.75 -2.84 -59.59
N THR G 143 9.44 -2.85 -59.87
CA THR G 143 8.89 -2.03 -60.93
C THR G 143 7.50 -1.58 -60.51
N GLY G 144 7.10 -0.40 -60.99
CA GLY G 144 5.76 0.10 -60.72
C GLY G 144 5.64 0.80 -59.37
N GLN G 145 4.39 0.85 -58.90
CA GLN G 145 4.13 1.52 -57.63
C GLN G 145 4.75 0.77 -56.46
N ALA G 146 4.90 -0.55 -56.57
CA ALA G 146 5.64 -1.28 -55.55
C ALA G 146 7.05 -0.75 -55.43
N ALA G 147 7.70 -0.52 -56.57
CA ALA G 147 9.04 0.04 -56.58
C ALA G 147 9.07 1.41 -55.93
N VAL G 148 8.10 2.26 -56.24
CA VAL G 148 8.15 3.61 -55.69
C VAL G 148 7.98 3.57 -54.17
N GLU G 149 7.09 2.74 -53.66
CA GLU G 149 6.93 2.65 -52.20
C GLU G 149 8.21 2.17 -51.54
N ALA G 150 8.81 1.10 -52.08
CA ALA G 150 10.02 0.57 -51.47
C ALA G 150 11.15 1.60 -51.49
N ASN G 151 11.34 2.26 -52.63
CA ASN G 151 12.37 3.27 -52.72
C ASN G 151 12.12 4.40 -51.73
N ALA G 152 10.86 4.76 -51.53
CA ALA G 152 10.55 5.83 -50.58
C ALA G 152 11.01 5.45 -49.18
N TYR G 153 10.72 4.22 -48.75
CA TYR G 153 11.13 3.85 -47.39
C TYR G 153 12.65 3.74 -47.28
N ILE G 154 13.30 3.19 -48.31
CA ILE G 154 14.76 3.12 -48.29
C ILE G 154 15.36 4.52 -48.17
N ASP G 155 14.80 5.49 -48.91
CA ASP G 155 15.33 6.84 -48.87
C ASP G 155 15.03 7.51 -47.54
N TYR G 156 13.90 7.17 -46.92
CA TYR G 156 13.66 7.64 -45.56
C TYR G 156 14.80 7.23 -44.66
N ALA G 157 15.21 5.96 -44.75
CA ALA G 157 16.33 5.51 -43.94
C ALA G 157 17.62 6.25 -44.31
N ILE G 158 17.85 6.47 -45.61
CA ILE G 158 19.06 7.14 -46.06
C ILE G 158 19.14 8.54 -45.48
N ASN G 159 18.05 9.31 -45.60
CA ASN G 159 18.04 10.66 -45.06
C ASN G 159 18.13 10.67 -43.54
N ALA G 160 17.59 9.63 -42.89
CA ALA G 160 17.70 9.57 -41.43
C ALA G 160 19.13 9.33 -41.00
N LEU G 161 19.87 8.49 -41.73
CA LEU G 161 21.28 8.32 -41.45
C LEU G 161 22.03 9.64 -41.62
N SER G 162 21.72 10.39 -42.67
CA SER G 162 22.26 11.72 -42.86
C SER G 162 21.51 12.69 -41.96
N MET H 1 -0.40 0.89 -29.24
CA MET H 1 -1.52 0.66 -30.14
C MET H 1 -1.06 0.02 -31.43
N LEU H 2 -1.40 -1.26 -31.59
CA LEU H 2 -1.02 -2.06 -32.75
C LEU H 2 -2.26 -2.60 -33.42
N ASP H 3 -2.34 -2.45 -34.73
CA ASP H 3 -3.38 -3.10 -35.50
C ASP H 3 -2.92 -4.50 -35.88
N ALA H 4 -3.75 -5.21 -36.64
CA ALA H 4 -3.44 -6.60 -37.00
C ALA H 4 -2.10 -6.69 -37.72
N PHE H 5 -1.91 -5.86 -38.75
CA PHE H 5 -0.66 -5.87 -39.49
C PHE H 5 0.51 -5.60 -38.56
N ALA H 6 0.38 -4.57 -37.73
CA ALA H 6 1.45 -4.23 -36.81
C ALA H 6 1.68 -5.32 -35.79
N LYS H 7 0.62 -6.01 -35.36
CA LYS H 7 0.79 -7.11 -34.42
C LYS H 7 1.66 -8.20 -35.02
N VAL H 8 1.35 -8.59 -36.26
CA VAL H 8 2.15 -9.63 -36.90
C VAL H 8 3.59 -9.16 -37.07
N VAL H 9 3.78 -7.90 -37.45
CA VAL H 9 5.14 -7.38 -37.63
C VAL H 9 5.91 -7.41 -36.31
N ALA H 10 5.27 -6.98 -35.22
CA ALA H 10 5.97 -6.93 -33.94
C ALA H 10 6.35 -8.31 -33.45
N GLN H 11 5.45 -9.28 -33.60
CA GLN H 11 5.78 -10.65 -33.23
C GLN H 11 6.96 -11.15 -34.07
N ALA H 12 6.92 -10.90 -35.38
CA ALA H 12 8.02 -11.31 -36.24
C ALA H 12 9.32 -10.64 -35.84
N ASP H 13 9.26 -9.38 -35.39
CA ASP H 13 10.46 -8.68 -34.96
C ASP H 13 11.00 -9.29 -33.68
N ALA H 14 10.11 -9.73 -32.78
CA ALA H 14 10.58 -10.41 -31.60
C ALA H 14 11.35 -11.67 -31.95
N ARG H 15 10.86 -12.44 -32.92
CA ARG H 15 11.66 -13.58 -33.37
C ARG H 15 12.92 -13.11 -34.11
N GLY H 16 12.81 -12.08 -34.92
CA GLY H 16 13.94 -11.59 -35.68
C GLY H 16 14.11 -12.21 -37.05
N GLU H 17 13.06 -12.79 -37.62
CA GLU H 17 13.13 -13.42 -38.93
C GLU H 17 12.15 -12.75 -39.88
N PHE H 18 12.59 -12.55 -41.13
CA PHE H 18 11.74 -11.99 -42.17
C PHE H 18 10.38 -12.67 -42.19
N LEU H 19 9.35 -11.90 -42.48
CA LEU H 19 8.01 -12.47 -42.58
C LEU H 19 7.99 -13.59 -43.60
N THR H 20 7.46 -14.74 -43.19
CA THR H 20 7.38 -15.90 -44.06
C THR H 20 6.14 -15.80 -44.97
N ASN H 21 6.11 -16.66 -45.99
CA ASN H 21 5.04 -16.60 -46.98
C ASN H 21 3.67 -16.76 -46.33
N ALA H 22 3.57 -17.63 -45.33
CA ALA H 22 2.30 -17.86 -44.68
C ALA H 22 1.76 -16.59 -44.04
N GLN H 23 2.63 -15.84 -43.35
CA GLN H 23 2.20 -14.60 -42.73
C GLN H 23 1.74 -13.60 -43.78
N PHE H 24 2.46 -13.52 -44.90
CA PHE H 24 2.03 -12.66 -46.00
C PHE H 24 0.63 -13.01 -46.47
N ASP H 25 0.37 -14.30 -46.66
CA ASP H 25 -0.96 -14.72 -47.11
C ASP H 25 -2.03 -14.33 -46.10
N ALA H 26 -1.74 -14.49 -44.81
CA ALA H 26 -2.72 -14.14 -43.79
C ALA H 26 -3.07 -12.65 -43.88
N LEU H 27 -2.05 -11.80 -43.95
CA LEU H 27 -2.31 -10.36 -44.03
C LEU H 27 -3.07 -10.01 -45.30
N SER H 28 -2.75 -10.70 -46.40
CA SER H 28 -3.46 -10.45 -47.65
C SER H 28 -4.94 -10.81 -47.51
N ASN H 29 -5.23 -11.90 -46.80
CA ASN H 29 -6.63 -12.24 -46.54
C ASN H 29 -7.31 -11.14 -45.75
N LEU H 30 -6.62 -10.59 -44.77
CA LEU H 30 -7.22 -9.49 -44.00
C LEU H 30 -7.54 -8.31 -44.89
N VAL H 31 -6.63 -7.96 -45.79
CA VAL H 31 -6.91 -6.84 -46.70
C VAL H 31 -8.05 -7.18 -47.65
N LYS H 32 -8.17 -8.45 -48.04
CA LYS H 32 -9.19 -8.83 -49.02
C LYS H 32 -10.61 -8.59 -48.50
N GLU H 33 -10.81 -8.70 -47.18
CA GLU H 33 -12.10 -8.42 -46.56
C GLU H 33 -12.14 -7.05 -45.90
N GLY H 34 -11.21 -6.17 -46.23
CA GLY H 34 -11.11 -4.90 -45.53
C GLY H 34 -12.28 -3.97 -45.81
N ASN H 35 -12.79 -3.98 -47.04
CA ASN H 35 -13.92 -3.14 -47.39
C ASN H 35 -15.10 -3.43 -46.48
N LYS H 36 -15.33 -4.71 -46.16
CA LYS H 36 -16.40 -5.06 -45.25
C LYS H 36 -16.19 -4.45 -43.87
N ARG H 37 -14.96 -4.52 -43.37
CA ARG H 37 -14.63 -3.93 -42.08
C ARG H 37 -14.92 -2.44 -42.07
N LEU H 38 -14.51 -1.74 -43.13
CA LEU H 38 -14.76 -0.31 -43.23
C LEU H 38 -16.25 0.00 -43.23
N ASP H 39 -17.02 -0.76 -44.00
CA ASP H 39 -18.46 -0.52 -44.04
C ASP H 39 -19.08 -0.72 -42.66
N ALA H 40 -18.64 -1.76 -41.95
CA ALA H 40 -19.20 -2.03 -40.64
C ALA H 40 -18.96 -0.87 -39.69
N VAL H 41 -17.72 -0.38 -39.63
CA VAL H 41 -17.45 0.71 -38.70
C VAL H 41 -18.21 1.96 -39.12
N ASN H 42 -18.33 2.20 -40.43
CA ASN H 42 -19.08 3.37 -40.89
C ASN H 42 -20.52 3.32 -40.40
N ARG H 43 -21.18 2.19 -40.59
CA ARG H 43 -22.57 2.07 -40.20
C ARG H 43 -22.74 2.20 -38.70
N ILE H 44 -21.85 1.58 -37.92
CA ILE H 44 -21.99 1.66 -36.47
C ILE H 44 -21.78 3.09 -35.98
N THR H 45 -20.79 3.79 -36.54
CA THR H 45 -20.56 5.17 -36.11
C THR H 45 -21.72 6.07 -36.46
N SER H 46 -22.38 5.84 -37.59
CA SER H 46 -23.49 6.73 -37.95
C SER H 46 -24.66 6.62 -36.98
N ASN H 47 -24.86 5.46 -36.35
CA ASN H 47 -25.97 5.25 -35.45
C ASN H 47 -25.53 5.13 -33.99
N ALA H 48 -24.34 5.63 -33.66
CA ALA H 48 -23.80 5.43 -32.32
C ALA H 48 -24.74 5.96 -31.25
N SER H 49 -25.22 7.20 -31.43
CA SER H 49 -26.06 7.82 -30.41
C SER H 49 -27.33 7.01 -30.18
N THR H 50 -27.98 6.60 -31.27
CA THR H 50 -29.20 5.82 -31.13
C THR H 50 -28.92 4.46 -30.49
N ILE H 51 -27.79 3.84 -30.82
CA ILE H 51 -27.43 2.57 -30.22
C ILE H 51 -27.37 2.70 -28.71
N VAL H 52 -26.58 3.67 -28.23
CA VAL H 52 -26.42 3.77 -26.78
C VAL H 52 -27.73 4.20 -26.12
N ALA H 53 -28.51 5.06 -26.77
CA ALA H 53 -29.75 5.53 -26.14
C ALA H 53 -30.76 4.40 -25.98
N ASN H 54 -30.98 3.63 -27.05
CA ASN H 54 -31.91 2.51 -26.97
C ASN H 54 -31.44 1.48 -25.95
N ALA H 55 -30.14 1.16 -25.97
CA ALA H 55 -29.64 0.19 -25.01
C ALA H 55 -29.82 0.68 -23.58
N ALA H 56 -29.63 1.98 -23.35
CA ALA H 56 -29.80 2.51 -22.00
C ALA H 56 -31.25 2.38 -21.54
N ARG H 57 -32.19 2.76 -22.40
CA ARG H 57 -33.59 2.67 -21.98
C ARG H 57 -33.98 1.23 -21.70
N ALA H 58 -33.45 0.29 -22.49
CA ALA H 58 -33.71 -1.12 -22.22
C ALA H 58 -33.11 -1.56 -20.88
N LEU H 59 -31.87 -1.15 -20.61
CA LEU H 59 -31.21 -1.55 -19.37
C LEU H 59 -31.99 -1.06 -18.15
N PHE H 60 -32.43 0.19 -18.18
CA PHE H 60 -33.16 0.71 -17.03
C PHE H 60 -34.58 0.18 -16.97
N ALA H 61 -35.13 -0.31 -18.08
CA ALA H 61 -36.42 -0.99 -18.00
C ALA H 61 -36.29 -2.38 -17.41
N GLU H 62 -35.21 -3.10 -17.68
CA GLU H 62 -35.08 -4.46 -17.16
C GLU H 62 -34.50 -4.50 -15.75
N GLN H 63 -33.79 -3.48 -15.32
CA GLN H 63 -33.22 -3.42 -13.97
C GLN H 63 -33.61 -2.09 -13.33
N PRO H 64 -34.86 -1.95 -12.89
CA PRO H 64 -35.31 -0.67 -12.35
C PRO H 64 -34.57 -0.25 -11.10
N GLN H 65 -33.94 -1.17 -10.38
CA GLN H 65 -33.28 -0.79 -9.14
C GLN H 65 -32.20 0.25 -9.36
N LEU H 66 -31.63 0.29 -10.57
CA LEU H 66 -30.59 1.27 -10.86
C LEU H 66 -31.14 2.69 -10.78
N ILE H 67 -32.34 2.92 -11.33
CA ILE H 67 -32.90 4.27 -11.36
C ILE H 67 -33.84 4.53 -10.20
N GLN H 68 -34.05 3.56 -9.32
CA GLN H 68 -34.76 3.85 -8.09
C GLN H 68 -33.86 4.66 -7.15
N PRO H 69 -34.42 5.58 -6.38
CA PRO H 69 -33.59 6.43 -5.53
C PRO H 69 -32.70 5.60 -4.61
N GLY H 70 -31.45 6.01 -4.48
CA GLY H 70 -30.46 5.24 -3.76
C GLY H 70 -29.74 4.21 -4.58
N GLY H 71 -30.04 4.08 -5.86
CA GLY H 71 -29.34 3.15 -6.73
C GLY H 71 -28.22 3.86 -7.46
N MEN H 72 -27.40 3.11 -8.17
CA MEN H 72 -26.22 3.71 -8.77
C MEN H 72 -26.42 4.66 -9.92
O MEN H 72 -25.64 5.58 -10.09
CB MEN H 72 -25.26 2.63 -9.22
CG MEN H 72 -23.92 2.95 -8.61
OD1 MEN H 72 -23.06 3.56 -9.25
ND2 MEN H 72 -23.76 2.59 -7.35
CE2 MEN H 72 -22.40 2.97 -6.81
N ALA H 73 -27.48 4.47 -10.72
CA ALA H 73 -27.70 5.33 -11.86
C ALA H 73 -28.81 6.34 -11.59
N TYR H 74 -28.69 7.03 -10.47
CA TYR H 74 -29.68 7.99 -9.99
C TYR H 74 -29.02 9.34 -9.78
N THR H 75 -29.83 10.38 -9.58
CA THR H 75 -29.45 11.80 -9.34
C THR H 75 -29.09 12.58 -10.60
N ASN H 76 -29.24 12.00 -11.78
CA ASN H 76 -29.11 12.70 -13.06
C ASN H 76 -27.67 13.07 -13.40
N ARG H 77 -26.80 13.07 -12.40
CA ARG H 77 -25.38 13.26 -12.68
C ARG H 77 -24.75 11.92 -12.98
N ARG H 78 -25.06 10.94 -12.12
CA ARG H 78 -24.61 9.59 -12.36
C ARG H 78 -25.28 8.99 -13.58
N MET H 79 -26.50 9.43 -13.91
CA MET H 79 -27.11 9.00 -15.17
C MET H 79 -26.29 9.47 -16.36
N ALA H 80 -25.83 10.74 -16.32
CA ALA H 80 -24.98 11.25 -17.37
C ALA H 80 -23.68 10.45 -17.43
N ALA H 81 -23.10 10.15 -16.28
CA ALA H 81 -21.87 9.34 -16.28
C ALA H 81 -22.13 7.97 -16.87
N CYS H 82 -23.28 7.38 -16.59
CA CYS H 82 -23.59 6.05 -17.10
C CYS H 82 -23.69 6.06 -18.61
N LEU H 83 -24.40 7.05 -19.16
CA LEU H 83 -24.45 7.16 -20.62
C LEU H 83 -23.07 7.40 -21.20
N ARG H 84 -22.26 8.23 -20.53
CA ARG H 84 -20.92 8.49 -21.01
C ARG H 84 -20.10 7.21 -21.08
N ASP H 85 -20.18 6.39 -20.03
CA ASP H 85 -19.38 5.17 -20.00
C ASP H 85 -19.91 4.10 -20.92
N MET H 86 -21.17 4.19 -21.34
CA MET H 86 -21.60 3.29 -22.42
C MET H 86 -21.06 3.74 -23.77
N GLU H 87 -21.14 5.04 -24.06
CA GLU H 87 -20.67 5.50 -25.36
C GLU H 87 -19.15 5.37 -25.47
N ILE H 88 -18.42 5.50 -24.36
CA ILE H 88 -16.98 5.32 -24.40
C ILE H 88 -16.64 3.91 -24.84
N ILE H 89 -17.33 2.93 -24.26
CA ILE H 89 -17.10 1.53 -24.62
C ILE H 89 -17.41 1.31 -26.08
N LEU H 90 -18.52 1.89 -26.55
CA LEU H 90 -18.86 1.74 -27.96
C LEU H 90 -17.76 2.33 -28.85
N ARG H 91 -17.22 3.48 -28.46
CA ARG H 91 -16.21 4.12 -29.28
C ARG H 91 -14.94 3.28 -29.36
N TYR H 92 -14.50 2.75 -28.22
CA TYR H 92 -13.25 1.99 -28.26
C TYR H 92 -13.45 0.64 -28.93
N VAL H 93 -14.66 0.08 -28.87
CA VAL H 93 -14.94 -1.13 -29.63
C VAL H 93 -14.92 -0.84 -31.13
N THR H 94 -15.43 0.32 -31.53
CA THR H 94 -15.34 0.69 -32.94
C THR H 94 -13.89 0.80 -33.39
N TYR H 95 -13.06 1.42 -32.55
CA TYR H 95 -11.63 1.46 -32.84
C TYR H 95 -11.08 0.05 -33.04
N ALA H 96 -11.43 -0.86 -32.13
CA ALA H 96 -10.93 -2.23 -32.23
C ALA H 96 -11.39 -2.89 -33.52
N ILE H 97 -12.64 -2.64 -33.93
CA ILE H 97 -13.14 -3.24 -35.17
C ILE H 97 -12.31 -2.77 -36.35
N LEU H 98 -12.11 -1.46 -36.45
CA LEU H 98 -11.35 -0.93 -37.58
C LEU H 98 -9.93 -1.48 -37.59
N ALA H 99 -9.30 -1.56 -36.43
CA ALA H 99 -7.94 -2.08 -36.37
C ALA H 99 -7.89 -3.55 -36.80
N GLY H 100 -8.87 -4.33 -36.37
CA GLY H 100 -8.82 -5.77 -36.53
C GLY H 100 -8.16 -6.50 -35.38
N ASP H 101 -7.77 -5.77 -34.34
CA ASP H 101 -7.10 -6.34 -33.18
C ASP H 101 -7.69 -5.70 -31.94
N SER H 102 -7.76 -6.47 -30.85
CA SER H 102 -8.41 -5.97 -29.65
C SER H 102 -7.45 -5.26 -28.71
N SER H 103 -6.23 -4.97 -29.17
CA SER H 103 -5.22 -4.41 -28.29
C SER H 103 -5.63 -3.06 -27.72
N VAL H 104 -6.18 -2.17 -28.57
CA VAL H 104 -6.61 -0.87 -28.10
C VAL H 104 -7.70 -1.03 -27.05
N LEU H 105 -8.66 -1.91 -27.31
CA LEU H 105 -9.78 -2.11 -26.39
C LEU H 105 -9.32 -2.63 -25.05
N ASP H 106 -8.30 -3.49 -25.04
CA ASP H 106 -7.83 -4.08 -23.80
C ASP H 106 -6.82 -3.22 -23.08
N ASP H 107 -6.18 -2.28 -23.77
CA ASP H 107 -5.14 -1.48 -23.15
C ASP H 107 -5.64 -0.14 -22.62
N ARG H 108 -6.62 0.47 -23.29
CA ARG H 108 -7.01 1.82 -22.91
C ARG H 108 -8.44 1.90 -22.39
N CYS H 109 -9.20 0.81 -22.42
CA CYS H 109 -10.52 0.84 -21.81
C CYS H 109 -10.73 -0.25 -20.78
N LEU H 110 -10.43 -1.49 -21.15
CA LEU H 110 -10.73 -2.63 -20.29
C LEU H 110 -9.65 -2.89 -19.25
N ASN H 111 -8.53 -2.18 -19.32
CA ASN H 111 -7.40 -2.45 -18.45
C ASN H 111 -7.61 -1.73 -17.13
N GLY H 112 -8.27 -2.41 -16.19
CA GLY H 112 -8.53 -1.85 -14.88
C GLY H 112 -9.94 -1.33 -14.67
N LEU H 113 -10.81 -1.42 -15.69
CA LEU H 113 -12.17 -0.93 -15.53
C LEU H 113 -12.90 -1.67 -14.41
N ARG H 114 -12.70 -2.98 -14.32
CA ARG H 114 -13.38 -3.77 -13.29
C ARG H 114 -13.04 -3.28 -11.89
N GLU H 115 -11.75 -3.02 -11.65
CA GLU H 115 -11.33 -2.53 -10.34
C GLU H 115 -11.97 -1.17 -10.03
N THR H 116 -11.97 -0.26 -11.00
CA THR H 116 -12.56 1.05 -10.78
C THR H 116 -14.03 0.93 -10.43
N TYR H 117 -14.76 0.08 -11.16
CA TYR H 117 -16.19 -0.02 -10.91
C TYR H 117 -16.47 -0.62 -9.54
N GLN H 118 -15.76 -1.69 -9.15
CA GLN H 118 -16.06 -2.28 -7.86
C GLN H 118 -15.64 -1.37 -6.71
N ALA H 119 -14.57 -0.60 -6.89
CA ALA H 119 -14.23 0.41 -5.89
C ALA H 119 -15.33 1.46 -5.78
N LEU H 120 -15.84 1.91 -6.92
CA LEU H 120 -16.99 2.81 -6.92
C LEU H 120 -18.19 2.19 -6.24
N GLY H 121 -18.32 0.87 -6.32
CA GLY H 121 -19.52 0.19 -5.87
C GLY H 121 -20.58 0.03 -6.92
N THR H 122 -20.35 0.53 -8.13
CA THR H 122 -21.33 0.37 -9.20
C THR H 122 -21.30 -1.06 -9.73
N PRO H 123 -22.47 -1.66 -9.96
CA PRO H 123 -22.52 -3.10 -10.30
C PRO H 123 -21.88 -3.37 -11.65
N GLY H 124 -20.85 -4.22 -11.65
CA GLY H 124 -20.21 -4.59 -12.89
C GLY H 124 -21.04 -5.51 -13.75
N SER H 125 -21.82 -6.40 -13.11
CA SER H 125 -22.68 -7.31 -13.84
C SER H 125 -23.71 -6.53 -14.67
N SER H 126 -24.29 -5.49 -14.08
CA SER H 126 -25.24 -4.68 -14.82
C SER H 126 -24.57 -3.99 -16.00
N VAL H 127 -23.32 -3.54 -15.82
CA VAL H 127 -22.58 -2.97 -16.94
C VAL H 127 -22.45 -3.99 -18.05
N ALA H 128 -22.16 -5.24 -17.70
CA ALA H 128 -22.06 -6.27 -18.73
C ALA H 128 -23.38 -6.45 -19.46
N VAL H 129 -24.50 -6.43 -18.73
CA VAL H 129 -25.80 -6.53 -19.37
C VAL H 129 -25.99 -5.38 -20.36
N ALA H 130 -25.58 -4.17 -19.96
CA ALA H 130 -25.67 -3.05 -20.87
C ALA H 130 -24.82 -3.28 -22.12
N ILE H 131 -23.61 -3.83 -21.93
CA ILE H 131 -22.75 -4.12 -23.08
C ILE H 131 -23.45 -5.06 -24.03
N GLN H 132 -24.13 -6.07 -23.49
CA GLN H 132 -24.82 -7.04 -24.35
C GLN H 132 -25.97 -6.39 -25.10
N LYS H 133 -26.70 -5.49 -24.45
CA LYS H 133 -27.74 -4.75 -25.16
C LYS H 133 -27.16 -3.99 -26.34
N MET H 134 -26.06 -3.27 -26.10
CA MET H 134 -25.40 -2.56 -27.19
C MET H 134 -24.91 -3.54 -28.25
N LYS H 135 -24.50 -4.73 -27.85
CA LYS H 135 -24.04 -5.73 -28.81
C LYS H 135 -25.14 -6.09 -29.79
N ASP H 136 -26.32 -6.44 -29.26
CA ASP H 136 -27.40 -6.82 -30.17
C ASP H 136 -27.79 -5.65 -31.05
N ALA H 137 -27.87 -4.44 -30.48
CA ALA H 137 -28.23 -3.27 -31.29
C ALA H 137 -27.25 -3.07 -32.44
N ALA H 138 -25.96 -3.04 -32.14
CA ALA H 138 -24.96 -2.74 -33.16
C ALA H 138 -24.88 -3.86 -34.20
N ILE H 139 -24.99 -5.12 -33.75
CA ILE H 139 -24.87 -6.22 -34.70
C ILE H 139 -26.08 -6.25 -35.63
N ALA H 140 -27.26 -5.85 -35.14
CA ALA H 140 -28.41 -5.76 -36.02
C ALA H 140 -28.24 -4.63 -37.02
N ILE H 141 -27.76 -3.47 -36.54
CA ILE H 141 -27.63 -2.31 -37.43
C ILE H 141 -26.60 -2.57 -38.52
N ALA H 142 -25.46 -3.16 -38.16
CA ALA H 142 -24.38 -3.29 -39.13
C ALA H 142 -24.69 -4.35 -40.18
N ASN H 143 -25.40 -5.41 -39.81
CA ASN H 143 -25.66 -6.52 -40.71
C ASN H 143 -26.94 -6.34 -41.51
N ASP H 144 -27.59 -5.19 -41.37
CA ASP H 144 -28.84 -4.88 -42.06
C ASP H 144 -28.69 -5.09 -43.56
N PRO H 145 -29.41 -6.06 -44.13
CA PRO H 145 -29.23 -6.41 -45.56
C PRO H 145 -30.03 -5.49 -46.48
N ASN H 146 -29.61 -4.23 -46.54
CA ASN H 146 -30.31 -3.23 -47.34
C ASN H 146 -29.37 -2.05 -47.54
N GLY H 147 -29.32 -1.55 -48.78
CA GLY H 147 -28.65 -0.32 -49.10
C GLY H 147 -27.29 -0.47 -49.76
N ILE H 148 -26.69 -1.66 -49.73
CA ILE H 148 -25.35 -1.86 -50.26
C ILE H 148 -25.29 -3.23 -50.94
N THR H 149 -24.21 -3.43 -51.70
CA THR H 149 -24.04 -4.65 -52.48
C THR H 149 -24.02 -5.86 -51.55
N PRO H 150 -24.90 -6.83 -51.76
CA PRO H 150 -25.01 -7.96 -50.81
C PRO H 150 -23.79 -8.87 -50.87
N GLY H 151 -23.57 -9.56 -49.75
CA GLY H 151 -22.47 -10.49 -49.66
C GLY H 151 -22.57 -11.34 -48.41
N ASP H 152 -21.51 -12.10 -48.16
CA ASP H 152 -21.39 -12.90 -46.94
C ASP H 152 -20.41 -12.21 -46.01
N CYS H 153 -20.91 -11.72 -44.87
CA CYS H 153 -20.12 -11.00 -43.89
C CYS H 153 -20.27 -11.63 -42.50
N SER H 154 -20.65 -12.91 -42.42
CA SER H 154 -20.91 -13.51 -41.11
C SER H 154 -19.65 -13.55 -40.26
N ALA H 155 -18.49 -13.77 -40.89
CA ALA H 155 -17.24 -13.82 -40.14
C ALA H 155 -16.96 -12.50 -39.44
N LEU H 156 -17.12 -11.40 -40.17
CA LEU H 156 -16.89 -10.08 -39.59
C LEU H 156 -17.88 -9.80 -38.47
N MET H 157 -19.14 -10.22 -38.64
CA MET H 157 -20.12 -10.05 -37.58
C MET H 157 -19.74 -10.83 -36.33
N SER H 158 -19.23 -12.05 -36.53
CA SER H 158 -18.75 -12.83 -35.39
C SER H 158 -17.60 -12.12 -34.69
N GLU H 159 -16.70 -11.51 -35.45
CA GLU H 159 -15.59 -10.78 -34.84
C GLU H 159 -16.10 -9.60 -34.02
N ILE H 160 -17.06 -8.85 -34.56
CA ILE H 160 -17.62 -7.71 -33.83
C ILE H 160 -18.24 -8.19 -32.52
N ALA H 161 -19.03 -9.26 -32.61
CA ALA H 161 -19.61 -9.85 -31.41
C ALA H 161 -18.52 -10.26 -30.43
N GLY H 162 -17.40 -10.76 -30.94
CA GLY H 162 -16.31 -11.14 -30.06
C GLY H 162 -15.76 -9.97 -29.28
N TYR H 163 -15.58 -8.83 -29.95
CA TYR H 163 -15.10 -7.64 -29.24
C TYR H 163 -16.07 -7.25 -28.13
N PHE H 164 -17.36 -7.16 -28.46
CA PHE H 164 -18.34 -6.78 -27.45
C PHE H 164 -18.33 -7.74 -26.28
N ASP H 165 -18.28 -9.05 -26.57
CA ASP H 165 -18.26 -10.06 -25.52
C ASP H 165 -17.02 -9.92 -24.65
N ARG H 166 -15.88 -9.63 -25.27
CA ARG H 166 -14.65 -9.46 -24.50
C ARG H 166 -14.82 -8.34 -23.50
N ALA H 167 -15.40 -7.23 -23.92
CA ALA H 167 -15.63 -6.12 -22.98
C ALA H 167 -16.56 -6.55 -21.85
N ALA H 168 -17.67 -7.19 -22.20
CA ALA H 168 -18.65 -7.55 -21.17
C ALA H 168 -18.04 -8.49 -20.14
N ALA H 169 -17.24 -9.45 -20.60
CA ALA H 169 -16.61 -10.38 -19.66
C ALA H 169 -15.53 -9.70 -18.84
N ALA H 170 -14.81 -8.75 -19.42
CA ALA H 170 -13.71 -8.13 -18.69
C ALA H 170 -14.21 -7.17 -17.63
N VAL H 171 -15.40 -6.60 -17.81
CA VAL H 171 -15.88 -5.63 -16.81
C VAL H 171 -16.57 -6.34 -15.64
N ALA H 172 -17.30 -7.40 -15.91
CA ALA H 172 -18.02 -8.10 -14.86
C ALA H 172 -17.19 -9.25 -14.29
N MET I 1 -9.15 45.78 -3.33
CA MET I 1 -9.08 45.29 -1.96
C MET I 1 -10.15 44.23 -1.70
N LYS I 2 -10.01 43.52 -0.59
CA LYS I 2 -10.92 42.41 -0.26
C LYS I 2 -12.12 42.94 0.52
N THR I 3 -12.93 43.74 -0.18
CA THR I 3 -14.21 44.24 0.28
C THR I 3 -15.32 43.25 -0.09
N PRO I 4 -16.28 43.01 0.81
CA PRO I 4 -17.30 41.98 0.52
C PRO I 4 -17.90 42.07 -0.87
N ILE I 5 -18.30 43.28 -1.27
CA ILE I 5 -18.88 43.46 -2.60
C ILE I 5 -17.92 42.98 -3.68
N THR I 6 -16.65 43.39 -3.58
CA THR I 6 -15.70 43.07 -4.63
C THR I 6 -15.37 41.58 -4.66
N GLU I 7 -15.32 40.93 -3.50
CA GLU I 7 -15.05 39.50 -3.52
C GLU I 7 -16.21 38.73 -4.11
N ALA I 8 -17.45 39.17 -3.84
CA ALA I 8 -18.58 38.56 -4.52
C ALA I 8 -18.45 38.73 -6.04
N ILE I 9 -18.05 39.92 -6.46
CA ILE I 9 -17.87 40.19 -7.89
C ILE I 9 -16.81 39.27 -8.47
N ALA I 10 -15.69 39.10 -7.76
CA ALA I 10 -14.63 38.23 -8.25
C ALA I 10 -15.07 36.78 -8.30
N ALA I 11 -15.86 36.36 -7.31
CA ALA I 11 -16.37 34.99 -7.30
C ALA I 11 -17.25 34.74 -8.51
N ALA I 12 -18.09 35.70 -8.86
CA ALA I 12 -18.89 35.54 -10.07
C ALA I 12 -18.02 35.62 -11.33
N ASP I 13 -16.97 36.43 -11.30
CA ASP I 13 -16.13 36.61 -12.48
C ASP I 13 -15.35 35.35 -12.81
N THR I 14 -14.86 34.64 -11.79
CA THR I 14 -14.12 33.41 -12.05
C THR I 14 -14.98 32.35 -12.71
N GLN I 15 -16.27 32.31 -12.39
CA GLN I 15 -17.18 31.39 -13.05
C GLN I 15 -17.70 31.92 -14.37
N GLY I 16 -17.64 33.23 -14.58
CA GLY I 16 -18.12 33.82 -15.81
C GLY I 16 -19.61 33.99 -15.91
N ARG I 17 -20.33 33.97 -14.80
CA ARG I 17 -21.78 34.01 -14.80
C ARG I 17 -22.28 35.30 -14.16
N PHE I 18 -23.47 35.74 -14.60
CA PHE I 18 -24.11 36.88 -13.99
C PHE I 18 -24.36 36.62 -12.51
N LEU I 19 -24.42 37.70 -11.74
CA LEU I 19 -24.60 37.61 -10.30
C LEU I 19 -25.91 36.90 -9.94
N SER I 20 -25.78 35.72 -9.32
CA SER I 20 -26.94 34.95 -8.90
C SER I 20 -27.49 35.48 -7.57
N ASN I 21 -28.66 34.97 -7.18
CA ASN I 21 -29.35 35.53 -6.02
C ASN I 21 -28.54 35.36 -4.74
N THR I 22 -27.70 34.32 -4.66
CA THR I 22 -26.90 34.13 -3.46
C THR I 22 -25.97 35.33 -3.21
N GLU I 23 -25.25 35.75 -4.26
CA GLU I 23 -24.37 36.89 -4.12
C GLU I 23 -25.15 38.15 -3.76
N LEU I 24 -26.32 38.33 -4.38
CA LEU I 24 -27.13 39.52 -4.09
C LEU I 24 -27.59 39.53 -2.65
N GLN I 25 -27.99 38.37 -2.11
CA GLN I 25 -28.34 38.29 -0.70
C GLN I 25 -27.15 38.69 0.17
N ALA I 26 -25.96 38.22 -0.17
CA ALA I 26 -24.79 38.54 0.62
C ALA I 26 -24.55 40.05 0.67
N VAL I 27 -24.56 40.70 -0.50
CA VAL I 27 -24.31 42.13 -0.49
C VAL I 27 -25.45 42.88 0.19
N ASP I 28 -26.67 42.34 0.13
CA ASP I 28 -27.76 42.96 0.87
C ASP I 28 -27.49 42.94 2.37
N GLY I 29 -27.00 41.81 2.87
CA GLY I 29 -26.61 41.75 4.28
C GLY I 29 -25.53 42.76 4.61
N ARG I 30 -24.56 42.92 3.70
CA ARG I 30 -23.53 43.94 3.91
C ARG I 30 -24.16 45.32 4.06
N PHE I 31 -25.08 45.66 3.15
CA PHE I 31 -25.70 46.98 3.22
C PHE I 31 -26.50 47.14 4.50
N LYS I 32 -27.16 46.07 4.95
CA LYS I 32 -27.93 46.14 6.19
C LYS I 32 -27.02 46.42 7.38
N ARG I 33 -25.83 45.81 7.41
CA ARG I 33 -24.91 46.03 8.53
C ARG I 33 -24.13 47.33 8.41
N ALA I 34 -24.15 47.96 7.23
CA ALA I 34 -23.33 49.16 7.01
C ALA I 34 -23.76 50.32 7.89
N VAL I 35 -25.04 50.41 8.25
CA VAL I 35 -25.49 51.54 9.07
C VAL I 35 -24.78 51.53 10.43
N ALA I 36 -24.77 50.36 11.08
CA ALA I 36 -24.07 50.23 12.35
C ALA I 36 -22.57 50.40 12.16
N SER I 37 -22.02 49.84 11.07
CA SER I 37 -20.58 49.96 10.86
C SER I 37 -20.15 51.41 10.74
N MET I 38 -20.92 52.22 10.00
CA MET I 38 -20.54 53.62 9.84
C MET I 38 -20.75 54.41 11.12
N GLU I 39 -21.78 54.07 11.91
CA GLU I 39 -21.91 54.73 13.21
C GLU I 39 -20.68 54.46 14.08
N ALA I 40 -20.23 53.20 14.12
CA ALA I 40 -19.05 52.87 14.89
C ALA I 40 -17.81 53.60 14.35
N ALA I 41 -17.70 53.72 13.02
CA ALA I 41 -16.57 54.42 12.45
C ALA I 41 -16.56 55.89 12.87
N ARG I 42 -17.73 56.54 12.84
CA ARG I 42 -17.82 57.91 13.32
C ARG I 42 -17.35 58.00 14.76
N ALA I 43 -17.82 57.08 15.59
CA ALA I 43 -17.42 57.11 17.00
C ALA I 43 -15.90 56.95 17.15
N LEU I 44 -15.31 56.03 16.40
CA LEU I 44 -13.87 55.81 16.51
C LEU I 44 -13.08 57.02 16.06
N THR I 45 -13.53 57.69 14.99
CA THR I 45 -12.75 58.82 14.51
C THR I 45 -12.97 60.07 15.37
N ASN I 46 -14.10 60.17 16.06
CA ASN I 46 -14.33 61.37 16.86
C ASN I 46 -13.43 61.43 18.10
N ASN I 47 -13.03 60.28 18.62
CA ASN I 47 -12.13 60.22 19.77
C ASN I 47 -10.75 59.69 19.39
N ALA I 48 -10.36 59.87 18.13
CA ALA I 48 -9.12 59.27 17.63
C ALA I 48 -7.90 59.83 18.34
N GLN I 49 -7.84 61.14 18.54
CA GLN I 49 -6.67 61.76 19.13
C GLN I 49 -6.40 61.23 20.54
N SER I 50 -7.46 61.16 21.36
CA SER I 50 -7.30 60.65 22.71
C SER I 50 -6.82 59.21 22.69
N LEU I 51 -7.37 58.39 21.79
CA LEU I 51 -6.96 57.00 21.70
C LEU I 51 -5.48 56.88 21.34
N ILE I 52 -5.02 57.65 20.35
CA ILE I 52 -3.64 57.56 19.91
C ILE I 52 -2.69 57.98 21.03
N ASP I 53 -3.00 59.10 21.69
CA ASP I 53 -2.13 59.56 22.77
C ASP I 53 -2.10 58.56 23.92
N GLY I 54 -3.26 58.03 24.30
CA GLY I 54 -3.31 57.06 25.38
C GLY I 54 -2.54 55.81 25.07
N ALA I 55 -2.62 55.33 23.82
CA ALA I 55 -1.85 54.16 23.44
C ALA I 55 -0.35 54.43 23.48
N ALA I 56 0.06 55.63 23.06
CA ALA I 56 1.48 55.98 23.11
C ALA I 56 1.99 55.95 24.55
N GLN I 57 1.19 56.46 25.49
CA GLN I 57 1.61 56.37 26.89
C GLN I 57 1.56 54.93 27.40
N ALA I 58 0.61 54.13 26.93
CA ALA I 58 0.52 52.74 27.39
C ALA I 58 1.78 51.97 27.01
N VAL I 59 2.23 52.14 25.78
CA VAL I 59 3.45 51.42 25.39
C VAL I 59 4.65 51.98 26.14
N TYR I 60 4.68 53.29 26.40
CA TYR I 60 5.79 53.80 27.21
C TYR I 60 5.82 53.17 28.60
N GLN I 61 4.64 52.89 29.17
CA GLN I 61 4.61 52.31 30.51
C GLN I 61 4.93 50.82 30.50
N LYS I 62 4.45 50.09 29.48
CA LYS I 62 4.74 48.67 29.41
C LYS I 62 6.21 48.41 29.10
N PHE I 63 6.85 49.28 28.31
CA PHE I 63 8.25 49.11 27.93
C PHE I 63 9.00 50.39 28.26
N PRO I 64 9.36 50.59 29.54
CA PRO I 64 10.15 51.78 29.88
C PRO I 64 11.50 51.81 29.20
N TYR I 65 12.10 50.63 28.95
CA TYR I 65 13.39 50.59 28.29
C TYR I 65 13.36 51.27 26.94
N THR I 66 12.19 51.31 26.31
CA THR I 66 12.08 51.90 24.99
C THR I 66 12.15 53.41 25.04
N THR I 67 11.88 54.02 26.19
CA THR I 67 11.94 55.46 26.34
C THR I 67 13.26 55.95 26.92
N THR I 68 14.22 55.04 27.12
CA THR I 68 15.50 55.41 27.69
C THR I 68 16.65 54.95 26.80
N MET I 69 16.48 53.79 26.17
CA MET I 69 17.57 53.23 25.36
C MET I 69 17.89 54.14 24.19
N GLN I 70 19.18 54.45 24.03
CA GLN I 70 19.61 55.29 22.93
C GLN I 70 19.63 54.51 21.63
N GLY I 71 19.33 55.19 20.53
CA GLY I 71 19.26 54.56 19.24
C GLY I 71 18.15 55.11 18.37
N SER I 72 18.18 54.77 17.08
CA SER I 72 17.19 55.31 16.16
C SER I 72 15.82 54.71 16.40
N GLN I 73 15.75 53.42 16.74
CA GLN I 73 14.48 52.72 16.82
C GLN I 73 13.84 52.84 18.20
N TYR I 74 14.10 53.93 18.91
CA TYR I 74 13.57 54.11 20.24
C TYR I 74 12.94 55.50 20.35
N ALA I 75 12.03 55.64 21.31
CA ALA I 75 11.35 56.91 21.56
C ALA I 75 12.04 57.73 22.64
N SER I 76 13.33 57.52 22.84
CA SER I 76 14.08 58.30 23.83
C SER I 76 14.29 59.74 23.38
N THR I 77 14.16 60.00 22.09
CA THR I 77 14.29 61.33 21.50
C THR I 77 12.92 61.88 21.14
N PRO I 78 12.78 63.20 21.08
CA PRO I 78 11.49 63.76 20.64
C PRO I 78 11.10 63.33 19.24
N GLU I 79 12.08 63.13 18.36
CA GLU I 79 11.79 62.62 17.03
C GLU I 79 11.15 61.24 17.11
N GLY I 80 11.63 60.39 18.01
CA GLY I 80 11.02 59.08 18.19
C GLY I 80 9.60 59.18 18.73
N LYS I 81 9.35 60.13 19.62
CA LYS I 81 7.98 60.33 20.10
C LYS I 81 7.07 60.76 18.95
N ALA I 82 7.59 61.60 18.05
CA ALA I 82 6.82 61.94 16.86
C ALA I 82 6.54 60.70 16.02
N LYS I 83 7.54 59.83 15.87
CA LYS I 83 7.32 58.61 15.08
C LYS I 83 6.27 57.72 15.72
N CYS I 84 6.25 57.66 17.05
CA CYS I 84 5.22 56.89 17.72
C CYS I 84 3.84 57.47 17.43
N ALA I 85 3.72 58.79 17.56
CA ALA I 85 2.45 59.44 17.27
C ALA I 85 2.04 59.28 15.81
N ARG I 86 3.00 59.00 14.94
CA ARG I 86 2.67 58.75 13.54
C ARG I 86 2.18 57.33 13.33
N ASP I 87 2.94 56.35 13.82
CA ASP I 87 2.64 54.96 13.51
C ASP I 87 1.38 54.47 14.23
N ILE I 88 1.24 54.79 15.51
CA ILE I 88 0.03 54.38 16.21
C ILE I 88 -1.19 55.01 15.56
N GLY I 89 -1.06 56.26 15.14
CA GLY I 89 -2.13 56.88 14.37
C GLY I 89 -2.44 56.13 13.10
N TYR I 90 -1.41 55.65 12.41
CA TYR I 90 -1.66 54.87 11.20
C TYR I 90 -2.47 53.62 11.50
N TYR I 91 -2.14 52.92 12.58
CA TYR I 91 -2.89 51.71 12.91
C TYR I 91 -4.35 52.03 13.23
N LEU I 92 -4.60 53.09 14.01
CA LEU I 92 -5.98 53.46 14.30
C LEU I 92 -6.73 53.86 13.03
N ARG I 93 -6.06 54.60 12.15
CA ARG I 93 -6.66 55.00 10.88
C ARG I 93 -7.04 53.78 10.06
N MET I 94 -6.16 52.78 10.03
CA MET I 94 -6.45 51.57 9.29
C MET I 94 -7.62 50.80 9.89
N VAL I 95 -7.75 50.82 11.22
CA VAL I 95 -8.90 50.17 11.83
C VAL I 95 -10.20 50.84 11.39
N THR I 96 -10.22 52.18 11.37
CA THR I 96 -11.42 52.87 10.89
C THR I 96 -11.70 52.52 9.43
N TYR I 97 -10.65 52.45 8.61
CA TYR I 97 -10.81 52.06 7.21
C TYR I 97 -11.40 50.67 7.09
N CYS I 98 -10.92 49.73 7.90
CA CYS I 98 -11.46 48.38 7.88
C CYS I 98 -12.92 48.37 8.28
N LEU I 99 -13.27 49.17 9.27
CA LEU I 99 -14.66 49.24 9.70
C LEU I 99 -15.55 49.73 8.56
N VAL I 100 -15.10 50.75 7.84
CA VAL I 100 -15.91 51.26 6.74
C VAL I 100 -15.97 50.27 5.59
N ALA I 101 -14.87 49.58 5.32
CA ALA I 101 -14.81 48.67 4.18
C ALA I 101 -15.52 47.35 4.45
N GLY I 102 -15.89 47.07 5.69
CA GLY I 102 -16.58 45.83 6.00
C GLY I 102 -15.77 44.58 5.80
N GLY I 103 -14.45 44.70 5.65
CA GLY I 103 -13.58 43.55 5.46
C GLY I 103 -12.17 43.95 5.84
N THR I 104 -11.26 42.99 5.72
CA THR I 104 -9.87 43.24 6.08
C THR I 104 -9.05 43.77 4.91
N GLY I 105 -9.66 44.04 3.77
CA GLY I 105 -8.97 44.52 2.60
C GLY I 105 -7.98 45.64 2.87
N PRO I 106 -8.47 46.77 3.41
CA PRO I 106 -7.55 47.88 3.69
C PRO I 106 -6.40 47.47 4.58
N MET I 107 -6.67 46.68 5.62
CA MET I 107 -5.63 46.24 6.53
C MET I 107 -4.54 45.48 5.78
N ASP I 108 -4.95 44.58 4.88
CA ASP I 108 -3.97 43.81 4.14
C ASP I 108 -3.17 44.68 3.19
N GLU I 109 -3.83 45.61 2.49
CA GLU I 109 -3.11 46.35 1.45
C GLU I 109 -2.20 47.41 2.03
N TYR I 110 -2.61 48.07 3.10
CA TYR I 110 -1.86 49.21 3.59
C TYR I 110 -1.04 48.91 4.85
N LEU I 111 -1.29 47.80 5.54
CA LEU I 111 -0.52 47.49 6.74
C LEU I 111 0.18 46.14 6.71
N ILE I 112 -0.57 45.05 6.56
CA ILE I 112 -0.03 43.72 6.85
C ILE I 112 0.96 43.30 5.79
N ALA I 113 0.75 43.74 4.54
CA ALA I 113 1.65 43.39 3.46
C ALA I 113 3.07 43.86 3.76
N GLY I 114 3.98 42.91 3.95
CA GLY I 114 5.36 43.25 4.20
C GLY I 114 5.66 43.77 5.58
N LEU I 115 4.71 43.67 6.52
CA LEU I 115 4.95 44.16 7.88
C LEU I 115 6.13 43.41 8.51
N SER I 116 6.21 42.10 8.24
CA SER I 116 7.32 41.30 8.75
C SER I 116 8.67 41.85 8.31
N GLU I 117 8.77 42.25 7.04
CA GLU I 117 10.04 42.77 6.54
C GLU I 117 10.43 44.07 7.25
N ILE I 118 9.47 44.99 7.37
CA ILE I 118 9.77 46.31 7.89
C ILE I 118 10.18 46.23 9.35
N ASN I 119 9.48 45.42 10.14
CA ASN I 119 9.83 45.38 11.56
C ASN I 119 11.23 44.82 11.79
N SER I 120 11.78 44.09 10.82
CA SER I 120 13.15 43.59 10.95
C SER I 120 14.19 44.55 10.41
N THR I 121 13.87 45.28 9.34
CA THR I 121 14.86 46.20 8.80
C THR I 121 15.10 47.39 9.72
N PHE I 122 14.03 48.00 10.23
CA PHE I 122 14.16 49.17 11.08
C PHE I 122 14.25 48.82 12.56
N ASP I 123 14.43 47.54 12.90
CA ASP I 123 14.65 47.09 14.27
C ASP I 123 13.48 47.43 15.18
N LEU I 124 12.27 47.42 14.66
CA LEU I 124 11.09 47.61 15.47
C LEU I 124 10.64 46.28 16.06
N SER I 125 10.03 46.34 17.23
CA SER I 125 9.52 45.12 17.84
C SER I 125 8.02 45.05 17.69
N PRO I 126 7.47 43.95 17.17
CA PRO I 126 6.01 43.85 17.03
C PRO I 126 5.27 44.00 18.35
N SER I 127 5.91 43.62 19.46
CA SER I 127 5.23 43.66 20.76
C SER I 127 4.77 45.07 21.10
N TRP I 128 5.54 46.09 20.70
CA TRP I 128 5.14 47.46 20.94
C TRP I 128 3.76 47.74 20.36
N TYR I 129 3.61 47.47 19.06
CA TYR I 129 2.34 47.71 18.41
C TYR I 129 1.24 46.80 18.96
N ILE I 130 1.60 45.59 19.39
CA ILE I 130 0.59 44.69 19.97
C ILE I 130 -0.01 45.29 21.23
N GLU I 131 0.86 45.78 22.12
CA GLU I 131 0.37 46.42 23.34
C GLU I 131 -0.46 47.65 23.03
N ALA I 132 -0.02 48.45 22.06
CA ALA I 132 -0.79 49.64 21.69
C ALA I 132 -2.18 49.25 21.17
N LEU I 133 -2.25 48.21 20.34
CA LEU I 133 -3.53 47.76 19.83
C LEU I 133 -4.42 47.27 20.95
N LYS I 134 -3.85 46.61 21.96
CA LYS I 134 -4.67 46.18 23.09
C LYS I 134 -5.27 47.38 23.81
N TYR I 135 -4.48 48.44 24.02
CA TYR I 135 -5.03 49.64 24.63
C TYR I 135 -6.18 50.19 23.78
N ILE I 136 -5.98 50.25 22.45
CA ILE I 136 -7.01 50.77 21.57
C ILE I 136 -8.28 49.92 21.68
N LYS I 137 -8.12 48.60 21.75
CA LYS I 137 -9.28 47.73 21.82
C LYS I 137 -10.01 47.86 23.14
N ALA I 138 -9.30 48.26 24.20
CA ALA I 138 -9.99 48.44 25.48
C ALA I 138 -10.63 49.81 25.64
N ASN I 139 -10.11 50.83 24.97
CA ASN I 139 -10.65 52.18 25.12
C ASN I 139 -11.41 52.66 23.91
N HIS I 140 -11.73 51.76 22.97
CA HIS I 140 -12.46 52.19 21.78
C HIS I 140 -13.83 52.75 22.13
N GLY I 141 -14.44 52.29 23.22
CA GLY I 141 -15.69 52.85 23.66
C GLY I 141 -16.84 52.62 22.70
N LEU I 142 -16.86 51.48 22.03
CA LEU I 142 -17.99 51.11 21.17
C LEU I 142 -18.85 50.06 21.89
N THR I 143 -20.05 49.87 21.36
CA THR I 143 -20.99 48.94 21.97
C THR I 143 -21.69 48.13 20.88
N GLY I 144 -22.08 46.92 21.23
CA GLY I 144 -22.88 46.08 20.36
C GLY I 144 -22.10 45.38 19.27
N GLN I 145 -22.85 44.97 18.24
CA GLN I 145 -22.24 44.27 17.12
C GLN I 145 -21.15 45.12 16.46
N ALA I 146 -21.34 46.44 16.43
CA ALA I 146 -20.32 47.32 15.90
C ALA I 146 -19.02 47.18 16.68
N ALA I 147 -19.13 47.12 18.01
CA ALA I 147 -17.96 46.88 18.85
C ALA I 147 -17.32 45.54 18.51
N VAL I 148 -18.14 44.53 18.26
CA VAL I 148 -17.60 43.21 17.91
C VAL I 148 -16.76 43.30 16.64
N GLU I 149 -17.30 43.98 15.61
CA GLU I 149 -16.56 44.08 14.35
C GLU I 149 -15.24 44.81 14.53
N ALA I 150 -15.27 45.94 15.25
CA ALA I 150 -14.05 46.71 15.44
C ALA I 150 -13.01 45.90 16.19
N ASN I 151 -13.42 45.22 17.26
CA ASN I 151 -12.48 44.40 18.00
C ASN I 151 -11.94 43.27 17.15
N ALA I 152 -12.76 42.73 16.24
CA ALA I 152 -12.27 41.69 15.34
C ALA I 152 -11.15 42.21 14.45
N TYR I 153 -11.32 43.41 13.88
CA TYR I 153 -10.23 43.94 13.05
C TYR I 153 -8.98 44.19 13.88
N ILE I 154 -9.15 44.75 15.07
CA ILE I 154 -7.99 45.03 15.93
C ILE I 154 -7.25 43.74 16.25
N ASP I 155 -7.99 42.68 16.57
CA ASP I 155 -7.36 41.40 16.85
C ASP I 155 -6.72 40.80 15.62
N TYR I 156 -7.30 41.03 14.44
CA TYR I 156 -6.65 40.61 13.21
C TYR I 156 -5.25 41.21 13.13
N ALA I 157 -5.15 42.51 13.38
CA ALA I 157 -3.84 43.15 13.37
C ALA I 157 -2.93 42.57 14.45
N ILE I 158 -3.48 42.34 15.64
CA ILE I 158 -2.67 41.80 16.73
C ILE I 158 -2.07 40.46 16.34
N ASN I 159 -2.90 39.56 15.80
CA ASN I 159 -2.42 38.25 15.41
C ASN I 159 -1.47 38.34 14.22
N ALA I 160 -1.65 39.32 13.35
CA ALA I 160 -0.74 39.48 12.23
C ALA I 160 0.64 39.91 12.71
N LEU I 161 0.69 40.80 13.70
CA LEU I 161 1.97 41.19 14.26
C LEU I 161 2.67 40.01 14.92
N SER I 162 1.92 39.18 15.63
CA SER I 162 2.49 38.02 16.29
C SER I 162 2.85 36.96 15.25
N MET J 1 -9.76 46.01 -8.12
CA MET J 1 -10.98 46.75 -8.38
C MET J 1 -11.52 47.36 -7.10
N LEU J 2 -12.27 48.45 -7.24
CA LEU J 2 -12.85 49.12 -6.10
C LEU J 2 -14.36 49.17 -6.25
N ASP J 3 -15.03 49.36 -5.11
CA ASP J 3 -16.44 49.67 -5.03
C ASP J 3 -16.58 51.03 -4.37
N ALA J 4 -17.83 51.46 -4.16
CA ALA J 4 -18.06 52.81 -3.64
C ALA J 4 -17.32 53.03 -2.33
N PHE J 5 -17.54 52.14 -1.36
CA PHE J 5 -16.87 52.26 -0.07
C PHE J 5 -15.36 52.21 -0.25
N ALA J 6 -14.89 51.27 -1.06
CA ALA J 6 -13.46 51.15 -1.29
C ALA J 6 -12.91 52.38 -1.99
N LYS J 7 -13.67 52.97 -2.90
CA LYS J 7 -13.20 54.15 -3.61
C LYS J 7 -12.97 55.31 -2.65
N VAL J 8 -13.92 55.56 -1.75
CA VAL J 8 -13.71 56.69 -0.84
C VAL J 8 -12.58 56.38 0.13
N VAL J 9 -12.46 55.12 0.57
CA VAL J 9 -11.37 54.78 1.47
C VAL J 9 -10.03 54.98 0.77
N ALA J 10 -9.95 54.64 -0.52
CA ALA J 10 -8.69 54.76 -1.23
C ALA J 10 -8.29 56.21 -1.43
N GLN J 11 -9.26 57.07 -1.77
CA GLN J 11 -8.94 58.50 -1.88
C GLN J 11 -8.45 59.05 -0.54
N ALA J 12 -9.16 58.70 0.55
CA ALA J 12 -8.74 59.16 1.87
C ALA J 12 -7.36 58.64 2.24
N ASP J 13 -7.02 57.42 1.80
CA ASP J 13 -5.69 56.89 2.05
C ASP J 13 -4.65 57.66 1.27
N ALA J 14 -4.98 58.06 0.04
CA ALA J 14 -4.03 58.83 -0.74
C ALA J 14 -3.67 60.12 -0.05
N ARG J 15 -4.67 60.83 0.51
CA ARG J 15 -4.31 62.03 1.25
C ARG J 15 -3.69 61.71 2.60
N GLY J 16 -4.09 60.60 3.22
CA GLY J 16 -3.59 60.24 4.54
C GLY J 16 -4.37 60.79 5.70
N GLU J 17 -5.65 61.11 5.51
CA GLU J 17 -6.48 61.70 6.55
C GLU J 17 -7.71 60.83 6.77
N PHE J 18 -8.08 60.66 8.05
CA PHE J 18 -9.29 59.93 8.39
C PHE J 18 -10.47 60.43 7.57
N LEU J 19 -11.37 59.51 7.21
CA LEU J 19 -12.56 59.88 6.47
C LEU J 19 -13.30 61.02 7.17
N THR J 20 -13.59 62.07 6.41
CA THR J 20 -14.27 63.22 6.97
C THR J 20 -15.77 62.93 7.11
N ASN J 21 -16.43 63.73 7.94
CA ASN J 21 -17.85 63.50 8.23
C ASN J 21 -18.67 63.53 6.95
N ALA J 22 -18.32 64.41 6.02
CA ALA J 22 -19.07 64.52 4.77
C ALA J 22 -19.03 63.22 3.98
N GLN J 23 -17.84 62.61 3.87
CA GLN J 23 -17.71 61.34 3.17
C GLN J 23 -18.54 60.26 3.85
N PHE J 24 -18.51 60.22 5.19
CA PHE J 24 -19.30 59.25 5.94
C PHE J 24 -20.78 59.35 5.59
N ASP J 25 -21.32 60.57 5.66
CA ASP J 25 -22.74 60.75 5.38
C ASP J 25 -23.07 60.42 3.92
N ALA J 26 -22.17 60.75 3.01
CA ALA J 26 -22.40 60.40 1.61
C ALA J 26 -22.57 58.90 1.44
N LEU J 27 -21.65 58.12 2.02
CA LEU J 27 -21.73 56.68 1.84
C LEU J 27 -22.91 56.09 2.59
N SER J 28 -23.29 56.70 3.72
CA SER J 28 -24.50 56.25 4.39
C SER J 28 -25.72 56.44 3.51
N ASN J 29 -25.78 57.59 2.81
CA ASN J 29 -26.88 57.79 1.86
C ASN J 29 -26.86 56.73 0.77
N LEU J 30 -25.68 56.41 0.27
CA LEU J 30 -25.59 55.39 -0.78
C LEU J 30 -26.12 54.06 -0.30
N VAL J 31 -25.77 53.66 0.92
CA VAL J 31 -26.23 52.37 1.41
C VAL J 31 -27.71 52.41 1.77
N LYS J 32 -28.24 53.59 2.09
CA LYS J 32 -29.65 53.73 2.42
C LYS J 32 -30.54 53.41 1.22
N GLU J 33 -30.08 53.74 0.01
CA GLU J 33 -30.81 53.43 -1.21
C GLU J 33 -30.21 52.23 -1.94
N GLY J 34 -29.49 51.37 -1.23
CA GLY J 34 -28.85 50.23 -1.87
C GLY J 34 -29.84 49.19 -2.36
N ASN J 35 -31.01 49.09 -1.73
CA ASN J 35 -32.00 48.15 -2.20
C ASN J 35 -32.42 48.48 -3.63
N LYS J 36 -32.43 49.76 -4.00
CA LYS J 36 -32.69 50.13 -5.38
C LYS J 36 -31.65 49.49 -6.29
N ARG J 37 -30.37 49.57 -5.90
CA ARG J 37 -29.29 49.00 -6.68
C ARG J 37 -29.49 47.50 -6.85
N LEU J 38 -29.83 46.81 -5.76
CA LEU J 38 -30.07 45.38 -5.83
C LEU J 38 -31.21 45.05 -6.78
N ASP J 39 -32.30 45.81 -6.70
CA ASP J 39 -33.43 45.56 -7.58
C ASP J 39 -33.01 45.71 -9.04
N ALA J 40 -32.27 46.76 -9.34
CA ALA J 40 -31.86 47.01 -10.72
C ALA J 40 -31.02 45.85 -11.24
N VAL J 41 -30.04 45.41 -10.46
CA VAL J 41 -29.18 44.34 -10.95
C VAL J 41 -29.99 43.05 -11.10
N ASN J 42 -30.92 42.79 -10.18
CA ASN J 42 -31.73 41.57 -10.29
C ASN J 42 -32.55 41.56 -11.57
N ARG J 43 -33.19 42.68 -11.88
CA ARG J 43 -34.02 42.72 -13.08
C ARG J 43 -33.18 42.59 -14.35
N ILE J 44 -32.04 43.28 -14.40
CA ILE J 44 -31.20 43.21 -15.60
C ILE J 44 -30.70 41.79 -15.82
N THR J 45 -30.24 41.13 -14.75
CA THR J 45 -29.75 39.76 -14.92
C THR J 45 -30.88 38.81 -15.29
N SER J 46 -32.09 39.02 -14.77
CA SER J 46 -33.17 38.12 -15.13
C SER J 46 -33.58 38.25 -16.59
N ASN J 47 -33.33 39.41 -17.21
CA ASN J 47 -33.68 39.59 -18.61
C ASN J 47 -32.48 39.65 -19.56
N ALA J 48 -31.30 39.21 -19.10
CA ALA J 48 -30.10 39.24 -19.94
C ALA J 48 -30.32 38.74 -21.37
N SER J 49 -30.86 37.53 -21.52
CA SER J 49 -30.94 36.92 -22.84
C SER J 49 -31.80 37.75 -23.78
N THR J 50 -32.96 38.20 -23.31
CA THR J 50 -33.81 38.99 -24.18
C THR J 50 -33.19 40.35 -24.47
N ILE J 51 -32.46 40.92 -23.50
CA ILE J 51 -31.81 42.20 -23.76
C ILE J 51 -30.85 42.08 -24.92
N VAL J 52 -29.95 41.09 -24.84
CA VAL J 52 -28.96 40.95 -25.90
C VAL J 52 -29.63 40.61 -27.22
N ALA J 53 -30.65 39.75 -27.21
CA ALA J 53 -31.28 39.33 -28.46
C ALA J 53 -31.98 40.49 -29.15
N ASN J 54 -32.79 41.25 -28.41
CA ASN J 54 -33.49 42.38 -29.02
C ASN J 54 -32.49 43.41 -29.53
N ALA J 55 -31.46 43.71 -28.76
CA ALA J 55 -30.47 44.68 -29.21
C ALA J 55 -29.76 44.19 -30.46
N ALA J 56 -29.50 42.88 -30.55
CA ALA J 56 -28.84 42.35 -31.74
C ALA J 56 -29.73 42.49 -32.96
N ARG J 57 -31.01 42.14 -32.83
CA ARG J 57 -31.93 42.30 -33.95
C ARG J 57 -31.91 43.75 -34.44
N ALA J 58 -32.00 44.70 -33.51
CA ALA J 58 -31.99 46.10 -33.90
C ALA J 58 -30.67 46.49 -34.58
N LEU J 59 -29.56 46.01 -34.04
CA LEU J 59 -28.25 46.39 -34.58
C LEU J 59 -28.12 45.92 -36.02
N PHE J 60 -28.51 44.67 -36.29
CA PHE J 60 -28.37 44.16 -37.66
C PHE J 60 -29.44 44.69 -38.58
N ALA J 61 -30.53 45.22 -38.06
CA ALA J 61 -31.46 45.95 -38.92
C ALA J 61 -30.90 47.32 -39.29
N GLU J 62 -30.21 47.97 -38.36
CA GLU J 62 -29.70 49.32 -38.61
C GLU J 62 -28.45 49.31 -39.47
N GLN J 63 -27.62 48.27 -39.37
CA GLN J 63 -26.38 48.16 -40.15
C GLN J 63 -26.37 46.82 -40.85
N PRO J 64 -27.08 46.69 -41.96
CA PRO J 64 -27.16 45.40 -42.66
C PRO J 64 -25.84 44.93 -43.24
N GLN J 65 -24.88 45.84 -43.46
CA GLN J 65 -23.60 45.44 -44.03
C GLN J 65 -22.96 44.32 -43.23
N LEU J 66 -23.17 44.33 -41.91
CA LEU J 66 -22.54 43.33 -41.04
C LEU J 66 -23.01 41.92 -41.39
N ILE J 67 -24.30 41.75 -41.68
CA ILE J 67 -24.82 40.43 -42.00
C ILE J 67 -24.81 40.12 -43.48
N GLN J 68 -24.52 41.09 -44.33
CA GLN J 68 -24.31 40.80 -45.74
C GLN J 68 -23.02 39.99 -45.91
N PRO J 69 -22.94 39.18 -46.96
CA PRO J 69 -21.74 38.37 -47.16
C PRO J 69 -20.49 39.24 -47.24
N GLY J 70 -19.43 38.80 -46.56
CA GLY J 70 -18.21 39.55 -46.50
C GLY J 70 -18.13 40.59 -45.39
N GLY J 71 -19.18 40.73 -44.60
CA GLY J 71 -19.16 41.67 -43.49
C GLY J 71 -18.67 41.02 -42.21
N MEN J 72 -18.29 41.83 -41.23
CA MEN J 72 -17.66 41.31 -40.02
C MEN J 72 -18.45 40.41 -39.10
O MEN J 72 -17.86 39.76 -38.25
CB MEN J 72 -17.15 42.48 -39.19
CG MEN J 72 -15.83 42.14 -38.53
OD1 MEN J 72 -15.73 42.04 -37.32
ND2 MEN J 72 -14.81 41.95 -39.36
CE2 MEN J 72 -13.54 41.61 -38.62
N ALA J 73 -19.77 40.36 -39.25
CA ALA J 73 -20.59 39.53 -38.38
C ALA J 73 -21.17 38.33 -39.14
N TYR J 74 -20.80 38.21 -40.41
CA TYR J 74 -21.32 37.18 -41.28
C TYR J 74 -20.70 35.83 -40.92
N THR J 75 -21.25 34.76 -41.52
CA THR J 75 -20.83 33.34 -41.45
C THR J 75 -21.28 32.57 -40.21
N ASN J 76 -22.10 33.16 -39.35
CA ASN J 76 -22.76 32.46 -38.24
C ASN J 76 -21.78 32.07 -37.13
N ARG J 77 -20.49 32.07 -37.42
CA ARG J 77 -19.51 31.88 -36.36
C ARG J 77 -19.18 33.23 -35.75
N ARG J 78 -18.91 34.20 -36.61
CA ARG J 78 -18.72 35.57 -36.15
C ARG J 78 -20.01 36.13 -35.57
N MET J 79 -21.18 35.66 -36.03
CA MET J 79 -22.42 36.06 -35.38
C MET J 79 -22.46 35.58 -33.94
N ALA J 80 -22.04 34.33 -33.71
CA ALA J 80 -21.95 33.83 -32.35
C ALA J 80 -20.97 34.66 -31.53
N ALA J 81 -19.83 35.00 -32.12
CA ALA J 81 -18.86 35.83 -31.40
C ALA J 81 -19.45 37.18 -31.04
N CYS J 82 -20.20 37.78 -31.97
CA CYS J 82 -20.81 39.08 -31.72
C CYS J 82 -21.79 39.01 -30.56
N LEU J 83 -22.64 37.99 -30.55
CA LEU J 83 -23.57 37.81 -29.44
C LEU J 83 -22.82 37.60 -28.13
N ARG J 84 -21.75 36.82 -28.17
CA ARG J 84 -20.96 36.57 -26.97
C ARG J 84 -20.42 37.87 -26.39
N ASP J 85 -19.87 38.73 -27.25
CA ASP J 85 -19.26 39.95 -26.76
C ASP J 85 -20.31 40.94 -26.24
N MET J 86 -21.48 40.98 -26.87
CA MET J 86 -22.55 41.81 -26.33
C MET J 86 -22.93 41.35 -24.92
N GLU J 87 -23.09 40.04 -24.75
CA GLU J 87 -23.41 39.55 -23.41
C GLU J 87 -22.27 39.82 -22.44
N ILE J 88 -21.02 39.76 -22.89
CA ILE J 88 -19.89 40.00 -22.01
C ILE J 88 -19.91 41.43 -21.49
N ILE J 89 -20.12 42.40 -22.38
CA ILE J 89 -20.13 43.78 -21.92
C ILE J 89 -21.32 44.01 -20.99
N LEU J 90 -22.47 43.36 -21.29
CA LEU J 90 -23.59 43.47 -20.36
C LEU J 90 -23.22 42.92 -18.99
N ARG J 91 -22.50 41.80 -18.95
CA ARG J 91 -22.14 41.19 -17.68
C ARG J 91 -21.22 42.09 -16.87
N TYR J 92 -20.21 42.67 -17.51
CA TYR J 92 -19.30 43.52 -16.76
C TYR J 92 -19.99 44.81 -16.32
N VAL J 93 -20.92 45.34 -17.12
CA VAL J 93 -21.67 46.51 -16.66
C VAL J 93 -22.55 46.14 -15.48
N THR J 94 -23.10 44.93 -15.48
CA THR J 94 -23.89 44.48 -14.34
C THR J 94 -23.03 44.41 -13.07
N TYR J 95 -21.83 43.87 -13.20
CA TYR J 95 -20.86 43.93 -12.10
C TYR J 95 -20.71 45.35 -11.61
N ALA J 96 -20.51 46.29 -12.53
CA ALA J 96 -20.30 47.68 -12.15
C ALA J 96 -21.50 48.24 -11.41
N ILE J 97 -22.70 47.92 -11.88
CA ILE J 97 -23.92 48.46 -11.26
C ILE J 97 -24.01 47.97 -9.82
N LEU J 98 -23.79 46.68 -9.60
CA LEU J 98 -23.83 46.18 -8.24
C LEU J 98 -22.77 46.86 -7.38
N ALA J 99 -21.58 47.05 -7.93
CA ALA J 99 -20.53 47.72 -7.17
C ALA J 99 -20.91 49.15 -6.82
N GLY J 100 -21.51 49.87 -7.76
CA GLY J 100 -21.79 51.27 -7.58
C GLY J 100 -20.76 52.20 -8.19
N ASP J 101 -19.69 51.66 -8.76
CA ASP J 101 -18.66 52.45 -9.38
C ASP J 101 -18.24 51.77 -10.69
N SER J 102 -17.85 52.59 -11.66
CA SER J 102 -17.43 52.06 -12.96
C SER J 102 -15.97 51.62 -12.95
N SER J 103 -15.35 51.60 -11.78
CA SER J 103 -13.95 51.17 -11.67
C SER J 103 -13.76 49.77 -12.23
N VAL J 104 -14.62 48.83 -11.82
CA VAL J 104 -14.48 47.46 -12.27
C VAL J 104 -14.72 47.35 -13.77
N LEU J 105 -15.63 48.16 -14.30
CA LEU J 105 -15.94 48.10 -15.72
C LEU J 105 -14.75 48.53 -16.57
N ASP J 106 -14.00 49.53 -16.11
CA ASP J 106 -12.85 50.03 -16.87
C ASP J 106 -11.56 49.32 -16.51
N ASP J 107 -11.52 48.57 -15.40
CA ASP J 107 -10.30 47.95 -14.93
C ASP J 107 -10.13 46.55 -15.52
N ARG J 108 -11.21 45.78 -15.57
CA ARG J 108 -11.28 44.55 -16.34
C ARG J 108 -12.36 44.72 -17.39
N CYS J 109 -12.08 44.25 -18.61
CA CYS J 109 -12.88 44.56 -19.80
C CYS J 109 -12.78 46.04 -20.13
N LEU J 110 -12.96 46.39 -21.41
CA LEU J 110 -12.74 47.75 -21.90
C LEU J 110 -11.33 48.23 -21.60
N ASN J 111 -10.43 47.30 -21.28
CA ASN J 111 -9.02 47.60 -21.09
C ASN J 111 -8.25 47.16 -22.32
N GLY J 112 -8.48 47.86 -23.42
CA GLY J 112 -7.96 47.46 -24.70
C GLY J 112 -8.93 46.71 -25.57
N LEU J 113 -10.21 46.68 -25.20
CA LEU J 113 -11.22 46.14 -26.10
C LEU J 113 -11.22 46.91 -27.41
N ARG J 114 -11.13 48.25 -27.34
CA ARG J 114 -10.97 49.07 -28.53
C ARG J 114 -9.80 48.56 -29.37
N GLU J 115 -8.67 48.30 -28.71
CA GLU J 115 -7.49 47.85 -29.42
C GLU J 115 -7.70 46.49 -30.06
N THR J 116 -8.33 45.55 -29.33
CA THR J 116 -8.55 44.22 -29.88
C THR J 116 -9.43 44.29 -31.13
N TYR J 117 -10.50 45.06 -31.06
CA TYR J 117 -11.34 45.21 -32.25
C TYR J 117 -10.58 45.89 -33.38
N GLN J 118 -9.78 46.92 -33.06
CA GLN J 118 -9.03 47.62 -34.09
C GLN J 118 -8.07 46.70 -34.80
N ALA J 119 -7.45 45.77 -34.06
CA ALA J 119 -6.55 44.81 -34.68
C ALA J 119 -7.32 43.77 -35.49
N LEU J 120 -8.47 43.32 -34.96
CA LEU J 120 -9.27 42.33 -35.67
C LEU J 120 -9.89 42.88 -36.94
N GLY J 121 -9.99 44.20 -37.07
CA GLY J 121 -10.72 44.82 -38.16
C GLY J 121 -12.17 45.08 -37.88
N THR J 122 -12.66 44.70 -36.71
CA THR J 122 -14.05 44.89 -36.38
C THR J 122 -14.35 46.37 -36.18
N PRO J 123 -15.38 46.91 -36.84
CA PRO J 123 -15.69 48.34 -36.69
C PRO J 123 -16.12 48.67 -35.27
N GLY J 124 -15.36 49.56 -34.62
CA GLY J 124 -15.72 49.99 -33.28
C GLY J 124 -17.00 50.82 -33.25
N SER J 125 -17.26 51.58 -34.30
CA SER J 125 -18.46 52.41 -34.36
C SER J 125 -19.72 51.56 -34.25
N SER J 126 -19.76 50.46 -35.00
CA SER J 126 -20.91 49.56 -34.94
C SER J 126 -21.08 48.99 -33.54
N VAL J 127 -19.96 48.63 -32.89
CA VAL J 127 -20.03 48.17 -31.51
C VAL J 127 -20.66 49.23 -30.63
N ALA J 128 -20.29 50.49 -30.83
CA ALA J 128 -20.87 51.57 -30.03
C ALA J 128 -22.38 51.65 -30.22
N VAL J 129 -22.84 51.53 -31.47
CA VAL J 129 -24.28 51.54 -31.72
C VAL J 129 -24.95 50.41 -30.97
N ALA J 130 -24.34 49.22 -30.98
CA ALA J 130 -24.91 48.08 -30.28
C ALA J 130 -24.99 48.34 -28.79
N ILE J 131 -23.93 48.94 -28.22
CA ILE J 131 -23.94 49.26 -26.79
C ILE J 131 -25.09 50.21 -26.48
N GLN J 132 -25.35 51.17 -27.38
CA GLN J 132 -26.46 52.10 -27.13
C GLN J 132 -27.81 51.39 -27.16
N LYS J 133 -27.99 50.47 -28.11
CA LYS J 133 -29.21 49.67 -28.13
C LYS J 133 -29.41 48.94 -26.80
N MET J 134 -28.33 48.31 -26.32
CA MET J 134 -28.42 47.63 -25.03
C MET J 134 -28.65 48.60 -23.89
N LYS J 135 -28.16 49.83 -24.01
CA LYS J 135 -28.40 50.83 -22.97
C LYS J 135 -29.88 51.11 -22.82
N ASP J 136 -30.56 51.36 -23.95
CA ASP J 136 -32.00 51.60 -23.87
C ASP J 136 -32.72 50.37 -23.32
N ALA J 137 -32.35 49.17 -23.78
CA ALA J 137 -33.01 47.97 -23.30
C ALA J 137 -32.88 47.83 -21.78
N ALA J 138 -31.65 47.97 -21.27
CA ALA J 138 -31.41 47.75 -19.86
C ALA J 138 -32.07 48.82 -19.01
N ILE J 139 -32.02 50.08 -19.44
CA ILE J 139 -32.65 51.13 -18.65
C ILE J 139 -34.16 50.90 -18.60
N ALA J 140 -34.74 50.41 -19.70
CA ALA J 140 -36.17 50.12 -19.69
C ALA J 140 -36.49 48.99 -18.71
N ILE J 141 -35.73 47.91 -18.76
CA ILE J 141 -36.07 46.78 -17.89
C ILE J 141 -35.86 47.13 -16.42
N ALA J 142 -34.88 47.99 -16.12
CA ALA J 142 -34.65 48.36 -14.73
C ALA J 142 -35.56 49.49 -14.26
N ASN J 143 -36.24 50.18 -15.16
CA ASN J 143 -37.11 51.28 -14.79
C ASN J 143 -38.59 50.96 -15.00
N ASP J 144 -38.93 49.70 -15.22
CA ASP J 144 -40.32 49.34 -15.45
C ASP J 144 -41.15 49.66 -14.21
N PRO J 145 -42.25 50.40 -14.35
CA PRO J 145 -43.01 50.81 -13.16
C PRO J 145 -43.84 49.71 -12.54
N ASN J 146 -43.98 48.57 -13.20
CA ASN J 146 -44.92 47.55 -12.78
C ASN J 146 -44.17 46.36 -12.17
N GLY J 147 -44.75 45.79 -11.12
CA GLY J 147 -44.22 44.59 -10.51
C GLY J 147 -43.40 44.80 -9.26
N ILE J 148 -43.35 46.02 -8.70
CA ILE J 148 -42.54 46.29 -7.52
C ILE J 148 -43.16 47.45 -6.74
N THR J 149 -42.79 47.51 -5.47
CA THR J 149 -43.24 48.60 -4.59
C THR J 149 -42.85 49.94 -5.20
N PRO J 150 -43.79 50.88 -5.33
CA PRO J 150 -43.50 52.12 -6.05
C PRO J 150 -42.51 53.01 -5.30
N GLY J 151 -41.80 53.81 -6.08
CA GLY J 151 -40.81 54.70 -5.51
C GLY J 151 -40.07 55.42 -6.62
N ASP J 152 -38.92 55.98 -6.29
CA ASP J 152 -38.07 56.65 -7.26
C ASP J 152 -36.80 55.83 -7.46
N CYS J 153 -36.41 55.64 -8.72
CA CYS J 153 -35.14 55.01 -9.05
C CYS J 153 -34.43 55.76 -10.18
N SER J 154 -34.85 56.99 -10.49
CA SER J 154 -34.30 57.70 -11.63
C SER J 154 -32.81 57.97 -11.47
N ALA J 155 -32.37 58.23 -10.24
CA ALA J 155 -30.95 58.49 -9.99
C ALA J 155 -30.10 57.30 -10.43
N LEU J 156 -30.49 56.10 -10.02
CA LEU J 156 -29.74 54.92 -10.41
C LEU J 156 -29.85 54.68 -11.91
N MET J 157 -30.98 55.03 -12.53
CA MET J 157 -31.12 54.86 -13.96
C MET J 157 -30.11 55.73 -14.71
N SER J 158 -29.94 56.98 -14.27
CA SER J 158 -28.93 57.82 -14.89
C SER J 158 -27.54 57.23 -14.70
N GLU J 159 -27.27 56.66 -13.52
CA GLU J 159 -25.97 56.02 -13.30
C GLU J 159 -25.76 54.84 -14.26
N ILE J 160 -26.78 54.03 -14.46
CA ILE J 160 -26.67 52.88 -15.36
C ILE J 160 -26.38 53.34 -16.78
N ALA J 161 -27.13 54.36 -17.23
CA ALA J 161 -26.87 54.95 -18.53
C ALA J 161 -25.44 55.45 -18.63
N GLY J 162 -24.92 56.03 -17.55
CA GLY J 162 -23.53 56.50 -17.57
C GLY J 162 -22.55 55.36 -17.79
N TYR J 163 -22.78 54.22 -17.15
CA TYR J 163 -21.87 53.09 -17.34
C TYR J 163 -21.90 52.62 -18.79
N PHE J 164 -23.11 52.46 -19.35
CA PHE J 164 -23.21 52.04 -20.74
C PHE J 164 -22.52 53.03 -21.66
N ASP J 165 -22.68 54.33 -21.40
CA ASP J 165 -22.02 55.36 -22.20
C ASP J 165 -20.50 55.23 -22.11
N ARG J 166 -19.98 54.99 -20.91
CA ARG J 166 -18.53 54.86 -20.76
C ARG J 166 -18.02 53.72 -21.62
N ALA J 167 -18.72 52.58 -21.60
CA ALA J 167 -18.31 51.46 -22.43
C ALA J 167 -18.35 51.83 -23.90
N ALA J 168 -19.44 52.45 -24.35
CA ALA J 168 -19.59 52.78 -25.75
C ALA J 168 -18.49 53.72 -26.21
N ALA J 169 -18.15 54.71 -25.39
CA ALA J 169 -17.11 55.66 -25.76
C ALA J 169 -15.73 55.01 -25.75
N ALA J 170 -15.50 54.07 -24.83
CA ALA J 170 -14.18 53.44 -24.75
C ALA J 170 -13.96 52.44 -25.88
N VAL J 171 -15.02 51.81 -26.37
CA VAL J 171 -14.83 50.79 -27.40
C VAL J 171 -14.74 51.40 -28.79
N ALA J 172 -15.30 52.58 -29.00
CA ALA J 172 -15.21 53.25 -30.30
C ALA J 172 -14.16 54.35 -30.24
N MET K 1 -21.82 19.78 -1.05
CA MET K 1 -22.47 20.61 -2.05
C MET K 1 -22.06 22.07 -1.91
N LYS K 2 -22.43 22.88 -2.91
CA LYS K 2 -22.09 24.30 -2.93
C LYS K 2 -23.12 25.08 -2.10
N THR K 3 -23.02 24.89 -0.80
CA THR K 3 -23.84 25.50 0.25
C THR K 3 -23.13 26.72 0.80
N PRO K 4 -23.84 27.82 1.10
CA PRO K 4 -23.16 29.05 1.52
C PRO K 4 -22.06 28.84 2.56
N ILE K 5 -22.36 28.11 3.63
CA ILE K 5 -21.38 27.88 4.68
C ILE K 5 -20.13 27.21 4.11
N THR K 6 -20.33 26.12 3.37
CA THR K 6 -19.20 25.38 2.83
C THR K 6 -18.46 26.18 1.79
N GLU K 7 -19.16 27.00 1.01
CA GLU K 7 -18.47 27.83 0.03
C GLU K 7 -17.54 28.82 0.71
N ALA K 8 -18.00 29.45 1.79
CA ALA K 8 -17.12 30.34 2.53
C ALA K 8 -15.92 29.60 3.10
N ILE K 9 -16.17 28.41 3.67
CA ILE K 9 -15.08 27.62 4.24
C ILE K 9 -14.05 27.28 3.17
N ALA K 10 -14.51 26.86 1.99
CA ALA K 10 -13.60 26.50 0.92
C ALA K 10 -12.81 27.70 0.44
N ALA K 11 -13.47 28.87 0.34
CA ALA K 11 -12.76 30.07 -0.06
C ALA K 11 -11.64 30.40 0.92
N ALA K 12 -11.90 30.22 2.20
CA ALA K 12 -10.83 30.45 3.19
C ALA K 12 -9.77 29.36 3.11
N ASP K 13 -10.16 28.13 2.77
CA ASP K 13 -9.20 27.03 2.79
C ASP K 13 -8.22 27.13 1.64
N THR K 14 -8.68 27.57 0.48
CA THR K 14 -7.78 27.71 -0.65
C THR K 14 -6.71 28.77 -0.42
N GLN K 15 -6.94 29.70 0.51
CA GLN K 15 -5.94 30.68 0.88
C GLN K 15 -5.30 30.41 2.22
N GLY K 16 -5.66 29.29 2.87
CA GLY K 16 -5.01 28.89 4.10
C GLY K 16 -5.11 29.89 5.23
N ARG K 17 -6.25 30.56 5.34
CA ARG K 17 -6.45 31.60 6.34
C ARG K 17 -7.60 31.21 7.26
N PHE K 18 -7.51 31.67 8.51
CA PHE K 18 -8.62 31.48 9.44
C PHE K 18 -9.85 32.23 8.94
N LEU K 19 -11.02 31.74 9.35
CA LEU K 19 -12.27 32.37 8.94
C LEU K 19 -12.37 33.78 9.50
N SER K 20 -12.24 34.78 8.64
CA SER K 20 -12.32 36.17 9.09
C SER K 20 -13.78 36.59 9.21
N ASN K 21 -13.98 37.81 9.72
CA ASN K 21 -15.32 38.26 10.05
C ASN K 21 -16.22 38.39 8.82
N THR K 22 -15.66 38.50 7.63
CA THR K 22 -16.49 38.55 6.42
C THR K 22 -17.31 37.27 6.27
N GLU K 23 -16.62 36.12 6.34
CA GLU K 23 -17.32 34.84 6.24
C GLU K 23 -18.30 34.66 7.38
N LEU K 24 -17.92 35.06 8.58
CA LEU K 24 -18.81 34.92 9.73
C LEU K 24 -20.08 35.75 9.54
N GLN K 25 -19.94 36.97 9.02
CA GLN K 25 -21.11 37.77 8.72
C GLN K 25 -22.00 37.09 7.69
N ALA K 26 -21.39 36.50 6.67
CA ALA K 26 -22.20 35.79 5.66
C ALA K 26 -23.01 34.66 6.30
N VAL K 27 -22.36 33.84 7.12
CA VAL K 27 -23.08 32.73 7.74
C VAL K 27 -24.16 33.26 8.69
N ASP K 28 -23.90 34.39 9.33
CA ASP K 28 -24.93 34.99 10.18
C ASP K 28 -26.16 35.36 9.36
N GLY K 29 -25.95 35.95 8.20
CA GLY K 29 -27.08 36.25 7.32
C GLY K 29 -27.84 34.99 6.95
N ARG K 30 -27.11 33.90 6.69
CA ARG K 30 -27.76 32.63 6.39
C ARG K 30 -28.64 32.19 7.55
N PHE K 31 -28.14 32.26 8.78
CA PHE K 31 -28.93 31.85 9.93
C PHE K 31 -30.14 32.76 10.11
N LYS K 32 -29.99 34.05 9.82
CA LYS K 32 -31.10 34.97 9.97
C LYS K 32 -32.21 34.66 8.96
N ARG K 33 -31.84 34.24 7.75
CA ARG K 33 -32.85 33.86 6.76
C ARG K 33 -33.38 32.46 6.96
N ALA K 34 -32.70 31.64 7.77
CA ALA K 34 -33.07 30.24 7.89
C ALA K 34 -34.45 30.04 8.51
N VAL K 35 -34.90 30.96 9.37
CA VAL K 35 -36.22 30.80 9.98
C VAL K 35 -37.30 30.77 8.89
N ALA K 36 -37.29 31.77 8.02
CA ALA K 36 -38.23 31.80 6.91
C ALA K 36 -38.01 30.62 5.97
N SER K 37 -36.74 30.28 5.74
CA SER K 37 -36.46 29.16 4.83
C SER K 37 -37.12 27.87 5.33
N MET K 38 -36.93 27.56 6.61
CA MET K 38 -37.51 26.34 7.16
C MET K 38 -39.03 26.39 7.13
N GLU K 39 -39.62 27.56 7.44
CA GLU K 39 -41.07 27.66 7.36
C GLU K 39 -41.57 27.30 5.96
N ALA K 40 -40.92 27.88 4.94
CA ALA K 40 -41.33 27.62 3.56
C ALA K 40 -41.15 26.15 3.19
N ALA K 41 -40.05 25.55 3.63
CA ALA K 41 -39.81 24.15 3.29
C ALA K 41 -40.87 23.25 3.92
N ARG K 42 -41.21 23.49 5.19
CA ARG K 42 -42.24 22.69 5.82
C ARG K 42 -43.57 22.85 5.10
N ALA K 43 -43.91 24.08 4.71
CA ALA K 43 -45.16 24.28 4.00
C ALA K 43 -45.19 23.52 2.67
N LEU K 44 -44.08 23.56 1.92
CA LEU K 44 -44.06 22.86 0.64
C LEU K 44 -44.18 21.35 0.82
N THR K 45 -43.47 20.80 1.81
CA THR K 45 -43.48 19.34 1.93
C THR K 45 -44.79 18.82 2.53
N ASN K 46 -45.46 19.60 3.38
CA ASN K 46 -46.72 19.13 3.93
C ASN K 46 -47.82 19.10 2.89
N ASN K 47 -47.71 19.93 1.85
CA ASN K 47 -48.68 20.00 0.77
C ASN K 47 -48.13 19.40 -0.52
N ALA K 48 -47.14 18.53 -0.41
CA ALA K 48 -46.41 18.07 -1.58
C ALA K 48 -47.30 17.28 -2.53
N GLN K 49 -48.20 16.46 -1.99
CA GLN K 49 -49.02 15.60 -2.83
C GLN K 49 -49.88 16.42 -3.79
N SER K 50 -50.50 17.48 -3.29
CA SER K 50 -51.29 18.32 -4.16
C SER K 50 -50.42 18.92 -5.26
N LEU K 51 -49.23 19.38 -4.90
CA LEU K 51 -48.38 20.05 -5.88
C LEU K 51 -47.78 19.09 -6.89
N ILE K 52 -47.70 17.80 -6.58
CA ILE K 52 -47.18 16.85 -7.56
C ILE K 52 -48.28 16.36 -8.49
N ASP K 53 -49.41 15.94 -7.93
CA ASP K 53 -50.48 15.44 -8.80
C ASP K 53 -51.09 16.57 -9.63
N GLY K 54 -51.30 17.74 -9.04
CA GLY K 54 -51.82 18.86 -9.80
C GLY K 54 -50.90 19.27 -10.93
N ALA K 55 -49.59 19.26 -10.67
CA ALA K 55 -48.64 19.61 -11.73
C ALA K 55 -48.70 18.60 -12.86
N ALA K 56 -48.83 17.31 -12.52
CA ALA K 56 -49.00 16.31 -13.55
C ALA K 56 -50.22 16.62 -14.43
N GLN K 57 -51.35 16.91 -13.79
CA GLN K 57 -52.54 17.22 -14.59
C GLN K 57 -52.37 18.50 -15.38
N ALA K 58 -51.62 19.47 -14.83
CA ALA K 58 -51.41 20.73 -15.53
C ALA K 58 -50.63 20.52 -16.81
N VAL K 59 -49.58 19.70 -16.77
CA VAL K 59 -48.85 19.46 -18.00
C VAL K 59 -49.68 18.63 -18.97
N TYR K 60 -50.52 17.71 -18.45
CA TYR K 60 -51.41 16.98 -19.34
C TYR K 60 -52.36 17.92 -20.07
N GLN K 61 -52.82 18.98 -19.39
CA GLN K 61 -53.74 19.92 -20.04
C GLN K 61 -53.01 20.86 -20.99
N LYS K 62 -51.86 21.39 -20.59
CA LYS K 62 -51.12 22.28 -21.48
C LYS K 62 -50.60 21.55 -22.70
N PHE K 63 -50.30 20.26 -22.57
CA PHE K 63 -49.82 19.44 -23.67
C PHE K 63 -50.70 18.19 -23.74
N PRO K 64 -51.83 18.27 -24.44
CA PRO K 64 -52.62 17.05 -24.65
C PRO K 64 -51.87 15.99 -25.42
N TYR K 65 -51.00 16.41 -26.35
CA TYR K 65 -50.30 15.45 -27.20
C TYR K 65 -49.37 14.55 -26.43
N THR K 66 -48.94 14.96 -25.24
CA THR K 66 -48.03 14.13 -24.46
C THR K 66 -48.73 12.96 -23.79
N THR K 67 -50.06 13.01 -23.63
CA THR K 67 -50.74 11.92 -22.97
C THR K 67 -51.47 11.00 -23.93
N THR K 68 -51.32 11.23 -25.23
CA THR K 68 -51.99 10.43 -26.24
C THR K 68 -51.02 9.77 -27.21
N MET K 69 -50.04 10.52 -27.71
CA MET K 69 -49.15 10.01 -28.74
C MET K 69 -48.45 8.72 -28.30
N GLN K 70 -48.40 7.76 -29.20
CA GLN K 70 -47.70 6.51 -28.92
C GLN K 70 -46.20 6.75 -28.89
N GLY K 71 -45.51 6.08 -27.99
CA GLY K 71 -44.07 6.20 -27.84
C GLY K 71 -43.66 6.14 -26.38
N SER K 72 -42.42 5.70 -26.15
CA SER K 72 -41.94 5.56 -24.78
C SER K 72 -41.76 6.91 -24.10
N GLN K 73 -41.39 7.95 -24.86
CA GLN K 73 -41.20 9.26 -24.25
C GLN K 73 -42.50 9.85 -23.72
N TYR K 74 -43.64 9.37 -24.20
CA TYR K 74 -44.93 9.91 -23.80
C TYR K 74 -45.51 9.13 -22.63
N ALA K 75 -46.48 9.73 -21.96
CA ALA K 75 -47.14 9.11 -20.81
C ALA K 75 -48.49 8.50 -21.17
N SER K 76 -48.65 8.06 -22.42
CA SER K 76 -49.93 7.48 -22.82
C SER K 76 -50.23 6.21 -22.03
N THR K 77 -49.20 5.39 -21.77
CA THR K 77 -49.36 4.20 -20.96
C THR K 77 -49.40 4.57 -19.47
N PRO K 78 -50.02 3.73 -18.64
CA PRO K 78 -49.98 4.00 -17.19
C PRO K 78 -48.58 4.02 -16.63
N GLU K 79 -47.69 3.19 -17.17
CA GLU K 79 -46.29 3.22 -16.77
C GLU K 79 -45.67 4.58 -17.04
N GLY K 80 -46.00 5.18 -18.19
CA GLY K 80 -45.53 6.51 -18.48
C GLY K 80 -46.08 7.54 -17.52
N LYS K 81 -47.34 7.41 -17.12
CA LYS K 81 -47.88 8.31 -16.11
C LYS K 81 -47.09 8.20 -14.82
N ALA K 82 -46.72 6.98 -14.43
CA ALA K 82 -45.91 6.81 -13.23
C ALA K 82 -44.55 7.47 -13.38
N LYS K 83 -43.91 7.33 -14.54
CA LYS K 83 -42.64 8.01 -14.77
C LYS K 83 -42.80 9.52 -14.62
N CYS K 84 -43.86 10.07 -15.20
CA CYS K 84 -44.09 11.50 -15.13
C CYS K 84 -44.26 11.96 -13.69
N ALA K 85 -45.04 11.20 -12.92
CA ALA K 85 -45.22 11.55 -11.51
C ALA K 85 -43.90 11.51 -10.77
N ARG K 86 -43.07 10.50 -11.04
CA ARG K 86 -41.81 10.41 -10.32
C ARG K 86 -40.90 11.57 -10.64
N ASP K 87 -40.85 12.00 -11.90
CA ASP K 87 -39.97 13.11 -12.23
C ASP K 87 -40.45 14.42 -11.61
N ILE K 88 -41.76 14.68 -11.67
CA ILE K 88 -42.27 15.88 -11.01
C ILE K 88 -41.95 15.84 -9.53
N GLY K 89 -42.08 14.66 -8.92
CA GLY K 89 -41.71 14.51 -7.52
C GLY K 89 -40.25 14.81 -7.28
N TYR K 90 -39.38 14.41 -8.22
CA TYR K 90 -37.97 14.73 -8.08
C TYR K 90 -37.76 16.23 -8.03
N TYR K 91 -38.40 16.96 -8.95
CA TYR K 91 -38.22 18.41 -8.96
C TYR K 91 -38.70 19.04 -7.65
N LEU K 92 -39.86 18.61 -7.16
CA LEU K 92 -40.37 19.16 -5.91
C LEU K 92 -39.46 18.82 -4.74
N ARG K 93 -38.96 17.58 -4.70
CA ARG K 93 -38.04 17.18 -3.64
C ARG K 93 -36.79 18.04 -3.66
N MET K 94 -36.25 18.30 -4.85
CA MET K 94 -35.03 19.10 -4.97
C MET K 94 -35.28 20.52 -4.50
N VAL K 95 -36.44 21.09 -4.81
CA VAL K 95 -36.72 22.44 -4.34
C VAL K 95 -36.75 22.47 -2.81
N THR K 96 -37.36 21.46 -2.20
CA THR K 96 -37.34 21.41 -0.73
C THR K 96 -35.92 21.30 -0.20
N TYR K 97 -35.09 20.46 -0.82
CA TYR K 97 -33.71 20.33 -0.39
C TYR K 97 -32.97 21.66 -0.50
N CYS K 98 -33.17 22.36 -1.61
CA CYS K 98 -32.50 23.64 -1.82
C CYS K 98 -32.97 24.67 -0.79
N LEU K 99 -34.26 24.66 -0.47
CA LEU K 99 -34.78 25.58 0.53
C LEU K 99 -34.17 25.32 1.90
N VAL K 100 -34.01 24.05 2.26
CA VAL K 100 -33.42 23.72 3.55
C VAL K 100 -31.94 24.06 3.57
N ALA K 101 -31.23 23.81 2.48
CA ALA K 101 -29.81 24.09 2.44
C ALA K 101 -29.47 25.57 2.33
N GLY K 102 -30.46 26.41 2.04
CA GLY K 102 -30.21 27.84 1.96
C GLY K 102 -29.35 28.29 0.80
N GLY K 103 -29.12 27.43 -0.19
CA GLY K 103 -28.28 27.77 -1.31
C GLY K 103 -28.58 26.84 -2.47
N THR K 104 -27.93 27.12 -3.61
CA THR K 104 -28.19 26.37 -4.83
C THR K 104 -27.57 24.99 -4.84
N GLY K 105 -26.74 24.66 -3.86
CA GLY K 105 -25.97 23.44 -3.84
C GLY K 105 -26.72 22.18 -4.25
N PRO K 106 -27.73 21.79 -3.45
CA PRO K 106 -28.45 20.56 -3.76
C PRO K 106 -29.01 20.53 -5.17
N MET K 107 -29.62 21.65 -5.59
CA MET K 107 -30.24 21.70 -6.91
C MET K 107 -29.22 21.45 -8.00
N ASP K 108 -28.04 22.04 -7.87
CA ASP K 108 -27.02 21.89 -8.90
C ASP K 108 -26.42 20.49 -8.89
N GLU K 109 -26.22 19.91 -7.69
CA GLU K 109 -25.55 18.62 -7.63
C GLU K 109 -26.47 17.49 -8.07
N TYR K 110 -27.73 17.50 -7.65
CA TYR K 110 -28.61 16.38 -7.89
C TYR K 110 -29.60 16.62 -9.01
N LEU K 111 -29.70 17.83 -9.55
CA LEU K 111 -30.57 18.02 -10.70
C LEU K 111 -29.91 18.66 -11.91
N ILE K 112 -29.35 19.86 -11.73
CA ILE K 112 -28.97 20.67 -12.88
C ILE K 112 -27.79 20.04 -13.63
N ALA K 113 -26.92 19.35 -12.89
CA ALA K 113 -25.78 18.69 -13.49
C ALA K 113 -26.19 17.73 -14.60
N GLY K 114 -25.80 18.03 -15.83
CA GLY K 114 -26.12 17.17 -16.94
C GLY K 114 -27.59 17.08 -17.26
N LEU K 115 -28.38 18.08 -16.87
CA LEU K 115 -29.81 18.04 -17.15
C LEU K 115 -30.10 18.16 -18.63
N SER K 116 -29.37 19.03 -19.33
CA SER K 116 -29.56 19.18 -20.76
C SER K 116 -29.25 17.88 -21.50
N GLU K 117 -28.16 17.22 -21.13
CA GLU K 117 -27.78 15.97 -21.79
C GLU K 117 -28.88 14.94 -21.67
N ILE K 118 -29.38 14.73 -20.45
CA ILE K 118 -30.38 13.70 -20.22
C ILE K 118 -31.68 14.04 -20.92
N ASN K 119 -32.10 15.31 -20.89
CA ASN K 119 -33.33 15.66 -21.59
C ASN K 119 -33.17 15.57 -23.09
N SER K 120 -31.96 15.72 -23.62
CA SER K 120 -31.74 15.64 -25.05
C SER K 120 -31.47 14.24 -25.55
N THR K 121 -31.22 13.28 -24.65
CA THR K 121 -30.99 11.91 -25.08
C THR K 121 -32.22 11.02 -24.94
N PHE K 122 -32.94 11.13 -23.83
CA PHE K 122 -34.14 10.35 -23.62
C PHE K 122 -35.40 11.05 -24.09
N ASP K 123 -35.25 12.14 -24.86
CA ASP K 123 -36.38 12.76 -25.56
C ASP K 123 -37.39 13.35 -24.58
N LEU K 124 -36.92 13.88 -23.46
CA LEU K 124 -37.79 14.42 -22.42
C LEU K 124 -37.80 15.94 -22.56
N SER K 125 -38.72 16.44 -23.38
CA SER K 125 -38.74 17.85 -23.73
C SER K 125 -38.80 18.72 -22.48
N PRO K 126 -37.84 19.61 -22.27
CA PRO K 126 -37.81 20.38 -21.01
C PRO K 126 -39.05 21.24 -20.80
N SER K 127 -39.76 21.58 -21.88
CA SER K 127 -40.97 22.39 -21.77
C SER K 127 -41.97 21.76 -20.79
N TRP K 128 -42.08 20.43 -20.80
CA TRP K 128 -42.97 19.76 -19.88
C TRP K 128 -42.67 20.16 -18.44
N TYR K 129 -41.42 19.98 -18.04
CA TYR K 129 -41.05 20.24 -16.66
C TYR K 129 -41.14 21.73 -16.34
N ILE K 130 -40.87 22.61 -17.31
CA ILE K 130 -40.95 24.03 -16.98
C ILE K 130 -42.40 24.44 -16.74
N GLU K 131 -43.34 23.87 -17.50
CA GLU K 131 -44.75 24.15 -17.21
C GLU K 131 -45.12 23.63 -15.82
N ALA K 132 -44.65 22.42 -15.48
CA ALA K 132 -44.97 21.88 -14.15
C ALA K 132 -44.40 22.77 -13.04
N LEU K 133 -43.17 23.23 -13.23
CA LEU K 133 -42.57 24.16 -12.27
C LEU K 133 -43.42 25.42 -12.14
N LYS K 134 -43.95 25.91 -13.25
CA LYS K 134 -44.81 27.10 -13.16
C LYS K 134 -46.04 26.82 -12.31
N TYR K 135 -46.66 25.64 -12.50
CA TYR K 135 -47.81 25.31 -11.67
C TYR K 135 -47.43 25.32 -10.19
N ILE K 136 -46.31 24.67 -9.84
CA ILE K 136 -45.98 24.60 -8.42
C ILE K 136 -45.58 25.98 -7.90
N LYS K 137 -45.06 26.85 -8.76
CA LYS K 137 -44.80 28.21 -8.35
C LYS K 137 -46.10 28.95 -8.05
N ALA K 138 -47.17 28.64 -8.79
CA ALA K 138 -48.41 29.36 -8.62
C ALA K 138 -49.22 28.91 -7.41
N ASN K 139 -49.20 27.60 -7.10
CA ASN K 139 -49.89 27.09 -5.93
C ASN K 139 -48.93 26.82 -4.79
N HIS K 140 -47.79 27.51 -4.77
CA HIS K 140 -46.80 27.29 -3.73
C HIS K 140 -47.39 27.42 -2.34
N GLY K 141 -48.49 28.16 -2.19
CA GLY K 141 -49.11 28.32 -0.89
C GLY K 141 -48.20 28.97 0.12
N LEU K 142 -47.29 29.83 -0.33
CA LEU K 142 -46.34 30.51 0.51
C LEU K 142 -46.58 32.01 0.44
N THR K 143 -46.32 32.70 1.55
CA THR K 143 -46.55 34.12 1.68
C THR K 143 -45.31 34.76 2.26
N GLY K 144 -45.24 36.09 2.16
CA GLY K 144 -44.12 36.81 2.72
C GLY K 144 -42.79 36.41 2.10
N GLN K 145 -41.74 36.62 2.90
CA GLN K 145 -40.40 36.27 2.43
C GLN K 145 -40.29 34.78 2.16
N ALA K 146 -41.02 33.96 2.91
CA ALA K 146 -41.06 32.52 2.61
C ALA K 146 -41.39 32.29 1.15
N ALA K 147 -42.43 32.99 0.68
CA ALA K 147 -42.79 32.91 -0.73
C ALA K 147 -41.64 33.35 -1.61
N VAL K 148 -41.07 34.53 -1.32
CA VAL K 148 -40.14 35.10 -2.30
C VAL K 148 -38.94 34.17 -2.49
N GLU K 149 -38.35 33.68 -1.38
CA GLU K 149 -37.17 32.83 -1.53
C GLU K 149 -37.52 31.56 -2.27
N ALA K 150 -38.65 30.92 -1.92
CA ALA K 150 -39.00 29.69 -2.61
C ALA K 150 -39.17 29.93 -4.10
N ASN K 151 -39.90 30.99 -4.46
CA ASN K 151 -40.13 31.26 -5.87
C ASN K 151 -38.83 31.56 -6.58
N ALA K 152 -37.89 32.22 -5.90
CA ALA K 152 -36.58 32.45 -6.49
C ALA K 152 -35.93 31.14 -6.89
N TYR K 153 -35.92 30.16 -5.98
CA TYR K 153 -35.29 28.88 -6.33
C TYR K 153 -36.03 28.19 -7.46
N ILE K 154 -37.36 28.23 -7.43
CA ILE K 154 -38.13 27.66 -8.54
C ILE K 154 -37.73 28.31 -9.85
N ASP K 155 -37.59 29.63 -9.83
CA ASP K 155 -37.18 30.37 -11.02
C ASP K 155 -35.79 29.94 -11.47
N TYR K 156 -34.90 29.70 -10.52
CA TYR K 156 -33.59 29.16 -10.87
C TYR K 156 -33.75 27.90 -11.69
N ALA K 157 -34.60 26.99 -11.21
CA ALA K 157 -34.81 25.74 -11.93
C ALA K 157 -35.32 26.00 -13.34
N ILE K 158 -36.33 26.86 -13.48
CA ILE K 158 -36.89 27.07 -14.81
C ILE K 158 -35.82 27.66 -15.73
N ASN K 159 -35.05 28.63 -15.24
CA ASN K 159 -33.99 29.20 -16.05
C ASN K 159 -32.93 28.16 -16.39
N ALA K 160 -32.74 27.18 -15.52
CA ALA K 160 -31.76 26.13 -15.78
C ALA K 160 -32.26 25.17 -16.85
N LEU K 161 -33.57 24.89 -16.86
CA LEU K 161 -34.14 24.06 -17.91
C LEU K 161 -34.00 24.73 -19.27
N SER K 162 -34.23 26.03 -19.32
CA SER K 162 -34.18 26.77 -20.56
C SER K 162 -32.96 27.69 -20.57
N MET L 1 -17.56 17.78 1.12
CA MET L 1 -17.69 18.66 2.28
C MET L 1 -19.15 18.92 2.57
N LEU L 2 -19.62 18.45 3.73
CA LEU L 2 -21.03 18.56 4.11
C LEU L 2 -21.16 19.36 5.38
N ASP L 3 -21.86 20.48 5.31
CA ASP L 3 -22.27 21.17 6.52
C ASP L 3 -23.52 20.52 7.07
N ALA L 4 -24.01 21.02 8.20
CA ALA L 4 -25.13 20.37 8.90
C ALA L 4 -26.34 20.25 7.99
N PHE L 5 -26.77 21.37 7.41
CA PHE L 5 -27.94 21.36 6.55
C PHE L 5 -27.71 20.45 5.34
N ALA L 6 -26.51 20.52 4.76
CA ALA L 6 -26.20 19.66 3.62
C ALA L 6 -26.20 18.20 4.04
N LYS L 7 -25.72 17.89 5.24
CA LYS L 7 -25.72 16.51 5.70
C LYS L 7 -27.14 15.97 5.78
N VAL L 8 -28.05 16.74 6.38
CA VAL L 8 -29.42 16.29 6.47
C VAL L 8 -30.02 16.11 5.09
N VAL L 9 -29.77 17.07 4.18
CA VAL L 9 -30.33 16.97 2.83
C VAL L 9 -29.80 15.74 2.12
N ALA L 10 -28.49 15.47 2.25
CA ALA L 10 -27.90 14.34 1.55
C ALA L 10 -28.45 13.02 2.05
N GLN L 11 -28.58 12.87 3.36
CA GLN L 11 -29.13 11.62 3.87
C GLN L 11 -30.61 11.48 3.56
N ALA L 12 -31.32 12.60 3.34
CA ALA L 12 -32.69 12.48 2.86
C ALA L 12 -32.76 12.14 1.39
N ASP L 13 -31.78 12.60 0.61
CA ASP L 13 -31.78 12.35 -0.82
C ASP L 13 -31.42 10.91 -1.12
N ALA L 14 -30.51 10.33 -0.34
CA ALA L 14 -30.16 8.93 -0.55
C ALA L 14 -31.37 8.03 -0.34
N ARG L 15 -32.17 8.31 0.68
CA ARG L 15 -33.38 7.53 0.92
C ARG L 15 -34.51 7.91 -0.03
N GLY L 16 -34.44 9.08 -0.64
CA GLY L 16 -35.44 9.49 -1.62
C GLY L 16 -36.76 9.96 -1.05
N GLU L 17 -36.78 10.44 0.19
CA GLU L 17 -38.00 10.88 0.84
C GLU L 17 -37.89 12.33 1.22
N PHE L 18 -39.00 13.07 1.06
CA PHE L 18 -39.05 14.45 1.51
C PHE L 18 -38.63 14.55 2.97
N LEU L 19 -37.98 15.66 3.31
CA LEU L 19 -37.53 15.90 4.68
C LEU L 19 -38.67 15.68 5.67
N THR L 20 -38.45 14.80 6.63
CA THR L 20 -39.46 14.50 7.63
C THR L 20 -39.50 15.60 8.69
N ASN L 21 -40.60 15.65 9.43
CA ASN L 21 -40.79 16.71 10.41
C ASN L 21 -39.70 16.69 11.48
N ALA L 22 -39.27 15.49 11.88
CA ALA L 22 -38.22 15.38 12.88
C ALA L 22 -36.94 16.08 12.41
N GLN L 23 -36.53 15.81 11.17
CA GLN L 23 -35.34 16.44 10.63
C GLN L 23 -35.51 17.96 10.58
N PHE L 24 -36.70 18.42 10.19
CA PHE L 24 -37.01 19.84 10.17
C PHE L 24 -36.71 20.48 11.52
N ASP L 25 -37.27 19.91 12.58
CA ASP L 25 -37.08 20.52 13.89
C ASP L 25 -35.63 20.46 14.34
N ALA L 26 -34.92 19.38 14.01
CA ALA L 26 -33.51 19.31 14.36
C ALA L 26 -32.75 20.49 13.75
N LEU L 27 -32.97 20.74 12.46
CA LEU L 27 -32.30 21.86 11.82
C LEU L 27 -32.74 23.19 12.43
N SER L 28 -34.02 23.30 12.79
CA SER L 28 -34.47 24.53 13.43
C SER L 28 -33.76 24.77 14.74
N ASN L 29 -33.54 23.70 15.51
CA ASN L 29 -32.78 23.83 16.74
C ASN L 29 -31.37 24.31 16.46
N LEU L 30 -30.75 23.79 15.40
CA LEU L 30 -29.41 24.26 15.07
C LEU L 30 -29.40 25.74 14.72
N VAL L 31 -30.42 26.21 13.99
CA VAL L 31 -30.48 27.63 13.66
C VAL L 31 -30.72 28.47 14.90
N LYS L 32 -31.52 27.96 15.84
CA LYS L 32 -31.87 28.74 17.02
C LYS L 32 -30.62 29.09 17.84
N GLU L 33 -29.70 28.14 17.97
CA GLU L 33 -28.47 28.37 18.72
C GLU L 33 -27.28 28.67 17.80
N GLY L 34 -27.55 29.15 16.58
CA GLY L 34 -26.45 29.42 15.66
C GLY L 34 -25.56 30.57 16.09
N ASN L 35 -26.16 31.60 16.71
CA ASN L 35 -25.37 32.74 17.15
C ASN L 35 -24.28 32.31 18.12
N LYS L 36 -24.57 31.33 18.98
CA LYS L 36 -23.55 30.80 19.87
C LYS L 36 -22.39 30.21 19.07
N ARG L 37 -22.70 29.44 18.03
CA ARG L 37 -21.68 28.82 17.21
C ARG L 37 -20.78 29.89 16.60
N LEU L 38 -21.38 30.93 16.04
CA LEU L 38 -20.60 32.01 15.44
C LEU L 38 -19.74 32.71 16.48
N ASP L 39 -20.28 32.94 17.68
CA ASP L 39 -19.49 33.56 18.73
C ASP L 39 -18.25 32.74 19.04
N ALA L 40 -18.42 31.42 19.16
CA ALA L 40 -17.30 30.57 19.51
C ALA L 40 -16.21 30.62 18.45
N VAL L 41 -16.61 30.50 17.18
CA VAL L 41 -15.58 30.53 16.14
C VAL L 41 -14.90 31.89 16.10
N ASN L 42 -15.65 32.96 16.37
CA ASN L 42 -15.05 34.29 16.39
C ASN L 42 -14.00 34.40 17.48
N ARG L 43 -14.30 33.88 18.68
CA ARG L 43 -13.34 33.99 19.78
C ARG L 43 -12.06 33.21 19.46
N ILE L 44 -12.21 31.96 19.03
CA ILE L 44 -11.02 31.15 18.79
C ILE L 44 -10.18 31.78 17.67
N THR L 45 -10.82 32.21 16.59
CA THR L 45 -10.04 32.77 15.49
C THR L 45 -9.40 34.09 15.90
N SER L 46 -10.01 34.84 16.82
CA SER L 46 -9.41 36.10 17.22
C SER L 46 -8.12 35.89 17.98
N ASN L 47 -8.02 34.80 18.76
CA ASN L 47 -6.81 34.60 19.54
C ASN L 47 -5.95 33.41 19.09
N ALA L 48 -6.12 32.99 17.82
CA ALA L 48 -5.38 31.84 17.29
C ALA L 48 -3.89 31.88 17.61
N SER L 49 -3.22 32.99 17.33
CA SER L 49 -1.77 33.03 17.46
C SER L 49 -1.33 32.77 18.90
N THR L 50 -1.99 33.44 19.85
CA THR L 50 -1.64 33.23 21.25
C THR L 50 -1.96 31.82 21.70
N ILE L 51 -3.08 31.27 21.21
CA ILE L 51 -3.44 29.90 21.56
C ILE L 51 -2.31 28.95 21.17
N VAL L 52 -1.88 29.04 19.91
CA VAL L 52 -0.86 28.13 19.41
C VAL L 52 0.46 28.35 20.15
N ALA L 53 0.84 29.60 20.38
CA ALA L 53 2.12 29.86 21.01
C ALA L 53 2.16 29.33 22.44
N ASN L 54 1.11 29.60 23.23
CA ASN L 54 1.09 29.13 24.60
C ASN L 54 1.10 27.61 24.65
N ALA L 55 0.27 26.97 23.81
CA ALA L 55 0.26 25.51 23.81
C ALA L 55 1.61 24.95 23.39
N ALA L 56 2.32 25.63 22.49
CA ALA L 56 3.63 25.16 22.07
C ALA L 56 4.63 25.22 23.21
N ARG L 57 4.65 26.34 23.93
CA ARG L 57 5.54 26.43 25.09
C ARG L 57 5.25 25.31 26.06
N ALA L 58 3.97 25.04 26.33
CA ALA L 58 3.62 23.95 27.24
C ALA L 58 4.10 22.60 26.70
N LEU L 59 3.92 22.36 25.40
CA LEU L 59 4.31 21.07 24.84
C LEU L 59 5.80 20.84 24.98
N PHE L 60 6.59 21.87 24.71
CA PHE L 60 8.03 21.68 24.81
C PHE L 60 8.51 21.64 26.26
N ALA L 61 7.72 22.18 27.18
CA ALA L 61 8.08 22.01 28.59
C ALA L 61 7.75 20.61 29.08
N GLU L 62 6.66 20.01 28.60
CA GLU L 62 6.25 18.69 29.09
C GLU L 62 6.99 17.56 28.39
N GLN L 63 7.46 17.78 27.16
CA GLN L 63 8.16 16.76 26.39
C GLN L 63 9.46 17.35 25.87
N PRO L 64 10.48 17.46 26.72
CA PRO L 64 11.71 18.15 26.31
C PRO L 64 12.44 17.45 25.18
N GLN L 65 12.17 16.18 24.92
CA GLN L 65 12.89 15.47 23.88
C GLN L 65 12.75 16.17 22.53
N LEU L 66 11.67 16.92 22.33
CA LEU L 66 11.51 17.66 21.09
C LEU L 66 12.59 18.73 20.95
N ILE L 67 12.77 19.56 21.98
CA ILE L 67 13.76 20.64 21.87
C ILE L 67 15.17 20.08 21.92
N GLN L 68 15.37 18.94 22.58
CA GLN L 68 16.71 18.39 22.71
C GLN L 68 17.26 17.94 21.36
N PRO L 69 18.57 18.06 21.15
CA PRO L 69 19.13 17.88 19.80
C PRO L 69 18.95 16.47 19.27
N GLY L 70 18.82 16.38 17.94
CA GLY L 70 18.57 15.14 17.27
C GLY L 70 17.12 14.71 17.26
N GLY L 71 16.23 15.50 17.84
CA GLY L 71 14.83 15.15 17.90
C GLY L 71 14.07 15.66 16.70
N MEN L 72 12.75 15.65 16.79
CA MEN L 72 11.94 16.13 15.68
C MEN L 72 11.58 17.60 15.66
O MEN L 72 11.30 18.14 14.60
CB MEN L 72 10.65 15.33 15.59
CG MEN L 72 10.16 15.35 14.16
OD1 MEN L 72 9.02 15.74 13.89
ND2 MEN L 72 11.02 14.95 13.25
CE2 MEN L 72 10.46 15.01 11.86
N ALA L 73 11.59 18.26 16.82
CA ALA L 73 11.31 19.69 16.88
C ALA L 73 12.55 20.48 17.22
N TYR L 74 13.66 20.11 16.61
CA TYR L 74 14.93 20.78 16.79
C TYR L 74 15.38 21.33 15.44
N THR L 75 16.37 22.23 15.46
CA THR L 75 17.00 22.90 14.29
C THR L 75 16.25 24.11 13.74
N ASN L 76 15.20 24.58 14.39
CA ASN L 76 14.56 25.86 14.12
C ASN L 76 13.77 25.89 12.81
N ARG L 77 14.02 24.95 11.91
CA ARG L 77 13.11 24.87 10.78
C ARG L 77 12.05 23.83 11.06
N ARG L 78 12.44 22.76 11.74
CA ARG L 78 11.45 21.80 12.22
C ARG L 78 10.62 22.41 13.33
N MET L 79 11.17 23.36 14.08
CA MET L 79 10.33 24.13 15.01
C MET L 79 9.26 24.89 14.26
N ALA L 80 9.64 25.52 13.15
CA ALA L 80 8.65 26.21 12.33
C ALA L 80 7.61 25.24 11.81
N ALA L 81 8.04 24.06 11.38
CA ALA L 81 7.10 23.08 10.88
C ALA L 81 6.14 22.65 11.97
N CYS L 82 6.64 22.45 13.19
CA CYS L 82 5.77 22.02 14.28
C CYS L 82 4.73 23.08 14.60
N LEU L 83 5.14 24.34 14.64
CA LEU L 83 4.17 25.40 14.86
C LEU L 83 3.16 25.46 13.73
N ARG L 84 3.63 25.29 12.49
CA ARG L 84 2.74 25.30 11.34
C ARG L 84 1.68 24.21 11.45
N ASP L 85 2.10 23.01 11.82
CA ASP L 85 1.17 21.88 11.86
C ASP L 85 0.38 21.79 13.14
N MET L 86 0.67 22.64 14.14
CA MET L 86 -0.32 22.84 15.19
C MET L 86 -1.38 23.84 14.76
N GLU L 87 -0.96 24.96 14.18
CA GLU L 87 -1.95 25.95 13.78
C GLU L 87 -2.84 25.42 12.65
N ILE L 88 -2.31 24.52 11.82
CA ILE L 88 -3.12 23.92 10.76
C ILE L 88 -4.29 23.15 11.37
N ILE L 89 -3.99 22.36 12.40
CA ILE L 89 -5.04 21.58 13.05
C ILE L 89 -6.04 22.53 13.72
N LEU L 90 -5.55 23.59 14.33
CA LEU L 90 -6.48 24.57 14.90
C LEU L 90 -7.38 25.15 13.82
N ARG L 91 -6.82 25.46 12.65
CA ARG L 91 -7.58 26.05 11.58
C ARG L 91 -8.68 25.12 11.10
N TYR L 92 -8.33 23.85 10.85
CA TYR L 92 -9.34 22.91 10.36
C TYR L 92 -10.39 22.63 11.42
N VAL L 93 -10.02 22.65 12.70
CA VAL L 93 -11.02 22.46 13.74
C VAL L 93 -11.98 23.65 13.79
N THR L 94 -11.47 24.86 13.58
CA THR L 94 -12.37 26.02 13.54
C THR L 94 -13.33 25.92 12.36
N TYR L 95 -12.82 25.49 11.20
CA TYR L 95 -13.70 25.19 10.07
C TYR L 95 -14.81 24.25 10.52
N ALA L 96 -14.43 23.18 11.22
CA ALA L 96 -15.41 22.19 11.66
C ALA L 96 -16.46 22.81 12.57
N ILE L 97 -16.02 23.65 13.51
CA ILE L 97 -16.96 24.25 14.46
C ILE L 97 -17.97 25.10 13.71
N LEU L 98 -17.50 25.93 12.78
CA LEU L 98 -18.44 26.74 12.02
C LEU L 98 -19.39 25.86 11.22
N ALA L 99 -18.89 24.77 10.65
CA ALA L 99 -19.75 23.88 9.88
C ALA L 99 -20.81 23.23 10.75
N GLY L 100 -20.44 22.81 11.95
CA GLY L 100 -21.31 22.02 12.79
C GLY L 100 -21.16 20.53 12.62
N ASP L 101 -20.25 20.08 11.77
CA ASP L 101 -19.97 18.67 11.57
C ASP L 101 -18.47 18.48 11.43
N SER L 102 -18.01 17.25 11.60
CA SER L 102 -16.59 16.95 11.54
C SER L 102 -16.14 16.56 10.14
N SER L 103 -16.99 16.73 9.14
CA SER L 103 -16.68 16.24 7.80
C SER L 103 -15.43 16.90 7.23
N VAL L 104 -15.34 18.23 7.33
CA VAL L 104 -14.20 18.91 6.74
C VAL L 104 -12.91 18.52 7.47
N LEU L 105 -12.99 18.39 8.79
CA LEU L 105 -11.83 18.06 9.61
C LEU L 105 -11.29 16.67 9.27
N ASP L 106 -12.18 15.74 8.95
CA ASP L 106 -11.78 14.38 8.62
C ASP L 106 -11.51 14.16 7.14
N ASP L 107 -11.90 15.12 6.29
CA ASP L 107 -11.70 14.97 4.86
C ASP L 107 -10.43 15.65 4.38
N ARG L 108 -10.08 16.82 4.91
CA ARG L 108 -8.96 17.57 4.36
C ARG L 108 -7.80 17.74 5.33
N CYS L 109 -7.90 17.28 6.57
CA CYS L 109 -6.77 17.38 7.48
C CYS L 109 -6.35 16.05 8.07
N LEU L 110 -7.29 15.28 8.61
CA LEU L 110 -6.97 14.07 9.36
C LEU L 110 -7.14 12.80 8.52
N ASN L 111 -7.23 12.94 7.21
CA ASN L 111 -7.48 11.80 6.33
C ASN L 111 -6.14 11.24 5.86
N GLY L 112 -5.49 10.51 6.75
CA GLY L 112 -4.19 9.95 6.48
C GLY L 112 -3.02 10.72 7.08
N LEU L 113 -3.30 11.72 7.91
CA LEU L 113 -2.22 12.43 8.60
C LEU L 113 -1.33 11.47 9.36
N ARG L 114 -1.92 10.44 9.95
CA ARG L 114 -1.16 9.47 10.72
C ARG L 114 -0.06 8.84 9.87
N GLU L 115 -0.40 8.43 8.65
CA GLU L 115 0.58 7.78 7.80
C GLU L 115 1.70 8.74 7.40
N THR L 116 1.35 9.99 7.09
CA THR L 116 2.36 10.97 6.71
C THR L 116 3.36 11.17 7.85
N TYR L 117 2.84 11.34 9.07
CA TYR L 117 3.74 11.48 10.21
C TYR L 117 4.59 10.23 10.40
N GLN L 118 3.98 9.04 10.23
CA GLN L 118 4.75 7.81 10.33
C GLN L 118 5.94 7.82 9.41
N ALA L 119 5.72 8.23 8.16
CA ALA L 119 6.81 8.23 7.19
C ALA L 119 7.87 9.26 7.56
N LEU L 120 7.46 10.45 7.98
CA LEU L 120 8.44 11.46 8.31
C LEU L 120 9.26 11.08 9.54
N GLY L 121 8.67 10.32 10.46
CA GLY L 121 9.31 10.01 11.72
C GLY L 121 8.80 10.84 12.87
N THR L 122 8.00 11.86 12.61
CA THR L 122 7.45 12.69 13.66
C THR L 122 6.70 11.82 14.67
N PRO L 123 6.98 11.95 15.96
CA PRO L 123 6.31 11.08 16.95
C PRO L 123 4.82 11.36 16.99
N GLY L 124 4.04 10.31 16.73
CA GLY L 124 2.59 10.47 16.64
C GLY L 124 1.90 10.64 17.97
N SER L 125 2.50 10.16 19.06
CA SER L 125 1.92 10.41 20.37
C SER L 125 2.01 11.89 20.72
N SER L 126 3.13 12.51 20.41
CA SER L 126 3.36 13.88 20.82
C SER L 126 2.40 14.85 20.13
N VAL L 127 2.04 14.59 18.88
CA VAL L 127 1.10 15.49 18.22
C VAL L 127 -0.25 15.43 18.90
N ALA L 128 -0.67 14.25 19.36
CA ALA L 128 -1.91 14.16 20.13
C ALA L 128 -1.81 14.97 21.42
N VAL L 129 -0.67 14.84 22.11
CA VAL L 129 -0.48 15.63 23.33
C VAL L 129 -0.58 17.12 23.02
N ALA L 130 -0.01 17.55 21.90
CA ALA L 130 -0.07 18.96 21.51
C ALA L 130 -1.51 19.38 21.26
N ILE L 131 -2.28 18.55 20.57
CA ILE L 131 -3.68 18.89 20.30
C ILE L 131 -4.44 19.04 21.62
N GLN L 132 -4.14 18.19 22.60
CA GLN L 132 -4.81 18.31 23.89
C GLN L 132 -4.43 19.61 24.60
N LYS L 133 -3.14 19.96 24.55
CA LYS L 133 -2.70 21.24 25.10
C LYS L 133 -3.49 22.38 24.48
N MET L 134 -3.67 22.35 23.16
CA MET L 134 -4.49 23.37 22.53
C MET L 134 -5.95 23.24 22.93
N LYS L 135 -6.41 22.02 23.21
CA LYS L 135 -7.82 21.80 23.52
C LYS L 135 -8.22 22.58 24.76
N ASP L 136 -7.47 22.42 25.85
CA ASP L 136 -7.91 23.08 27.07
C ASP L 136 -7.89 24.60 26.91
N ALA L 137 -6.85 25.13 26.25
CA ALA L 137 -6.74 26.57 26.05
C ALA L 137 -7.92 27.10 25.23
N ALA L 138 -8.23 26.41 24.12
CA ALA L 138 -9.29 26.90 23.24
C ALA L 138 -10.66 26.80 23.89
N ILE L 139 -10.94 25.68 24.57
CA ILE L 139 -12.23 25.56 25.24
C ILE L 139 -12.39 26.65 26.29
N ALA L 140 -11.32 26.92 27.05
CA ALA L 140 -11.41 27.98 28.05
C ALA L 140 -11.64 29.34 27.40
N ILE L 141 -10.92 29.64 26.31
CA ILE L 141 -11.05 30.95 25.70
C ILE L 141 -12.44 31.13 25.10
N ALA L 142 -13.04 30.05 24.60
CA ALA L 142 -14.39 30.16 24.06
C ALA L 142 -15.45 30.23 25.15
N ASN L 143 -15.20 29.58 26.29
CA ASN L 143 -16.16 29.54 27.38
C ASN L 143 -16.00 30.71 28.34
N ASP L 144 -15.07 31.62 28.08
CA ASP L 144 -14.85 32.79 28.90
C ASP L 144 -16.16 33.56 29.10
N PRO L 145 -16.67 33.65 30.33
CA PRO L 145 -18.01 34.21 30.54
C PRO L 145 -18.07 35.73 30.51
N ASN L 146 -16.94 36.42 30.41
CA ASN L 146 -16.91 37.87 30.43
C ASN L 146 -16.58 38.40 29.04
N GLY L 147 -17.35 39.37 28.58
CA GLY L 147 -17.21 39.93 27.26
C GLY L 147 -18.42 39.74 26.37
N ILE L 148 -19.44 38.98 26.79
CA ILE L 148 -20.61 38.72 25.97
C ILE L 148 -21.81 38.50 26.87
N THR L 149 -22.99 38.71 26.31
CA THR L 149 -24.25 38.45 26.98
C THR L 149 -24.27 37.02 27.52
N PRO L 150 -24.48 36.81 28.81
CA PRO L 150 -24.39 35.46 29.37
C PRO L 150 -25.52 34.57 28.92
N GLY L 151 -25.25 33.26 28.97
CA GLY L 151 -26.24 32.29 28.59
C GLY L 151 -25.65 30.89 28.70
N ASP L 152 -26.32 29.93 28.06
CA ASP L 152 -25.78 28.57 27.98
C ASP L 152 -24.86 28.44 26.79
N CYS L 153 -23.70 27.81 27.01
CA CYS L 153 -22.84 27.42 25.91
C CYS L 153 -22.21 26.05 26.16
N SER L 154 -22.66 25.29 27.17
CA SER L 154 -21.99 24.05 27.53
C SER L 154 -22.05 23.03 26.39
N ALA L 155 -23.19 22.93 25.71
CA ALA L 155 -23.35 21.97 24.63
C ALA L 155 -22.34 22.23 23.52
N LEU L 156 -22.21 23.50 23.12
CA LEU L 156 -21.27 23.85 22.07
C LEU L 156 -19.83 23.57 22.50
N MET L 157 -19.52 23.82 23.77
CA MET L 157 -18.19 23.53 24.27
C MET L 157 -17.89 22.04 24.20
N SER L 158 -18.88 21.21 24.57
CA SER L 158 -18.69 19.77 24.43
C SER L 158 -18.47 19.39 22.97
N GLU L 159 -19.19 20.06 22.06
CA GLU L 159 -19.05 19.75 20.64
C GLU L 159 -17.63 20.04 20.14
N ILE L 160 -17.10 21.21 20.48
CA ILE L 160 -15.75 21.54 20.01
C ILE L 160 -14.72 20.64 20.67
N ALA L 161 -14.92 20.29 21.95
CA ALA L 161 -14.07 19.30 22.57
C ALA L 161 -14.09 17.99 21.80
N GLY L 162 -15.27 17.59 21.31
CA GLY L 162 -15.37 16.39 20.52
C GLY L 162 -14.56 16.47 19.24
N TYR L 163 -14.60 17.62 18.56
CA TYR L 163 -13.80 17.77 17.34
C TYR L 163 -12.31 17.62 17.63
N PHE L 164 -11.83 18.36 18.64
CA PHE L 164 -10.43 18.26 19.03
C PHE L 164 -10.04 16.82 19.33
N ASP L 165 -10.89 16.13 20.09
CA ASP L 165 -10.58 14.76 20.47
C ASP L 165 -10.53 13.84 19.27
N ARG L 166 -11.48 14.02 18.34
CA ARG L 166 -11.48 13.20 17.13
C ARG L 166 -10.15 13.35 16.39
N ALA L 167 -9.68 14.58 16.22
CA ALA L 167 -8.41 14.78 15.56
C ALA L 167 -7.26 14.16 16.36
N ALA L 168 -7.25 14.35 17.68
CA ALA L 168 -6.15 13.85 18.49
C ALA L 168 -6.06 12.33 18.43
N ALA L 169 -7.21 11.65 18.44
CA ALA L 169 -7.21 10.20 18.35
C ALA L 169 -6.81 9.74 16.95
N ALA L 170 -7.27 10.45 15.91
CA ALA L 170 -6.97 10.00 14.56
C ALA L 170 -5.49 10.22 14.22
N VAL L 171 -4.85 11.20 14.84
CA VAL L 171 -3.44 11.43 14.53
C VAL L 171 -2.53 10.52 15.33
N ALA L 172 -2.98 10.02 16.47
CA ALA L 172 -2.16 9.11 17.26
C ALA L 172 -2.20 7.72 16.65
N MET M 1 -21.83 -21.39 -1.99
CA MET M 1 -22.90 -22.27 -1.53
C MET M 1 -22.64 -23.72 -1.94
N LYS M 2 -23.50 -24.62 -1.47
CA LYS M 2 -23.31 -26.05 -1.69
C LYS M 2 -24.06 -26.53 -2.95
N THR M 3 -23.71 -25.89 -4.07
CA THR M 3 -24.17 -26.33 -5.37
C THR M 3 -23.34 -27.52 -5.84
N PRO M 4 -23.96 -28.53 -6.46
CA PRO M 4 -23.20 -29.72 -6.88
C PRO M 4 -21.91 -29.39 -7.63
N ILE M 5 -21.99 -28.48 -8.60
CA ILE M 5 -20.82 -28.07 -9.37
C ILE M 5 -19.73 -27.56 -8.44
N THR M 6 -20.08 -26.56 -7.62
CA THR M 6 -19.10 -25.98 -6.72
C THR M 6 -18.62 -26.99 -5.69
N GLU M 7 -19.47 -27.91 -5.27
CA GLU M 7 -19.06 -28.91 -4.29
C GLU M 7 -17.95 -29.78 -4.84
N ALA M 8 -18.11 -30.30 -6.06
CA ALA M 8 -17.05 -31.10 -6.64
C ALA M 8 -15.78 -30.27 -6.84
N ILE M 9 -15.94 -29.02 -7.28
CA ILE M 9 -14.75 -28.19 -7.50
C ILE M 9 -13.99 -27.96 -6.20
N ALA M 10 -14.72 -27.69 -5.11
CA ALA M 10 -14.07 -27.49 -3.81
C ALA M 10 -13.40 -28.76 -3.34
N ALA M 11 -14.04 -29.91 -3.56
CA ALA M 11 -13.43 -31.18 -3.15
C ALA M 11 -12.11 -31.40 -3.86
N ALA M 12 -12.03 -31.04 -5.14
CA ALA M 12 -10.77 -31.17 -5.85
C ALA M 12 -9.78 -30.09 -5.44
N ASP M 13 -10.26 -28.92 -5.05
CA ASP M 13 -9.38 -27.82 -4.68
C ASP M 13 -8.66 -28.09 -3.37
N THR M 14 -9.38 -28.63 -2.37
CA THR M 14 -8.72 -28.92 -1.11
C THR M 14 -7.71 -30.03 -1.23
N GLN M 15 -7.81 -30.87 -2.26
CA GLN M 15 -6.85 -31.94 -2.51
C GLN M 15 -5.88 -31.58 -3.63
N GLY M 16 -5.90 -30.34 -4.10
CA GLY M 16 -4.89 -29.85 -5.02
C GLY M 16 -4.72 -30.68 -6.28
N ARG M 17 -5.83 -31.08 -6.89
CA ARG M 17 -5.82 -31.99 -8.02
C ARG M 17 -6.69 -31.46 -9.13
N PHE M 18 -6.30 -31.75 -10.37
CA PHE M 18 -7.18 -31.46 -11.49
C PHE M 18 -8.44 -32.31 -11.39
N LEU M 19 -9.53 -31.80 -11.94
CA LEU M 19 -10.81 -32.50 -11.90
C LEU M 19 -10.72 -33.82 -12.63
N SER M 20 -10.83 -34.92 -11.89
CA SER M 20 -10.75 -36.25 -12.47
C SER M 20 -12.14 -36.72 -12.89
N ASN M 21 -12.19 -37.92 -13.47
CA ASN M 21 -13.43 -38.42 -14.07
C ASN M 21 -14.56 -38.52 -13.06
N THR M 22 -14.23 -38.72 -11.77
CA THR M 22 -15.26 -38.79 -10.74
C THR M 22 -16.10 -37.52 -10.72
N GLU M 23 -15.44 -36.37 -10.60
CA GLU M 23 -16.14 -35.10 -10.55
C GLU M 23 -16.90 -34.83 -11.84
N LEU M 24 -16.29 -35.17 -12.97
CA LEU M 24 -16.96 -34.96 -14.25
C LEU M 24 -18.23 -35.78 -14.36
N GLN M 25 -18.20 -37.03 -13.89
CA GLN M 25 -19.40 -37.85 -13.89
C GLN M 25 -20.48 -37.24 -13.00
N ALA M 26 -20.08 -36.72 -11.84
CA ALA M 26 -21.05 -36.11 -10.95
C ALA M 26 -21.75 -34.92 -11.63
N VAL M 27 -20.97 -34.04 -12.24
CA VAL M 27 -21.60 -32.88 -12.86
C VAL M 27 -22.43 -33.30 -14.08
N ASP M 28 -22.04 -34.39 -14.75
CA ASP M 28 -22.87 -34.90 -15.83
C ASP M 28 -24.23 -35.33 -15.31
N GLY M 29 -24.26 -36.04 -14.18
CA GLY M 29 -25.54 -36.38 -13.59
C GLY M 29 -26.35 -35.14 -13.26
N ARG M 30 -25.70 -34.10 -12.77
CA ARG M 30 -26.39 -32.85 -12.50
C ARG M 30 -27.04 -32.30 -13.76
N PHE M 31 -26.32 -32.30 -14.88
CA PHE M 31 -26.88 -31.80 -16.12
C PHE M 31 -28.01 -32.68 -16.64
N LYS M 32 -27.91 -34.00 -16.44
CA LYS M 32 -29.01 -34.87 -16.84
C LYS M 32 -30.27 -34.58 -16.05
N ARG M 33 -30.13 -34.32 -14.74
CA ARG M 33 -31.28 -34.00 -13.91
C ARG M 33 -31.79 -32.59 -14.13
N ALA M 34 -30.96 -31.72 -14.71
CA ALA M 34 -31.32 -30.31 -14.84
C ALA M 34 -32.58 -30.10 -15.67
N VAL M 35 -32.86 -30.96 -16.65
CA VAL M 35 -34.04 -30.75 -17.48
C VAL M 35 -35.31 -30.82 -16.63
N ALA M 36 -35.41 -31.85 -15.80
CA ALA M 36 -36.56 -31.96 -14.89
C ALA M 36 -36.54 -30.85 -13.86
N SER M 37 -35.34 -30.49 -13.36
CA SER M 37 -35.29 -29.42 -12.36
C SER M 37 -35.85 -28.11 -12.91
N MET M 38 -35.45 -27.76 -14.13
CA MET M 38 -35.95 -26.55 -14.76
C MET M 38 -37.45 -26.63 -15.00
N GLU M 39 -37.93 -27.79 -15.44
CA GLU M 39 -39.37 -27.98 -15.57
C GLU M 39 -40.08 -27.67 -14.26
N ALA M 40 -39.56 -28.22 -13.16
CA ALA M 40 -40.20 -28.03 -11.85
C ALA M 40 -40.21 -26.56 -11.44
N ALA M 41 -39.08 -25.88 -11.65
CA ALA M 41 -39.01 -24.47 -11.29
C ALA M 41 -40.02 -23.65 -12.09
N ARG M 42 -40.11 -23.91 -13.40
CA ARG M 42 -41.12 -23.24 -14.22
C ARG M 42 -42.51 -23.44 -13.64
N ALA M 43 -42.83 -24.69 -13.30
CA ALA M 43 -44.16 -24.99 -12.80
C ALA M 43 -44.45 -24.22 -11.52
N LEU M 44 -43.50 -24.20 -10.59
CA LEU M 44 -43.74 -23.50 -9.33
C LEU M 44 -43.92 -22.01 -9.54
N THR M 45 -43.09 -21.40 -10.40
CA THR M 45 -43.19 -19.94 -10.53
C THR M 45 -44.41 -19.52 -11.33
N ASN M 46 -44.91 -20.38 -12.23
CA ASN M 46 -46.05 -19.98 -13.03
C ASN M 46 -47.33 -19.90 -12.21
N ASN M 47 -47.46 -20.70 -11.15
CA ASN M 47 -48.61 -20.65 -10.26
C ASN M 47 -48.22 -20.16 -8.87
N ALA M 48 -47.22 -19.28 -8.79
CA ALA M 48 -46.70 -18.85 -7.50
C ALA M 48 -47.76 -18.12 -6.68
N GLN M 49 -48.52 -17.23 -7.32
CA GLN M 49 -49.49 -16.42 -6.58
C GLN M 49 -50.56 -17.29 -5.93
N SER M 50 -51.07 -18.29 -6.66
CA SER M 50 -52.08 -19.17 -6.11
C SER M 50 -51.54 -19.93 -4.91
N LEU M 51 -50.31 -20.44 -5.02
CA LEU M 51 -49.70 -21.17 -3.92
C LEU M 51 -49.54 -20.28 -2.68
N ILE M 52 -49.07 -19.05 -2.90
CA ILE M 52 -48.85 -18.13 -1.79
C ILE M 52 -50.16 -17.85 -1.07
N ASP M 53 -51.20 -17.50 -1.83
CA ASP M 53 -52.49 -17.19 -1.23
C ASP M 53 -53.05 -18.39 -0.47
N GLY M 54 -53.02 -19.56 -1.10
CA GLY M 54 -53.56 -20.75 -0.47
C GLY M 54 -52.84 -21.08 0.82
N ALA M 55 -51.51 -20.95 0.83
CA ALA M 55 -50.75 -21.23 2.05
C ALA M 55 -51.12 -20.25 3.16
N ALA M 56 -51.28 -18.97 2.81
CA ALA M 56 -51.70 -17.99 3.80
C ALA M 56 -53.01 -18.41 4.45
N GLN M 57 -54.00 -18.76 3.63
CA GLN M 57 -55.27 -19.17 4.20
C GLN M 57 -55.13 -20.46 5.00
N ALA M 58 -54.23 -21.35 4.59
CA ALA M 58 -54.04 -22.60 5.32
C ALA M 58 -53.56 -22.34 6.73
N VAL M 59 -52.56 -21.46 6.89
CA VAL M 59 -52.10 -21.19 8.24
C VAL M 59 -53.17 -20.45 9.03
N TYR M 60 -53.98 -19.62 8.36
CA TYR M 60 -55.06 -18.94 9.07
C TYR M 60 -56.10 -19.93 9.58
N GLN M 61 -56.31 -21.03 8.86
CA GLN M 61 -57.25 -22.04 9.34
C GLN M 61 -56.65 -22.91 10.42
N LYS M 62 -55.37 -23.29 10.28
CA LYS M 62 -54.76 -24.16 11.27
C LYS M 62 -54.52 -23.45 12.59
N PHE M 63 -54.24 -22.15 12.55
CA PHE M 63 -54.01 -21.34 13.75
C PHE M 63 -55.00 -20.19 13.73
N PRO M 64 -56.20 -20.38 14.30
CA PRO M 64 -57.16 -19.27 14.33
C PRO M 64 -56.71 -18.12 15.21
N TYR M 65 -55.92 -18.40 16.25
CA TYR M 65 -55.55 -17.36 17.20
C TYR M 65 -54.61 -16.33 16.59
N THR M 66 -53.85 -16.70 15.57
CA THR M 66 -52.96 -15.72 14.94
C THR M 66 -53.72 -14.65 14.19
N THR M 67 -55.02 -14.87 13.91
CA THR M 67 -55.77 -13.85 13.19
C THR M 67 -56.51 -12.91 14.12
N THR M 68 -56.48 -13.14 15.42
CA THR M 68 -57.20 -12.28 16.36
C THR M 68 -56.33 -11.77 17.49
N MET M 69 -55.42 -12.59 18.01
CA MET M 69 -54.65 -12.20 19.19
C MET M 69 -53.85 -10.94 18.91
N GLN M 70 -54.01 -9.93 19.76
CA GLN M 70 -53.34 -8.66 19.54
C GLN M 70 -51.84 -8.79 19.74
N GLY M 71 -51.10 -8.00 18.98
CA GLY M 71 -49.66 -7.97 19.07
C GLY M 71 -49.02 -7.94 17.70
N SER M 72 -47.80 -7.40 17.65
CA SER M 72 -47.11 -7.26 16.37
C SER M 72 -46.76 -8.61 15.77
N GLN M 73 -46.45 -9.60 16.61
CA GLN M 73 -46.03 -10.89 16.07
C GLN M 73 -47.16 -11.61 15.35
N TYR M 74 -48.41 -11.21 15.57
CA TYR M 74 -49.55 -11.85 14.93
C TYR M 74 -50.07 -11.00 13.77
N ALA M 75 -50.79 -11.65 12.87
CA ALA M 75 -51.33 -11.01 11.67
C ALA M 75 -52.78 -10.62 11.83
N SER M 76 -53.17 -10.16 13.02
CA SER M 76 -54.52 -9.67 13.22
C SER M 76 -54.79 -8.41 12.40
N THR M 77 -53.81 -7.52 12.32
CA THR M 77 -53.86 -6.30 11.54
C THR M 77 -53.64 -6.62 10.06
N PRO M 78 -54.24 -5.84 9.14
CA PRO M 78 -53.96 -6.06 7.72
C PRO M 78 -52.49 -5.95 7.36
N GLU M 79 -51.75 -5.05 8.01
CA GLU M 79 -50.32 -4.97 7.78
C GLU M 79 -49.65 -6.30 8.06
N GLY M 80 -50.01 -6.94 9.17
CA GLY M 80 -49.45 -8.25 9.48
C GLY M 80 -49.80 -9.30 8.44
N LYS M 81 -51.02 -9.23 7.91
CA LYS M 81 -51.39 -10.15 6.82
C LYS M 81 -50.48 -9.94 5.63
N ALA M 82 -50.20 -8.69 5.28
CA ALA M 82 -49.28 -8.42 4.19
C ALA M 82 -47.90 -8.99 4.49
N LYS M 83 -47.42 -8.83 5.72
CA LYS M 83 -46.11 -9.37 6.08
C LYS M 83 -46.11 -10.89 5.94
N CYS M 84 -47.19 -11.54 6.38
CA CYS M 84 -47.28 -12.99 6.28
C CYS M 84 -47.22 -13.45 4.84
N ALA M 85 -47.94 -12.75 3.96
CA ALA M 85 -47.88 -13.08 2.55
C ALA M 85 -46.47 -12.90 2.02
N ARG M 86 -45.82 -11.81 2.40
CA ARG M 86 -44.45 -11.56 1.94
C ARG M 86 -43.52 -12.68 2.35
N ASP M 87 -43.63 -13.14 3.59
CA ASP M 87 -42.72 -14.18 4.08
C ASP M 87 -42.95 -15.51 3.37
N ILE M 88 -44.20 -15.94 3.25
CA ILE M 88 -44.42 -17.22 2.58
C ILE M 88 -44.01 -17.12 1.12
N GLY M 89 -44.16 -15.93 0.52
CA GLY M 89 -43.63 -15.73 -0.82
C GLY M 89 -42.13 -15.88 -0.87
N TYR M 90 -41.44 -15.38 0.16
CA TYR M 90 -39.99 -15.58 0.23
C TYR M 90 -39.66 -17.07 0.24
N TYR M 91 -40.37 -17.84 1.04
CA TYR M 91 -40.09 -19.27 1.11
C TYR M 91 -40.28 -19.93 -0.25
N LEU M 92 -41.38 -19.62 -0.93
CA LEU M 92 -41.64 -20.21 -2.23
C LEU M 92 -40.56 -19.80 -3.24
N ARG M 93 -40.16 -18.53 -3.21
CA ARG M 93 -39.14 -18.04 -4.13
C ARG M 93 -37.83 -18.77 -3.91
N MET M 94 -37.48 -19.02 -2.65
CA MET M 94 -36.26 -19.77 -2.38
C MET M 94 -36.38 -21.22 -2.81
N VAL M 95 -37.58 -21.80 -2.73
CA VAL M 95 -37.74 -23.16 -3.24
C VAL M 95 -37.46 -23.20 -4.72
N THR M 96 -37.98 -22.22 -5.46
CA THR M 96 -37.69 -22.18 -6.90
C THR M 96 -36.21 -21.97 -7.16
N TYR M 97 -35.57 -21.12 -6.36
CA TYR M 97 -34.12 -20.93 -6.49
C TYR M 97 -33.38 -22.24 -6.28
N CYS M 98 -33.77 -23.01 -5.27
CA CYS M 98 -33.09 -24.28 -5.01
C CYS M 98 -33.35 -25.28 -6.12
N LEU M 99 -34.57 -25.26 -6.69
CA LEU M 99 -34.85 -26.14 -7.82
C LEU M 99 -33.93 -25.84 -8.98
N VAL M 100 -33.73 -24.55 -9.29
CA VAL M 100 -32.86 -24.20 -10.40
C VAL M 100 -31.41 -24.52 -10.09
N ALA M 101 -30.99 -24.29 -8.84
CA ALA M 101 -29.60 -24.52 -8.48
C ALA M 101 -29.26 -26.00 -8.34
N GLY M 102 -30.26 -26.88 -8.31
CA GLY M 102 -29.99 -28.30 -8.16
C GLY M 102 -29.39 -28.69 -6.83
N GLY M 103 -29.44 -27.80 -5.84
CA GLY M 103 -28.88 -28.08 -4.53
C GLY M 103 -29.54 -27.21 -3.49
N THR M 104 -29.14 -27.44 -2.24
CA THR M 104 -29.67 -26.67 -1.12
C THR M 104 -28.92 -25.38 -0.89
N GLY M 105 -27.90 -25.08 -1.70
CA GLY M 105 -27.08 -23.90 -1.54
C GLY M 105 -27.85 -22.61 -1.29
N PRO M 106 -28.71 -22.22 -2.23
CA PRO M 106 -29.48 -20.98 -2.04
C PRO M 106 -30.26 -20.95 -0.75
N MET M 107 -30.89 -22.07 -0.39
CA MET M 107 -31.70 -22.12 0.82
C MET M 107 -30.84 -21.85 2.04
N ASP M 108 -29.66 -22.45 2.10
CA ASP M 108 -28.78 -22.26 3.24
C ASP M 108 -28.24 -20.84 3.30
N GLU M 109 -27.91 -20.26 2.16
CA GLU M 109 -27.26 -18.95 2.21
C GLU M 109 -28.25 -17.81 2.40
N TYR M 110 -29.52 -18.00 2.02
CA TYR M 110 -30.48 -16.92 2.15
C TYR M 110 -31.57 -17.17 3.18
N LEU M 111 -31.77 -18.40 3.63
CA LEU M 111 -32.80 -18.65 4.63
C LEU M 111 -32.28 -19.34 5.89
N ILE M 112 -31.67 -20.51 5.76
CA ILE M 112 -31.45 -21.37 6.93
C ILE M 112 -30.43 -20.76 7.87
N ALA M 113 -29.42 -20.08 7.31
CA ALA M 113 -28.39 -19.44 8.13
C ALA M 113 -29.02 -18.45 9.10
N GLY M 114 -28.92 -18.73 10.39
CA GLY M 114 -29.46 -17.82 11.38
C GLY M 114 -30.98 -17.76 11.44
N LEU M 115 -31.66 -18.74 10.87
CA LEU M 115 -33.12 -18.74 10.88
C LEU M 115 -33.67 -18.76 12.30
N SER M 116 -33.01 -19.50 13.18
CA SER M 116 -33.45 -19.60 14.57
C SER M 116 -33.44 -18.24 15.26
N GLU M 117 -32.37 -17.47 15.05
CA GLU M 117 -32.24 -16.19 15.73
C GLU M 117 -33.39 -15.27 15.38
N ILE M 118 -33.72 -15.18 14.09
CA ILE M 118 -34.79 -14.28 13.68
C ILE M 118 -36.14 -14.79 14.17
N ASN M 119 -36.41 -16.09 14.00
CA ASN M 119 -37.73 -16.55 14.42
C ASN M 119 -37.89 -16.52 15.93
N SER M 120 -36.80 -16.41 16.68
CA SER M 120 -36.91 -16.27 18.13
C SER M 120 -37.01 -14.81 18.56
N THR M 121 -36.30 -13.91 17.88
CA THR M 121 -36.26 -12.52 18.32
C THR M 121 -37.58 -11.81 18.03
N PHE M 122 -38.15 -12.02 16.85
CA PHE M 122 -39.43 -11.42 16.51
C PHE M 122 -40.61 -12.31 16.90
N ASP M 123 -40.36 -13.36 17.68
CA ASP M 123 -41.42 -14.22 18.23
C ASP M 123 -42.30 -14.80 17.15
N LEU M 124 -41.69 -15.22 16.05
CA LEU M 124 -42.42 -15.83 14.93
C LEU M 124 -42.34 -17.34 15.10
N SER M 125 -43.42 -17.94 15.56
CA SER M 125 -43.41 -19.37 15.86
C SER M 125 -43.09 -20.18 14.62
N PRO M 126 -42.11 -21.08 14.68
CA PRO M 126 -41.76 -21.88 13.49
C PRO M 126 -42.92 -22.72 12.96
N SER M 127 -43.81 -23.16 13.84
CA SER M 127 -44.93 -24.01 13.42
C SER M 127 -45.74 -23.35 12.31
N TRP M 128 -45.86 -22.03 12.35
CA TRP M 128 -46.58 -21.32 11.32
C TRP M 128 -46.01 -21.63 9.95
N TYR M 129 -44.70 -21.43 9.79
CA TYR M 129 -44.08 -21.70 8.50
C TYR M 129 -44.08 -23.18 8.19
N ILE M 130 -44.02 -24.03 9.21
CA ILE M 130 -44.10 -25.48 8.97
C ILE M 130 -45.40 -25.83 8.26
N GLU M 131 -46.51 -25.33 8.80
CA GLU M 131 -47.81 -25.61 8.19
C GLU M 131 -47.90 -25.02 6.78
N ALA M 132 -47.37 -23.80 6.60
CA ALA M 132 -47.40 -23.20 5.27
C ALA M 132 -46.68 -24.06 4.25
N LEU M 133 -45.48 -24.52 4.62
CA LEU M 133 -44.70 -25.33 3.68
C LEU M 133 -45.35 -26.69 3.45
N LYS M 134 -46.06 -27.22 4.45
CA LYS M 134 -46.83 -28.43 4.21
C LYS M 134 -47.89 -28.22 3.15
N TYR M 135 -48.61 -27.09 3.23
CA TYR M 135 -49.59 -26.80 2.19
C TYR M 135 -48.93 -26.72 0.82
N ILE M 136 -47.78 -26.05 0.74
CA ILE M 136 -47.09 -25.95 -0.54
C ILE M 136 -46.69 -27.33 -1.04
N LYS M 137 -46.26 -28.21 -0.14
CA LYS M 137 -45.88 -29.55 -0.54
C LYS M 137 -47.07 -30.35 -1.04
N ALA M 138 -48.27 -30.01 -0.59
CA ALA M 138 -49.44 -30.76 -1.04
C ALA M 138 -50.06 -30.20 -2.31
N ASN M 139 -49.93 -28.90 -2.57
CA ASN M 139 -50.58 -28.27 -3.72
C ASN M 139 -49.58 -27.88 -4.81
N HIS M 140 -48.37 -28.44 -4.79
CA HIS M 140 -47.36 -28.00 -5.73
C HIS M 140 -47.78 -28.23 -7.17
N GLY M 141 -48.64 -29.21 -7.41
CA GLY M 141 -49.11 -29.47 -8.75
C GLY M 141 -48.04 -29.98 -9.70
N LEU M 142 -47.12 -30.80 -9.19
CA LEU M 142 -46.09 -31.44 -9.99
C LEU M 142 -46.36 -32.94 -10.07
N THR M 143 -45.65 -33.59 -10.98
CA THR M 143 -45.78 -35.03 -11.16
C THR M 143 -44.40 -35.62 -11.43
N GLY M 144 -44.23 -36.89 -11.05
CA GLY M 144 -43.03 -37.64 -11.37
C GLY M 144 -41.80 -37.20 -10.59
N GLN M 145 -40.64 -37.43 -11.22
CA GLN M 145 -39.37 -37.08 -10.58
C GLN M 145 -39.29 -35.61 -10.24
N ALA M 146 -39.92 -34.75 -11.05
CA ALA M 146 -39.93 -33.32 -10.75
C ALA M 146 -40.62 -33.07 -9.42
N ALA M 147 -41.76 -33.73 -9.21
CA ALA M 147 -42.45 -33.64 -7.93
C ALA M 147 -41.56 -34.13 -6.81
N VAL M 148 -40.82 -35.22 -7.05
CA VAL M 148 -39.93 -35.74 -6.01
C VAL M 148 -38.91 -34.69 -5.60
N GLU M 149 -38.28 -34.04 -6.59
CA GLU M 149 -37.25 -33.06 -6.29
C GLU M 149 -37.81 -31.89 -5.49
N ALA M 150 -38.92 -31.33 -5.95
CA ALA M 150 -39.49 -30.18 -5.24
C ALA M 150 -39.89 -30.56 -3.83
N ASN M 151 -40.54 -31.73 -3.67
CA ASN M 151 -40.94 -32.20 -2.36
C ASN M 151 -39.73 -32.33 -1.45
N ALA M 152 -38.62 -32.84 -1.98
CA ALA M 152 -37.43 -33.01 -1.16
C ALA M 152 -36.93 -31.68 -0.64
N TYR M 153 -36.88 -30.66 -1.50
CA TYR M 153 -36.36 -29.37 -1.02
C TYR M 153 -37.31 -28.73 -0.02
N ILE M 154 -38.61 -28.83 -0.26
CA ILE M 154 -39.57 -28.29 0.71
C ILE M 154 -39.39 -28.96 2.06
N ASP M 155 -39.24 -30.28 2.07
CA ASP M 155 -39.05 -30.98 3.33
C ASP M 155 -37.72 -30.64 3.98
N TYR M 156 -36.70 -30.35 3.18
CA TYR M 156 -35.45 -29.88 3.76
C TYR M 156 -35.69 -28.61 4.55
N ALA M 157 -36.44 -27.67 3.97
CA ALA M 157 -36.76 -26.45 4.70
C ALA M 157 -37.56 -26.76 5.97
N ILE M 158 -38.53 -27.68 5.86
CA ILE M 158 -39.37 -28.02 7.00
C ILE M 158 -38.51 -28.55 8.14
N ASN M 159 -37.64 -29.51 7.84
CA ASN M 159 -36.80 -30.09 8.87
C ASN M 159 -35.77 -29.10 9.40
N ALA M 160 -35.34 -28.15 8.55
CA ALA M 160 -34.40 -27.13 9.03
C ALA M 160 -35.08 -26.20 10.02
N LEU M 161 -36.34 -25.85 9.76
CA LEU M 161 -37.06 -25.00 10.70
C LEU M 161 -37.36 -25.72 12.00
N SER M 162 -37.62 -27.02 11.92
CA SER M 162 -38.07 -27.81 13.07
C SER M 162 -37.02 -27.94 14.16
N MET N 1 -18.26 -19.21 -3.73
CA MET N 1 -18.20 -19.09 -5.17
C MET N 1 -19.55 -19.37 -5.81
N LEU N 2 -19.78 -18.79 -6.98
CA LEU N 2 -21.03 -18.93 -7.71
C LEU N 2 -20.74 -19.54 -9.07
N ASP N 3 -21.35 -20.68 -9.36
CA ASP N 3 -21.34 -21.20 -10.72
C ASP N 3 -22.44 -20.51 -11.52
N ALA N 4 -22.59 -20.90 -12.78
CA ALA N 4 -23.51 -20.21 -13.67
C ALA N 4 -24.94 -20.22 -13.09
N PHE N 5 -25.43 -21.40 -12.74
CA PHE N 5 -26.75 -21.50 -12.13
C PHE N 5 -26.83 -20.61 -10.90
N ALA N 6 -25.81 -20.69 -10.04
CA ALA N 6 -25.83 -19.91 -8.81
C ALA N 6 -25.80 -18.42 -9.11
N LYS N 7 -25.06 -18.03 -10.15
CA LYS N 7 -24.99 -16.60 -10.48
C LYS N 7 -26.36 -16.06 -10.87
N VAL N 8 -27.08 -16.80 -11.72
CA VAL N 8 -28.39 -16.29 -12.13
C VAL N 8 -29.34 -16.27 -10.92
N VAL N 9 -29.28 -17.29 -10.06
CA VAL N 9 -30.14 -17.31 -8.88
C VAL N 9 -29.81 -16.14 -7.96
N ALA N 10 -28.52 -15.86 -7.77
CA ALA N 10 -28.11 -14.81 -6.85
C ALA N 10 -28.56 -13.45 -7.36
N GLN N 11 -28.42 -13.19 -8.66
CA GLN N 11 -28.91 -11.92 -9.19
C GLN N 11 -30.42 -11.80 -9.00
N ALA N 12 -31.16 -12.88 -9.27
CA ALA N 12 -32.61 -12.83 -9.12
C ALA N 12 -33.00 -12.60 -7.66
N ASP N 13 -32.26 -13.20 -6.73
CA ASP N 13 -32.56 -12.99 -5.31
C ASP N 13 -32.25 -11.57 -4.89
N ALA N 14 -31.16 -11.00 -5.41
CA ALA N 14 -30.83 -9.62 -5.09
C ALA N 14 -31.93 -8.68 -5.53
N ARG N 15 -32.50 -8.90 -6.73
CA ARG N 15 -33.60 -8.04 -7.13
C ARG N 15 -34.90 -8.41 -6.45
N GLY N 16 -35.08 -9.66 -6.03
CA GLY N 16 -36.28 -10.05 -5.32
C GLY N 16 -37.45 -10.43 -6.18
N GLU N 17 -37.22 -10.96 -7.38
CA GLU N 17 -38.28 -11.43 -8.26
C GLU N 17 -38.01 -12.87 -8.65
N PHE N 18 -39.07 -13.69 -8.69
CA PHE N 18 -38.95 -15.05 -9.21
C PHE N 18 -38.22 -15.02 -10.54
N LEU N 19 -37.42 -16.06 -10.79
CA LEU N 19 -36.70 -16.14 -12.05
C LEU N 19 -37.67 -16.05 -13.23
N THR N 20 -37.38 -15.13 -14.14
CA THR N 20 -38.28 -14.86 -15.25
C THR N 20 -38.05 -15.88 -16.37
N ASN N 21 -39.01 -15.92 -17.30
CA ASN N 21 -38.96 -16.93 -18.35
C ASN N 21 -37.70 -16.79 -19.21
N ALA N 22 -37.23 -15.56 -19.43
CA ALA N 22 -36.02 -15.36 -20.21
C ALA N 22 -34.81 -16.03 -19.55
N GLN N 23 -34.67 -15.85 -18.23
CA GLN N 23 -33.57 -16.49 -17.51
C GLN N 23 -33.67 -18.00 -17.60
N PHE N 24 -34.89 -18.54 -17.49
CA PHE N 24 -35.08 -19.98 -17.62
C PHE N 24 -34.62 -20.47 -18.98
N ASP N 25 -35.00 -19.75 -20.04
CA ASP N 25 -34.58 -20.17 -21.37
C ASP N 25 -33.05 -20.14 -21.50
N ALA N 26 -32.42 -19.12 -20.94
CA ALA N 26 -30.96 -19.05 -20.99
C ALA N 26 -30.33 -20.28 -20.33
N LEU N 27 -30.82 -20.63 -19.14
CA LEU N 27 -30.25 -21.78 -18.45
C LEU N 27 -30.50 -23.07 -19.21
N SER N 28 -31.66 -23.19 -19.86
CA SER N 28 -31.92 -24.37 -20.67
C SER N 28 -30.95 -24.46 -21.85
N ASN N 29 -30.63 -23.32 -22.46
CA ASN N 29 -29.62 -23.32 -23.51
C ASN N 29 -28.28 -23.79 -22.98
N LEU N 30 -27.93 -23.35 -21.77
CA LEU N 30 -26.66 -23.77 -21.19
C LEU N 30 -26.61 -25.27 -20.99
N VAL N 31 -27.68 -25.86 -20.45
CA VAL N 31 -27.65 -27.30 -20.23
C VAL N 31 -27.71 -28.07 -21.54
N LYS N 32 -28.32 -27.48 -22.57
CA LYS N 32 -28.39 -28.16 -23.86
C LYS N 32 -27.00 -28.40 -24.45
N GLU N 33 -26.06 -27.49 -24.19
CA GLU N 33 -24.68 -27.65 -24.65
C GLU N 33 -23.74 -28.04 -23.51
N GLY N 34 -24.28 -28.61 -22.43
CA GLY N 34 -23.43 -28.96 -21.29
C GLY N 34 -22.45 -30.07 -21.62
N ASN N 35 -22.88 -31.05 -22.42
CA ASN N 35 -21.98 -32.13 -22.80
C ASN N 35 -20.71 -31.58 -23.42
N LYS N 36 -20.84 -30.53 -24.23
CA LYS N 36 -19.66 -29.92 -24.85
C LYS N 36 -18.72 -29.35 -23.81
N ARG N 37 -19.26 -28.67 -22.79
CA ARG N 37 -18.43 -28.13 -21.73
C ARG N 37 -17.67 -29.26 -21.03
N LEU N 38 -18.37 -30.35 -20.72
CA LEU N 38 -17.74 -31.47 -20.04
C LEU N 38 -16.63 -32.07 -20.88
N ASP N 39 -16.88 -32.26 -22.19
CA ASP N 39 -15.85 -32.82 -23.06
C ASP N 39 -14.63 -31.92 -23.11
N ALA N 40 -14.84 -30.61 -23.20
CA ALA N 40 -13.69 -29.70 -23.26
C ALA N 40 -12.84 -29.80 -22.00
N VAL N 41 -13.50 -29.80 -20.84
CA VAL N 41 -12.74 -29.88 -19.60
C VAL N 41 -11.97 -31.20 -19.53
N ASN N 42 -12.62 -32.29 -19.93
CA ASN N 42 -11.95 -33.59 -19.92
C ASN N 42 -10.70 -33.57 -20.80
N ARG N 43 -10.84 -33.02 -22.00
CA ARG N 43 -9.70 -33.01 -22.93
C ARG N 43 -8.56 -32.15 -22.43
N ILE N 44 -8.87 -31.01 -21.81
CA ILE N 44 -7.79 -30.14 -21.33
C ILE N 44 -7.11 -30.77 -20.11
N THR N 45 -7.89 -31.37 -19.21
CA THR N 45 -7.30 -31.89 -17.98
C THR N 45 -6.47 -33.14 -18.25
N SER N 46 -6.82 -33.93 -19.26
CA SER N 46 -6.01 -35.11 -19.51
C SER N 46 -4.68 -34.77 -20.17
N ASN N 47 -4.50 -33.55 -20.69
CA ASN N 47 -3.26 -33.14 -21.30
C ASN N 47 -2.56 -32.03 -20.53
N ALA N 48 -3.03 -31.72 -19.32
CA ALA N 48 -2.38 -30.73 -18.46
C ALA N 48 -0.85 -30.74 -18.50
N SER N 49 -0.24 -31.90 -18.22
CA SER N 49 1.21 -31.94 -18.10
C SER N 49 1.90 -31.53 -19.39
N THR N 50 1.41 -32.04 -20.51
CA THR N 50 2.02 -31.69 -21.80
C THR N 50 1.80 -30.22 -22.11
N ILE N 51 0.62 -29.69 -21.77
CA ILE N 51 0.34 -28.29 -22.03
C ILE N 51 1.37 -27.42 -21.31
N VAL N 52 1.55 -27.66 -20.01
CA VAL N 52 2.45 -26.81 -19.24
C VAL N 52 3.88 -26.99 -19.70
N ALA N 53 4.29 -28.22 -20.03
CA ALA N 53 5.67 -28.45 -20.42
C ALA N 53 6.00 -27.77 -21.75
N ASN N 54 5.14 -27.94 -22.76
CA ASN N 54 5.39 -27.32 -24.05
C ASN N 54 5.40 -25.80 -23.92
N ALA N 55 4.43 -25.24 -23.19
CA ALA N 55 4.38 -23.80 -23.02
C ALA N 55 5.64 -23.30 -22.31
N ALA N 56 6.14 -24.05 -21.33
CA ALA N 56 7.33 -23.63 -20.60
C ALA N 56 8.55 -23.60 -21.49
N ARG N 57 8.75 -24.67 -22.27
CA ARG N 57 9.89 -24.68 -23.17
C ARG N 57 9.82 -23.50 -24.14
N ALA N 58 8.64 -23.22 -24.67
CA ALA N 58 8.50 -22.08 -25.58
C ALA N 58 8.80 -20.76 -24.87
N LEU N 59 8.30 -20.59 -23.66
CA LEU N 59 8.51 -19.34 -22.94
C LEU N 59 9.99 -19.09 -22.71
N PHE N 60 10.71 -20.11 -22.26
CA PHE N 60 12.13 -19.92 -21.99
C PHE N 60 12.94 -19.78 -23.27
N ALA N 61 12.45 -20.30 -24.39
CA ALA N 61 13.14 -20.04 -25.64
C ALA N 61 12.91 -18.62 -26.15
N GLU N 62 11.71 -18.06 -25.93
CA GLU N 62 11.41 -16.73 -26.45
C GLU N 62 11.95 -15.62 -25.55
N GLN N 63 12.07 -15.87 -24.25
CA GLN N 63 12.56 -14.88 -23.29
C GLN N 63 13.70 -15.52 -22.52
N PRO N 64 14.88 -15.61 -23.11
CA PRO N 64 15.99 -16.30 -22.45
C PRO N 64 16.43 -15.66 -21.15
N GLN N 65 16.09 -14.38 -20.92
CA GLN N 65 16.50 -13.71 -19.69
C GLN N 65 16.07 -14.46 -18.45
N LEU N 66 14.94 -15.17 -18.53
CA LEU N 66 14.44 -15.90 -17.38
C LEU N 66 15.40 -17.02 -16.97
N ILE N 67 15.97 -17.74 -17.93
CA ILE N 67 16.85 -18.86 -17.60
C ILE N 67 18.31 -18.47 -17.61
N GLN N 68 18.65 -17.24 -17.96
CA GLN N 68 20.02 -16.79 -17.80
C GLN N 68 20.36 -16.69 -16.32
N PRO N 69 21.63 -16.86 -15.96
CA PRO N 69 22.02 -16.68 -14.57
C PRO N 69 21.69 -15.28 -14.09
N GLY N 70 21.19 -15.18 -12.86
CA GLY N 70 20.77 -13.93 -12.30
C GLY N 70 19.36 -13.53 -12.65
N GLY N 71 18.72 -14.21 -13.59
CA GLY N 71 17.33 -13.94 -13.91
C GLY N 71 16.42 -14.56 -12.89
N MEN N 72 15.11 -14.46 -13.11
CA MEN N 72 14.17 -14.97 -12.14
C MEN N 72 13.90 -16.47 -12.19
O MEN N 72 13.77 -17.10 -11.15
CB MEN N 72 12.84 -14.25 -12.31
CG MEN N 72 12.18 -14.04 -10.97
OD1 MEN N 72 11.07 -14.52 -10.73
ND2 MEN N 72 12.87 -13.31 -10.08
CE2 MEN N 72 12.15 -13.15 -8.77
N ALA N 73 13.84 -17.04 -13.39
CA ALA N 73 13.57 -18.47 -13.54
C ALA N 73 14.86 -19.25 -13.65
N TYR N 74 15.61 -19.30 -12.56
CA TYR N 74 16.96 -19.85 -12.56
C TYR N 74 17.16 -20.63 -11.27
N THR N 75 18.36 -21.18 -11.08
CA THR N 75 18.78 -21.89 -9.88
C THR N 75 18.03 -23.19 -9.62
N ASN N 76 17.15 -23.57 -10.52
CA ASN N 76 16.47 -24.86 -10.51
C ASN N 76 15.45 -24.98 -9.39
N ARG N 77 15.52 -24.11 -8.39
CA ARG N 77 14.48 -24.07 -7.38
C ARG N 77 13.36 -23.15 -7.84
N ARG N 78 13.76 -21.97 -8.31
CA ARG N 78 12.79 -21.06 -8.90
C ARG N 78 12.22 -21.61 -10.19
N MET N 79 12.97 -22.44 -10.92
CA MET N 79 12.38 -23.10 -12.09
C MET N 79 11.24 -24.01 -11.68
N ALA N 80 11.44 -24.79 -10.62
CA ALA N 80 10.37 -25.64 -10.11
C ALA N 80 9.18 -24.80 -9.67
N ALA N 81 9.45 -23.69 -8.96
CA ALA N 81 8.35 -22.83 -8.54
C ALA N 81 7.60 -22.24 -9.73
N CYS N 82 8.33 -21.86 -10.77
CA CYS N 82 7.69 -21.27 -11.95
C CYS N 82 6.76 -22.28 -12.61
N LEU N 83 7.23 -23.51 -12.80
CA LEU N 83 6.36 -24.53 -13.38
C LEU N 83 5.15 -24.78 -12.49
N ARG N 84 5.36 -24.82 -11.17
CA ARG N 84 4.26 -25.06 -10.26
C ARG N 84 3.19 -23.98 -10.39
N ASP N 85 3.60 -22.72 -10.47
CA ASP N 85 2.61 -21.66 -10.55
C ASP N 85 1.91 -21.63 -11.91
N MET N 86 2.64 -21.95 -12.98
CA MET N 86 1.99 -22.05 -14.29
C MET N 86 0.89 -23.11 -14.27
N GLU N 87 1.20 -24.29 -13.70
CA GLU N 87 0.17 -25.32 -13.65
C GLU N 87 -0.95 -24.93 -12.68
N ILE N 88 -0.65 -24.16 -11.63
CA ILE N 88 -1.70 -23.69 -10.72
C ILE N 88 -2.71 -22.84 -11.48
N ILE N 89 -2.20 -21.91 -12.30
CA ILE N 89 -3.08 -21.08 -13.10
C ILE N 89 -3.92 -21.94 -14.03
N LEU N 90 -3.28 -22.93 -14.67
CA LEU N 90 -4.04 -23.83 -15.54
C LEU N 90 -5.14 -24.56 -14.76
N ARG N 91 -4.83 -24.97 -13.53
CA ARG N 91 -5.80 -25.73 -12.74
C ARG N 91 -7.02 -24.88 -12.40
N TYR N 92 -6.79 -23.65 -11.94
CA TYR N 92 -7.92 -22.82 -11.59
C TYR N 92 -8.71 -22.40 -12.82
N VAL N 93 -8.05 -22.29 -13.97
CA VAL N 93 -8.79 -22.00 -15.20
C VAL N 93 -9.66 -23.19 -15.59
N THR N 94 -9.16 -24.41 -15.42
CA THR N 94 -9.99 -25.57 -15.71
C THR N 94 -11.20 -25.63 -14.80
N TYR N 95 -11.00 -25.33 -13.52
CA TYR N 95 -12.14 -25.21 -12.60
C TYR N 95 -13.14 -24.22 -13.16
N ALA N 96 -12.66 -23.05 -13.61
CA ALA N 96 -13.57 -22.04 -14.13
C ALA N 96 -14.33 -22.55 -15.35
N ILE N 97 -13.65 -23.25 -16.24
CA ILE N 97 -14.31 -23.74 -17.45
C ILE N 97 -15.44 -24.66 -17.08
N LEU N 98 -15.17 -25.62 -16.19
CA LEU N 98 -16.24 -26.54 -15.78
C LEU N 98 -17.39 -25.78 -15.13
N ALA N 99 -17.08 -24.78 -14.30
CA ALA N 99 -18.13 -24.03 -13.63
C ALA N 99 -18.99 -23.26 -14.63
N GLY N 100 -18.37 -22.68 -15.65
CA GLY N 100 -19.08 -21.79 -16.54
C GLY N 100 -19.02 -20.33 -16.15
N ASP N 101 -18.34 -20.01 -15.06
CA ASP N 101 -18.22 -18.65 -14.55
C ASP N 101 -16.78 -18.44 -14.10
N SER N 102 -16.36 -17.18 -14.07
CA SER N 102 -14.99 -16.85 -13.68
C SER N 102 -14.84 -16.57 -12.20
N SER N 103 -15.88 -16.82 -11.41
CA SER N 103 -15.84 -16.46 -10.00
C SER N 103 -14.71 -17.19 -9.26
N VAL N 104 -14.56 -18.49 -9.51
CA VAL N 104 -13.53 -19.25 -8.82
C VAL N 104 -12.15 -18.75 -9.23
N LEU N 105 -11.96 -18.46 -10.52
CA LEU N 105 -10.67 -18.00 -11.01
C LEU N 105 -10.31 -16.66 -10.39
N ASP N 106 -11.30 -15.80 -10.19
CA ASP N 106 -11.10 -14.48 -9.64
C ASP N 106 -11.08 -14.46 -8.12
N ASP N 107 -11.47 -15.55 -7.47
CA ASP N 107 -11.49 -15.61 -6.02
C ASP N 107 -10.29 -16.34 -5.42
N ARG N 108 -9.61 -17.18 -6.20
CA ARG N 108 -8.49 -17.92 -5.65
C ARG N 108 -7.18 -17.68 -6.39
N CYS N 109 -7.18 -17.78 -7.72
CA CYS N 109 -5.91 -17.73 -8.44
C CYS N 109 -5.44 -16.30 -8.72
N LEU N 110 -6.18 -15.58 -9.56
CA LEU N 110 -5.73 -14.24 -9.92
C LEU N 110 -6.12 -13.21 -8.87
N ASN N 111 -6.94 -13.59 -7.91
CA ASN N 111 -7.24 -12.74 -6.76
C ASN N 111 -5.95 -12.36 -6.05
N GLY N 112 -5.64 -11.07 -6.05
CA GLY N 112 -4.45 -10.62 -5.34
C GLY N 112 -3.19 -11.34 -5.77
N LEU N 113 -3.08 -11.64 -7.06
CA LEU N 113 -1.89 -12.28 -7.59
C LEU N 113 -0.89 -11.26 -8.13
N ARG N 114 -1.40 -10.15 -8.69
CA ARG N 114 -0.54 -9.07 -9.13
C ARG N 114 0.36 -8.60 -8.00
N GLU N 115 -0.22 -8.37 -6.82
CA GLU N 115 0.57 -7.92 -5.68
C GLU N 115 1.63 -8.94 -5.32
N THR N 116 1.29 -10.23 -5.41
CA THR N 116 2.22 -11.28 -5.02
C THR N 116 3.46 -11.25 -5.89
N TYR N 117 3.28 -11.24 -7.20
CA TYR N 117 4.42 -11.22 -8.10
C TYR N 117 5.18 -9.89 -7.99
N GLN N 118 4.46 -8.79 -7.79
CA GLN N 118 5.13 -7.50 -7.67
C GLN N 118 6.05 -7.48 -6.45
N ALA N 119 5.62 -8.07 -5.35
CA ALA N 119 6.49 -8.13 -4.17
C ALA N 119 7.64 -9.11 -4.40
N LEU N 120 7.35 -10.28 -4.97
CA LEU N 120 8.40 -11.26 -5.18
C LEU N 120 9.49 -10.76 -6.10
N GLY N 121 9.16 -9.81 -6.97
CA GLY N 121 10.12 -9.29 -7.93
C GLY N 121 10.12 -9.99 -9.27
N THR N 122 9.18 -10.88 -9.51
CA THR N 122 9.08 -11.54 -10.79
C THR N 122 8.48 -10.60 -11.83
N PRO N 123 8.92 -10.69 -13.09
CA PRO N 123 8.25 -9.91 -14.16
C PRO N 123 6.86 -10.45 -14.42
N GLY N 124 5.85 -9.61 -14.16
CA GLY N 124 4.48 -10.01 -14.44
C GLY N 124 4.18 -10.11 -15.92
N SER N 125 4.85 -9.28 -16.73
CA SER N 125 4.68 -9.35 -18.18
C SER N 125 5.04 -10.73 -18.71
N SER N 126 6.14 -11.30 -18.22
CA SER N 126 6.53 -12.64 -18.64
C SER N 126 5.50 -13.67 -18.23
N VAL N 127 4.92 -13.53 -17.03
CA VAL N 127 3.86 -14.44 -16.61
C VAL N 127 2.70 -14.38 -17.59
N ALA N 128 2.34 -13.17 -18.01
CA ALA N 128 1.25 -13.04 -18.98
C ALA N 128 1.58 -13.76 -20.29
N VAL N 129 2.83 -13.60 -20.76
CA VAL N 129 3.22 -14.29 -21.99
C VAL N 129 3.09 -15.81 -21.81
N ALA N 130 3.49 -16.31 -20.65
CA ALA N 130 3.37 -17.75 -20.40
C ALA N 130 1.91 -18.20 -20.42
N ILE N 131 1.03 -17.41 -19.80
CA ILE N 131 -0.39 -17.76 -19.82
C ILE N 131 -0.92 -17.78 -21.25
N GLN N 132 -0.42 -16.86 -22.09
CA GLN N 132 -0.87 -16.84 -23.49
C GLN N 132 -0.39 -18.08 -24.25
N LYS N 133 0.85 -18.50 -24.01
CA LYS N 133 1.31 -19.76 -24.60
C LYS N 133 0.41 -20.91 -24.20
N MET N 134 0.10 -21.01 -22.90
CA MET N 134 -0.82 -22.04 -22.44
C MET N 134 -2.18 -21.90 -23.10
N LYS N 135 -2.64 -20.67 -23.32
CA LYS N 135 -3.94 -20.47 -23.94
C LYS N 135 -3.99 -21.09 -25.33
N ASP N 136 -3.01 -20.77 -26.16
CA ASP N 136 -3.06 -21.33 -27.51
C ASP N 136 -2.93 -22.85 -27.49
N ALA N 137 -2.03 -23.38 -26.66
CA ALA N 137 -1.87 -24.83 -26.60
C ALA N 137 -3.16 -25.52 -26.17
N ALA N 138 -3.76 -25.04 -25.08
CA ALA N 138 -4.94 -25.68 -24.53
C ALA N 138 -6.14 -25.54 -25.47
N ILE N 139 -6.31 -24.37 -26.08
CA ILE N 139 -7.45 -24.22 -26.98
C ILE N 139 -7.29 -25.11 -28.19
N ALA N 140 -6.06 -25.31 -28.67
CA ALA N 140 -5.86 -26.23 -29.78
C ALA N 140 -6.20 -27.66 -29.38
N ILE N 141 -5.73 -28.09 -28.21
CA ILE N 141 -5.99 -29.47 -27.79
C ILE N 141 -7.47 -29.69 -27.56
N ALA N 142 -8.17 -28.70 -26.99
CA ALA N 142 -9.57 -28.87 -26.67
C ALA N 142 -10.47 -28.81 -27.89
N ASN N 143 -10.09 -28.04 -28.90
CA ASN N 143 -10.89 -27.87 -30.11
C ASN N 143 -10.51 -28.86 -31.20
N ASP N 144 -9.61 -29.80 -30.90
CA ASP N 144 -9.19 -30.83 -31.83
C ASP N 144 -10.41 -31.55 -32.40
N PRO N 145 -10.69 -31.39 -33.69
CA PRO N 145 -11.93 -31.98 -34.24
C PRO N 145 -11.87 -33.48 -34.43
N ASN N 146 -10.69 -34.08 -34.45
CA ASN N 146 -10.57 -35.51 -34.61
C ASN N 146 -10.65 -36.20 -33.26
N GLY N 147 -11.40 -37.30 -33.21
CA GLY N 147 -11.51 -38.11 -32.01
C GLY N 147 -12.90 -38.18 -31.40
N ILE N 148 -13.84 -37.33 -31.79
CA ILE N 148 -15.13 -37.29 -31.14
C ILE N 148 -16.20 -36.78 -32.11
N THR N 149 -17.46 -36.99 -31.74
CA THR N 149 -18.67 -36.57 -32.44
C THR N 149 -18.56 -35.14 -32.93
N PRO N 150 -18.74 -34.89 -34.24
CA PRO N 150 -18.54 -33.56 -34.78
C PRO N 150 -19.62 -32.58 -34.33
N GLY N 151 -19.25 -31.31 -34.34
CA GLY N 151 -20.15 -30.24 -33.95
C GLY N 151 -19.37 -28.96 -33.81
N ASP N 152 -20.11 -27.87 -33.59
CA ASP N 152 -19.52 -26.54 -33.44
C ASP N 152 -19.44 -26.21 -31.95
N CYS N 153 -18.23 -26.24 -31.41
CA CYS N 153 -17.96 -25.88 -30.03
C CYS N 153 -17.24 -24.53 -29.92
N SER N 154 -17.36 -23.69 -30.95
CA SER N 154 -16.55 -22.47 -31.00
C SER N 154 -16.88 -21.51 -29.87
N ALA N 155 -18.16 -21.44 -29.49
CA ALA N 155 -18.55 -20.52 -28.42
C ALA N 155 -17.85 -20.87 -27.12
N LEU N 156 -17.82 -22.16 -26.77
CA LEU N 156 -17.14 -22.59 -25.56
C LEU N 156 -15.65 -22.34 -25.65
N MET N 157 -15.05 -22.58 -26.83
CA MET N 157 -13.63 -22.31 -26.99
C MET N 157 -13.31 -20.84 -26.79
N SER N 158 -14.17 -19.96 -27.29
CA SER N 158 -13.98 -18.54 -27.03
C SER N 158 -14.09 -18.24 -25.55
N GLU N 159 -15.01 -18.91 -24.85
CA GLU N 159 -15.11 -18.70 -23.40
C GLU N 159 -13.84 -19.13 -22.69
N ILE N 160 -13.27 -20.26 -23.09
CA ILE N 160 -12.01 -20.74 -22.49
C ILE N 160 -10.91 -19.72 -22.72
N ALA N 161 -10.81 -19.23 -23.96
CA ALA N 161 -9.86 -18.18 -24.27
C ALA N 161 -10.09 -16.95 -23.39
N GLY N 162 -11.36 -16.63 -23.13
CA GLY N 162 -11.66 -15.48 -22.29
C GLY N 162 -11.13 -15.65 -20.88
N TYR N 163 -11.26 -16.85 -20.32
CA TYR N 163 -10.71 -17.10 -19.00
C TYR N 163 -9.20 -16.93 -19.00
N PHE N 164 -8.52 -17.55 -19.97
CA PHE N 164 -7.06 -17.40 -20.03
C PHE N 164 -6.67 -15.94 -20.15
N ASP N 165 -7.38 -15.19 -20.99
CA ASP N 165 -7.08 -13.77 -21.17
C ASP N 165 -7.29 -13.01 -19.88
N ARG N 166 -8.35 -13.34 -19.13
CA ARG N 166 -8.59 -12.66 -17.87
C ARG N 166 -7.42 -12.85 -16.92
N ALA N 167 -6.92 -14.08 -16.83
CA ALA N 167 -5.75 -14.31 -15.98
C ALA N 167 -4.53 -13.54 -16.47
N ALA N 168 -4.29 -13.57 -17.79
CA ALA N 168 -3.11 -12.91 -18.33
C ALA N 168 -3.14 -11.41 -18.11
N ALA N 169 -4.32 -10.81 -18.21
CA ALA N 169 -4.45 -9.38 -17.98
C ALA N 169 -4.42 -9.03 -16.50
N ALA N 170 -4.81 -9.96 -15.64
CA ALA N 170 -4.76 -9.67 -14.20
C ALA N 170 -3.37 -9.86 -13.61
N VAL N 171 -2.50 -10.63 -14.24
CA VAL N 171 -1.16 -10.79 -13.67
C VAL N 171 -0.19 -9.72 -14.13
N ALA N 172 -0.40 -9.15 -15.32
CA ALA N 172 0.54 -8.17 -15.88
C ALA N 172 -0.01 -6.76 -15.82
N MET O 1 -5.00 -1.97 33.14
CA MET O 1 -4.86 -2.01 34.58
C MET O 1 -5.89 -2.97 35.20
N LYS O 2 -5.48 -3.70 36.23
CA LYS O 2 -6.34 -4.74 36.82
C LYS O 2 -7.19 -4.18 37.95
N THR O 3 -7.86 -3.07 37.67
CA THR O 3 -8.82 -2.51 38.63
C THR O 3 -10.00 -3.47 38.78
N PRO O 4 -10.56 -3.61 39.99
CA PRO O 4 -11.68 -4.55 40.16
C PRO O 4 -12.80 -4.31 39.17
N ILE O 5 -13.13 -3.03 38.95
CA ILE O 5 -14.17 -2.67 37.99
C ILE O 5 -13.84 -3.20 36.61
N THR O 6 -12.63 -2.90 36.14
CA THR O 6 -12.24 -3.31 34.80
C THR O 6 -12.07 -4.81 34.70
N GLU O 7 -11.67 -5.47 35.81
CA GLU O 7 -11.60 -6.92 35.81
C GLU O 7 -12.96 -7.53 35.55
N ALA O 8 -13.99 -7.04 36.25
CA ALA O 8 -15.34 -7.55 36.02
C ALA O 8 -15.78 -7.29 34.59
N ILE O 9 -15.50 -6.09 34.08
CA ILE O 9 -15.88 -5.76 32.71
C ILE O 9 -15.23 -6.73 31.73
N ALA O 10 -13.94 -6.99 31.91
CA ALA O 10 -13.23 -7.89 31.00
C ALA O 10 -13.77 -9.30 31.09
N ALA O 11 -14.08 -9.77 32.30
CA ALA O 11 -14.64 -11.10 32.45
C ALA O 11 -15.95 -11.23 31.71
N ALA O 12 -16.77 -10.18 31.73
CA ALA O 12 -18.00 -10.23 30.94
C ALA O 12 -17.72 -10.09 29.45
N ASP O 13 -16.67 -9.36 29.08
CA ASP O 13 -16.41 -9.11 27.66
C ASP O 13 -15.91 -10.35 26.96
N THR O 14 -15.08 -11.16 27.63
CA THR O 14 -14.57 -12.35 26.96
C THR O 14 -15.69 -13.34 26.63
N GLN O 15 -16.79 -13.30 27.37
CA GLN O 15 -17.94 -14.15 27.09
C GLN O 15 -19.04 -13.43 26.33
N GLY O 16 -18.85 -12.16 25.98
CA GLY O 16 -19.84 -11.43 25.22
C GLY O 16 -21.19 -11.38 25.86
N ARG O 17 -21.24 -11.23 27.18
CA ARG O 17 -22.48 -11.29 27.95
C ARG O 17 -22.70 -9.95 28.64
N PHE O 18 -23.98 -9.60 28.81
CA PHE O 18 -24.31 -8.42 29.60
C PHE O 18 -23.93 -8.65 31.06
N LEU O 19 -23.64 -7.55 31.75
CA LEU O 19 -23.26 -7.62 33.14
C LEU O 19 -24.34 -8.29 34.00
N SER O 20 -24.02 -9.46 34.53
CA SER O 20 -24.96 -10.20 35.37
C SER O 20 -24.93 -9.67 36.80
N ASN O 21 -25.83 -10.22 37.63
CA ASN O 21 -25.91 -9.78 39.02
C ASN O 21 -24.62 -10.05 39.78
N THR O 22 -23.87 -11.08 39.39
CA THR O 22 -22.64 -11.39 40.10
C THR O 22 -21.61 -10.26 39.94
N GLU O 23 -21.44 -9.78 38.72
CA GLU O 23 -20.53 -8.67 38.48
C GLU O 23 -20.97 -7.43 39.23
N LEU O 24 -22.28 -7.16 39.23
CA LEU O 24 -22.78 -5.97 39.92
C LEU O 24 -22.54 -6.07 41.42
N GLN O 25 -22.70 -7.27 41.98
CA GLN O 25 -22.39 -7.47 43.39
C GLN O 25 -20.92 -7.18 43.67
N ALA O 26 -20.04 -7.66 42.80
CA ALA O 26 -18.61 -7.40 43.00
C ALA O 26 -18.30 -5.91 43.00
N VAL O 27 -18.85 -5.18 42.01
CA VAL O 27 -18.59 -3.74 41.95
C VAL O 27 -19.20 -3.03 43.15
N ASP O 28 -20.35 -3.51 43.64
CA ASP O 28 -20.91 -2.92 44.86
C ASP O 28 -19.97 -3.10 46.04
N GLY O 29 -19.36 -4.28 46.16
CA GLY O 29 -18.36 -4.47 47.21
C GLY O 29 -17.20 -3.51 47.07
N ARG O 30 -16.75 -3.29 45.83
CA ARG O 30 -15.72 -2.29 45.59
C ARG O 30 -16.12 -0.94 46.17
N PHE O 31 -17.32 -0.47 45.81
CA PHE O 31 -17.76 0.85 46.27
C PHE O 31 -17.93 0.89 47.78
N LYS O 32 -18.35 -0.21 48.38
CA LYS O 32 -18.47 -0.24 49.84
C LYS O 32 -17.10 -0.04 50.49
N ARG O 33 -16.07 -0.71 49.96
CA ARG O 33 -14.73 -0.56 50.53
C ARG O 33 -14.09 0.78 50.17
N ALA O 34 -14.60 1.45 49.14
CA ALA O 34 -13.95 2.64 48.62
C ALA O 34 -13.94 3.79 49.63
N VAL O 35 -14.91 3.86 50.54
CA VAL O 35 -14.92 4.96 51.50
C VAL O 35 -13.67 4.91 52.37
N ALA O 36 -13.38 3.74 52.92
CA ALA O 36 -12.16 3.55 53.72
C ALA O 36 -10.92 3.72 52.85
N SER O 37 -10.97 3.21 51.61
CA SER O 37 -9.81 3.32 50.73
C SER O 37 -9.44 4.78 50.50
N MET O 38 -10.43 5.62 50.18
CA MET O 38 -10.16 7.02 49.92
C MET O 38 -9.68 7.74 51.18
N GLU O 39 -10.26 7.41 52.34
CA GLU O 39 -9.75 8.01 53.56
C GLU O 39 -8.27 7.68 53.76
N ALA O 40 -7.90 6.42 53.53
CA ALA O 40 -6.50 6.02 53.68
C ALA O 40 -5.61 6.77 52.69
N ALA O 41 -6.06 6.89 51.44
CA ALA O 41 -5.24 7.56 50.44
C ALA O 41 -5.02 9.02 50.81
N ARG O 42 -6.08 9.70 51.26
CA ARG O 42 -5.93 11.08 51.69
C ARG O 42 -4.92 11.18 52.83
N ALA O 43 -5.00 10.25 53.79
CA ALA O 43 -4.06 10.27 54.90
C ALA O 43 -2.62 10.10 54.43
N LEU O 44 -2.38 9.15 53.51
CA LEU O 44 -1.02 8.92 53.05
C LEU O 44 -0.48 10.12 52.29
N THR O 45 -1.30 10.76 51.47
CA THR O 45 -0.78 11.90 50.71
C THR O 45 -0.61 13.14 51.58
N ASN O 46 -1.39 13.26 52.66
CA ASN O 46 -1.21 14.40 53.55
C ASN O 46 0.13 14.33 54.27
N ASN O 47 0.64 13.13 54.52
CA ASN O 47 1.92 12.92 55.20
C ASN O 47 3.00 12.44 54.24
N ALA O 48 2.85 12.71 52.94
CA ALA O 48 3.71 12.08 51.94
C ALA O 48 5.17 12.43 52.17
N GLN O 49 5.47 13.74 52.28
CA GLN O 49 6.86 14.16 52.42
C GLN O 49 7.49 13.61 53.70
N SER O 50 6.75 13.68 54.81
CA SER O 50 7.26 13.17 56.06
C SER O 50 7.56 11.67 55.96
N LEU O 51 6.65 10.92 55.33
CA LEU O 51 6.84 9.48 55.21
C LEU O 51 8.06 9.15 54.37
N ILE O 52 8.24 9.83 53.22
CA ILE O 52 9.40 9.51 52.40
C ILE O 52 10.69 9.86 53.11
N ASP O 53 10.72 11.02 53.80
CA ASP O 53 11.94 11.40 54.51
C ASP O 53 12.28 10.37 55.59
N GLY O 54 11.28 9.97 56.38
CA GLY O 54 11.53 9.01 57.43
C GLY O 54 12.02 7.68 56.90
N ALA O 55 11.42 7.21 55.81
CA ALA O 55 11.88 5.95 55.23
C ALA O 55 13.32 6.05 54.73
N ALA O 56 13.68 7.20 54.15
CA ALA O 56 15.05 7.41 53.72
C ALA O 56 16.01 7.25 54.89
N GLN O 57 15.71 7.93 56.00
CA GLN O 57 16.58 7.81 57.16
CA GLN O 57 16.57 7.80 57.17
C GLN O 57 16.59 6.39 57.71
N ALA O 58 15.46 5.68 57.62
CA ALA O 58 15.41 4.31 58.11
C ALA O 58 16.39 3.42 57.36
N VAL O 59 16.43 3.53 56.03
CA VAL O 59 17.39 2.69 55.31
C VAL O 59 18.81 3.18 55.51
N TYR O 60 19.01 4.48 55.73
CA TYR O 60 20.36 4.95 56.04
C TYR O 60 20.86 4.38 57.35
N GLN O 61 19.97 4.19 58.33
CA GLN O 61 20.38 3.63 59.61
C GLN O 61 20.54 2.10 59.54
N LYS O 62 19.60 1.42 58.87
CA LYS O 62 19.65 -0.03 58.80
C LYS O 62 20.84 -0.53 57.98
N PHE O 63 21.21 0.20 56.93
CA PHE O 63 22.35 -0.16 56.08
C PHE O 63 23.31 1.01 56.03
N PRO O 64 24.09 1.22 57.09
CA PRO O 64 25.05 2.34 57.06
C PRO O 64 26.11 2.21 55.98
N TYR O 65 26.46 0.98 55.60
CA TYR O 65 27.47 0.77 54.57
C TYR O 65 27.05 1.37 53.24
N THR O 66 25.73 1.48 53.00
CA THR O 66 25.27 2.07 51.75
C THR O 66 25.57 3.57 51.68
N THR O 67 25.82 4.21 52.81
CA THR O 67 26.11 5.63 52.80
C THR O 67 27.60 5.92 52.79
N THR O 68 28.44 4.89 52.79
CA THR O 68 29.88 5.08 52.70
C THR O 68 30.52 4.31 51.56
N MET O 69 30.12 3.06 51.32
CA MET O 69 30.83 2.21 50.37
C MET O 69 30.73 2.80 48.97
N GLN O 70 31.86 2.83 48.27
CA GLN O 70 31.89 3.35 46.92
C GLN O 70 31.15 2.42 45.96
N GLY O 71 30.53 3.01 44.95
CA GLY O 71 29.77 2.27 43.96
C GLY O 71 28.58 3.09 43.51
N SER O 72 28.18 2.90 42.25
CA SER O 72 27.04 3.64 41.73
C SER O 72 25.76 3.24 42.43
N GLN O 73 25.64 1.98 42.84
CA GLN O 73 24.44 1.53 43.53
C GLN O 73 24.29 2.17 44.90
N TYR O 74 25.37 2.73 45.46
CA TYR O 74 25.33 3.29 46.80
C TYR O 74 25.17 4.81 46.75
N ALA O 75 24.59 5.35 47.81
CA ALA O 75 24.35 6.79 47.93
C ALA O 75 25.46 7.46 48.74
N SER O 76 26.69 7.35 48.22
CA SER O 76 27.83 8.01 48.82
C SER O 76 28.05 9.40 48.26
N THR O 77 27.07 9.94 47.55
CA THR O 77 27.13 11.23 46.91
C THR O 77 25.73 11.84 46.99
N PRO O 78 25.60 13.16 46.89
CA PRO O 78 24.26 13.76 46.99
C PRO O 78 23.30 13.27 45.92
N GLU O 79 23.79 13.02 44.71
CA GLU O 79 22.91 12.51 43.66
C GLU O 79 22.37 11.13 44.01
N GLY O 80 23.21 10.28 44.62
CA GLY O 80 22.74 8.97 45.04
C GLY O 80 21.69 9.04 46.14
N LYS O 81 21.89 9.95 47.10
CA LYS O 81 20.87 10.15 48.12
C LYS O 81 19.56 10.62 47.48
N ALA O 82 19.67 11.49 46.48
CA ALA O 82 18.48 11.91 45.74
C ALA O 82 17.81 10.72 45.08
N LYS O 83 18.59 9.80 44.51
CA LYS O 83 18.02 8.61 43.89
C LYS O 83 17.27 7.76 44.91
N CYS O 84 17.84 7.62 46.11
CA CYS O 84 17.14 6.86 47.16
C CYS O 84 15.80 7.50 47.48
N ALA O 85 15.80 8.81 47.66
CA ALA O 85 14.55 9.51 47.96
C ALA O 85 13.55 9.33 46.82
N ARG O 86 14.04 9.41 45.58
CA ARG O 86 13.17 9.29 44.42
C ARG O 86 12.50 7.92 44.38
N ASP O 87 13.27 6.85 44.65
CA ASP O 87 12.70 5.52 44.55
C ASP O 87 11.70 5.24 45.65
N ILE O 88 12.02 5.64 46.89
CA ILE O 88 11.02 5.40 47.93
C ILE O 88 9.79 6.26 47.67
N GLY O 89 9.97 7.44 47.06
CA GLY O 89 8.82 8.21 46.62
C GLY O 89 8.00 7.48 45.58
N TYR O 90 8.67 6.80 44.66
CA TYR O 90 7.95 5.98 43.67
C TYR O 90 7.08 4.95 44.38
N TYR O 91 7.66 4.26 45.37
CA TYR O 91 6.90 3.23 46.06
C TYR O 91 5.68 3.82 46.76
N LEU O 92 5.86 4.96 47.44
CA LEU O 92 4.72 5.59 48.12
C LEU O 92 3.65 6.04 47.13
N ARG O 93 4.08 6.62 46.00
CA ARG O 93 3.12 7.08 45.02
C ARG O 93 2.34 5.92 44.43
N MET O 94 3.01 4.80 44.17
CA MET O 94 2.32 3.62 43.68
C MET O 94 1.33 3.10 44.72
N VAL O 95 1.68 3.17 46.00
CA VAL O 95 0.74 2.74 47.03
C VAL O 95 -0.51 3.59 47.01
N THR O 96 -0.35 4.91 46.88
CA THR O 96 -1.53 5.77 46.80
C THR O 96 -2.36 5.46 45.57
N TYR O 97 -1.70 5.22 44.43
CA TYR O 97 -2.43 4.86 43.22
C TYR O 97 -3.22 3.57 43.42
N CYS O 98 -2.60 2.57 44.06
CA CYS O 98 -3.31 1.32 44.28
C CYS O 98 -4.45 1.49 45.27
N LEU O 99 -4.29 2.38 46.25
CA LEU O 99 -5.36 2.64 47.19
C LEU O 99 -6.57 3.23 46.48
N VAL O 100 -6.34 4.18 45.57
CA VAL O 100 -7.51 4.75 44.89
C VAL O 100 -8.07 3.80 43.84
N ALA O 101 -7.23 2.95 43.25
CA ALA O 101 -7.74 1.98 42.28
C ALA O 101 -8.44 0.81 42.93
N GLY O 102 -8.31 0.63 44.24
CA GLY O 102 -8.98 -0.45 44.93
C GLY O 102 -8.46 -1.83 44.61
N GLY O 103 -7.33 -1.94 43.92
CA GLY O 103 -6.77 -3.23 43.56
C GLY O 103 -5.28 -3.11 43.38
N THR O 104 -4.65 -4.22 43.01
CA THR O 104 -3.22 -4.25 42.83
C THR O 104 -2.80 -3.90 41.40
N GLY O 105 -3.75 -3.55 40.53
CA GLY O 105 -3.47 -3.22 39.16
C GLY O 105 -2.32 -2.24 38.96
N PRO O 106 -2.42 -1.05 39.56
CA PRO O 106 -1.34 -0.07 39.41
C PRO O 106 0.01 -0.61 39.85
N MET O 107 0.04 -1.34 40.98
CA MET O 107 1.29 -1.89 41.47
C MET O 107 1.89 -2.85 40.46
N ASP O 108 1.06 -3.60 39.74
CA ASP O 108 1.58 -4.57 38.78
C ASP O 108 1.97 -3.92 37.46
N GLU O 109 1.33 -2.82 37.08
CA GLU O 109 1.61 -2.25 35.77
C GLU O 109 2.77 -1.27 35.80
N TYR O 110 2.81 -0.38 36.81
CA TYR O 110 3.88 0.60 36.88
C TYR O 110 5.01 0.18 37.81
N LEU O 111 4.84 -0.91 38.53
CA LEU O 111 5.88 -1.55 39.31
C LEU O 111 5.70 -3.05 39.16
N ILE O 112 6.53 -3.83 39.86
CA ILE O 112 6.38 -5.28 39.89
C ILE O 112 6.20 -5.79 38.47
N ALA O 113 6.97 -5.22 37.55
CA ALA O 113 6.82 -5.45 36.13
C ALA O 113 8.17 -5.74 35.52
N GLY O 114 8.89 -6.68 36.12
CA GLY O 114 10.29 -6.83 35.88
C GLY O 114 11.15 -6.15 36.93
N LEU O 115 10.62 -5.93 38.12
CA LEU O 115 11.41 -5.35 39.21
C LEU O 115 12.63 -6.22 39.49
N SER O 116 12.46 -7.54 39.44
CA SER O 116 13.59 -8.45 39.61
C SER O 116 14.64 -8.23 38.52
N GLU O 117 14.21 -8.14 37.27
CA GLU O 117 15.15 -7.97 36.17
C GLU O 117 15.96 -6.71 36.35
N ILE O 118 15.29 -5.60 36.68
CA ILE O 118 15.98 -4.32 36.77
C ILE O 118 16.93 -4.30 37.96
N ASN O 119 16.46 -4.74 39.12
CA ASN O 119 17.36 -4.71 40.26
C ASN O 119 18.55 -5.62 40.03
N SER O 120 18.37 -6.73 39.32
CA SER O 120 19.49 -7.63 39.05
C SER O 120 20.48 -7.02 38.06
N THR O 121 19.98 -6.42 36.98
CA THR O 121 20.90 -5.81 36.00
C THR O 121 21.71 -4.71 36.66
N PHE O 122 21.06 -3.87 37.45
CA PHE O 122 21.82 -2.86 38.17
C PHE O 122 22.58 -3.45 39.35
N ASP O 123 22.16 -4.63 39.83
CA ASP O 123 22.71 -5.36 40.97
C ASP O 123 22.31 -4.72 42.30
N LEU O 124 21.37 -3.77 42.27
CA LEU O 124 20.82 -3.22 43.50
C LEU O 124 20.09 -4.32 44.28
N SER O 125 20.16 -4.23 45.62
CA SER O 125 19.64 -5.30 46.47
C SER O 125 18.19 -5.04 46.84
N PRO O 126 17.31 -6.03 46.71
CA PRO O 126 15.91 -5.86 47.10
C PRO O 126 15.73 -5.50 48.57
N SER O 127 16.64 -5.98 49.42
CA SER O 127 16.50 -5.79 50.86
C SER O 127 16.34 -4.32 51.23
N TRP O 128 17.05 -3.43 50.51
CA TRP O 128 16.93 -2.00 50.73
C TRP O 128 15.47 -1.57 50.72
N TYR O 129 14.80 -1.80 49.60
CA TYR O 129 13.42 -1.37 49.45
C TYR O 129 12.51 -2.13 50.39
N ILE O 130 12.83 -3.38 50.71
CA ILE O 130 11.98 -4.11 51.65
C ILE O 130 11.95 -3.42 53.01
N GLU O 131 13.13 -3.04 53.51
CA GLU O 131 13.16 -2.36 54.80
C GLU O 131 12.49 -0.99 54.74
N ALA O 132 12.68 -0.28 53.63
CA ALA O 132 12.00 1.02 53.49
C ALA O 132 10.49 0.85 53.55
N LEU O 133 9.97 -0.14 52.84
CA LEU O 133 8.53 -0.40 52.86
C LEU O 133 8.08 -0.79 54.26
N LYS O 134 8.92 -1.52 55.01
CA LYS O 134 8.56 -1.87 56.37
C LYS O 134 8.39 -0.63 57.23
N TYR O 135 9.33 0.31 57.13
CA TYR O 135 9.17 1.56 57.88
C TYR O 135 7.87 2.24 57.52
N ILE O 136 7.56 2.31 56.23
CA ILE O 136 6.32 2.98 55.82
C ILE O 136 5.11 2.23 56.37
N LYS O 137 5.19 0.91 56.41
CA LYS O 137 4.09 0.10 56.91
C LYS O 137 3.87 0.31 58.40
N ALA O 138 4.92 0.67 59.14
CA ALA O 138 4.77 0.90 60.57
C ALA O 138 4.47 2.36 60.92
N ASN O 139 4.87 3.30 60.08
CA ASN O 139 4.75 4.73 60.37
C ASN O 139 3.59 5.38 59.63
N HIS O 140 2.78 4.59 58.90
CA HIS O 140 1.68 5.15 58.14
C HIS O 140 0.69 5.89 59.04
N GLY O 141 0.60 5.49 60.31
CA GLY O 141 -0.25 6.19 61.25
C GLY O 141 -1.74 6.07 60.94
N LEU O 142 -2.18 4.91 60.47
CA LEU O 142 -3.59 4.67 60.23
C LEU O 142 -4.16 3.72 61.26
N THR O 143 -5.48 3.72 61.36
CA THR O 143 -6.19 2.83 62.28
C THR O 143 -7.52 2.46 61.63
N GLY O 144 -7.99 1.25 61.91
CA GLY O 144 -9.24 0.77 61.38
C GLY O 144 -9.08 0.03 60.07
N GLN O 145 -10.17 0.01 59.30
CA GLN O 145 -10.18 -0.67 58.02
C GLN O 145 -9.15 -0.09 57.06
N ALA O 146 -9.03 1.24 57.05
CA ALA O 146 -8.04 1.88 56.20
C ALA O 146 -6.64 1.32 56.47
N ALA O 147 -6.31 1.15 57.75
CA ALA O 147 -4.98 0.65 58.11
C ALA O 147 -4.74 -0.73 57.53
N VAL O 148 -5.72 -1.63 57.67
CA VAL O 148 -5.51 -2.99 57.21
C VAL O 148 -5.32 -3.02 55.70
N GLU O 149 -6.14 -2.26 54.95
CA GLU O 149 -5.98 -2.34 53.50
C GLU O 149 -4.64 -1.74 53.05
N ALA O 150 -4.25 -0.60 53.64
CA ALA O 150 -2.99 0.01 53.23
C ALA O 150 -1.80 -0.90 53.54
N ASN O 151 -1.79 -1.49 54.75
CA ASN O 151 -0.70 -2.39 55.08
C ASN O 151 -0.72 -3.62 54.20
N ALA O 152 -1.91 -4.09 53.80
CA ALA O 152 -1.98 -5.22 52.89
C ALA O 152 -1.29 -4.91 51.57
N TYR O 153 -1.54 -3.72 51.01
CA TYR O 153 -0.90 -3.39 49.74
C TYR O 153 0.61 -3.23 49.91
N ILE O 154 1.05 -2.60 51.00
CA ILE O 154 2.49 -2.46 51.22
C ILE O 154 3.14 -3.83 51.31
N ASP O 155 2.49 -4.76 52.02
CA ASP O 155 3.03 -6.11 52.13
C ASP O 155 3.01 -6.83 50.80
N TYR O 156 2.00 -6.59 49.97
CA TYR O 156 2.02 -7.12 48.61
C TYR O 156 3.29 -6.71 47.91
N ALA O 157 3.63 -5.43 47.99
CA ALA O 157 4.87 -4.96 47.37
C ALA O 157 6.08 -5.65 47.98
N ILE O 158 6.08 -5.79 49.31
CA ILE O 158 7.23 -6.39 49.98
C ILE O 158 7.46 -7.82 49.48
N ASN O 159 6.39 -8.62 49.45
CA ASN O 159 6.56 -10.01 49.03
C ASN O 159 6.81 -10.11 47.53
N ALA O 160 6.35 -9.13 46.75
CA ALA O 160 6.62 -9.14 45.32
C ALA O 160 8.10 -8.84 45.06
N LEU O 161 8.71 -7.98 45.87
CA LEU O 161 10.13 -7.69 45.68
C LEU O 161 10.98 -8.94 45.92
N SER O 162 10.58 -9.78 46.86
CA SER O 162 11.22 -11.07 47.03
C SER O 162 10.61 -12.09 46.09
N MET P 1 -8.01 -1.24 29.32
CA MET P 1 -9.29 -1.02 29.96
C MET P 1 -9.14 -0.07 31.14
N LEU P 2 -9.68 1.14 31.00
CA LEU P 2 -9.55 2.18 32.01
C LEU P 2 -10.93 2.66 32.44
N ASP P 3 -11.25 2.48 33.71
CA ASP P 3 -12.45 3.07 34.29
C ASP P 3 -12.11 4.43 34.85
N ALA P 4 -13.08 5.07 35.51
CA ALA P 4 -12.86 6.41 36.05
C ALA P 4 -11.66 6.44 36.99
N PHE P 5 -11.62 5.50 37.95
CA PHE P 5 -10.51 5.45 38.88
C PHE P 5 -9.19 5.28 38.15
N ALA P 6 -9.16 4.36 37.19
CA ALA P 6 -7.94 4.13 36.41
C ALA P 6 -7.55 5.38 35.63
N LYS P 7 -8.55 6.11 35.10
CA LYS P 7 -8.23 7.31 34.35
C LYS P 7 -7.55 8.35 35.23
N VAL P 8 -8.08 8.55 36.44
CA VAL P 8 -7.47 9.50 37.36
C VAL P 8 -6.05 9.06 37.69
N VAL P 9 -5.85 7.77 37.96
CA VAL P 9 -4.52 7.28 38.29
C VAL P 9 -3.57 7.51 37.13
N ALA P 10 -4.03 7.25 35.90
CA ALA P 10 -3.14 7.36 34.75
C ALA P 10 -2.71 8.81 34.52
N GLN P 11 -3.64 9.75 34.63
CA GLN P 11 -3.25 11.15 34.49
C GLN P 11 -2.25 11.54 35.57
N ALA P 12 -2.52 11.15 36.81
CA ALA P 12 -1.59 11.47 37.89
C ALA P 12 -0.23 10.82 37.68
N ASP P 13 -0.19 9.62 37.11
CA ASP P 13 1.09 8.97 36.81
C ASP P 13 1.84 9.70 35.72
N ALA P 14 1.12 10.21 34.72
CA ALA P 14 1.77 11.01 33.70
C ALA P 14 2.46 12.22 34.33
N ARG P 15 1.78 12.89 35.26
CA ARG P 15 2.44 14.02 35.91
C ARG P 15 3.50 13.60 36.92
N GLY P 16 3.41 12.39 37.47
CA GLY P 16 4.36 11.96 38.47
C GLY P 16 4.14 12.55 39.85
N GLU P 17 2.93 13.01 40.14
CA GLU P 17 2.61 13.64 41.41
C GLU P 17 1.45 12.90 42.07
N PHE P 18 1.46 12.87 43.40
CA PHE P 18 0.34 12.29 44.14
C PHE P 18 -0.95 13.00 43.78
N LEU P 19 -2.06 12.27 43.86
CA LEU P 19 -3.36 12.85 43.57
C LEU P 19 -3.60 14.09 44.43
N THR P 20 -4.07 15.15 43.79
CA THR P 20 -4.45 16.37 44.49
C THR P 20 -5.74 16.14 45.26
N ASN P 21 -5.99 17.00 46.26
CA ASN P 21 -7.22 16.91 47.03
C ASN P 21 -8.45 16.97 46.13
N ALA P 22 -8.38 17.75 45.05
CA ALA P 22 -9.52 17.86 44.14
C ALA P 22 -9.85 16.53 43.48
N GLN P 23 -8.83 15.81 43.02
CA GLN P 23 -9.06 14.51 42.40
C GLN P 23 -9.69 13.53 43.39
N PHE P 24 -9.16 13.51 44.62
CA PHE P 24 -9.74 12.68 45.67
C PHE P 24 -11.22 13.00 45.86
N ASP P 25 -11.54 14.29 45.93
CA ASP P 25 -12.91 14.72 46.12
C ASP P 25 -13.81 14.24 44.98
N ALA P 26 -13.32 14.34 43.75
CA ALA P 26 -14.10 13.87 42.61
C ALA P 26 -14.43 12.39 42.73
N LEU P 27 -13.42 11.57 43.02
CA LEU P 27 -13.69 10.13 43.10
C LEU P 27 -14.57 9.79 44.31
N SER P 28 -14.47 10.57 45.39
CA SER P 28 -15.36 10.37 46.52
C SER P 28 -16.81 10.68 46.13
N ASN P 29 -17.01 11.71 45.32
CA ASN P 29 -18.35 11.98 44.81
C ASN P 29 -18.85 10.82 43.96
N LEU P 30 -17.96 10.25 43.13
CA LEU P 30 -18.37 9.11 42.33
C LEU P 30 -18.85 7.96 43.21
N VAL P 31 -18.09 7.63 44.26
CA VAL P 31 -18.47 6.47 45.06
C VAL P 31 -19.70 6.78 45.91
N LYS P 32 -19.91 8.03 46.30
CA LYS P 32 -21.09 8.31 47.13
C LYS P 32 -22.38 8.26 46.34
N GLU P 33 -22.31 8.36 45.01
CA GLU P 33 -23.47 8.14 44.16
C GLU P 33 -23.34 6.86 43.34
N GLY P 34 -22.67 5.85 43.91
CA GLY P 34 -22.43 4.63 43.16
C GLY P 34 -23.66 3.75 43.03
N ASN P 35 -24.50 3.72 44.06
CA ASN P 35 -25.71 2.90 44.02
C ASN P 35 -26.57 3.29 42.83
N LYS P 36 -26.67 4.59 42.54
CA LYS P 36 -27.41 5.04 41.37
C LYS P 36 -26.82 4.44 40.10
N ARG P 37 -25.49 4.48 39.98
CA ARG P 37 -24.83 3.96 38.80
C ARG P 37 -25.15 2.49 38.59
N LEU P 38 -24.96 1.68 39.63
CA LEU P 38 -25.18 0.25 39.45
C LEU P 38 -26.67 -0.07 39.28
N ASP P 39 -27.56 0.73 39.87
CA ASP P 39 -28.99 0.54 39.61
C ASP P 39 -29.33 0.78 38.15
N ALA P 40 -28.78 1.83 37.57
CA ALA P 40 -29.03 2.09 36.16
C ALA P 40 -28.52 0.95 35.29
N VAL P 41 -27.32 0.46 35.60
CA VAL P 41 -26.79 -0.67 34.82
C VAL P 41 -27.71 -1.87 34.95
N ASN P 42 -28.18 -2.14 36.17
CA ASN P 42 -29.04 -3.29 36.39
C ASN P 42 -30.34 -3.17 35.59
N ARG P 43 -30.94 -1.98 35.58
CA ARG P 43 -32.18 -1.82 34.84
C ARG P 43 -31.96 -1.96 33.34
N ILE P 44 -30.86 -1.41 32.83
CA ILE P 44 -30.60 -1.55 31.39
C ILE P 44 -30.39 -2.99 31.02
N THR P 45 -29.61 -3.72 31.81
CA THR P 45 -29.31 -5.10 31.46
C THR P 45 -30.53 -6.00 31.63
N SER P 46 -31.45 -5.64 32.53
CA SER P 46 -32.61 -6.49 32.73
C SER P 46 -33.57 -6.44 31.54
N ASN P 47 -33.62 -5.31 30.83
CA ASN P 47 -34.50 -5.16 29.69
C ASN P 47 -33.76 -5.13 28.37
N ALA P 48 -32.53 -5.64 28.34
CA ALA P 48 -31.70 -5.53 27.14
C ALA P 48 -32.40 -6.12 25.92
N SER P 49 -32.94 -7.34 26.05
CA SER P 49 -33.54 -8.01 24.91
C SER P 49 -34.71 -7.21 24.36
N THR P 50 -35.60 -6.74 25.24
CA THR P 50 -36.74 -5.97 24.78
C THR P 50 -36.29 -4.65 24.16
N ILE P 51 -35.27 -4.00 24.75
CA ILE P 51 -34.77 -2.76 24.20
C ILE P 51 -34.35 -2.97 22.74
N VAL P 52 -33.51 -3.96 22.49
CA VAL P 52 -33.00 -4.15 21.13
C VAL P 52 -34.12 -4.55 20.19
N ALA P 53 -35.05 -5.40 20.66
CA ALA P 53 -36.10 -5.87 19.78
C ALA P 53 -37.05 -4.75 19.36
N ASN P 54 -37.50 -3.95 20.33
CA ASN P 54 -38.41 -2.86 20.03
C ASN P 54 -37.73 -1.83 19.13
N ALA P 55 -36.47 -1.49 19.43
CA ALA P 55 -35.78 -0.52 18.59
C ALA P 55 -35.62 -1.04 17.17
N ALA P 56 -35.36 -2.34 17.01
CA ALA P 56 -35.23 -2.91 15.67
C ALA P 56 -36.54 -2.80 14.91
N ARG P 57 -37.65 -3.17 15.54
CA ARG P 57 -38.93 -3.05 14.87
C ARG P 57 -39.18 -1.62 14.44
N ALA P 58 -38.87 -0.66 15.32
CA ALA P 58 -39.07 0.74 14.98
C ALA P 58 -38.20 1.16 13.80
N LEU P 59 -36.93 0.74 13.78
CA LEU P 59 -36.05 1.14 12.70
C LEU P 59 -36.57 0.63 11.36
N PHE P 60 -37.00 -0.63 11.32
CA PHE P 60 -37.49 -1.16 10.04
C PHE P 60 -38.84 -0.59 9.66
N ALA P 61 -39.61 -0.08 10.63
CA ALA P 61 -40.84 0.61 10.27
C ALA P 61 -40.56 2.01 9.72
N GLU P 62 -39.54 2.68 10.26
CA GLU P 62 -39.22 4.03 9.81
C GLU P 62 -38.48 4.04 8.47
N GLN P 63 -37.67 3.02 8.20
CA GLN P 63 -36.86 2.96 6.98
C GLN P 63 -37.09 1.61 6.30
N PRO P 64 -38.21 1.48 5.58
CA PRO P 64 -38.53 0.17 4.99
C PRO P 64 -37.54 -0.28 3.93
N GLN P 65 -36.75 0.63 3.37
CA GLN P 65 -35.81 0.23 2.32
C GLN P 65 -34.81 -0.80 2.83
N LEU P 66 -34.54 -0.80 4.14
CA LEU P 66 -33.57 -1.74 4.70
C LEU P 66 -34.05 -3.18 4.56
N ILE P 67 -35.33 -3.43 4.82
CA ILE P 67 -35.89 -4.78 4.79
C ILE P 67 -36.51 -5.14 3.46
N GLN P 68 -36.58 -4.20 2.52
CA GLN P 68 -37.00 -4.55 1.18
C GLN P 68 -35.89 -5.34 0.48
N PRO P 69 -36.25 -6.16 -0.51
CA PRO P 69 -35.22 -6.94 -1.19
C PRO P 69 -34.13 -6.05 -1.76
N GLY P 70 -32.89 -6.48 -1.58
CA GLY P 70 -31.75 -5.71 -2.00
C GLY P 70 -31.13 -4.87 -0.89
N GLY P 71 -31.97 -4.33 -0.02
CA GLY P 71 -31.50 -3.50 1.09
C GLY P 71 -30.54 -4.26 1.97
N MEN P 72 -29.68 -3.54 2.69
CA MEN P 72 -28.62 -4.22 3.41
C MEN P 72 -29.03 -5.05 4.62
O MEN P 72 -28.20 -5.76 5.15
CB MEN P 72 -27.56 -3.23 3.88
CG MEN P 72 -26.22 -3.89 3.68
OD1 MEN P 72 -25.26 -3.68 4.42
ND2 MEN P 72 -26.15 -4.74 2.65
CE2 MEN P 72 -24.80 -5.37 2.51
N ALA P 73 -30.28 -4.95 5.04
CA ALA P 73 -30.78 -5.83 6.09
C ALA P 73 -31.84 -6.75 5.53
N TYR P 74 -31.45 -7.54 4.55
CA TYR P 74 -32.33 -8.49 3.87
C TYR P 74 -31.62 -9.83 3.81
N THR P 75 -32.38 -10.89 3.51
CA THR P 75 -31.96 -12.29 3.35
C THR P 75 -31.78 -13.03 4.67
N ASN P 76 -32.19 -12.46 5.79
CA ASN P 76 -32.29 -13.13 7.08
C ASN P 76 -30.93 -13.45 7.70
N ARG P 77 -29.88 -13.44 6.91
CA ARG P 77 -28.55 -13.58 7.49
C ARG P 77 -28.05 -12.20 7.91
N ARG P 78 -28.20 -11.25 7.00
CA ARG P 78 -27.86 -9.87 7.32
C ARG P 78 -28.82 -9.29 8.36
N MET P 79 -30.06 -9.77 8.41
CA MET P 79 -30.95 -9.34 9.49
C MET P 79 -30.40 -9.78 10.85
N ALA P 80 -29.93 -11.02 10.93
CA ALA P 80 -29.32 -11.51 12.15
C ALA P 80 -28.10 -10.67 12.50
N ALA P 81 -27.28 -10.36 11.49
CA ALA P 81 -26.11 -9.52 11.75
C ALA P 81 -26.52 -8.16 12.29
N CYS P 82 -27.57 -7.57 11.74
CA CYS P 82 -27.99 -6.25 12.18
C CYS P 82 -28.44 -6.28 13.63
N LEU P 83 -29.26 -7.26 14.00
CA LEU P 83 -29.69 -7.37 15.39
C LEU P 83 -28.49 -7.61 16.31
N ARG P 84 -27.54 -8.42 15.84
CA ARG P 84 -26.34 -8.70 16.63
C ARG P 84 -25.56 -7.43 16.91
N ASP P 85 -25.39 -6.59 15.89
CA ASP P 85 -24.60 -5.38 16.08
C ASP P 85 -25.32 -4.39 16.98
N MET P 86 -26.65 -4.28 16.85
CA MET P 86 -27.39 -3.41 17.76
C MET P 86 -27.18 -3.84 19.21
N GLU P 87 -27.30 -5.15 19.47
CA GLU P 87 -27.12 -5.59 20.84
C GLU P 87 -25.66 -5.48 21.29
N ILE P 88 -24.71 -5.59 20.37
CA ILE P 88 -23.30 -5.40 20.72
C ILE P 88 -23.07 -3.99 21.21
N ILE P 89 -23.62 -3.01 20.48
CA ILE P 89 -23.48 -1.62 20.91
C ILE P 89 -24.11 -1.43 22.27
N LEU P 90 -25.29 -2.01 22.49
CA LEU P 90 -25.93 -1.91 23.81
C LEU P 90 -25.03 -2.50 24.89
N ARG P 91 -24.39 -3.64 24.61
CA ARG P 91 -23.54 -4.29 25.60
C ARG P 91 -22.34 -3.43 25.96
N TYR P 92 -21.68 -2.85 24.96
CA TYR P 92 -20.52 -2.02 25.26
C TYR P 92 -20.92 -0.73 25.96
N VAL P 93 -22.10 -0.18 25.63
CA VAL P 93 -22.57 0.99 26.37
C VAL P 93 -22.83 0.63 27.83
N THR P 94 -23.39 -0.55 28.08
CA THR P 94 -23.61 -0.99 29.45
C THR P 94 -22.30 -1.09 30.22
N TYR P 95 -21.27 -1.68 29.57
CA TYR P 95 -19.94 -1.68 30.16
C TYR P 95 -19.52 -0.26 30.53
N ALA P 96 -19.71 0.68 29.60
CA ALA P 96 -19.28 2.05 29.85
C ALA P 96 -20.04 2.68 30.99
N ILE P 97 -21.32 2.35 31.14
CA ILE P 97 -22.09 2.92 32.24
C ILE P 97 -21.57 2.42 33.58
N LEU P 98 -21.28 1.13 33.67
CA LEU P 98 -20.73 0.62 34.92
C LEU P 98 -19.36 1.24 35.21
N ALA P 99 -18.51 1.34 34.20
CA ALA P 99 -17.16 1.85 34.41
C ALA P 99 -17.19 3.31 34.84
N GLY P 100 -18.06 4.11 34.25
CA GLY P 100 -18.12 5.53 34.51
C GLY P 100 -17.48 6.40 33.45
N ASP P 101 -16.71 5.81 32.54
CA ASP P 101 -16.06 6.54 31.45
C ASP P 101 -16.28 5.79 30.15
N SER P 102 -16.02 6.48 29.05
CA SER P 102 -16.30 5.96 27.73
C SER P 102 -15.11 5.25 27.10
N SER P 103 -14.07 4.96 27.87
CA SER P 103 -12.85 4.40 27.30
C SER P 103 -13.13 3.05 26.63
N VAL P 104 -13.86 2.17 27.32
CA VAL P 104 -14.16 0.86 26.75
C VAL P 104 -14.97 1.01 25.47
N LEU P 105 -15.95 1.92 25.49
CA LEU P 105 -16.83 2.10 24.35
C LEU P 105 -16.06 2.60 23.14
N ASP P 106 -15.11 3.50 23.36
CA ASP P 106 -14.32 4.06 22.28
C ASP P 106 -13.20 3.14 21.83
N ASP P 107 -12.81 2.16 22.66
CA ASP P 107 -11.70 1.28 22.30
C ASP P 107 -12.15 -0.01 21.62
N ARG P 108 -13.26 -0.61 22.07
CA ARG P 108 -13.55 -1.97 21.66
C ARG P 108 -14.78 -2.13 20.78
N CYS P 109 -15.57 -1.09 20.57
CA CYS P 109 -16.69 -1.20 19.64
C CYS P 109 -16.89 0.03 18.77
N LEU P 110 -16.08 1.07 18.94
CA LEU P 110 -16.20 2.30 18.19
C LEU P 110 -14.95 2.64 17.40
N ASN P 111 -13.82 2.01 17.72
CA ASN P 111 -12.54 2.38 17.14
C ASN P 111 -12.58 2.30 15.61
N GLY P 112 -12.79 1.11 15.08
CA GLY P 112 -12.82 0.91 13.65
C GLY P 112 -14.19 0.73 13.03
N LEU P 113 -15.25 1.03 13.76
CA LEU P 113 -16.60 0.72 13.29
C LEU P 113 -16.92 1.46 11.99
N ARG P 114 -16.55 2.73 11.91
CA ARG P 114 -16.92 3.55 10.75
C ARG P 114 -16.34 2.97 9.47
N GLU P 115 -15.05 2.64 9.47
CA GLU P 115 -14.42 2.12 8.27
C GLU P 115 -15.03 0.79 7.85
N THR P 116 -15.27 -0.09 8.83
CA THR P 116 -15.83 -1.40 8.50
C THR P 116 -17.21 -1.27 7.89
N TYR P 117 -18.07 -0.43 8.47
CA TYR P 117 -19.39 -0.26 7.89
C TYR P 117 -19.32 0.41 6.52
N GLN P 118 -18.44 1.39 6.36
CA GLN P 118 -18.29 2.04 5.06
C GLN P 118 -17.93 1.01 3.99
N ALA P 119 -16.96 0.15 4.30
CA ALA P 119 -16.57 -0.87 3.33
C ALA P 119 -17.68 -1.88 3.08
N LEU P 120 -18.39 -2.28 4.14
CA LEU P 120 -19.47 -3.25 3.98
C LEU P 120 -20.60 -2.71 3.10
N GLY P 121 -20.80 -1.40 3.10
CA GLY P 121 -21.95 -0.81 2.46
C GLY P 121 -23.08 -0.50 3.41
N THR P 122 -22.97 -0.91 4.66
CA THR P 122 -24.00 -0.63 5.65
C THR P 122 -24.20 0.87 5.77
N PRO P 123 -25.43 1.37 5.65
CA PRO P 123 -25.65 2.81 5.79
C PRO P 123 -25.45 3.27 7.22
N GLY P 124 -24.41 4.08 7.44
CA GLY P 124 -24.09 4.51 8.81
C GLY P 124 -25.16 5.42 9.40
N SER P 125 -25.77 6.26 8.58
CA SER P 125 -26.83 7.14 9.08
C SER P 125 -27.98 6.34 9.66
N SER P 126 -28.37 5.26 8.99
CA SER P 126 -29.43 4.40 9.49
C SER P 126 -29.04 3.79 10.83
N VAL P 127 -27.78 3.36 10.96
CA VAL P 127 -27.32 2.80 12.22
C VAL P 127 -27.42 3.82 13.33
N ALA P 128 -27.09 5.09 13.02
CA ALA P 128 -27.23 6.15 14.01
C ALA P 128 -28.69 6.32 14.44
N VAL P 129 -29.60 6.27 13.47
CA VAL P 129 -31.03 6.33 13.82
C VAL P 129 -31.40 5.21 14.77
N ALA P 130 -30.92 4.00 14.48
CA ALA P 130 -31.23 2.85 15.32
C ALA P 130 -30.72 3.05 16.74
N ILE P 131 -29.47 3.49 16.86
CA ILE P 131 -28.91 3.63 18.21
C ILE P 131 -29.62 4.75 18.96
N GLN P 132 -30.13 5.77 18.27
CA GLN P 132 -30.89 6.79 18.98
C GLN P 132 -32.24 6.27 19.45
N LYS P 133 -32.87 5.40 18.65
CA LYS P 133 -34.08 4.74 19.13
C LYS P 133 -33.80 3.96 20.42
N MET P 134 -32.73 3.18 20.40
CA MET P 134 -32.32 2.49 21.63
C MET P 134 -32.04 3.47 22.76
N LYS P 135 -31.47 4.62 22.44
CA LYS P 135 -31.15 5.62 23.45
C LYS P 135 -32.41 6.05 24.19
N ASP P 136 -33.45 6.42 23.44
CA ASP P 136 -34.67 6.86 24.09
C ASP P 136 -35.27 5.74 24.94
N ALA P 137 -35.32 4.52 24.40
CA ALA P 137 -35.95 3.43 25.15
C ALA P 137 -35.20 3.15 26.46
N ALA P 138 -33.88 3.03 26.38
CA ALA P 138 -33.09 2.73 27.57
C ALA P 138 -33.14 3.85 28.59
N ILE P 139 -33.06 5.10 28.12
CA ILE P 139 -33.16 6.24 29.02
C ILE P 139 -34.48 6.19 29.78
N ALA P 140 -35.57 5.91 29.08
CA ALA P 140 -36.87 5.88 29.73
C ALA P 140 -36.94 4.76 30.77
N ILE P 141 -36.48 3.56 30.42
CA ILE P 141 -36.62 2.46 31.36
C ILE P 141 -35.74 2.69 32.59
N ALA P 142 -34.56 3.29 32.40
CA ALA P 142 -33.69 3.53 33.55
C ALA P 142 -34.20 4.67 34.42
N ASN P 143 -34.85 5.67 33.80
CA ASN P 143 -35.28 6.85 34.52
C ASN P 143 -36.70 6.73 35.07
N ASP P 144 -37.33 5.57 34.94
CA ASP P 144 -38.70 5.41 35.39
C ASP P 144 -38.76 5.68 36.90
N PRO P 145 -39.53 6.67 37.35
CA PRO P 145 -39.55 6.99 38.78
C PRO P 145 -40.33 6.00 39.61
N ASN P 146 -41.13 5.14 38.99
CA ASN P 146 -41.89 4.15 39.73
C ASN P 146 -41.11 2.84 39.82
N GLY P 147 -41.20 2.19 40.98
CA GLY P 147 -40.64 0.87 41.17
C GLY P 147 -39.40 0.82 42.05
N ILE P 148 -38.78 1.96 42.37
CA ILE P 148 -37.56 2.02 43.16
C ILE P 148 -37.61 3.25 44.06
N THR P 149 -36.59 3.38 44.91
CA THR P 149 -36.55 4.52 45.82
C THR P 149 -36.40 5.82 45.03
N PRO P 150 -37.08 6.88 45.45
CA PRO P 150 -36.92 8.17 44.78
C PRO P 150 -35.56 8.77 45.06
N GLY P 151 -35.16 9.68 44.18
CA GLY P 151 -33.90 10.38 44.32
C GLY P 151 -33.63 11.23 43.10
N ASP P 152 -32.37 11.69 43.00
CA ASP P 152 -31.90 12.43 41.85
C ASP P 152 -30.95 11.54 41.03
N CYS P 153 -31.16 11.51 39.72
CA CYS P 153 -30.34 10.67 38.84
C CYS P 153 -29.99 11.40 37.56
N SER P 154 -30.17 12.73 37.50
CA SER P 154 -30.08 13.44 36.22
C SER P 154 -28.69 13.40 35.63
N ALA P 155 -27.66 13.50 36.47
CA ALA P 155 -26.28 13.48 35.97
C ALA P 155 -26.00 12.16 35.26
N LEU P 156 -26.40 11.06 35.89
CA LEU P 156 -26.18 9.74 35.30
C LEU P 156 -26.96 9.59 33.99
N MET P 157 -28.19 10.11 33.95
CA MET P 157 -28.97 10.05 32.72
C MET P 157 -28.28 10.81 31.60
N SER P 158 -27.75 12.00 31.91
CA SER P 158 -27.01 12.75 30.91
C SER P 158 -25.80 11.97 30.42
N GLU P 159 -25.12 11.29 31.34
CA GLU P 159 -23.93 10.52 30.94
C GLU P 159 -24.31 9.37 29.98
N ILE P 160 -25.36 8.63 30.30
CA ILE P 160 -25.74 7.52 29.42
C ILE P 160 -26.16 8.05 28.05
N ALA P 161 -26.87 9.18 28.03
CA ALA P 161 -27.23 9.80 26.76
C ALA P 161 -25.98 10.18 25.98
N GLY P 162 -24.98 10.72 26.68
CA GLY P 162 -23.74 11.09 26.00
C GLY P 162 -23.05 9.91 25.36
N TYR P 163 -23.08 8.76 26.03
CA TYR P 163 -22.39 7.61 25.44
C TYR P 163 -23.14 7.08 24.22
N PHE P 164 -24.46 6.99 24.29
CA PHE P 164 -25.22 6.63 23.09
C PHE P 164 -24.92 7.60 21.95
N ASP P 165 -24.88 8.89 22.25
CA ASP P 165 -24.60 9.89 21.22
C ASP P 165 -23.21 9.70 20.63
N ARG P 166 -22.23 9.38 21.48
CA ARG P 166 -20.88 9.15 21.00
C ARG P 166 -20.88 8.04 19.96
N ALA P 167 -21.57 6.94 20.26
CA ALA P 167 -21.65 5.84 19.30
C ALA P 167 -22.30 6.29 18.00
N ALA P 168 -23.42 7.02 18.12
CA ALA P 168 -24.13 7.46 16.92
C ALA P 168 -23.25 8.35 16.05
N ALA P 169 -22.48 9.23 16.69
CA ALA P 169 -21.63 10.16 15.94
C ALA P 169 -20.49 9.42 15.26
N ALA P 170 -19.96 8.38 15.89
CA ALA P 170 -18.84 7.68 15.26
C ALA P 170 -19.30 6.81 14.09
N VAL P 171 -20.45 6.15 14.23
CA VAL P 171 -20.85 5.24 13.16
C VAL P 171 -21.31 6.00 11.93
N ALA P 172 -21.87 7.20 12.10
CA ALA P 172 -22.28 8.02 10.96
C ALA P 172 -21.30 9.16 10.76
N MET Q 1 -11.64 -45.94 0.03
CA MET Q 1 -11.26 -45.47 -1.31
C MET Q 1 -11.98 -44.20 -1.68
N LYS Q 2 -11.58 -43.59 -2.80
CA LYS Q 2 -12.18 -42.36 -3.28
C LYS Q 2 -13.39 -42.60 -4.18
N THR Q 3 -14.08 -43.72 -4.00
CA THR Q 3 -15.21 -44.03 -4.87
C THR Q 3 -16.27 -42.95 -4.77
N PRO Q 4 -16.97 -42.64 -5.87
CA PRO Q 4 -17.89 -41.48 -5.86
C PRO Q 4 -18.90 -41.51 -4.71
N ILE Q 5 -19.49 -42.68 -4.46
CA ILE Q 5 -20.47 -42.80 -3.39
C ILE Q 5 -19.85 -42.44 -2.04
N THR Q 6 -18.69 -43.05 -1.75
CA THR Q 6 -18.05 -42.79 -0.47
C THR Q 6 -17.54 -41.36 -0.38
N GLU Q 7 -17.09 -40.79 -1.50
CA GLU Q 7 -16.65 -39.40 -1.48
C GLU Q 7 -17.79 -38.47 -1.10
N ALA Q 8 -18.97 -38.71 -1.67
CA ALA Q 8 -20.14 -37.92 -1.27
C ALA Q 8 -20.45 -38.12 0.22
N ILE Q 9 -20.37 -39.37 0.68
CA ILE Q 9 -20.66 -39.65 2.08
C ILE Q 9 -19.72 -38.85 2.99
N ALA Q 10 -18.42 -38.87 2.66
CA ALA Q 10 -17.45 -38.15 3.48
C ALA Q 10 -17.67 -36.65 3.44
N ALA Q 11 -18.02 -36.13 2.25
CA ALA Q 11 -18.31 -34.70 2.14
C ALA Q 11 -19.46 -34.31 3.05
N ALA Q 12 -20.51 -35.12 3.10
CA ALA Q 12 -21.61 -34.81 4.00
C ALA Q 12 -21.25 -35.04 5.46
N ASP Q 13 -20.35 -35.98 5.72
CA ASP Q 13 -19.99 -36.31 7.10
C ASP Q 13 -19.18 -35.20 7.74
N THR Q 14 -18.32 -34.53 6.96
CA THR Q 14 -17.52 -33.46 7.54
C THR Q 14 -18.38 -32.33 8.09
N GLN Q 15 -19.52 -32.05 7.47
CA GLN Q 15 -20.43 -31.03 7.96
C GLN Q 15 -21.51 -31.58 8.87
N GLY Q 16 -21.57 -32.89 9.06
CA GLY Q 16 -22.57 -33.50 9.94
C GLY Q 16 -23.99 -33.35 9.46
N ARG Q 17 -24.21 -33.44 8.15
CA ARG Q 17 -25.53 -33.26 7.55
C ARG Q 17 -25.99 -34.56 6.91
N PHE Q 18 -27.29 -34.81 6.97
CA PHE Q 18 -27.84 -35.95 6.24
C PHE Q 18 -27.69 -35.74 4.74
N LEU Q 19 -27.66 -36.85 4.01
CA LEU Q 19 -27.45 -36.79 2.56
C LEU Q 19 -28.65 -36.10 1.92
N SER Q 20 -28.47 -34.85 1.51
CA SER Q 20 -29.53 -34.13 0.81
C SER Q 20 -29.52 -34.52 -0.67
N ASN Q 21 -30.37 -33.86 -1.45
CA ASN Q 21 -30.53 -34.23 -2.85
C ASN Q 21 -29.25 -34.04 -3.66
N THR Q 22 -28.32 -33.20 -3.20
CA THR Q 22 -27.06 -33.03 -3.92
C THR Q 22 -26.32 -34.35 -4.03
N GLU Q 23 -26.10 -35.01 -2.89
CA GLU Q 23 -25.41 -36.28 -2.89
C GLU Q 23 -26.18 -37.34 -3.67
N LEU Q 24 -27.51 -37.35 -3.51
CA LEU Q 24 -28.33 -38.32 -4.21
C LEU Q 24 -28.22 -38.15 -5.72
N GLN Q 25 -28.20 -36.91 -6.19
CA GLN Q 25 -28.03 -36.65 -7.62
C GLN Q 25 -26.65 -37.13 -8.10
N ALA Q 26 -25.62 -36.92 -7.29
CA ALA Q 26 -24.30 -37.42 -7.67
C ALA Q 26 -24.30 -38.94 -7.87
N VAL Q 27 -24.87 -39.66 -6.90
CA VAL Q 27 -24.89 -41.12 -7.01
C VAL Q 27 -25.75 -41.55 -8.20
N ASP Q 28 -26.84 -40.82 -8.45
CA ASP Q 28 -27.67 -41.11 -9.61
C ASP Q 28 -26.88 -40.98 -10.90
N GLY Q 29 -26.05 -39.93 -11.00
CA GLY Q 29 -25.19 -39.79 -12.17
C GLY Q 29 -24.23 -40.95 -12.32
N ARG Q 30 -23.66 -41.41 -11.21
CA ARG Q 30 -22.80 -42.59 -11.26
C ARG Q 30 -23.55 -43.79 -11.84
N PHE Q 31 -24.77 -44.03 -11.38
CA PHE Q 31 -25.52 -45.18 -11.87
C PHE Q 31 -25.90 -45.02 -13.34
N LYS Q 32 -26.20 -43.80 -13.78
CA LYS Q 32 -26.52 -43.58 -15.18
C LYS Q 32 -25.31 -43.84 -16.07
N ARG Q 33 -24.12 -43.45 -15.61
CA ARG Q 33 -22.89 -43.68 -16.37
C ARG Q 33 -22.39 -45.13 -16.28
N ALA Q 34 -22.92 -45.89 -15.32
CA ALA Q 34 -22.45 -47.26 -15.10
C ALA Q 34 -22.62 -48.15 -16.33
N VAL Q 35 -23.62 -47.88 -17.18
CA VAL Q 35 -23.82 -48.73 -18.35
C VAL Q 35 -22.60 -48.69 -19.26
N ALA Q 36 -22.15 -47.48 -19.60
CA ALA Q 36 -20.96 -47.33 -20.43
C ALA Q 36 -19.71 -47.79 -19.69
N SER Q 37 -19.63 -47.51 -18.39
CA SER Q 37 -18.44 -47.90 -17.64
C SER Q 37 -18.25 -49.42 -17.63
N MET Q 38 -19.34 -50.16 -17.39
CA MET Q 38 -19.24 -51.62 -17.39
C MET Q 38 -18.93 -52.15 -18.77
N GLU Q 39 -19.51 -51.55 -19.82
CA GLU Q 39 -19.14 -51.96 -21.18
C GLU Q 39 -17.63 -51.84 -21.40
N ALA Q 40 -17.07 -50.68 -21.05
CA ALA Q 40 -15.64 -50.47 -21.24
C ALA Q 40 -14.81 -51.46 -20.43
N ALA Q 41 -15.22 -51.72 -19.18
CA ALA Q 41 -14.48 -52.65 -18.33
C ALA Q 41 -14.46 -54.05 -18.91
N ARG Q 42 -15.61 -54.53 -19.39
CA ARG Q 42 -15.65 -55.85 -20.00
C ARG Q 42 -14.74 -55.91 -21.21
N ALA Q 43 -14.75 -54.87 -22.04
CA ALA Q 43 -13.89 -54.88 -23.23
C ALA Q 43 -12.42 -54.97 -22.85
N LEU Q 44 -11.99 -54.18 -21.87
CA LEU Q 44 -10.58 -54.20 -21.50
C LEU Q 44 -10.18 -55.54 -20.88
N THR Q 45 -11.04 -56.12 -20.04
CA THR Q 45 -10.63 -57.35 -19.36
C THR Q 45 -10.66 -58.56 -20.28
N ASN Q 46 -11.59 -58.60 -21.26
CA ASN Q 46 -11.63 -59.79 -22.10
C ASN Q 46 -10.46 -59.86 -23.07
N ASN Q 47 -9.82 -58.73 -23.35
CA ASN Q 47 -8.67 -58.66 -24.24
C ASN Q 47 -7.41 -58.25 -23.49
N ALA Q 48 -7.24 -58.78 -22.28
CA ALA Q 48 -6.18 -58.33 -21.38
C ALA Q 48 -4.88 -59.10 -21.55
N GLN Q 49 -4.81 -60.07 -22.47
CA GLN Q 49 -3.58 -60.82 -22.69
C GLN Q 49 -2.85 -60.46 -23.97
N SER Q 50 -3.59 -60.18 -25.05
CA SER Q 50 -2.93 -59.70 -26.26
C SER Q 50 -2.29 -58.34 -26.03
N LEU Q 51 -3.00 -57.45 -25.34
CA LEU Q 51 -2.54 -56.08 -25.19
C LEU Q 51 -1.32 -55.97 -24.29
N ILE Q 52 -1.24 -56.80 -23.24
CA ILE Q 52 -0.10 -56.73 -22.34
C ILE Q 52 1.19 -57.12 -23.07
N ASP Q 53 1.15 -58.22 -23.82
CA ASP Q 53 2.31 -58.64 -24.60
C ASP Q 53 2.65 -57.63 -25.68
N GLY Q 54 1.62 -57.11 -26.36
CA GLY Q 54 1.87 -56.11 -27.39
C GLY Q 54 2.53 -54.86 -26.84
N ALA Q 55 2.10 -54.41 -25.67
CA ALA Q 55 2.71 -53.24 -25.04
C ALA Q 55 4.16 -53.52 -24.65
N ALA Q 56 4.45 -54.72 -24.14
CA ALA Q 56 5.82 -55.08 -23.85
C ALA Q 56 6.70 -54.94 -25.09
N GLN Q 57 6.26 -55.51 -26.21
CA GLN Q 57 7.04 -55.40 -27.44
C GLN Q 57 7.13 -53.94 -27.91
N ALA Q 58 6.07 -53.15 -27.71
CA ALA Q 58 6.10 -51.76 -28.11
C ALA Q 58 7.19 -50.99 -27.38
N VAL Q 59 7.30 -51.20 -26.06
CA VAL Q 59 8.35 -50.54 -25.30
C VAL Q 59 9.71 -51.02 -25.75
N TYR Q 60 9.84 -52.31 -26.05
CA TYR Q 60 11.13 -52.80 -26.52
C TYR Q 60 11.52 -52.14 -27.84
N GLN Q 61 10.55 -51.87 -28.70
CA GLN Q 61 10.86 -51.26 -30.00
C GLN Q 61 11.16 -49.78 -29.88
N LYS Q 62 10.42 -49.04 -29.05
CA LYS Q 62 10.70 -47.61 -28.94
C LYS Q 62 12.04 -47.35 -28.25
N PHE Q 63 12.39 -48.17 -27.25
CA PHE Q 63 13.61 -48.02 -26.46
C PHE Q 63 14.41 -49.30 -26.56
N PRO Q 64 15.14 -49.51 -27.67
CA PRO Q 64 15.91 -50.75 -27.82
C PRO Q 64 17.00 -50.90 -26.78
N TYR Q 65 17.47 -49.82 -26.15
CA TYR Q 65 18.50 -49.93 -25.13
C TYR Q 65 17.97 -50.57 -23.85
N THR Q 66 16.65 -50.67 -23.69
CA THR Q 66 16.10 -51.20 -22.44
C THR Q 66 16.15 -52.72 -22.36
N THR Q 67 16.44 -53.42 -23.46
CA THR Q 67 16.57 -54.86 -23.42
C THR Q 67 17.95 -55.35 -23.80
N THR Q 68 18.90 -54.46 -24.06
CA THR Q 68 20.25 -54.87 -24.40
C THR Q 68 21.31 -54.28 -23.49
N MET Q 69 21.14 -53.05 -23.01
CA MET Q 69 22.11 -52.46 -22.11
C MET Q 69 22.22 -53.29 -20.83
N GLN Q 70 23.46 -53.51 -20.38
CA GLN Q 70 23.71 -54.39 -19.25
C GLN Q 70 23.22 -53.77 -17.94
N GLY Q 71 22.69 -54.61 -17.07
CA GLY Q 71 22.26 -54.16 -15.76
C GLY Q 71 21.08 -54.98 -15.26
N SER Q 72 20.59 -54.59 -14.09
CA SER Q 72 19.45 -55.24 -13.46
C SER Q 72 18.13 -54.53 -13.72
N GLN Q 73 18.17 -53.27 -14.14
CA GLN Q 73 16.96 -52.50 -14.42
C GLN Q 73 16.53 -52.63 -15.87
N TYR Q 74 16.77 -53.78 -16.49
CA TYR Q 74 16.49 -53.99 -17.89
C TYR Q 74 15.81 -55.35 -18.07
N ALA Q 75 15.19 -55.52 -19.23
CA ALA Q 75 14.47 -56.76 -19.54
C ALA Q 75 15.30 -57.72 -20.37
N SER Q 76 16.62 -57.58 -20.35
CA SER Q 76 17.48 -58.46 -21.14
C SER Q 76 17.34 -59.92 -20.70
N THR Q 77 17.30 -60.16 -19.40
CA THR Q 77 17.12 -61.49 -18.86
C THR Q 77 15.65 -61.89 -18.93
N PRO Q 78 15.37 -63.20 -18.96
CA PRO Q 78 13.95 -63.63 -18.93
C PRO Q 78 13.21 -63.19 -17.68
N GLU Q 79 13.89 -63.17 -16.53
CA GLU Q 79 13.25 -62.67 -15.31
C GLU Q 79 12.89 -61.19 -15.45
N GLY Q 80 13.76 -60.43 -16.11
CA GLY Q 80 13.43 -59.04 -16.39
C GLY Q 80 12.22 -58.90 -17.30
N LYS Q 81 12.12 -59.77 -18.31
CA LYS Q 81 10.94 -59.76 -19.17
C LYS Q 81 9.68 -60.06 -18.36
N ALA Q 82 9.76 -61.02 -17.45
CA ALA Q 82 8.61 -61.33 -16.59
C ALA Q 82 8.21 -60.12 -15.76
N LYS Q 83 9.18 -59.44 -15.16
CA LYS Q 83 8.87 -58.27 -14.35
C LYS Q 83 8.26 -57.15 -15.20
N CYS Q 84 8.78 -56.95 -16.41
CA CYS Q 84 8.23 -55.93 -17.29
C CYS Q 84 6.78 -56.22 -17.66
N ALA Q 85 6.51 -57.48 -18.02
CA ALA Q 85 5.14 -57.87 -18.33
C ALA Q 85 4.24 -57.66 -17.11
N ARG Q 86 4.73 -58.00 -15.92
CA ARG Q 86 3.93 -57.80 -14.72
C ARG Q 86 3.62 -56.32 -14.51
N ASP Q 87 4.58 -55.43 -14.79
CA ASP Q 87 4.33 -54.00 -14.57
C ASP Q 87 3.27 -53.45 -15.52
N ILE Q 88 3.41 -53.72 -16.82
CA ILE Q 88 2.41 -53.22 -17.75
C ILE Q 88 1.04 -53.82 -17.43
N GLY Q 89 1.03 -55.10 -17.03
CA GLY Q 89 -0.21 -55.72 -16.61
C GLY Q 89 -0.79 -55.06 -15.37
N TYR Q 90 0.06 -54.62 -14.46
CA TYR Q 90 -0.45 -53.92 -13.28
C TYR Q 90 -1.16 -52.64 -13.67
N TYR Q 91 -0.57 -51.87 -14.59
CA TYR Q 91 -1.24 -50.64 -15.02
C TYR Q 91 -2.60 -50.94 -15.63
N LEU Q 92 -2.65 -51.92 -16.54
CA LEU Q 92 -3.93 -52.24 -17.18
C LEU Q 92 -4.95 -52.76 -16.17
N ARG Q 93 -4.51 -53.62 -15.25
CA ARG Q 93 -5.39 -54.19 -14.23
C ARG Q 93 -5.97 -53.10 -13.34
N MET Q 94 -5.14 -52.13 -12.96
CA MET Q 94 -5.63 -51.01 -12.16
C MET Q 94 -6.63 -50.17 -12.93
N VAL Q 95 -6.40 -49.97 -14.23
CA VAL Q 95 -7.37 -49.20 -15.02
C VAL Q 95 -8.72 -49.90 -15.00
N THR Q 96 -8.73 -51.23 -15.18
CA THR Q 96 -10.00 -51.95 -15.15
C THR Q 96 -10.66 -51.89 -13.77
N TYR Q 97 -9.86 -51.96 -12.70
CA TYR Q 97 -10.40 -51.81 -11.36
C TYR Q 97 -11.04 -50.43 -11.18
N CYS Q 98 -10.41 -49.39 -11.71
CA CYS Q 98 -10.99 -48.05 -11.62
C CYS Q 98 -12.26 -47.95 -12.44
N LEU Q 99 -12.28 -48.61 -13.59
CA LEU Q 99 -13.48 -48.62 -14.43
C LEU Q 99 -14.65 -49.25 -13.68
N VAL Q 100 -14.40 -50.35 -12.98
CA VAL Q 100 -15.50 -51.00 -12.27
C VAL Q 100 -15.90 -50.21 -11.03
N ALA Q 101 -14.92 -49.61 -10.34
CA ALA Q 101 -15.24 -48.87 -9.13
C ALA Q 101 -16.01 -47.60 -9.41
N GLY Q 102 -15.94 -47.09 -10.64
CA GLY Q 102 -16.56 -45.84 -10.98
C GLY Q 102 -15.70 -44.62 -10.71
N GLY Q 103 -14.64 -44.77 -9.92
CA GLY Q 103 -13.81 -43.66 -9.54
C GLY Q 103 -12.34 -44.02 -9.56
N THR Q 104 -11.50 -43.02 -9.31
CA THR Q 104 -10.05 -43.20 -9.33
C THR Q 104 -9.51 -43.76 -8.04
N GLY Q 105 -10.37 -44.13 -7.09
CA GLY Q 105 -9.96 -44.68 -5.83
C GLY Q 105 -8.94 -45.78 -5.90
N PRO Q 106 -9.26 -46.86 -6.63
CA PRO Q 106 -8.28 -47.95 -6.76
C PRO Q 106 -6.94 -47.50 -7.32
N MET Q 107 -6.94 -46.63 -8.32
CA MET Q 107 -5.69 -46.15 -8.90
C MET Q 107 -4.85 -45.43 -7.86
N ASP Q 108 -5.48 -44.53 -7.10
CA ASP Q 108 -4.74 -43.76 -6.11
C ASP Q 108 -4.20 -44.66 -5.01
N GLU Q 109 -5.00 -45.61 -4.55
CA GLU Q 109 -4.57 -46.41 -3.40
C GLU Q 109 -3.49 -47.41 -3.79
N TYR Q 110 -3.59 -48.00 -4.99
CA TYR Q 110 -2.68 -49.09 -5.34
C TYR Q 110 -1.59 -48.67 -6.32
N LEU Q 111 -1.75 -47.55 -7.02
CA LEU Q 111 -0.75 -47.17 -8.01
C LEU Q 111 -0.13 -45.78 -7.84
N ILE Q 112 -0.96 -44.74 -7.82
CA ILE Q 112 -0.45 -43.38 -7.95
C ILE Q 112 0.34 -42.98 -6.70
N ALA Q 113 -0.05 -43.50 -5.56
CA ALA Q 113 0.59 -43.13 -4.30
C ALA Q 113 2.03 -43.65 -4.27
N GLY Q 114 2.98 -42.76 -4.03
CA GLY Q 114 4.36 -43.19 -3.93
C GLY Q 114 4.97 -43.67 -5.23
N LEU Q 115 4.42 -43.24 -6.37
CA LEU Q 115 4.91 -43.69 -7.67
C LEU Q 115 6.32 -43.17 -7.93
N SER Q 116 6.58 -41.90 -7.61
CA SER Q 116 7.87 -41.30 -7.90
C SER Q 116 8.99 -41.98 -7.12
N GLU Q 117 8.74 -42.30 -5.85
CA GLU Q 117 9.78 -42.93 -5.02
C GLU Q 117 10.25 -44.23 -5.65
N ILE Q 118 9.30 -45.07 -6.07
CA ILE Q 118 9.67 -46.37 -6.61
C ILE Q 118 10.34 -46.20 -7.98
N ASN Q 119 9.77 -45.32 -8.82
CA ASN Q 119 10.37 -45.11 -10.13
C ASN Q 119 11.78 -44.53 -10.04
N SER Q 120 12.10 -43.85 -8.94
CA SER Q 120 13.44 -43.31 -8.78
C SER Q 120 14.41 -44.28 -8.12
N THR Q 121 13.94 -45.11 -7.18
CA THR Q 121 14.88 -45.98 -6.48
C THR Q 121 15.29 -47.19 -7.32
N PHE Q 122 14.36 -47.78 -8.06
CA PHE Q 122 14.66 -48.96 -8.87
C PHE Q 122 14.99 -48.59 -10.31
N ASP Q 123 15.22 -47.31 -10.59
CA ASP Q 123 15.78 -46.88 -11.88
C ASP Q 123 14.84 -47.21 -13.04
N LEU Q 124 13.56 -46.94 -12.84
CA LEU Q 124 12.52 -47.22 -13.83
C LEU Q 124 12.03 -45.89 -14.38
N SER Q 125 12.61 -45.48 -15.50
CA SER Q 125 12.23 -44.20 -16.10
C SER Q 125 10.77 -44.23 -16.52
N PRO Q 126 9.97 -43.21 -16.17
CA PRO Q 126 8.55 -43.24 -16.49
C PRO Q 126 8.24 -43.36 -17.97
N SER Q 127 9.15 -42.90 -18.83
CA SER Q 127 8.88 -42.90 -20.27
C SER Q 127 8.49 -44.26 -20.79
N TRP Q 128 9.13 -45.31 -20.28
CA TRP Q 128 8.80 -46.68 -20.69
C TRP Q 128 7.32 -46.96 -20.50
N TYR Q 129 6.83 -46.73 -19.28
CA TYR Q 129 5.42 -46.99 -19.01
C TYR Q 129 4.51 -46.03 -19.76
N ILE Q 130 4.97 -44.80 -20.02
CA ILE Q 130 4.16 -43.86 -20.80
C ILE Q 130 3.89 -44.42 -22.19
N GLU Q 131 4.94 -44.90 -22.86
CA GLU Q 131 4.76 -45.48 -24.18
C GLU Q 131 3.87 -46.71 -24.13
N ALA Q 132 4.06 -47.57 -23.12
CA ALA Q 132 3.22 -48.77 -23.00
C ALA Q 132 1.76 -48.40 -22.89
N LEU Q 133 1.45 -47.41 -22.05
CA LEU Q 133 0.07 -46.98 -21.88
C LEU Q 133 -0.46 -46.34 -23.16
N LYS Q 134 0.40 -45.68 -23.94
CA LYS Q 134 -0.06 -45.15 -25.23
C LYS Q 134 -0.46 -46.28 -26.17
N TYR Q 135 0.32 -47.36 -26.21
CA TYR Q 135 -0.06 -48.51 -27.03
C TYR Q 135 -1.42 -49.06 -26.60
N ILE Q 136 -1.60 -49.23 -25.29
CA ILE Q 136 -2.88 -49.75 -24.80
C ILE Q 136 -4.02 -48.79 -25.16
N LYS Q 137 -3.75 -47.48 -25.10
CA LYS Q 137 -4.75 -46.49 -25.44
C LYS Q 137 -5.11 -46.53 -26.92
N ALA Q 138 -4.19 -47.00 -27.77
CA ALA Q 138 -4.48 -47.08 -29.19
C ALA Q 138 -5.09 -48.40 -29.63
N ASN Q 139 -4.90 -49.47 -28.87
CA ASN Q 139 -5.42 -50.78 -29.28
C ASN Q 139 -6.41 -51.37 -28.30
N HIS Q 140 -7.04 -50.54 -27.47
CA HIS Q 140 -7.95 -51.06 -26.44
C HIS Q 140 -9.15 -51.78 -27.04
N GLY Q 141 -9.64 -51.31 -28.18
CA GLY Q 141 -10.77 -51.97 -28.82
C GLY Q 141 -12.12 -51.61 -28.21
N LEU Q 142 -12.43 -50.32 -28.19
CA LEU Q 142 -13.71 -49.82 -27.70
C LEU Q 142 -14.23 -48.78 -28.66
N THR Q 143 -15.49 -48.42 -28.50
CA THR Q 143 -16.12 -47.40 -29.33
C THR Q 143 -17.00 -46.51 -28.47
N GLY Q 144 -17.16 -45.27 -28.91
CA GLY Q 144 -18.09 -44.34 -28.27
C GLY Q 144 -17.62 -43.85 -26.91
N GLN Q 145 -18.62 -43.56 -26.06
CA GLN Q 145 -18.32 -43.01 -24.74
C GLN Q 145 -17.60 -44.02 -23.86
N ALA Q 146 -17.81 -45.32 -24.10
CA ALA Q 146 -17.02 -46.33 -23.39
C ALA Q 146 -15.53 -46.17 -23.72
N ALA Q 147 -15.21 -45.98 -25.00
CA ALA Q 147 -13.84 -45.69 -25.39
C ALA Q 147 -13.34 -44.42 -24.72
N VAL Q 148 -14.20 -43.41 -24.62
CA VAL Q 148 -13.81 -42.17 -23.95
C VAL Q 148 -13.39 -42.45 -22.51
N GLU Q 149 -14.17 -43.26 -21.79
CA GLU Q 149 -13.87 -43.54 -20.40
C GLU Q 149 -12.54 -44.29 -20.24
N ALA Q 150 -12.33 -45.30 -21.10
CA ALA Q 150 -11.06 -46.04 -21.04
C ALA Q 150 -9.88 -45.11 -21.28
N ASN Q 151 -9.98 -44.27 -22.34
CA ASN Q 151 -8.93 -43.33 -22.68
C ASN Q 151 -8.83 -42.16 -21.69
N ALA Q 152 -9.79 -42.03 -20.78
CA ALA Q 152 -9.65 -41.04 -19.72
C ALA Q 152 -8.86 -41.59 -18.54
N TYR Q 153 -9.20 -42.80 -18.08
CA TYR Q 153 -8.45 -43.38 -16.97
C TYR Q 153 -6.99 -43.64 -17.35
N ILE Q 154 -6.76 -44.17 -18.55
CA ILE Q 154 -5.38 -44.46 -18.94
C ILE Q 154 -4.58 -43.17 -19.05
N ASP Q 155 -5.20 -42.10 -19.54
CA ASP Q 155 -4.50 -40.84 -19.64
C ASP Q 155 -4.25 -40.23 -18.27
N TYR Q 156 -5.16 -40.46 -17.32
CA TYR Q 156 -4.88 -40.02 -15.95
C TYR Q 156 -3.63 -40.69 -15.43
N ALA Q 157 -3.50 -42.00 -15.66
CA ALA Q 157 -2.27 -42.67 -15.23
C ALA Q 157 -1.04 -42.11 -15.95
N ILE Q 158 -1.18 -41.80 -17.24
CA ILE Q 158 -0.06 -41.24 -17.99
C ILE Q 158 0.38 -39.92 -17.37
N ASN Q 159 -0.56 -39.02 -17.14
CA ASN Q 159 -0.26 -37.70 -16.60
C ASN Q 159 0.07 -37.74 -15.11
N ALA Q 160 -0.17 -38.87 -14.44
CA ALA Q 160 0.30 -39.02 -13.07
C ALA Q 160 1.75 -39.50 -13.03
N LEU Q 161 2.10 -40.43 -13.92
CA LEU Q 161 3.48 -40.90 -13.98
C LEU Q 161 4.43 -39.76 -14.34
N SER Q 162 4.06 -38.95 -15.32
CA SER Q 162 4.90 -37.86 -15.77
C SER Q 162 4.26 -36.52 -15.46
N MET R 1 -13.93 -46.13 4.48
CA MET R 1 -14.41 -45.32 3.36
C MET R 1 -14.73 -46.20 2.16
N LEU R 2 -15.37 -47.32 2.40
CA LEU R 2 -15.73 -48.27 1.36
C LEU R 2 -17.23 -48.22 1.08
N ASP R 3 -17.60 -48.64 -0.12
CA ASP R 3 -18.99 -48.93 -0.46
C ASP R 3 -19.03 -50.36 -1.00
N ALA R 4 -20.17 -50.76 -1.58
CA ALA R 4 -20.25 -52.10 -2.16
C ALA R 4 -19.19 -52.30 -3.24
N PHE R 5 -19.07 -51.33 -4.14
CA PHE R 5 -18.10 -51.40 -5.22
C PHE R 5 -16.68 -51.51 -4.68
N ALA R 6 -16.33 -50.65 -3.73
CA ALA R 6 -14.99 -50.69 -3.17
C ALA R 6 -14.74 -51.99 -2.41
N LYS R 7 -15.76 -52.53 -1.76
CA LYS R 7 -15.60 -53.79 -1.05
C LYS R 7 -15.22 -54.92 -2.01
N VAL R 8 -15.97 -55.06 -3.10
CA VAL R 8 -15.66 -56.16 -4.02
C VAL R 8 -14.31 -55.92 -4.69
N VAL R 9 -13.99 -54.66 -5.01
CA VAL R 9 -12.71 -54.38 -5.64
C VAL R 9 -11.56 -54.69 -4.69
N ALA R 10 -11.76 -54.45 -3.39
CA ALA R 10 -10.71 -54.72 -2.42
C ALA R 10 -10.47 -56.21 -2.27
N GLN R 11 -11.54 -57.02 -2.24
CA GLN R 11 -11.34 -58.46 -2.25
C GLN R 11 -10.57 -58.89 -3.50
N ALA R 12 -10.97 -58.37 -4.65
CA ALA R 12 -10.34 -58.77 -5.91
C ALA R 12 -8.87 -58.35 -5.96
N ASP R 13 -8.55 -57.20 -5.39
CA ASP R 13 -7.15 -56.76 -5.34
C ASP R 13 -6.35 -57.62 -4.37
N ALA R 14 -6.97 -58.01 -3.25
CA ALA R 14 -6.27 -58.89 -2.31
C ALA R 14 -5.91 -60.21 -2.95
N ARG R 15 -6.83 -60.78 -3.74
CA ARG R 15 -6.51 -62.02 -4.44
C ARG R 15 -5.58 -61.76 -5.63
N GLY R 16 -5.63 -60.57 -6.22
CA GLY R 16 -4.81 -60.27 -7.37
C GLY R 16 -5.34 -60.79 -8.69
N GLU R 17 -6.61 -61.17 -8.75
CA GLU R 17 -7.22 -61.69 -9.96
C GLU R 17 -7.98 -60.57 -10.69
N PHE R 18 -7.83 -60.53 -12.02
CA PHE R 18 -8.65 -59.64 -12.82
C PHE R 18 -10.12 -59.90 -12.52
N LEU R 19 -10.92 -58.84 -12.51
CA LEU R 19 -12.34 -58.96 -12.20
C LEU R 19 -13.00 -60.03 -13.04
N THR R 20 -13.59 -61.03 -12.36
CA THR R 20 -14.24 -62.13 -13.04
C THR R 20 -15.61 -61.70 -13.56
N ASN R 21 -16.09 -62.44 -14.58
CA ASN R 21 -17.41 -62.16 -15.12
C ASN R 21 -18.49 -62.24 -14.05
N ALA R 22 -18.34 -63.19 -13.12
CA ALA R 22 -19.31 -63.35 -12.05
C ALA R 22 -19.40 -62.09 -11.18
N GLN R 23 -18.26 -61.50 -10.84
CA GLN R 23 -18.26 -60.27 -10.06
C GLN R 23 -18.93 -59.13 -10.84
N PHE R 24 -18.64 -59.03 -12.13
CA PHE R 24 -19.27 -58.01 -12.97
C PHE R 24 -20.79 -58.11 -12.92
N ASP R 25 -21.32 -59.32 -13.13
CA ASP R 25 -22.76 -59.49 -13.12
C ASP R 25 -23.34 -59.40 -11.71
N ALA R 26 -22.51 -59.57 -10.68
CA ALA R 26 -22.97 -59.41 -9.31
C ALA R 26 -23.12 -57.94 -8.93
N LEU R 27 -22.34 -57.05 -9.55
CA LEU R 27 -22.50 -55.62 -9.26
C LEU R 27 -23.45 -54.91 -10.23
N SER R 28 -23.59 -55.42 -11.45
CA SER R 28 -24.58 -54.86 -12.35
C SER R 28 -25.98 -54.98 -11.76
N ASN R 29 -26.24 -56.05 -11.02
CA ASN R 29 -27.53 -56.19 -10.33
C ASN R 29 -27.72 -55.08 -9.31
N LEU R 30 -26.65 -54.72 -8.59
CA LEU R 30 -26.75 -53.64 -7.62
C LEU R 30 -27.09 -52.33 -8.31
N VAL R 31 -26.43 -52.04 -9.44
CA VAL R 31 -26.72 -50.78 -10.12
C VAL R 31 -28.14 -50.79 -10.69
N LYS R 32 -28.59 -51.92 -11.21
CA LYS R 32 -29.93 -52.00 -11.79
C LYS R 32 -31.01 -51.73 -10.75
N GLU R 33 -30.75 -52.08 -9.48
CA GLU R 33 -31.68 -51.83 -8.40
C GLU R 33 -31.27 -50.62 -7.56
N GLY R 34 -30.55 -49.67 -8.17
CA GLY R 34 -30.09 -48.51 -7.43
C GLY R 34 -31.15 -47.45 -7.20
N ASN R 35 -32.08 -47.30 -8.14
CA ASN R 35 -33.10 -46.26 -8.00
C ASN R 35 -33.97 -46.52 -6.76
N LYS R 36 -34.27 -47.78 -6.49
CA LYS R 36 -35.01 -48.11 -5.27
C LYS R 36 -34.23 -47.66 -4.03
N ARG R 37 -32.91 -47.95 -4.01
CA ARG R 37 -32.08 -47.54 -2.88
C ARG R 37 -32.14 -46.04 -2.69
N LEU R 38 -31.99 -45.29 -3.78
CA LEU R 38 -32.01 -43.84 -3.69
C LEU R 38 -33.34 -43.34 -3.15
N ASP R 39 -34.44 -43.94 -3.60
CA ASP R 39 -35.74 -43.52 -3.09
C ASP R 39 -35.85 -43.77 -1.60
N ALA R 40 -35.37 -44.93 -1.14
CA ALA R 40 -35.45 -45.25 0.28
C ALA R 40 -34.67 -44.24 1.13
N VAL R 41 -33.43 -43.95 0.70
CA VAL R 41 -32.63 -43.02 1.49
C VAL R 41 -33.23 -41.62 1.45
N ASN R 42 -33.81 -41.24 0.31
CA ASN R 42 -34.45 -39.93 0.22
C ASN R 42 -35.61 -39.84 1.18
N ARG R 43 -36.42 -40.89 1.27
CA ARG R 43 -37.56 -40.86 2.18
C ARG R 43 -37.09 -40.80 3.63
N ILE R 44 -36.05 -41.55 4.00
CA ILE R 44 -35.64 -41.51 5.40
C ILE R 44 -35.03 -40.15 5.74
N THR R 45 -34.26 -39.56 4.84
CA THR R 45 -33.65 -38.27 5.15
C THR R 45 -34.66 -37.15 5.15
N SER R 46 -35.76 -37.31 4.40
CA SER R 46 -36.78 -36.26 4.36
C SER R 46 -37.58 -36.20 5.65
N ASN R 47 -37.65 -37.30 6.40
CA ASN R 47 -38.40 -37.32 7.66
C ASN R 47 -37.49 -37.47 8.87
N ALA R 48 -36.20 -37.14 8.72
CA ALA R 48 -35.23 -37.42 9.78
C ALA R 48 -35.64 -36.77 11.10
N SER R 49 -35.95 -35.47 11.06
CA SER R 49 -36.27 -34.74 12.28
C SER R 49 -37.48 -35.35 12.97
N THR R 50 -38.54 -35.62 12.22
CA THR R 50 -39.75 -36.17 12.82
C THR R 50 -39.47 -37.56 13.39
N ILE R 51 -38.68 -38.37 12.68
CA ILE R 51 -38.36 -39.70 13.17
C ILE R 51 -37.68 -39.62 14.53
N VAL R 52 -36.64 -38.80 14.63
CA VAL R 52 -35.89 -38.73 15.89
C VAL R 52 -36.77 -38.15 16.99
N ALA R 53 -37.57 -37.12 16.68
CA ALA R 53 -38.38 -36.49 17.72
C ALA R 53 -39.43 -37.45 18.27
N ASN R 54 -40.16 -38.13 17.38
CA ASN R 54 -41.17 -39.07 17.84
C ASN R 54 -40.55 -40.18 18.66
N ALA R 55 -39.42 -40.73 18.17
CA ALA R 55 -38.77 -41.80 18.92
C ALA R 55 -38.32 -41.31 20.28
N ALA R 56 -37.87 -40.06 20.38
CA ALA R 56 -37.44 -39.53 21.67
C ALA R 56 -38.60 -39.40 22.63
N ARG R 57 -39.74 -38.87 22.15
CA ARG R 57 -40.91 -38.82 23.01
C ARG R 57 -41.26 -40.20 23.54
N ALA R 58 -41.24 -41.20 22.66
CA ALA R 58 -41.57 -42.56 23.10
C ALA R 58 -40.57 -43.07 24.13
N LEU R 59 -39.28 -42.81 23.93
CA LEU R 59 -38.27 -43.29 24.86
C LEU R 59 -38.47 -42.69 26.24
N PHE R 60 -38.74 -41.39 26.30
CA PHE R 60 -38.94 -40.77 27.62
C PHE R 60 -40.26 -41.17 28.24
N ALA R 61 -41.24 -41.58 27.44
CA ALA R 61 -42.47 -42.10 28.02
C ALA R 61 -42.29 -43.51 28.56
N GLU R 62 -41.46 -44.34 27.93
CA GLU R 62 -41.29 -45.70 28.40
C GLU R 62 -40.27 -45.80 29.52
N GLN R 63 -39.33 -44.87 29.63
CA GLN R 63 -38.31 -44.86 30.68
C GLN R 63 -38.30 -43.49 31.33
N PRO R 64 -39.26 -43.21 32.21
CA PRO R 64 -39.33 -41.87 32.81
C PRO R 64 -38.13 -41.50 33.66
N GLN R 65 -37.35 -42.49 34.11
CA GLN R 65 -36.20 -42.21 34.96
C GLN R 65 -35.22 -41.26 34.29
N LEU R 66 -35.12 -41.31 32.95
CA LEU R 66 -34.18 -40.44 32.24
C LEU R 66 -34.56 -38.97 32.36
N ILE R 67 -35.85 -38.65 32.31
CA ILE R 67 -36.27 -37.26 32.35
C ILE R 67 -36.65 -36.80 33.75
N GLN R 68 -36.63 -37.70 34.73
CA GLN R 68 -36.82 -37.27 36.11
C GLN R 68 -35.55 -36.55 36.59
N PRO R 69 -35.69 -35.66 37.56
CA PRO R 69 -34.50 -34.97 38.09
C PRO R 69 -33.47 -35.97 38.60
N GLY R 70 -32.22 -35.74 38.24
CA GLY R 70 -31.15 -36.64 38.58
C GLY R 70 -30.88 -37.73 37.56
N GLY R 71 -31.67 -37.81 36.51
CA GLY R 71 -31.45 -38.80 35.46
C GLY R 71 -30.54 -38.26 34.38
N MEN R 72 -29.97 -39.15 33.58
CA MEN R 72 -29.01 -38.73 32.57
C MEN R 72 -29.55 -37.95 31.40
O MEN R 72 -28.78 -37.40 30.62
CB MEN R 72 -28.27 -39.96 32.02
CG MEN R 72 -26.78 -39.86 32.27
OD1 MEN R 72 -25.98 -40.45 31.54
ND2 MEN R 72 -26.40 -39.10 33.28
CE2 MEN R 72 -24.89 -39.06 33.44
N ALA R 73 -30.87 -37.88 31.26
CA ALA R 73 -31.49 -37.05 30.24
C ALA R 73 -32.27 -35.91 30.88
N TYR R 74 -31.63 -35.24 31.83
CA TYR R 74 -32.19 -34.13 32.57
C TYR R 74 -31.25 -32.93 32.43
N THR R 75 -31.74 -31.75 32.83
CA THR R 75 -31.04 -30.45 32.82
C THR R 75 -31.02 -29.77 31.46
N ASN R 76 -31.71 -30.30 30.46
CA ASN R 76 -31.96 -29.64 29.17
C ASN R 76 -30.71 -29.52 28.32
N ARG R 77 -29.54 -29.65 28.93
CA ARG R 77 -28.33 -29.71 28.13
C ARG R 77 -28.07 -31.15 27.72
N ARG R 78 -28.23 -32.06 28.68
CA ARG R 78 -28.13 -33.48 28.38
C ARG R 78 -29.31 -33.95 27.53
N MET R 79 -30.46 -33.29 27.64
CA MET R 79 -31.55 -33.63 26.73
C MET R 79 -31.18 -33.31 25.28
N ALA R 80 -30.56 -32.14 25.07
CA ALA R 80 -30.05 -31.79 23.75
C ALA R 80 -29.02 -32.80 23.28
N ALA R 81 -28.12 -33.20 24.18
CA ALA R 81 -27.13 -34.21 23.82
C ALA R 81 -27.79 -35.52 23.41
N CYS R 82 -28.84 -35.92 24.14
CA CYS R 82 -29.50 -37.19 23.81
C CYS R 82 -30.14 -37.14 22.43
N LEU R 83 -30.85 -36.04 22.15
CA LEU R 83 -31.45 -35.90 20.83
C LEU R 83 -30.36 -35.92 19.76
N ARG R 84 -29.24 -35.25 20.03
CA ARG R 84 -28.15 -35.23 19.06
C ARG R 84 -27.60 -36.63 18.81
N ASP R 85 -27.44 -37.42 19.88
CA ASP R 85 -26.93 -38.78 19.71
C ASP R 85 -27.88 -39.64 18.88
N MET R 86 -29.18 -39.52 19.14
CA MET R 86 -30.14 -40.28 18.35
C MET R 86 -30.02 -39.91 16.86
N GLU R 87 -29.98 -38.62 16.57
CA GLU R 87 -29.88 -38.24 15.17
C GLU R 87 -28.53 -38.62 14.57
N ILE R 88 -27.49 -38.68 15.40
CA ILE R 88 -26.18 -39.12 14.91
C ILE R 88 -26.24 -40.58 14.47
N ILE R 89 -26.87 -41.42 15.28
CA ILE R 89 -27.02 -42.81 14.90
C ILE R 89 -27.79 -42.92 13.60
N LEU R 90 -28.89 -42.17 13.49
CA LEU R 90 -29.65 -42.20 12.24
C LEU R 90 -28.80 -41.76 11.06
N ARG R 91 -27.96 -40.75 11.27
CA ARG R 91 -27.14 -40.20 10.20
C ARG R 91 -26.13 -41.23 9.69
N TYR R 92 -25.44 -41.91 10.61
CA TYR R 92 -24.47 -42.90 10.18
C TYR R 92 -25.16 -44.11 9.54
N VAL R 93 -26.34 -44.48 10.03
CA VAL R 93 -27.08 -45.58 9.40
C VAL R 93 -27.50 -45.18 7.98
N THR R 94 -27.90 -43.92 7.80
CA THR R 94 -28.27 -43.45 6.47
C THR R 94 -27.08 -43.51 5.53
N TYR R 95 -25.91 -43.11 6.01
CA TYR R 95 -24.69 -43.27 5.23
C TYR R 95 -24.53 -44.73 4.80
N ALA R 96 -24.69 -45.64 5.75
CA ALA R 96 -24.52 -47.06 5.45
C ALA R 96 -25.51 -47.53 4.39
N ILE R 97 -26.76 -47.06 4.49
CA ILE R 97 -27.79 -47.49 3.53
C ILE R 97 -27.41 -47.04 2.13
N LEU R 98 -27.07 -45.76 1.98
CA LEU R 98 -26.77 -45.26 0.64
C LEU R 98 -25.54 -45.95 0.07
N ALA R 99 -24.52 -46.18 0.90
CA ALA R 99 -23.33 -46.87 0.41
C ALA R 99 -23.66 -48.28 -0.03
N GLY R 100 -24.51 -48.97 0.71
CA GLY R 100 -24.75 -50.38 0.51
C GLY R 100 -23.78 -51.28 1.24
N ASP R 101 -22.91 -50.71 2.06
CA ASP R 101 -21.90 -51.44 2.80
C ASP R 101 -21.84 -50.87 4.22
N SER R 102 -21.48 -51.70 5.18
CA SER R 102 -21.41 -51.26 6.57
C SER R 102 -20.07 -50.64 6.91
N SER R 103 -19.20 -50.45 5.92
CA SER R 103 -17.83 -50.02 6.18
C SER R 103 -17.78 -48.68 6.89
N VAL R 104 -18.51 -47.69 6.39
CA VAL R 104 -18.50 -46.36 7.01
C VAL R 104 -19.04 -46.43 8.43
N LEU R 105 -20.13 -47.19 8.61
CA LEU R 105 -20.76 -47.31 9.93
C LEU R 105 -19.81 -47.93 10.96
N ASP R 106 -19.03 -48.92 10.54
CA ASP R 106 -18.08 -49.56 11.45
C ASP R 106 -16.78 -48.78 11.58
N ASP R 107 -16.46 -47.92 10.62
CA ASP R 107 -15.22 -47.17 10.63
C ASP R 107 -15.32 -45.89 11.43
N ARG R 108 -16.50 -45.28 11.51
CA ARG R 108 -16.63 -44.03 12.25
C ARG R 108 -17.52 -44.16 13.47
N CYS R 109 -18.70 -44.75 13.34
CA CYS R 109 -19.66 -44.74 14.44
C CYS R 109 -19.48 -45.90 15.40
N LEU R 110 -19.33 -47.12 14.88
CA LEU R 110 -19.33 -48.32 15.70
C LEU R 110 -17.91 -48.81 16.01
N ASN R 111 -16.92 -47.95 15.95
CA ASN R 111 -15.55 -48.32 16.28
C ASN R 111 -15.27 -47.96 17.74
N GLY R 112 -15.86 -48.74 18.64
CA GLY R 112 -15.62 -48.59 20.06
C GLY R 112 -16.56 -47.65 20.80
N LEU R 113 -17.74 -47.38 20.26
CA LEU R 113 -18.69 -46.48 20.92
C LEU R 113 -19.02 -46.92 22.34
N ARG R 114 -19.00 -48.24 22.57
CA ARG R 114 -19.29 -48.78 23.89
C ARG R 114 -18.44 -48.13 24.95
N GLU R 115 -17.15 -47.92 24.67
CA GLU R 115 -16.24 -47.42 25.69
C GLU R 115 -16.64 -46.02 26.15
N THR R 116 -16.97 -45.14 25.21
CA THR R 116 -17.34 -43.78 25.58
C THR R 116 -18.60 -43.78 26.42
N TYR R 117 -19.63 -44.51 25.97
CA TYR R 117 -20.85 -44.53 26.77
C TYR R 117 -20.60 -45.15 28.13
N GLN R 118 -19.78 -46.20 28.18
CA GLN R 118 -19.49 -46.88 29.45
C GLN R 118 -18.80 -45.93 30.42
N ALA R 119 -17.87 -45.12 29.92
CA ALA R 119 -17.15 -44.21 30.79
C ALA R 119 -18.07 -43.11 31.30
N LEU R 120 -18.88 -42.51 30.42
CA LEU R 120 -19.73 -41.41 30.88
C LEU R 120 -20.83 -41.89 31.81
N GLY R 121 -21.21 -43.15 31.70
CA GLY R 121 -22.31 -43.68 32.48
C GLY R 121 -23.65 -43.66 31.77
N THR R 122 -23.70 -43.12 30.56
CA THR R 122 -24.94 -43.09 29.81
C THR R 122 -25.47 -44.52 29.63
N PRO R 123 -26.71 -44.80 29.99
CA PRO R 123 -27.21 -46.17 29.90
C PRO R 123 -27.26 -46.68 28.47
N GLY R 124 -26.43 -47.68 28.15
CA GLY R 124 -26.39 -48.20 26.80
C GLY R 124 -27.63 -48.99 26.42
N SER R 125 -28.24 -49.68 27.37
CA SER R 125 -29.45 -50.46 27.08
C SER R 125 -30.58 -49.57 26.60
N SER R 126 -30.77 -48.43 27.26
CA SER R 126 -31.79 -47.50 26.84
C SER R 126 -31.51 -46.96 25.44
N VAL R 127 -30.23 -46.69 25.14
CA VAL R 127 -29.88 -46.27 23.79
C VAL R 127 -30.27 -47.33 22.78
N ALA R 128 -30.04 -48.61 23.11
CA ALA R 128 -30.39 -49.67 22.19
C ALA R 128 -31.89 -49.69 21.92
N VAL R 129 -32.70 -49.58 22.97
CA VAL R 129 -34.15 -49.62 22.73
C VAL R 129 -34.58 -48.41 21.91
N ALA R 130 -33.93 -47.27 22.12
CA ALA R 130 -34.25 -46.08 21.32
C ALA R 130 -33.91 -46.32 19.85
N ILE R 131 -32.76 -46.93 19.59
CA ILE R 131 -32.38 -47.21 18.20
C ILE R 131 -33.38 -48.14 17.56
N GLN R 132 -33.88 -49.12 18.31
CA GLN R 132 -34.86 -50.03 17.75
C GLN R 132 -36.17 -49.32 17.42
N LYS R 133 -36.60 -48.40 18.29
CA LYS R 133 -37.79 -47.62 17.99
C LYS R 133 -37.60 -46.82 16.71
N MET R 134 -36.44 -46.17 16.59
CA MET R 134 -36.11 -45.45 15.36
C MET R 134 -36.12 -46.39 14.17
N LYS R 135 -35.66 -47.63 14.36
CA LYS R 135 -35.62 -48.60 13.28
C LYS R 135 -37.01 -48.86 12.74
N ASP R 136 -37.96 -49.19 13.63
CA ASP R 136 -39.30 -49.50 13.13
C ASP R 136 -39.94 -48.27 12.49
N ALA R 137 -39.79 -47.10 13.10
CA ALA R 137 -40.38 -45.90 12.53
C ALA R 137 -39.85 -45.63 11.13
N ALA R 138 -38.53 -45.66 10.97
CA ALA R 138 -37.93 -45.32 9.69
C ALA R 138 -38.27 -46.36 8.63
N ILE R 139 -38.20 -47.65 8.97
CA ILE R 139 -38.49 -48.68 7.98
C ILE R 139 -39.94 -48.57 7.52
N ALA R 140 -40.85 -48.27 8.45
CA ALA R 140 -42.25 -48.11 8.07
C ALA R 140 -42.44 -46.93 7.13
N ILE R 141 -41.85 -45.79 7.48
CA ILE R 141 -42.09 -44.61 6.64
C ILE R 141 -41.44 -44.78 5.27
N ALA R 142 -40.30 -45.48 5.19
CA ALA R 142 -39.66 -45.66 3.90
C ALA R 142 -40.39 -46.69 3.05
N ASN R 143 -40.99 -47.69 3.67
CA ASN R 143 -41.67 -48.75 2.92
C ASN R 143 -43.14 -48.45 2.66
N ASP R 144 -43.62 -47.27 3.06
CA ASP R 144 -45.00 -46.84 2.81
C ASP R 144 -45.31 -46.96 1.33
N PRO R 145 -46.19 -47.89 0.94
CA PRO R 145 -46.32 -48.21 -0.49
C PRO R 145 -47.06 -47.17 -1.31
N ASN R 146 -47.90 -46.34 -0.72
CA ASN R 146 -48.61 -45.33 -1.47
C ASN R 146 -47.77 -44.05 -1.56
N GLY R 147 -47.75 -43.46 -2.74
CA GLY R 147 -46.96 -42.27 -3.00
C GLY R 147 -45.72 -42.49 -3.84
N ILE R 148 -45.51 -43.70 -4.38
CA ILE R 148 -44.30 -44.01 -5.12
C ILE R 148 -44.65 -45.11 -6.13
N THR R 149 -43.85 -45.17 -7.21
CA THR R 149 -44.01 -46.23 -8.18
C THR R 149 -43.84 -47.58 -7.50
N PRO R 150 -44.81 -48.48 -7.60
CA PRO R 150 -44.76 -49.71 -6.81
C PRO R 150 -43.66 -50.66 -7.26
N GLY R 151 -43.22 -51.49 -6.31
CA GLY R 151 -42.22 -52.51 -6.56
C GLY R 151 -42.07 -53.36 -5.32
N ASP R 152 -41.29 -54.43 -5.46
CA ASP R 152 -41.04 -55.34 -4.36
C ASP R 152 -39.60 -55.13 -3.87
N CYS R 153 -39.47 -54.54 -2.68
CA CYS R 153 -38.18 -54.18 -2.11
C CYS R 153 -38.11 -54.58 -0.64
N SER R 154 -38.65 -55.74 -0.28
CA SER R 154 -38.54 -56.21 1.10
C SER R 154 -37.08 -56.48 1.48
N ALA R 155 -36.27 -56.91 0.52
CA ALA R 155 -34.87 -57.20 0.80
C ALA R 155 -34.13 -55.95 1.28
N LEU R 156 -34.35 -54.83 0.58
CA LEU R 156 -33.68 -53.59 0.98
C LEU R 156 -34.14 -53.12 2.35
N MET R 157 -35.44 -53.28 2.64
CA MET R 157 -35.93 -52.92 3.97
C MET R 157 -35.28 -53.78 5.05
N SER R 158 -35.12 -55.08 4.76
CA SER R 158 -34.44 -55.95 5.71
C SER R 158 -32.99 -55.51 5.91
N GLU R 159 -32.34 -55.07 4.84
CA GLU R 159 -30.96 -54.59 4.97
C GLU R 159 -30.90 -53.34 5.84
N ILE R 160 -31.84 -52.41 5.65
CA ILE R 160 -31.90 -51.23 6.49
C ILE R 160 -32.06 -51.62 7.95
N ALA R 161 -32.99 -52.53 8.21
CA ALA R 161 -33.19 -53.04 9.57
C ALA R 161 -31.90 -53.66 10.10
N GLY R 162 -31.16 -54.35 9.24
CA GLY R 162 -29.91 -54.95 9.66
C GLY R 162 -28.88 -53.91 10.08
N TYR R 163 -28.81 -52.80 9.35
CA TYR R 163 -27.90 -51.73 9.75
C TYR R 163 -28.27 -51.18 11.12
N PHE R 164 -29.55 -50.85 11.31
CA PHE R 164 -30.00 -50.36 12.62
C PHE R 164 -29.65 -51.36 13.71
N ASP R 165 -29.92 -52.64 13.46
CA ASP R 165 -29.66 -53.68 14.44
C ASP R 165 -28.17 -53.77 14.76
N ARG R 166 -27.34 -53.66 13.73
CA ARG R 166 -25.89 -53.71 13.94
C ARG R 166 -25.47 -52.63 14.91
N ALA R 167 -25.95 -51.40 14.68
CA ALA R 167 -25.59 -50.32 15.59
C ALA R 167 -26.10 -50.58 17.00
N ALA R 168 -27.36 -51.00 17.11
CA ALA R 168 -27.95 -51.17 18.44
C ALA R 168 -27.22 -52.25 19.23
N ALA R 169 -26.82 -53.32 18.56
CA ALA R 169 -26.09 -54.39 19.24
C ALA R 169 -24.67 -53.97 19.57
N ALA R 170 -24.03 -53.22 18.66
CA ALA R 170 -22.64 -52.85 18.88
C ALA R 170 -22.49 -51.84 20.00
N VAL R 171 -23.49 -50.96 20.19
CA VAL R 171 -23.39 -50.00 21.28
C VAL R 171 -23.87 -50.59 22.59
N ALA R 172 -24.74 -51.59 22.53
CA ALA R 172 -25.24 -52.24 23.74
C ALA R 172 -24.56 -53.59 23.91
N MET S 1 -19.12 -24.12 38.19
CA MET S 1 -20.30 -23.29 37.97
C MET S 1 -19.96 -21.82 38.17
N LYS S 2 -20.79 -20.94 37.60
CA LYS S 2 -20.52 -19.50 37.65
C LYS S 2 -21.04 -18.94 38.98
N THR S 3 -20.40 -19.38 40.05
CA THR S 3 -20.62 -18.89 41.40
C THR S 3 -19.58 -17.83 41.73
N PRO S 4 -19.97 -16.74 42.41
CA PRO S 4 -18.98 -15.67 42.68
C PRO S 4 -17.68 -16.18 43.27
N ILE S 5 -17.77 -17.05 44.27
CA ILE S 5 -16.57 -17.60 44.89
C ILE S 5 -15.72 -18.33 43.86
N THR S 6 -16.34 -19.23 43.10
CA THR S 6 -15.59 -20.00 42.11
C THR S 6 -15.06 -19.12 40.99
N GLU S 7 -15.80 -18.07 40.62
CA GLU S 7 -15.31 -17.17 39.59
C GLU S 7 -14.03 -16.48 40.04
N ALA S 8 -14.00 -16.00 41.29
CA ALA S 8 -12.77 -15.42 41.81
C ALA S 8 -11.63 -16.45 41.82
N ILE S 9 -11.93 -17.67 42.26
CA ILE S 9 -10.91 -18.71 42.32
C ILE S 9 -10.34 -18.98 40.95
N ALA S 10 -11.21 -19.11 39.94
CA ALA S 10 -10.74 -19.37 38.58
C ALA S 10 -9.94 -18.21 38.03
N ALA S 11 -10.34 -16.98 38.34
CA ALA S 11 -9.57 -15.83 37.91
C ALA S 11 -8.15 -15.87 38.47
N ALA S 12 -8.02 -16.27 39.75
CA ALA S 12 -6.68 -16.41 40.31
C ALA S 12 -5.93 -17.60 39.73
N ASP S 13 -6.65 -18.66 39.35
CA ASP S 13 -5.99 -19.84 38.80
C ASP S 13 -5.46 -19.57 37.40
N THR S 14 -6.11 -18.68 36.65
CA THR S 14 -5.61 -18.33 35.33
C THR S 14 -4.23 -17.73 35.41
N GLN S 15 -3.96 -16.93 36.44
CA GLN S 15 -2.67 -16.30 36.62
C GLN S 15 -1.76 -17.07 37.57
N GLY S 16 -2.18 -18.25 38.01
CA GLY S 16 -1.32 -19.11 38.82
C GLY S 16 -0.79 -18.46 40.07
N ARG S 17 -1.66 -17.77 40.82
CA ARG S 17 -1.24 -16.97 41.96
C ARG S 17 -2.15 -17.25 43.15
N PHE S 18 -1.59 -17.06 44.34
CA PHE S 18 -2.40 -17.11 45.56
C PHE S 18 -3.45 -16.00 45.52
N LEU S 19 -4.59 -16.26 46.17
CA LEU S 19 -5.73 -15.36 46.13
C LEU S 19 -5.36 -13.96 46.60
N SER S 20 -5.41 -12.98 45.70
CA SER S 20 -5.06 -11.61 46.01
C SER S 20 -6.23 -10.90 46.70
N ASN S 21 -5.94 -9.70 47.21
CA ASN S 21 -6.95 -8.99 47.99
C ASN S 21 -8.17 -8.63 47.16
N THR S 22 -8.01 -8.48 45.84
CA THR S 22 -9.15 -8.17 44.99
C THR S 22 -10.22 -9.26 45.07
N GLU S 23 -9.79 -10.52 44.93
CA GLU S 23 -10.73 -11.63 45.01
C GLU S 23 -11.36 -11.73 46.40
N LEU S 24 -10.57 -11.51 47.44
CA LEU S 24 -11.10 -11.57 48.80
C LEU S 24 -12.15 -10.49 49.03
N GLN S 25 -11.91 -9.29 48.49
CA GLN S 25 -12.93 -8.24 48.56
C GLN S 25 -14.20 -8.69 47.87
N ALA S 26 -14.08 -9.30 46.69
CA ALA S 26 -15.27 -9.73 45.97
C ALA S 26 -16.08 -10.73 46.79
N VAL S 27 -15.41 -11.74 47.36
CA VAL S 27 -16.14 -12.74 48.12
C VAL S 27 -16.72 -12.13 49.40
N ASP S 28 -16.05 -11.12 49.97
CA ASP S 28 -16.62 -10.42 51.11
C ASP S 28 -17.92 -9.74 50.75
N GLY S 29 -17.97 -9.09 49.58
CA GLY S 29 -19.21 -8.49 49.13
C GLY S 29 -20.31 -9.53 48.95
N ARG S 30 -19.94 -10.70 48.43
CA ARG S 30 -20.92 -11.78 48.31
C ARG S 30 -21.49 -12.16 49.67
N PHE S 31 -20.62 -12.30 50.67
CA PHE S 31 -21.09 -12.66 52.01
C PHE S 31 -21.98 -11.58 52.59
N LYS S 32 -21.63 -10.31 52.35
CA LYS S 32 -22.43 -9.20 52.88
C LYS S 32 -23.81 -9.16 52.25
N ARG S 33 -23.92 -9.49 50.96
CA ARG S 33 -25.22 -9.55 50.30
C ARG S 33 -25.98 -10.85 50.59
N ALA S 34 -25.29 -11.86 51.10
CA ALA S 34 -25.89 -13.17 51.26
C ALA S 34 -27.07 -13.17 52.22
N VAL S 35 -27.09 -12.27 53.20
CA VAL S 35 -28.19 -12.26 54.16
C VAL S 35 -29.51 -11.98 53.43
N ALA S 36 -29.54 -10.91 52.64
CA ALA S 36 -30.72 -10.59 51.86
C ALA S 36 -31.00 -11.65 50.82
N SER S 37 -29.94 -12.20 50.20
CA SER S 37 -30.14 -13.22 49.17
C SER S 37 -30.82 -14.46 49.74
N MET S 38 -30.35 -14.95 50.89
CA MET S 38 -30.91 -16.15 51.46
C MET S 38 -32.32 -15.92 51.97
N GLU S 39 -32.59 -14.74 52.54
CA GLU S 39 -33.97 -14.48 52.95
C GLU S 39 -34.90 -14.46 51.75
N ALA S 40 -34.46 -13.86 50.63
CA ALA S 40 -35.26 -13.89 49.41
C ALA S 40 -35.51 -15.31 48.94
N ALA S 41 -34.47 -16.16 48.98
CA ALA S 41 -34.64 -17.54 48.54
C ALA S 41 -35.64 -18.28 49.40
N ARG S 42 -35.55 -18.11 50.72
CA ARG S 42 -36.53 -18.72 51.61
C ARG S 42 -37.93 -18.28 51.26
N ALA S 43 -38.11 -16.97 51.05
CA ALA S 43 -39.43 -16.46 50.74
C ALA S 43 -39.99 -17.09 49.46
N LEU S 44 -39.16 -17.19 48.43
CA LEU S 44 -39.66 -17.76 47.17
C LEU S 44 -39.98 -19.25 47.32
N THR S 45 -39.15 -19.99 48.05
CA THR S 45 -39.39 -21.43 48.11
C THR S 45 -40.57 -21.79 49.01
N ASN S 46 -40.81 -21.02 50.07
CA ASN S 46 -41.94 -21.37 50.93
C ASN S 46 -43.28 -20.93 50.36
N ASN S 47 -43.26 -20.08 49.33
CA ASN S 47 -44.45 -19.69 48.58
C ASN S 47 -44.51 -20.39 47.23
N ALA S 48 -43.66 -21.39 46.99
CA ALA S 48 -43.49 -21.96 45.66
C ALA S 48 -44.77 -22.63 45.17
N GLN S 49 -45.48 -23.30 46.07
CA GLN S 49 -46.65 -24.08 45.66
C GLN S 49 -47.71 -23.19 45.04
N SER S 50 -47.99 -22.03 45.65
CA SER S 50 -48.95 -21.11 45.05
C SER S 50 -48.43 -20.55 43.74
N LEU S 51 -47.14 -20.22 43.69
CA LEU S 51 -46.57 -19.56 42.53
C LEU S 51 -46.66 -20.44 41.29
N ILE S 52 -46.32 -21.71 41.43
CA ILE S 52 -46.25 -22.59 40.26
C ILE S 52 -47.63 -22.74 39.64
N ASP S 53 -48.66 -23.00 40.48
CA ASP S 53 -50.02 -23.16 39.97
C ASP S 53 -50.52 -21.86 39.35
N GLY S 54 -50.25 -20.72 40.00
CA GLY S 54 -50.69 -19.46 39.45
C GLY S 54 -50.09 -19.17 38.09
N ALA S 55 -48.81 -19.49 37.92
CA ALA S 55 -48.17 -19.28 36.62
C ALA S 55 -48.77 -20.18 35.56
N ALA S 56 -49.08 -21.43 35.92
CA ALA S 56 -49.72 -22.32 34.97
C ALA S 56 -51.04 -21.74 34.48
N GLN S 57 -51.88 -21.28 35.41
CA GLN S 57 -53.15 -20.69 35.01
C GLN S 57 -52.93 -19.42 34.19
N ALA S 58 -51.90 -18.64 34.53
CA ALA S 58 -51.63 -17.41 33.79
C ALA S 58 -51.32 -17.70 32.33
N VAL S 59 -50.47 -18.70 32.07
CA VAL S 59 -50.17 -19.02 30.67
C VAL S 59 -51.39 -19.61 30.00
N TYR S 60 -52.22 -20.35 30.73
CA TYR S 60 -53.46 -20.86 30.12
C TYR S 60 -54.37 -19.71 29.69
N GLN S 61 -54.41 -18.63 30.48
CA GLN S 61 -55.25 -17.49 30.14
C GLN S 61 -54.66 -16.67 29.00
N LYS S 62 -53.35 -16.42 29.02
CA LYS S 62 -52.74 -15.60 27.99
C LYS S 62 -52.77 -16.29 26.63
N PHE S 63 -52.64 -17.61 26.59
CA PHE S 63 -52.65 -18.39 25.35
C PHE S 63 -53.75 -19.44 25.47
N PRO S 64 -54.99 -19.07 25.21
CA PRO S 64 -56.07 -20.07 25.28
C PRO S 64 -55.89 -21.20 24.30
N TYR S 65 -55.27 -20.95 23.15
CA TYR S 65 -55.10 -21.99 22.15
C TYR S 65 -54.25 -23.13 22.68
N THR S 66 -53.29 -22.82 23.55
CA THR S 66 -52.44 -23.84 24.16
C THR S 66 -53.24 -24.81 25.03
N THR S 67 -54.45 -24.43 25.45
CA THR S 67 -55.27 -25.32 26.24
C THR S 67 -56.31 -26.06 25.42
N THR S 68 -56.48 -25.71 24.14
CA THR S 68 -57.60 -26.27 23.39
C THR S 68 -57.16 -27.03 22.16
N MET S 69 -56.40 -26.42 21.25
CA MET S 69 -56.07 -27.10 20.01
C MET S 69 -55.15 -28.28 20.28
N GLN S 70 -55.43 -29.39 19.60
CA GLN S 70 -54.77 -30.65 19.94
C GLN S 70 -53.32 -30.65 19.50
N GLY S 71 -52.52 -31.43 20.21
CA GLY S 71 -51.12 -31.59 19.91
C GLY S 71 -50.34 -31.91 21.17
N SER S 72 -49.27 -32.69 21.01
CA SER S 72 -48.42 -33.03 22.14
C SER S 72 -47.72 -31.80 22.69
N GLN S 73 -47.41 -30.84 21.82
CA GLN S 73 -46.77 -29.60 22.27
C GLN S 73 -47.68 -28.78 23.17
N TYR S 74 -48.98 -29.05 23.17
CA TYR S 74 -49.94 -28.29 23.94
C TYR S 74 -50.41 -29.10 25.15
N ALA S 75 -51.00 -28.39 26.11
CA ALA S 75 -51.63 -29.02 27.26
C ALA S 75 -53.12 -29.24 27.03
N SER S 76 -53.45 -29.90 25.92
CA SER S 76 -54.83 -30.26 25.65
C SER S 76 -55.29 -31.45 26.48
N THR S 77 -54.37 -32.28 26.94
CA THR S 77 -54.64 -33.47 27.72
C THR S 77 -54.17 -33.27 29.15
N PRO S 78 -54.70 -34.04 30.11
CA PRO S 78 -54.17 -33.95 31.47
C PRO S 78 -52.68 -34.27 31.57
N GLU S 79 -52.19 -35.17 30.72
CA GLU S 79 -50.76 -35.43 30.67
C GLU S 79 -49.98 -34.17 30.29
N GLY S 80 -50.49 -33.40 29.33
CA GLY S 80 -49.85 -32.15 28.97
C GLY S 80 -49.89 -31.14 30.10
N LYS S 81 -50.99 -31.09 30.86
CA LYS S 81 -51.04 -30.19 32.01
C LYS S 81 -50.01 -30.59 33.04
N ALA S 82 -49.82 -31.89 33.24
CA ALA S 82 -48.75 -32.34 34.14
C ALA S 82 -47.39 -31.88 33.64
N LYS S 83 -47.14 -31.99 32.33
CA LYS S 83 -45.87 -31.55 31.77
C LYS S 83 -45.67 -30.05 32.02
N CYS S 84 -46.74 -29.26 31.84
CA CYS S 84 -46.65 -27.83 32.07
C CYS S 84 -46.29 -27.54 33.52
N ALA S 85 -46.96 -28.20 34.45
CA ALA S 85 -46.64 -28.01 35.86
C ALA S 85 -45.20 -28.37 36.15
N ARG S 86 -44.73 -29.50 35.60
CA ARG S 86 -43.36 -29.94 35.83
C ARG S 86 -42.36 -28.90 35.36
N ASP S 87 -42.56 -28.35 34.17
CA ASP S 87 -41.55 -27.46 33.62
C ASP S 87 -41.55 -26.09 34.29
N ILE S 88 -42.73 -25.54 34.56
CA ILE S 88 -42.73 -24.27 35.28
C ILE S 88 -42.15 -24.46 36.68
N GLY S 89 -42.37 -25.63 37.28
CA GLY S 89 -41.71 -25.94 38.53
C GLY S 89 -40.21 -25.98 38.40
N TYR S 90 -39.72 -26.54 37.29
CA TYR S 90 -38.28 -26.50 37.03
C TYR S 90 -37.76 -25.07 37.06
N TYR S 91 -38.44 -24.17 36.35
CA TYR S 91 -37.96 -22.79 36.31
C TYR S 91 -37.94 -22.15 37.69
N LEU S 92 -39.00 -22.35 38.47
CA LEU S 92 -39.04 -21.77 39.82
C LEU S 92 -37.93 -22.33 40.71
N ARG S 93 -37.72 -23.65 40.64
CA ARG S 93 -36.68 -24.29 41.44
C ARG S 93 -35.31 -23.75 41.05
N MET S 94 -35.06 -23.57 39.75
CA MET S 94 -33.79 -23.04 39.30
C MET S 94 -33.56 -21.61 39.79
N VAL S 95 -34.62 -20.79 39.79
CA VAL S 95 -34.45 -19.42 40.27
C VAL S 95 -34.08 -19.41 41.73
N THR S 96 -34.71 -20.26 42.54
CA THR S 96 -34.32 -20.32 43.95
C THR S 96 -32.88 -20.77 44.10
N TYR S 97 -32.46 -21.76 43.30
CA TYR S 97 -31.07 -22.21 43.36
C TYR S 97 -30.11 -21.08 43.01
N CYS S 98 -30.44 -20.29 41.98
CA CYS S 98 -29.56 -19.18 41.61
C CYS S 98 -29.53 -18.12 42.69
N LEU S 99 -30.67 -17.89 43.35
CA LEU S 99 -30.71 -16.92 44.43
C LEU S 99 -29.78 -17.33 45.56
N VAL S 100 -29.77 -18.61 45.91
CA VAL S 100 -28.91 -19.03 47.00
C VAL S 100 -27.44 -19.12 46.57
N ALA S 101 -27.18 -19.46 45.31
CA ALA S 101 -25.79 -19.56 44.86
C ALA S 101 -25.13 -18.20 44.74
N GLY S 102 -25.91 -17.13 44.57
CA GLY S 102 -25.37 -15.80 44.43
C GLY S 102 -24.97 -15.41 43.03
N GLY S 103 -25.17 -16.30 42.04
CA GLY S 103 -24.86 -15.98 40.67
C GLY S 103 -25.81 -16.70 39.75
N THR S 104 -25.60 -16.53 38.44
CA THR S 104 -26.43 -17.19 37.45
C THR S 104 -25.99 -18.62 37.15
N GLY S 105 -24.94 -19.09 37.82
CA GLY S 105 -24.37 -20.40 37.59
C GLY S 105 -25.38 -21.53 37.48
N PRO S 106 -26.18 -21.74 38.52
CA PRO S 106 -27.15 -22.86 38.49
C PRO S 106 -28.06 -22.87 37.29
N MET S 107 -28.74 -21.75 36.99
CA MET S 107 -29.67 -21.77 35.88
C MET S 107 -28.94 -21.88 34.55
N ASP S 108 -27.72 -21.36 34.46
CA ASP S 108 -26.96 -21.49 33.24
C ASP S 108 -26.55 -22.94 32.99
N GLU S 109 -26.26 -23.68 34.05
CA GLU S 109 -25.80 -25.05 33.87
C GLU S 109 -26.95 -26.03 33.69
N TYR S 110 -28.05 -25.83 34.42
CA TYR S 110 -29.14 -26.79 34.40
C TYR S 110 -30.30 -26.38 33.50
N LEU S 111 -30.41 -25.11 33.11
CA LEU S 111 -31.52 -24.70 32.26
C LEU S 111 -31.10 -24.03 30.96
N ILE S 112 -30.34 -22.95 31.03
CA ILE S 112 -30.14 -22.10 29.86
C ILE S 112 -29.28 -22.79 28.83
N ALA S 113 -28.37 -23.67 29.27
CA ALA S 113 -27.51 -24.40 28.37
C ALA S 113 -28.32 -25.19 27.35
N GLY S 114 -28.23 -24.80 26.09
CA GLY S 114 -28.96 -25.49 25.04
C GLY S 114 -30.46 -25.38 25.13
N LEU S 115 -30.99 -24.38 25.84
CA LEU S 115 -32.43 -24.22 25.98
C LEU S 115 -33.08 -23.99 24.62
N SER S 116 -32.46 -23.14 23.79
CA SER S 116 -32.99 -22.87 22.48
C SER S 116 -33.05 -24.12 21.63
N GLU S 117 -32.01 -24.96 21.72
CA GLU S 117 -31.94 -26.14 20.87
C GLU S 117 -33.14 -27.05 21.08
N ILE S 118 -33.52 -27.28 22.34
CA ILE S 118 -34.59 -28.23 22.60
C ILE S 118 -35.97 -27.60 22.55
N ASN S 119 -36.10 -26.30 22.84
CA ASN S 119 -37.46 -25.77 22.84
C ASN S 119 -38.04 -25.69 21.43
N SER S 120 -37.20 -25.78 20.40
CA SER S 120 -37.65 -25.85 19.02
C SER S 120 -37.92 -27.28 18.57
N THR S 121 -37.14 -28.23 19.09
CA THR S 121 -37.34 -29.63 18.70
C THR S 121 -38.65 -30.17 19.21
N PHE S 122 -38.94 -29.95 20.49
CA PHE S 122 -40.21 -30.38 21.06
C PHE S 122 -41.32 -29.37 20.83
N ASP S 123 -41.03 -28.27 20.13
CA ASP S 123 -42.03 -27.28 19.72
C ASP S 123 -42.73 -26.65 20.93
N LEU S 124 -41.95 -26.33 21.95
CA LEU S 124 -42.43 -25.56 23.08
C LEU S 124 -42.09 -24.09 22.82
N SER S 125 -43.11 -23.29 22.58
CA SER S 125 -42.89 -21.88 22.27
C SER S 125 -42.27 -21.17 23.48
N PRO S 126 -41.17 -20.45 23.30
CA PRO S 126 -40.57 -19.74 24.45
C PRO S 126 -41.49 -18.71 25.06
N SER S 127 -42.40 -18.15 24.28
CA SER S 127 -43.30 -17.11 24.79
C SER S 127 -44.11 -17.60 25.98
N TRP S 128 -44.47 -18.88 25.98
CA TRP S 128 -45.19 -19.46 27.11
C TRP S 128 -44.40 -19.29 28.40
N TYR S 129 -43.14 -19.71 28.39
CA TYR S 129 -42.29 -19.55 29.57
C TYR S 129 -42.08 -18.09 29.90
N ILE S 130 -41.98 -17.24 28.88
CA ILE S 130 -41.80 -15.81 29.13
C ILE S 130 -42.94 -15.28 29.99
N GLU S 131 -44.18 -15.58 29.57
CA GLU S 131 -45.33 -15.09 30.31
C GLU S 131 -45.38 -15.68 31.72
N ALA S 132 -45.06 -16.96 31.85
CA ALA S 132 -45.08 -17.58 33.17
C ALA S 132 -44.09 -16.90 34.11
N LEU S 133 -42.88 -16.65 33.63
CA LEU S 133 -41.88 -15.98 34.45
C LEU S 133 -42.29 -14.57 34.79
N LYS S 134 -43.00 -13.89 33.88
CA LYS S 134 -43.51 -12.56 34.21
C LYS S 134 -44.52 -12.64 35.36
N TYR S 135 -45.41 -13.64 35.33
CA TYR S 135 -46.33 -13.81 36.44
C TYR S 135 -45.57 -14.00 37.74
N ILE S 136 -44.55 -14.85 37.72
CA ILE S 136 -43.79 -15.11 38.93
C ILE S 136 -43.08 -13.85 39.41
N LYS S 137 -42.62 -13.02 38.46
CA LYS S 137 -41.97 -11.77 38.85
C LYS S 137 -42.94 -10.78 39.45
N ALA S 138 -44.22 -10.89 39.10
CA ALA S 138 -45.21 -9.98 39.67
C ALA S 138 -45.79 -10.48 41.00
N ASN S 139 -45.80 -11.79 41.26
CA ASN S 139 -46.43 -12.31 42.46
C ASN S 139 -45.43 -12.93 43.43
N HIS S 140 -44.14 -12.67 43.25
CA HIS S 140 -43.12 -13.30 44.09
C HIS S 140 -43.29 -12.95 45.56
N GLY S 141 -43.83 -11.78 45.86
CA GLY S 141 -44.06 -11.41 47.24
C GLY S 141 -42.83 -11.03 48.02
N LEU S 142 -41.77 -10.60 47.35
CA LEU S 142 -40.58 -10.08 48.00
C LEU S 142 -40.59 -8.56 47.96
N THR S 143 -39.78 -7.95 48.80
CA THR S 143 -39.70 -6.51 48.88
C THR S 143 -38.26 -6.07 49.14
N GLY S 144 -37.93 -4.88 48.67
CA GLY S 144 -36.61 -4.33 48.90
C GLY S 144 -35.52 -4.97 48.05
N GLN S 145 -34.31 -4.98 48.60
CA GLN S 145 -33.16 -5.49 47.86
C GLN S 145 -33.26 -7.00 47.63
N ALA S 146 -33.91 -7.72 48.54
CA ALA S 146 -34.24 -9.12 48.27
C ALA S 146 -35.01 -9.23 46.96
N ALA S 147 -36.02 -8.38 46.82
CA ALA S 147 -36.82 -8.39 45.60
C ALA S 147 -35.98 -8.06 44.38
N VAL S 148 -35.06 -7.10 44.50
CA VAL S 148 -34.28 -6.74 43.32
C VAL S 148 -33.42 -7.92 42.87
N GLU S 149 -32.81 -8.65 43.81
CA GLU S 149 -32.00 -9.80 43.42
C GLU S 149 -32.85 -10.83 42.68
N ALA S 150 -34.00 -11.19 43.27
CA ALA S 150 -34.82 -12.24 42.66
C ALA S 150 -35.30 -11.82 41.28
N ASN S 151 -35.76 -10.58 41.15
CA ASN S 151 -36.26 -10.12 39.86
C ASN S 151 -35.14 -10.05 38.83
N ALA S 152 -33.92 -9.74 39.24
CA ALA S 152 -32.81 -9.76 38.31
C ALA S 152 -32.62 -11.15 37.71
N TYR S 153 -32.63 -12.17 38.56
CA TYR S 153 -32.46 -13.52 38.02
C TYR S 153 -33.63 -13.92 37.12
N ILE S 154 -34.85 -13.59 37.53
CA ILE S 154 -36.03 -13.89 36.73
C ILE S 154 -35.89 -13.26 35.35
N ASP S 155 -35.47 -12.00 35.31
CA ASP S 155 -35.35 -11.32 34.03
C ASP S 155 -34.19 -11.87 33.21
N TYR S 156 -33.14 -12.35 33.87
CA TYR S 156 -32.09 -13.06 33.13
C TYR S 156 -32.69 -14.22 32.37
N ALA S 157 -33.52 -15.01 33.05
CA ALA S 157 -34.18 -16.12 32.36
C ALA S 157 -35.08 -15.62 31.24
N ILE S 158 -35.81 -14.53 31.48
CA ILE S 158 -36.71 -14.00 30.45
C ILE S 158 -35.93 -13.62 29.20
N ASN S 159 -34.83 -12.90 29.38
CA ASN S 159 -34.02 -12.48 28.25
C ASN S 159 -33.35 -13.67 27.56
N ALA S 160 -33.01 -14.71 28.33
CA ALA S 160 -32.41 -15.88 27.71
C ALA S 160 -33.43 -16.62 26.84
N LEU S 161 -34.68 -16.71 27.30
CA LEU S 161 -35.70 -17.37 26.50
C LEU S 161 -35.93 -16.63 25.19
N SER S 162 -35.91 -15.30 25.22
CA SER S 162 -36.05 -14.51 24.02
C SER S 162 -34.81 -14.59 23.15
N MET T 1 -15.25 -28.02 39.70
CA MET T 1 -14.80 -27.26 40.85
C MET T 1 -15.96 -26.49 41.47
N LEU T 2 -16.41 -26.93 42.64
CA LEU T 2 -17.57 -26.35 43.31
C LEU T 2 -17.15 -25.62 44.57
N ASP T 3 -18.08 -24.86 45.11
CA ASP T 3 -17.94 -24.21 46.41
C ASP T 3 -19.07 -24.69 47.32
N ALA T 4 -19.07 -24.18 48.56
CA ALA T 4 -20.03 -24.68 49.56
C ALA T 4 -21.46 -24.51 49.08
N PHE T 5 -21.82 -23.29 48.68
CA PHE T 5 -23.16 -23.04 48.17
C PHE T 5 -23.46 -23.96 46.99
N ALA T 6 -22.52 -24.04 46.04
CA ALA T 6 -22.74 -24.88 44.87
C ALA T 6 -22.84 -26.34 45.24
N LYS T 7 -22.10 -26.78 46.26
CA LYS T 7 -22.17 -28.17 46.69
C LYS T 7 -23.57 -28.52 47.17
N VAL T 8 -24.12 -27.70 48.06
CA VAL T 8 -25.46 -28.00 48.56
C VAL T 8 -26.48 -27.91 47.44
N VAL T 9 -26.32 -26.94 46.53
CA VAL T 9 -27.25 -26.81 45.42
C VAL T 9 -27.17 -28.02 44.51
N ALA T 10 -25.97 -28.55 44.28
CA ALA T 10 -25.83 -29.71 43.40
C ALA T 10 -26.51 -30.94 44.00
N GLN T 11 -26.33 -31.17 45.30
CA GLN T 11 -27.05 -32.27 45.91
C GLN T 11 -28.56 -32.08 45.79
N ALA T 12 -29.02 -30.84 46.04
CA ALA T 12 -30.45 -30.55 45.92
C ALA T 12 -30.96 -30.75 44.50
N ASP T 13 -30.12 -30.47 43.50
CA ASP T 13 -30.54 -30.66 42.12
C ASP T 13 -30.61 -32.13 41.77
N ALA T 14 -29.68 -32.94 42.30
CA ALA T 14 -29.78 -34.38 42.12
C ALA T 14 -31.08 -34.90 42.70
N ARG T 15 -31.48 -34.38 43.87
CA ARG T 15 -32.74 -34.82 44.46
C ARG T 15 -33.95 -34.23 43.76
N GLY T 16 -33.78 -33.07 43.11
CA GLY T 16 -34.90 -32.46 42.41
C GLY T 16 -35.92 -31.79 43.31
N GLU T 17 -35.53 -31.39 44.51
CA GLU T 17 -36.43 -30.81 45.49
C GLU T 17 -35.94 -29.45 45.92
N PHE T 18 -36.87 -28.51 46.09
CA PHE T 18 -36.53 -27.16 46.56
C PHE T 18 -35.68 -27.23 47.81
N LEU T 19 -34.78 -26.26 47.95
CA LEU T 19 -33.90 -26.19 49.11
C LEU T 19 -34.71 -26.25 50.40
N THR T 20 -34.35 -27.20 51.26
CA THR T 20 -35.06 -27.40 52.51
C THR T 20 -34.63 -26.36 53.53
N ASN T 21 -35.49 -26.16 54.54
CA ASN T 21 -35.18 -25.21 55.61
C ASN T 21 -33.86 -25.55 56.28
N ALA T 22 -33.59 -26.85 56.47
CA ALA T 22 -32.33 -27.26 57.09
C ALA T 22 -31.14 -26.78 56.28
N GLN T 23 -31.20 -26.93 54.95
CA GLN T 23 -30.10 -26.47 54.10
C GLN T 23 -29.94 -24.95 54.21
N PHE T 24 -31.05 -24.23 54.28
CA PHE T 24 -30.98 -22.77 54.41
C PHE T 24 -30.23 -22.38 55.68
N ASP T 25 -30.57 -23.02 56.80
CA ASP T 25 -29.88 -22.66 58.03
C ASP T 25 -28.41 -23.07 58.00
N ALA T 26 -28.09 -24.18 57.32
CA ALA T 26 -26.68 -24.56 57.19
C ALA T 26 -25.89 -23.48 56.45
N LEU T 27 -26.44 -23.00 55.32
CA LEU T 27 -25.73 -21.97 54.58
C LEU T 27 -25.68 -20.65 55.34
N SER T 28 -26.71 -20.35 56.13
CA SER T 28 -26.67 -19.17 56.98
C SER T 28 -25.53 -19.27 57.98
N ASN T 29 -25.32 -20.46 58.55
CA ASN T 29 -24.18 -20.66 59.44
C ASN T 29 -22.86 -20.45 58.71
N LEU T 30 -22.79 -20.91 57.46
CA LEU T 30 -21.57 -20.71 56.68
C LEU T 30 -21.29 -19.22 56.46
N VAL T 31 -22.34 -18.44 56.18
CA VAL T 31 -22.14 -17.00 56.03
C VAL T 31 -21.77 -16.36 57.36
N LYS T 32 -22.34 -16.84 58.46
CA LYS T 32 -22.02 -16.31 59.78
C LYS T 32 -20.53 -16.41 60.07
N GLU T 33 -19.86 -17.44 59.57
CA GLU T 33 -18.44 -17.67 59.80
C GLU T 33 -17.58 -17.27 58.61
N GLY T 34 -18.04 -16.31 57.81
CA GLY T 34 -17.29 -15.90 56.64
C GLY T 34 -16.07 -15.06 56.94
N ASN T 35 -16.21 -14.13 57.89
CA ASN T 35 -15.12 -13.20 58.18
C ASN T 35 -13.86 -13.94 58.63
N LYS T 36 -14.02 -14.95 59.48
CA LYS T 36 -12.86 -15.70 59.93
C LYS T 36 -12.17 -16.42 58.76
N ARG T 37 -12.96 -16.99 57.85
CA ARG T 37 -12.39 -17.65 56.69
C ARG T 37 -11.56 -16.68 55.87
N LEU T 38 -12.11 -15.48 55.63
CA LEU T 38 -11.39 -14.47 54.85
C LEU T 38 -10.11 -14.05 55.56
N ASP T 39 -10.18 -13.86 56.88
CA ASP T 39 -8.99 -13.49 57.64
C ASP T 39 -7.91 -14.55 57.50
N ALA T 40 -8.30 -15.81 57.60
CA ALA T 40 -7.31 -16.89 57.56
C ALA T 40 -6.62 -16.93 56.22
N VAL T 41 -7.38 -16.84 55.13
CA VAL T 41 -6.72 -16.90 53.82
C VAL T 41 -5.82 -15.69 53.62
N ASN T 42 -6.25 -14.50 54.07
CA ASN T 42 -5.41 -13.31 53.94
C ASN T 42 -4.09 -13.50 54.68
N ARG T 43 -4.16 -13.99 55.92
CA ARG T 43 -2.96 -14.17 56.71
C ARG T 43 -2.03 -15.21 56.10
N ILE T 44 -2.57 -16.32 55.62
CA ILE T 44 -1.71 -17.36 55.07
C ILE T 44 -1.08 -16.89 53.77
N THR T 45 -1.81 -16.13 52.94
CA THR T 45 -1.26 -15.71 51.67
C THR T 45 -0.18 -14.65 51.85
N SER T 46 -0.28 -13.84 52.91
CA SER T 46 0.76 -12.83 53.09
C SER T 46 2.12 -13.45 53.44
N ASN T 47 2.14 -14.62 54.06
CA ASN T 47 3.38 -15.25 54.50
C ASN T 47 3.71 -16.53 53.74
N ALA T 48 3.06 -16.76 52.59
CA ALA T 48 3.12 -18.06 51.93
C ALA T 48 4.56 -18.50 51.67
N SER T 49 5.34 -17.63 51.03
CA SER T 49 6.71 -17.98 50.65
C SER T 49 7.54 -18.37 51.86
N THR T 50 7.47 -17.56 52.93
CA THR T 50 8.24 -17.85 54.12
C THR T 50 7.81 -19.16 54.75
N ILE T 51 6.50 -19.42 54.79
CA ILE T 51 5.99 -20.67 55.36
C ILE T 51 6.62 -21.86 54.65
N VAL T 52 6.49 -21.90 53.33
CA VAL T 52 6.96 -23.07 52.60
C VAL T 52 8.48 -23.18 52.71
N ALA T 53 9.20 -22.06 52.63
CA ALA T 53 10.66 -22.10 52.67
C ALA T 53 11.16 -22.62 54.01
N ASN T 54 10.58 -22.12 55.11
CA ASN T 54 11.02 -22.55 56.43
C ASN T 54 10.78 -24.04 56.62
N ALA T 55 9.61 -24.53 56.19
CA ALA T 55 9.37 -25.97 56.33
C ALA T 55 10.35 -26.77 55.48
N ALA T 56 10.68 -26.28 54.29
CA ALA T 56 11.58 -27.01 53.40
C ALA T 56 12.97 -27.16 54.00
N ARG T 57 13.47 -26.09 54.62
CA ARG T 57 14.80 -26.15 55.24
C ARG T 57 14.90 -27.35 56.16
N ALA T 58 13.89 -27.54 57.02
CA ALA T 58 13.91 -28.66 57.95
C ALA T 58 13.72 -29.98 57.24
N LEU T 59 12.84 -30.01 56.23
CA LEU T 59 12.52 -31.27 55.58
C LEU T 59 13.76 -31.93 54.98
N PHE T 60 14.59 -31.14 54.30
CA PHE T 60 15.71 -31.76 53.60
C PHE T 60 16.74 -32.34 54.58
N ALA T 61 16.93 -31.70 55.73
CA ALA T 61 17.86 -32.23 56.71
C ALA T 61 17.28 -33.44 57.44
N GLU T 62 15.98 -33.42 57.74
CA GLU T 62 15.41 -34.53 58.48
C GLU T 62 15.26 -35.77 57.60
N GLN T 63 15.33 -35.62 56.29
CA GLN T 63 15.32 -36.73 55.34
C GLN T 63 16.53 -36.59 54.44
N PRO T 64 17.72 -36.95 54.95
CA PRO T 64 18.95 -36.69 54.18
C PRO T 64 19.08 -37.52 52.91
N GLN T 65 18.44 -38.69 52.85
CA GLN T 65 18.57 -39.54 51.67
C GLN T 65 18.17 -38.81 50.40
N LEU T 66 17.24 -37.86 50.51
CA LEU T 66 16.78 -37.15 49.32
C LEU T 66 17.85 -36.25 48.74
N ILE T 67 18.65 -35.60 49.60
CA ILE T 67 19.67 -34.67 49.15
C ILE T 67 21.05 -35.31 49.02
N GLN T 68 21.19 -36.57 49.39
CA GLN T 68 22.43 -37.27 49.10
C GLN T 68 22.45 -37.67 47.63
N PRO T 69 23.65 -37.77 47.04
CA PRO T 69 23.73 -38.10 45.61
C PRO T 69 23.00 -39.40 45.29
N GLY T 70 22.25 -39.38 44.20
CA GLY T 70 21.42 -40.49 43.82
C GLY T 70 20.00 -40.46 44.35
N GLY T 71 19.66 -39.45 45.17
CA GLY T 71 18.31 -39.32 45.69
C GLY T 71 17.45 -38.40 44.84
N MEN T 72 16.15 -38.48 45.03
CA MEN T 72 15.22 -37.73 44.18
C MEN T 72 15.25 -36.21 44.24
O MEN T 72 14.75 -35.57 43.33
CB MEN T 72 13.80 -38.17 44.49
CG MEN T 72 12.96 -38.23 43.22
OD1 MEN T 72 12.10 -37.39 43.00
ND2 MEN T 72 13.24 -39.23 42.39
CE2 MEN T 72 12.38 -39.19 41.15
N ALA T 73 15.85 -35.64 45.29
CA ALA T 73 15.90 -34.18 45.43
C ALA T 73 17.28 -33.65 45.06
N TYR T 74 18.19 -34.59 44.78
CA TYR T 74 19.55 -34.24 44.39
C TYR T 74 19.53 -33.51 43.05
N THR T 75 20.63 -32.79 42.77
CA THR T 75 20.79 -31.87 41.63
C THR T 75 19.98 -30.60 41.84
N ASN T 76 20.45 -29.50 41.23
CA ASN T 76 19.77 -28.22 41.39
C ASN T 76 18.36 -28.27 40.80
N ARG T 77 18.20 -28.93 39.65
CA ARG T 77 16.92 -28.92 38.95
C ARG T 77 15.84 -29.64 39.74
N ARG T 78 16.15 -30.84 40.26
CA ARG T 78 15.14 -31.58 41.00
C ARG T 78 14.85 -30.94 42.35
N MET T 79 15.83 -30.27 42.96
CA MET T 79 15.57 -29.50 44.16
C MET T 79 14.59 -28.36 43.86
N ALA T 80 14.81 -27.66 42.75
CA ALA T 80 13.87 -26.64 42.32
C ALA T 80 12.47 -27.23 42.14
N ALA T 81 12.39 -28.42 41.52
CA ALA T 81 11.09 -29.04 41.30
C ALA T 81 10.41 -29.39 42.61
N CYS T 82 11.16 -29.89 43.60
CA CYS T 82 10.53 -30.23 44.88
C CYS T 82 9.98 -28.98 45.55
N LEU T 83 10.75 -27.89 45.54
CA LEU T 83 10.22 -26.64 46.09
C LEU T 83 8.96 -26.21 45.34
N ARG T 84 9.00 -26.32 44.02
CA ARG T 84 7.86 -25.93 43.19
C ARG T 84 6.62 -26.71 43.57
N ASP T 85 6.75 -28.02 43.77
CA ASP T 85 5.58 -28.84 44.06
C ASP T 85 5.05 -28.58 45.46
N MET T 86 5.95 -28.31 46.42
CA MET T 86 5.48 -27.92 47.74
C MET T 86 4.63 -26.66 47.65
N GLU T 87 5.11 -25.66 46.90
CA GLU T 87 4.34 -24.44 46.75
C GLU T 87 3.03 -24.69 46.00
N ILE T 88 3.04 -25.61 45.04
CA ILE T 88 1.81 -25.94 44.30
C ILE T 88 0.74 -26.46 45.26
N ILE T 89 1.14 -27.40 46.12
CA ILE T 89 0.20 -27.96 47.09
C ILE T 89 -0.31 -26.86 48.01
N LEU T 90 0.57 -25.98 48.46
CA LEU T 90 0.12 -24.89 49.31
C LEU T 90 -0.89 -23.99 48.60
N ARG T 91 -0.66 -23.73 47.31
CA ARG T 91 -1.57 -22.86 46.56
C ARG T 91 -2.95 -23.49 46.43
N TYR T 92 -3.00 -24.77 46.08
CA TYR T 92 -4.31 -25.40 45.92
C TYR T 92 -5.01 -25.54 47.27
N VAL T 93 -4.25 -25.69 48.36
CA VAL T 93 -4.87 -25.73 49.68
C VAL T 93 -5.47 -24.38 50.04
N THR T 94 -4.79 -23.29 49.71
CA THR T 94 -5.36 -21.96 49.96
C THR T 94 -6.64 -21.77 49.16
N TYR T 95 -6.63 -22.21 47.89
CA TYR T 95 -7.87 -22.23 47.11
C TYR T 95 -8.97 -22.94 47.87
N ALA T 96 -8.66 -24.12 48.39
CA ALA T 96 -9.66 -24.91 49.11
C ALA T 96 -10.20 -24.17 50.32
N ILE T 97 -9.32 -23.51 51.07
CA ILE T 97 -9.77 -22.78 52.26
C ILE T 97 -10.79 -21.74 51.87
N LEU T 98 -10.48 -20.93 50.85
CA LEU T 98 -11.44 -19.90 50.47
C LEU T 98 -12.74 -20.53 50.00
N ALA T 99 -12.66 -21.64 49.27
CA ALA T 99 -13.88 -22.28 48.76
C ALA T 99 -14.75 -22.78 49.91
N GLY T 100 -14.14 -23.34 50.96
CA GLY T 100 -14.89 -23.98 52.01
C GLY T 100 -15.08 -25.47 51.84
N ASP T 101 -14.61 -26.05 50.74
CA ASP T 101 -14.68 -27.48 50.50
C ASP T 101 -13.38 -27.93 49.86
N SER T 102 -13.15 -29.23 49.90
CA SER T 102 -11.95 -29.82 49.31
C SER T 102 -12.15 -30.22 47.86
N SER T 103 -13.22 -29.76 47.23
CA SER T 103 -13.52 -30.13 45.85
C SER T 103 -12.38 -29.71 44.92
N VAL T 104 -11.91 -28.47 45.06
CA VAL T 104 -10.85 -27.99 44.18
C VAL T 104 -9.58 -28.79 44.38
N LEU T 105 -9.29 -29.19 45.62
CA LEU T 105 -8.08 -29.95 45.89
C LEU T 105 -8.11 -31.30 45.20
N ASP T 106 -9.29 -31.90 45.08
CA ASP T 106 -9.40 -33.22 44.48
C ASP T 106 -9.65 -33.17 42.97
N ASP T 107 -10.04 -32.02 42.43
CA ASP T 107 -10.39 -31.97 41.01
C ASP T 107 -9.19 -31.71 40.12
N ARG T 108 -8.52 -30.56 40.29
CA ARG T 108 -7.37 -30.23 39.47
C ARG T 108 -6.06 -30.66 40.10
N CYS T 109 -6.12 -31.26 41.29
CA CYS T 109 -4.97 -31.85 41.96
C CYS T 109 -5.46 -33.10 42.67
N LEU T 110 -4.53 -33.86 43.22
CA LEU T 110 -4.86 -35.02 44.05
C LEU T 110 -5.77 -36.02 43.35
N ASN T 111 -5.84 -35.99 42.02
CA ASN T 111 -6.56 -37.00 41.26
C ASN T 111 -5.51 -37.77 40.48
N GLY T 112 -4.99 -38.82 41.11
CA GLY T 112 -3.89 -39.59 40.54
C GLY T 112 -2.51 -39.10 40.89
N LEU T 113 -2.40 -38.21 41.89
CA LEU T 113 -1.10 -37.64 42.24
C LEU T 113 -0.11 -38.74 42.64
N ARG T 114 -0.57 -39.71 43.43
CA ARG T 114 0.30 -40.80 43.83
C ARG T 114 0.85 -41.53 42.61
N GLU T 115 -0.01 -41.80 41.63
CA GLU T 115 0.44 -42.56 40.46
C GLU T 115 1.50 -41.77 39.68
N THR T 116 1.30 -40.46 39.56
CA THR T 116 2.27 -39.64 38.84
C THR T 116 3.65 -39.72 39.50
N TYR T 117 3.69 -39.56 40.82
CA TYR T 117 4.99 -39.66 41.49
C TYR T 117 5.57 -41.06 41.38
N GLN T 118 4.71 -42.09 41.49
CA GLN T 118 5.20 -43.46 41.44
C GLN T 118 5.82 -43.78 40.08
N ALA T 119 5.23 -43.26 39.01
CA ALA T 119 5.84 -43.44 37.70
C ALA T 119 7.12 -42.62 37.57
N LEU T 120 7.13 -41.41 38.13
CA LEU T 120 8.32 -40.58 38.06
C LEU T 120 9.50 -41.21 38.78
N GLY T 121 9.25 -42.09 39.74
CA GLY T 121 10.30 -42.66 40.56
C GLY T 121 10.52 -41.94 41.87
N THR T 122 9.70 -40.95 42.18
CA THR T 122 9.78 -40.29 43.47
C THR T 122 9.21 -41.21 44.55
N PRO T 123 9.89 -41.39 45.68
CA PRO T 123 9.30 -42.15 46.79
C PRO T 123 8.07 -41.43 47.32
N GLY T 124 6.93 -42.13 47.27
CA GLY T 124 5.68 -41.53 47.75
C GLY T 124 5.68 -41.27 49.24
N SER T 125 6.32 -42.16 50.01
CA SER T 125 6.36 -41.99 51.47
C SER T 125 7.05 -40.68 51.85
N SER T 126 8.17 -40.37 51.19
CA SER T 126 8.87 -39.12 51.47
C SER T 126 8.00 -37.92 51.14
N VAL T 127 7.25 -38.00 50.04
CA VAL T 127 6.32 -36.93 49.70
C VAL T 127 5.28 -36.77 50.79
N ALA T 128 4.78 -37.87 51.34
CA ALA T 128 3.81 -37.79 52.42
C ALA T 128 4.42 -37.08 53.63
N VAL T 129 5.66 -37.41 53.97
CA VAL T 129 6.32 -36.73 55.08
C VAL T 129 6.42 -35.24 54.81
N ALA T 130 6.76 -34.88 53.57
CA ALA T 130 6.85 -33.47 53.23
C ALA T 130 5.50 -32.77 53.38
N ILE T 131 4.43 -33.42 52.92
CA ILE T 131 3.10 -32.82 53.03
C ILE T 131 2.72 -32.63 54.49
N GLN T 132 3.05 -33.62 55.34
CA GLN T 132 2.71 -33.49 56.76
C GLN T 132 3.52 -32.38 57.43
N LYS T 133 4.80 -32.24 57.08
CA LYS T 133 5.59 -31.15 57.62
C LYS T 133 5.01 -29.80 57.20
N MET T 134 4.64 -29.69 55.92
CA MET T 134 3.94 -28.50 55.47
C MET T 134 2.66 -28.28 56.25
N LYS T 135 1.93 -29.37 56.55
CA LYS T 135 0.67 -29.26 57.27
C LYS T 135 0.89 -28.65 58.63
N ASP T 136 1.92 -29.11 59.33
CA ASP T 136 2.25 -28.51 60.63
C ASP T 136 2.59 -27.04 60.48
N ALA T 137 3.39 -26.69 59.48
CA ALA T 137 3.75 -25.30 59.27
C ALA T 137 2.51 -24.43 59.08
N ALA T 138 1.59 -24.89 58.23
CA ALA T 138 0.42 -24.10 57.91
C ALA T 138 -0.50 -23.96 59.11
N ILE T 139 -0.78 -25.07 59.81
CA ILE T 139 -1.65 -24.98 60.97
C ILE T 139 -1.07 -24.03 62.00
N ALA T 140 0.26 -24.06 62.17
CA ALA T 140 0.88 -23.14 63.12
C ALA T 140 0.68 -21.69 62.71
N ILE T 141 0.97 -21.36 61.44
CA ILE T 141 0.94 -19.94 61.07
C ILE T 141 -0.49 -19.40 61.12
N ALA T 142 -1.48 -20.21 60.76
CA ALA T 142 -2.85 -19.71 60.85
C ALA T 142 -3.32 -19.64 62.30
N ASN T 143 -2.81 -20.53 63.16
CA ASN T 143 -3.23 -20.65 64.55
C ASN T 143 -2.27 -19.93 65.50
N ASP T 144 -1.65 -18.84 65.06
CA ASP T 144 -0.90 -17.98 65.95
C ASP T 144 -1.69 -16.68 66.12
N PRO T 145 -2.72 -16.67 66.97
CA PRO T 145 -3.67 -15.56 67.00
C PRO T 145 -3.12 -14.35 67.74
N ASN T 146 -2.99 -13.24 67.03
CA ASN T 146 -2.63 -11.95 67.62
C ASN T 146 -2.77 -10.89 66.54
N GLY T 147 -3.15 -9.68 66.97
CA GLY T 147 -3.35 -8.58 66.06
C GLY T 147 -4.78 -8.37 65.61
N ILE T 148 -5.73 -9.19 66.09
CA ILE T 148 -7.12 -9.13 65.64
C ILE T 148 -8.00 -9.55 66.79
N THR T 149 -9.28 -9.15 66.72
CA THR T 149 -10.25 -9.55 67.73
C THR T 149 -10.32 -11.07 67.82
N PRO T 150 -10.13 -11.66 68.99
CA PRO T 150 -10.06 -13.11 69.09
C PRO T 150 -11.41 -13.77 68.90
N GLY T 151 -11.35 -15.06 68.59
CA GLY T 151 -12.53 -15.89 68.48
C GLY T 151 -12.12 -17.33 68.58
N ASP T 152 -13.11 -18.22 68.58
CA ASP T 152 -12.84 -19.66 68.55
C ASP T 152 -12.84 -20.11 67.09
N CYS T 153 -11.70 -19.90 66.44
CA CYS T 153 -11.48 -20.30 65.06
C CYS T 153 -10.92 -21.73 64.95
N SER T 154 -10.97 -22.51 66.04
CA SER T 154 -10.43 -23.86 66.02
C SER T 154 -11.05 -24.71 64.91
N ALA T 155 -12.31 -24.42 64.56
CA ALA T 155 -12.96 -25.14 63.46
C ALA T 155 -12.22 -24.93 62.15
N LEU T 156 -11.83 -23.69 61.88
CA LEU T 156 -11.09 -23.39 60.66
C LEU T 156 -9.76 -24.14 60.64
N MET T 157 -9.07 -24.16 61.78
CA MET T 157 -7.80 -24.87 61.86
C MET T 157 -7.99 -26.36 61.61
N SER T 158 -9.05 -26.94 62.18
CA SER T 158 -9.30 -28.35 62.00
C SER T 158 -9.59 -28.68 60.54
N GLU T 159 -10.39 -27.85 59.86
CA GLU T 159 -10.68 -28.15 58.46
C GLU T 159 -9.46 -27.95 57.56
N ILE T 160 -8.59 -26.99 57.89
CA ILE T 160 -7.35 -26.83 57.13
C ILE T 160 -6.47 -28.07 57.30
N ALA T 161 -6.34 -28.53 58.55
CA ALA T 161 -5.60 -29.76 58.80
C ALA T 161 -6.21 -30.93 58.03
N GLY T 162 -7.54 -30.96 57.92
CA GLY T 162 -8.19 -32.01 57.15
C GLY T 162 -7.81 -31.97 55.68
N TYR T 163 -7.74 -30.76 55.10
CA TYR T 163 -7.31 -30.64 53.71
C TYR T 163 -5.90 -31.18 53.52
N PHE T 164 -4.98 -30.75 54.39
CA PHE T 164 -3.59 -31.21 54.27
C PHE T 164 -3.50 -32.72 54.42
N ASP T 165 -4.24 -33.28 55.38
CA ASP T 165 -4.26 -34.72 55.56
C ASP T 165 -4.81 -35.43 54.34
N ARG T 166 -5.86 -34.88 53.73
CA ARG T 166 -6.41 -35.49 52.52
C ARG T 166 -5.35 -35.60 51.45
N ALA T 167 -4.59 -34.52 51.25
CA ALA T 167 -3.52 -34.55 50.27
C ALA T 167 -2.46 -35.60 50.63
N ALA T 168 -2.05 -35.61 51.90
CA ALA T 168 -1.00 -36.53 52.32
C ALA T 168 -1.42 -37.98 52.12
N ALA T 169 -2.68 -38.28 52.42
CA ALA T 169 -3.17 -39.64 52.23
C ALA T 169 -3.37 -39.98 50.77
N ALA T 170 -3.67 -38.97 49.94
CA ALA T 170 -3.86 -39.24 48.52
C ALA T 170 -2.54 -39.53 47.82
N VAL T 171 -1.44 -38.92 48.28
CA VAL T 171 -0.16 -39.16 47.64
C VAL T 171 0.54 -40.39 48.20
N ALA T 172 0.10 -40.92 49.34
CA ALA T 172 0.72 -42.12 49.92
C ALA T 172 -0.34 -43.16 50.22
N MET U 1 21.72 -20.53 3.81
CA MET U 1 22.54 -21.71 3.60
C MET U 1 22.78 -22.47 4.90
N LYS U 2 23.28 -23.71 4.77
CA LYS U 2 23.64 -24.53 5.92
C LYS U 2 25.14 -24.49 6.20
N THR U 3 25.80 -23.40 5.81
CA THR U 3 27.22 -23.22 6.08
C THR U 3 27.46 -23.27 7.59
N PRO U 4 28.56 -23.89 8.04
CA PRO U 4 28.80 -24.01 9.50
C PRO U 4 28.55 -22.73 10.27
N ILE U 5 29.10 -21.62 9.80
CA ILE U 5 28.91 -20.33 10.46
C ILE U 5 27.43 -20.01 10.58
N THR U 6 26.71 -20.10 9.46
CA THR U 6 25.31 -19.72 9.46
C THR U 6 24.46 -20.65 10.31
N GLU U 7 24.75 -21.96 10.27
CA GLU U 7 23.94 -22.87 11.07
C GLU U 7 24.14 -22.63 12.56
N ALA U 8 25.38 -22.34 12.97
CA ALA U 8 25.60 -21.96 14.37
C ALA U 8 24.82 -20.70 14.72
N ILE U 9 24.86 -19.69 13.85
CA ILE U 9 24.15 -18.44 14.13
C ILE U 9 22.66 -18.71 14.27
N ALA U 10 22.09 -19.51 13.37
CA ALA U 10 20.67 -19.80 13.44
C ALA U 10 20.32 -20.54 14.71
N ALA U 11 21.16 -21.50 15.11
CA ALA U 11 20.91 -22.25 16.33
C ALA U 11 20.89 -21.33 17.54
N ALA U 12 21.81 -20.37 17.59
CA ALA U 12 21.81 -19.45 18.72
C ALA U 12 20.65 -18.47 18.66
N ASP U 13 20.23 -18.08 17.46
CA ASP U 13 19.13 -17.12 17.34
C ASP U 13 17.82 -17.73 17.77
N THR U 14 17.53 -18.95 17.34
CA THR U 14 16.28 -19.57 17.77
C THR U 14 16.27 -19.82 19.28
N GLN U 15 17.44 -19.94 19.90
CA GLN U 15 17.55 -20.13 21.33
C GLN U 15 17.94 -18.85 22.06
N GLY U 16 17.95 -17.71 21.37
CA GLY U 16 18.04 -16.42 22.01
C GLY U 16 19.22 -16.24 22.94
N ARG U 17 20.40 -16.66 22.50
CA ARG U 17 21.58 -16.69 23.35
C ARG U 17 22.77 -16.15 22.59
N PHE U 18 23.71 -15.55 23.33
CA PHE U 18 24.98 -15.18 22.74
C PHE U 18 25.74 -16.42 22.30
N LEU U 19 26.61 -16.25 21.31
CA LEU U 19 27.36 -17.37 20.76
C LEU U 19 28.21 -18.02 21.84
N SER U 20 27.96 -19.30 22.11
CA SER U 20 28.67 -20.04 23.13
C SER U 20 29.88 -20.75 22.54
N ASN U 21 30.71 -21.30 23.43
CA ASN U 21 32.01 -21.82 23.03
C ASN U 21 31.89 -22.97 22.04
N THR U 22 30.79 -23.72 22.09
CA THR U 22 30.64 -24.87 21.19
C THR U 22 30.66 -24.43 19.73
N GLU U 23 29.82 -23.46 19.38
CA GLU U 23 29.78 -23.01 17.99
C GLU U 23 31.04 -22.23 17.61
N LEU U 24 31.66 -21.56 18.58
CA LEU U 24 32.93 -20.90 18.32
C LEU U 24 34.01 -21.92 17.94
N GLN U 25 34.04 -23.04 18.65
CA GLN U 25 34.94 -24.13 18.27
C GLN U 25 34.63 -24.63 16.87
N ALA U 26 33.35 -24.79 16.55
CA ALA U 26 32.98 -25.28 15.23
C ALA U 26 33.50 -24.36 14.13
N VAL U 27 33.28 -23.05 14.29
CA VAL U 27 33.72 -22.13 13.24
C VAL U 27 35.22 -22.08 13.18
N ASP U 28 35.91 -22.26 14.31
CA ASP U 28 37.36 -22.36 14.24
C ASP U 28 37.78 -23.55 13.40
N GLY U 29 37.09 -24.68 13.54
CA GLY U 29 37.39 -25.83 12.71
C GLY U 29 37.19 -25.52 11.24
N ARG U 30 36.12 -24.79 10.91
CA ARG U 30 35.90 -24.41 9.51
C ARG U 30 37.04 -23.54 9.00
N PHE U 31 37.50 -22.60 9.81
CA PHE U 31 38.64 -21.76 9.38
C PHE U 31 39.89 -22.61 9.18
N LYS U 32 40.12 -23.59 10.05
CA LYS U 32 41.28 -24.45 9.89
C LYS U 32 41.23 -25.24 8.59
N ARG U 33 40.06 -25.77 8.23
CA ARG U 33 39.95 -26.56 7.01
C ARG U 33 39.81 -25.72 5.75
N ALA U 34 39.54 -24.42 5.91
CA ALA U 34 39.29 -23.55 4.76
C ALA U 34 40.51 -23.46 3.84
N VAL U 35 41.72 -23.56 4.39
CA VAL U 35 42.91 -23.41 3.54
C VAL U 35 42.93 -24.47 2.46
N ALA U 36 42.77 -25.73 2.85
CA ALA U 36 42.80 -26.82 1.89
C ALA U 36 41.58 -26.78 0.98
N SER U 37 40.40 -26.48 1.55
CA SER U 37 39.21 -26.47 0.70
C SER U 37 39.33 -25.40 -0.40
N MET U 38 39.83 -24.22 -0.05
CA MET U 38 39.93 -23.15 -1.03
C MET U 38 41.01 -23.45 -2.06
N GLU U 39 42.11 -24.07 -1.66
CA GLU U 39 43.10 -24.47 -2.67
C GLU U 39 42.49 -25.45 -3.66
N ALA U 40 41.72 -26.43 -3.16
CA ALA U 40 41.09 -27.39 -4.05
C ALA U 40 40.12 -26.71 -5.00
N ALA U 41 39.33 -25.77 -4.50
CA ALA U 41 38.38 -25.07 -5.36
C ALA U 41 39.10 -24.28 -6.44
N ARG U 42 40.18 -23.60 -6.07
CA ARG U 42 40.98 -22.88 -7.06
C ARG U 42 41.46 -23.83 -8.15
N ALA U 43 41.96 -25.01 -7.74
CA ALA U 43 42.42 -25.98 -8.72
C ALA U 43 41.30 -26.41 -9.65
N LEU U 44 40.11 -26.66 -9.11
CA LEU U 44 38.99 -27.08 -9.94
C LEU U 44 38.62 -26.01 -10.96
N THR U 45 38.57 -24.75 -10.54
CA THR U 45 38.20 -23.70 -11.48
C THR U 45 39.27 -23.48 -12.53
N ASN U 46 40.54 -23.70 -12.18
CA ASN U 46 41.61 -23.46 -13.15
C ASN U 46 41.56 -24.43 -14.32
N ASN U 47 41.09 -25.66 -14.09
CA ASN U 47 40.95 -26.64 -15.17
C ASN U 47 39.49 -26.99 -15.44
N ALA U 48 38.60 -26.02 -15.26
CA ALA U 48 37.17 -26.29 -15.35
C ALA U 48 36.75 -26.70 -16.76
N GLN U 49 37.24 -25.97 -17.77
CA GLN U 49 36.75 -26.18 -19.13
C GLN U 49 37.04 -27.59 -19.61
N SER U 50 38.27 -28.08 -19.37
CA SER U 50 38.62 -29.43 -19.80
C SER U 50 37.74 -30.46 -19.11
N LEU U 51 37.45 -30.24 -17.82
CA LEU U 51 36.63 -31.19 -17.07
C LEU U 51 35.22 -31.26 -17.62
N ILE U 52 34.58 -30.11 -17.89
CA ILE U 52 33.21 -30.16 -18.39
C ILE U 52 33.17 -30.75 -19.80
N ASP U 53 34.16 -30.41 -20.63
CA ASP U 53 34.24 -31.01 -21.96
C ASP U 53 34.35 -32.53 -21.88
N GLY U 54 35.24 -33.02 -21.02
CA GLY U 54 35.40 -34.45 -20.88
C GLY U 54 34.15 -35.13 -20.38
N ALA U 55 33.46 -34.52 -19.42
CA ALA U 55 32.23 -35.09 -18.90
C ALA U 55 31.16 -35.16 -19.99
N ALA U 56 31.08 -34.12 -20.84
CA ALA U 56 30.13 -34.14 -21.93
C ALA U 56 30.39 -35.33 -22.86
N GLN U 57 31.66 -35.52 -23.24
CA GLN U 57 31.98 -36.66 -24.10
C GLN U 57 31.68 -37.98 -23.40
N ALA U 58 31.90 -38.02 -22.08
CA ALA U 58 31.65 -39.26 -21.33
C ALA U 58 30.17 -39.63 -21.38
N VAL U 59 29.29 -38.64 -21.19
CA VAL U 59 27.86 -38.93 -21.27
C VAL U 59 27.49 -39.35 -22.69
N TYR U 60 28.08 -38.69 -23.69
CA TYR U 60 27.79 -39.07 -25.07
C TYR U 60 28.18 -40.52 -25.35
N GLN U 61 29.29 -40.97 -24.78
CA GLN U 61 29.75 -42.34 -25.01
C GLN U 61 28.94 -43.35 -24.21
N LYS U 62 28.60 -43.04 -22.96
CA LYS U 62 27.84 -43.98 -22.13
C LYS U 62 26.42 -44.16 -22.65
N PHE U 63 25.84 -43.11 -23.22
CA PHE U 63 24.48 -43.15 -23.75
C PHE U 63 24.49 -42.63 -25.17
N PRO U 64 24.90 -43.47 -26.13
CA PRO U 64 24.92 -43.02 -27.53
C PRO U 64 23.56 -42.62 -28.06
N TYR U 65 22.48 -43.22 -27.55
CA TYR U 65 21.15 -42.89 -28.03
C TYR U 65 20.81 -41.43 -27.78
N THR U 66 21.47 -40.79 -26.80
CA THR U 66 21.21 -39.38 -26.54
C THR U 66 21.79 -38.47 -27.61
N THR U 67 22.64 -38.97 -28.50
CA THR U 67 23.16 -38.16 -29.60
C THR U 67 22.48 -38.47 -30.91
N THR U 68 21.51 -39.38 -30.92
CA THR U 68 20.81 -39.76 -32.14
C THR U 68 19.31 -39.52 -32.05
N MET U 69 18.67 -39.95 -30.95
CA MET U 69 17.23 -39.88 -30.85
C MET U 69 16.74 -38.44 -31.02
N GLN U 70 15.69 -38.27 -31.81
CA GLN U 70 15.07 -36.97 -31.96
C GLN U 70 14.20 -36.64 -30.75
N GLY U 71 14.15 -35.38 -30.41
CA GLY U 71 13.44 -34.93 -29.23
C GLY U 71 14.14 -33.74 -28.60
N SER U 72 13.42 -33.08 -27.69
CA SER U 72 13.97 -31.92 -27.03
C SER U 72 15.09 -32.28 -26.07
N GLN U 73 14.97 -33.43 -25.39
CA GLN U 73 15.90 -33.79 -24.32
C GLN U 73 17.14 -34.51 -24.83
N TYR U 74 17.52 -34.29 -26.09
CA TYR U 74 18.68 -34.93 -26.66
C TYR U 74 19.57 -33.89 -27.31
N ALA U 75 20.86 -34.22 -27.43
CA ALA U 75 21.85 -33.32 -27.99
C ALA U 75 22.15 -33.62 -29.46
N SER U 76 21.18 -34.22 -30.16
CA SER U 76 21.38 -34.51 -31.58
C SER U 76 21.55 -33.21 -32.38
N THR U 77 20.80 -32.18 -32.03
CA THR U 77 20.95 -30.87 -32.64
C THR U 77 22.10 -30.11 -31.98
N PRO U 78 22.71 -29.18 -32.70
CA PRO U 78 23.76 -28.34 -32.07
C PRO U 78 23.25 -27.56 -30.88
N GLU U 79 22.00 -27.09 -30.94
CA GLU U 79 21.40 -26.42 -29.79
C GLU U 79 21.41 -27.35 -28.57
N GLY U 80 21.09 -28.62 -28.78
CA GLY U 80 21.12 -29.57 -27.68
C GLY U 80 22.51 -29.76 -27.11
N LYS U 81 23.53 -29.76 -27.98
CA LYS U 81 24.90 -29.84 -27.49
C LYS U 81 25.23 -28.64 -26.61
N ALA U 82 24.80 -27.45 -27.02
CA ALA U 82 25.02 -26.26 -26.21
C ALA U 82 24.32 -26.38 -24.85
N LYS U 83 23.09 -26.87 -24.85
CA LYS U 83 22.37 -27.02 -23.58
C LYS U 83 23.08 -28.02 -22.66
N CYS U 84 23.58 -29.12 -23.24
CA CYS U 84 24.30 -30.10 -22.43
C CYS U 84 25.55 -29.49 -21.81
N ALA U 85 26.30 -28.72 -22.60
CA ALA U 85 27.47 -28.04 -22.06
C ALA U 85 27.08 -27.09 -20.93
N ARG U 86 25.99 -26.34 -21.12
CA ARG U 86 25.57 -25.41 -20.08
C ARG U 86 25.23 -26.13 -18.78
N ASP U 87 24.52 -27.27 -18.88
CA ASP U 87 24.12 -27.98 -17.67
C ASP U 87 25.33 -28.57 -16.94
N ILE U 88 26.25 -29.20 -17.68
CA ILE U 88 27.41 -29.75 -17.01
C ILE U 88 28.24 -28.62 -16.39
N GLY U 89 28.29 -27.47 -17.05
CA GLY U 89 28.93 -26.31 -16.44
C GLY U 89 28.26 -25.89 -15.15
N TYR U 90 26.92 -25.91 -15.13
CA TYR U 90 26.20 -25.62 -13.90
C TYR U 90 26.67 -26.52 -12.78
N TYR U 91 26.74 -27.83 -13.05
CA TYR U 91 27.10 -28.77 -11.98
C TYR U 91 28.50 -28.48 -11.45
N LEU U 92 29.46 -28.27 -12.35
CA LEU U 92 30.83 -28.04 -11.88
C LEU U 92 30.93 -26.74 -11.09
N ARG U 93 30.29 -25.68 -11.60
CA ARG U 93 30.28 -24.39 -10.91
C ARG U 93 29.69 -24.53 -9.51
N MET U 94 28.60 -25.28 -9.39
CA MET U 94 27.98 -25.47 -8.09
C MET U 94 28.89 -26.27 -7.16
N VAL U 95 29.62 -27.24 -7.69
CA VAL U 95 30.53 -28.00 -6.83
C VAL U 95 31.60 -27.08 -6.26
N THR U 96 32.15 -26.20 -7.10
CA THR U 96 33.16 -25.28 -6.57
C THR U 96 32.56 -24.36 -5.50
N TYR U 97 31.33 -23.88 -5.75
CA TYR U 97 30.66 -23.06 -4.75
C TYR U 97 30.49 -23.81 -3.44
N CYS U 98 30.06 -25.08 -3.52
CA CYS U 98 29.87 -25.88 -2.32
C CYS U 98 31.19 -26.09 -1.59
N LEU U 99 32.27 -26.29 -2.35
CA LEU U 99 33.57 -26.50 -1.75
C LEU U 99 34.03 -25.27 -0.98
N VAL U 100 33.85 -24.08 -1.56
CA VAL U 100 34.28 -22.87 -0.87
C VAL U 100 33.38 -22.59 0.33
N ALA U 101 32.09 -22.86 0.21
CA ALA U 101 31.19 -22.59 1.32
C ALA U 101 31.46 -23.49 2.51
N GLY U 102 31.97 -24.70 2.26
CA GLY U 102 32.25 -25.63 3.33
C GLY U 102 31.07 -26.42 3.82
N GLY U 103 29.88 -26.20 3.27
CA GLY U 103 28.71 -26.97 3.61
C GLY U 103 27.90 -27.26 2.35
N THR U 104 26.78 -27.96 2.54
CA THR U 104 25.93 -28.31 1.42
C THR U 104 24.96 -27.19 1.04
N GLY U 105 25.05 -26.03 1.68
CA GLY U 105 24.16 -24.92 1.43
C GLY U 105 23.97 -24.59 -0.05
N PRO U 106 25.07 -24.25 -0.73
CA PRO U 106 24.93 -23.87 -2.15
C PRO U 106 24.28 -24.94 -3.01
N MET U 107 24.69 -26.20 -2.84
CA MET U 107 24.10 -27.27 -3.63
C MET U 107 22.63 -27.42 -3.33
N ASP U 108 22.23 -27.27 -2.07
CA ASP U 108 20.83 -27.42 -1.72
C ASP U 108 19.99 -26.27 -2.25
N GLU U 109 20.55 -25.06 -2.33
CA GLU U 109 19.74 -23.92 -2.73
C GLU U 109 19.66 -23.77 -4.25
N TYR U 110 20.77 -23.96 -4.96
CA TYR U 110 20.78 -23.78 -6.41
C TYR U 110 20.70 -25.10 -7.17
N LEU U 111 20.60 -26.21 -6.46
CA LEU U 111 20.28 -27.53 -6.99
C LEU U 111 19.53 -28.26 -5.90
N ILE U 112 19.28 -29.56 -6.08
CA ILE U 112 18.75 -30.39 -5.01
C ILE U 112 17.52 -29.73 -4.40
N ALA U 113 16.74 -29.06 -5.25
CA ALA U 113 15.52 -28.39 -4.80
C ALA U 113 14.55 -28.47 -5.96
N GLY U 114 13.73 -29.52 -5.97
CA GLY U 114 12.94 -29.82 -7.13
C GLY U 114 13.71 -30.43 -8.27
N LEU U 115 14.89 -31.00 -8.00
CA LEU U 115 15.69 -31.59 -9.06
C LEU U 115 14.94 -32.71 -9.76
N SER U 116 14.25 -33.54 -8.99
CA SER U 116 13.42 -34.58 -9.59
C SER U 116 12.30 -33.96 -10.42
N GLU U 117 11.69 -32.89 -9.93
CA GLU U 117 10.60 -32.26 -10.67
C GLU U 117 11.07 -31.82 -12.04
N ILE U 118 12.18 -31.08 -12.10
CA ILE U 118 12.67 -30.59 -13.38
C ILE U 118 13.08 -31.76 -14.27
N ASN U 119 13.79 -32.74 -13.69
CA ASN U 119 14.19 -33.89 -14.48
C ASN U 119 13.00 -34.65 -15.05
N SER U 120 11.84 -34.56 -14.42
CA SER U 120 10.66 -35.26 -14.92
C SER U 120 9.87 -34.43 -15.91
N THR U 121 9.75 -33.12 -15.67
CA THR U 121 8.92 -32.29 -16.54
C THR U 121 9.57 -32.10 -17.90
N PHE U 122 10.85 -31.76 -17.93
CA PHE U 122 11.56 -31.60 -19.18
C PHE U 122 12.13 -32.91 -19.68
N ASP U 123 11.84 -34.02 -19.00
CA ASP U 123 12.23 -35.36 -19.44
C ASP U 123 13.74 -35.48 -19.56
N LEU U 124 14.46 -34.91 -18.60
CA LEU U 124 15.92 -34.97 -18.55
C LEU U 124 16.29 -36.07 -17.56
N SER U 125 16.72 -37.21 -18.10
CA SER U 125 16.96 -38.38 -17.26
C SER U 125 18.07 -38.09 -16.25
N PRO U 126 17.84 -38.34 -14.96
CA PRO U 126 18.90 -38.11 -13.97
C PRO U 126 20.15 -38.94 -14.23
N SER U 127 20.00 -40.09 -14.88
CA SER U 127 21.14 -40.99 -15.10
C SER U 127 22.26 -40.28 -15.85
N TRP U 128 21.90 -39.42 -16.80
CA TRP U 128 22.89 -38.65 -17.53
C TRP U 128 23.80 -37.88 -16.58
N TYR U 129 23.20 -37.12 -15.66
CA TYR U 129 23.98 -36.33 -14.74
C TYR U 129 24.72 -37.20 -13.73
N ILE U 130 24.17 -38.37 -13.38
CA ILE U 130 24.90 -39.27 -12.49
C ILE U 130 26.21 -39.72 -13.13
N GLU U 131 26.14 -40.11 -14.40
CA GLU U 131 27.37 -40.50 -15.11
C GLU U 131 28.33 -39.34 -15.21
N ALA U 132 27.83 -38.14 -15.49
CA ALA U 132 28.70 -36.98 -15.59
C ALA U 132 29.42 -36.70 -14.27
N LEU U 133 28.68 -36.81 -13.16
CA LEU U 133 29.29 -36.64 -11.85
C LEU U 133 30.36 -37.69 -11.60
N LYS U 134 30.14 -38.92 -12.06
CA LYS U 134 31.16 -39.95 -11.88
C LYS U 134 32.44 -39.58 -12.63
N TYR U 135 32.29 -39.08 -13.86
CA TYR U 135 33.48 -38.62 -14.58
C TYR U 135 34.20 -37.52 -13.81
N ILE U 136 33.43 -36.57 -13.27
CA ILE U 136 34.04 -35.48 -12.49
C ILE U 136 34.79 -36.04 -11.29
N LYS U 137 34.20 -37.04 -10.62
CA LYS U 137 34.83 -37.61 -9.44
C LYS U 137 36.11 -38.34 -9.81
N ALA U 138 36.22 -38.83 -11.04
CA ALA U 138 37.44 -39.50 -11.45
C ALA U 138 38.51 -38.56 -11.98
N ASN U 139 38.12 -37.43 -12.58
CA ASN U 139 39.09 -36.54 -13.22
C ASN U 139 39.36 -35.25 -12.45
N HIS U 140 38.87 -35.15 -11.22
CA HIS U 140 38.91 -33.86 -10.52
C HIS U 140 40.34 -33.36 -10.32
N GLY U 141 41.30 -34.27 -10.18
CA GLY U 141 42.68 -33.85 -10.05
C GLY U 141 43.07 -33.31 -8.69
N LEU U 142 42.36 -33.68 -7.64
CA LEU U 142 42.73 -33.33 -6.28
C LEU U 142 43.27 -34.55 -5.56
N THR U 143 43.88 -34.32 -4.40
CA THR U 143 44.55 -35.39 -3.67
C THR U 143 44.48 -35.08 -2.18
N GLY U 144 44.51 -36.14 -1.37
CA GLY U 144 44.53 -35.97 0.07
C GLY U 144 43.15 -35.62 0.62
N GLN U 145 43.16 -34.83 1.70
CA GLN U 145 41.90 -34.39 2.31
C GLN U 145 41.08 -33.56 1.34
N ALA U 146 41.74 -32.82 0.45
CA ALA U 146 41.03 -32.08 -0.58
C ALA U 146 40.20 -33.02 -1.45
N ALA U 147 40.80 -34.14 -1.84
CA ALA U 147 40.07 -35.13 -2.63
C ALA U 147 38.90 -35.69 -1.84
N VAL U 148 39.10 -35.94 -0.55
CA VAL U 148 38.01 -36.48 0.27
C VAL U 148 36.84 -35.51 0.30
N GLU U 149 37.11 -34.23 0.54
CA GLU U 149 36.03 -33.25 0.58
C GLU U 149 35.33 -33.14 -0.76
N ALA U 150 36.10 -33.09 -1.84
CA ALA U 150 35.51 -32.97 -3.17
C ALA U 150 34.61 -34.15 -3.48
N ASN U 151 35.10 -35.36 -3.20
CA ASN U 151 34.30 -36.55 -3.47
C ASN U 151 33.07 -36.59 -2.60
N ALA U 152 33.16 -36.08 -1.36
CA ALA U 152 31.98 -36.01 -0.52
C ALA U 152 30.90 -35.16 -1.17
N TYR U 153 31.28 -33.98 -1.67
CA TYR U 153 30.27 -33.12 -2.29
C TYR U 153 29.72 -33.73 -3.57
N ILE U 154 30.59 -34.33 -4.38
CA ILE U 154 30.15 -34.95 -5.62
C ILE U 154 29.17 -36.08 -5.32
N ASP U 155 29.48 -36.89 -4.31
CA ASP U 155 28.58 -37.97 -3.93
C ASP U 155 27.28 -37.44 -3.35
N TYR U 156 27.32 -36.30 -2.66
CA TYR U 156 26.07 -35.70 -2.21
C TYR U 156 25.17 -35.39 -3.39
N ALA U 157 25.74 -34.82 -4.45
CA ALA U 157 24.96 -34.57 -5.65
C ALA U 157 24.44 -35.86 -6.26
N ILE U 158 25.29 -36.90 -6.28
CA ILE U 158 24.90 -38.17 -6.88
C ILE U 158 23.69 -38.75 -6.16
N ASN U 159 23.76 -38.78 -4.81
CA ASN U 159 22.65 -39.33 -4.04
C ASN U 159 21.41 -38.44 -4.12
N ALA U 160 21.60 -37.14 -4.31
CA ALA U 160 20.44 -36.27 -4.46
C ALA U 160 19.73 -36.53 -5.79
N LEU U 161 20.50 -36.77 -6.85
CA LEU U 161 19.89 -37.14 -8.12
C LEU U 161 19.09 -38.42 -7.99
N SER U 162 19.62 -39.40 -7.27
CA SER U 162 18.95 -40.67 -7.07
C SER U 162 17.78 -40.51 -6.10
N MET V 1 19.95 -15.10 5.85
CA MET V 1 21.23 -14.43 6.04
C MET V 1 22.38 -15.26 5.48
N LEU V 2 23.50 -14.61 5.23
CA LEU V 2 24.68 -15.24 4.69
C LEU V 2 25.86 -14.98 5.64
N ASP V 3 26.99 -15.57 5.30
CA ASP V 3 28.28 -15.22 5.88
C ASP V 3 29.19 -14.76 4.75
N ALA V 4 30.40 -14.33 5.10
CA ALA V 4 31.27 -13.72 4.12
C ALA V 4 31.55 -14.66 2.96
N PHE V 5 32.00 -15.88 3.27
CA PHE V 5 32.22 -16.88 2.23
C PHE V 5 30.96 -17.06 1.39
N ALA V 6 29.84 -17.25 2.08
CA ALA V 6 28.57 -17.48 1.39
C ALA V 6 28.18 -16.27 0.55
N LYS V 7 28.48 -15.05 1.03
CA LYS V 7 28.14 -13.86 0.27
C LYS V 7 28.89 -13.83 -1.05
N VAL V 8 30.20 -14.10 -1.01
CA VAL V 8 30.97 -14.12 -2.25
C VAL V 8 30.43 -15.20 -3.19
N VAL V 9 30.16 -16.39 -2.64
CA VAL V 9 29.65 -17.48 -3.46
C VAL V 9 28.32 -17.10 -4.10
N ALA V 10 27.44 -16.46 -3.34
CA ALA V 10 26.12 -16.13 -3.85
C ALA V 10 26.20 -15.09 -4.96
N GLN V 11 27.00 -14.04 -4.77
CA GLN V 11 27.14 -13.05 -5.84
C GLN V 11 27.71 -13.69 -7.09
N ALA V 12 28.76 -14.49 -6.95
CA ALA V 12 29.36 -15.10 -8.12
C ALA V 12 28.42 -16.09 -8.78
N ASP V 13 27.53 -16.73 -8.02
CA ASP V 13 26.54 -17.61 -8.62
C ASP V 13 25.51 -16.81 -9.40
N ALA V 14 25.11 -15.66 -8.86
CA ALA V 14 24.16 -14.82 -9.59
C ALA V 14 24.75 -14.40 -10.93
N ARG V 15 26.02 -14.02 -10.94
CA ARG V 15 26.63 -13.65 -12.21
C ARG V 15 26.95 -14.85 -13.09
N GLY V 16 27.15 -16.02 -12.50
CA GLY V 16 27.33 -17.23 -13.28
C GLY V 16 28.73 -17.51 -13.75
N GLU V 17 29.75 -17.10 -13.00
CA GLU V 17 31.14 -17.38 -13.34
C GLU V 17 31.82 -18.04 -12.14
N PHE V 18 32.70 -19.00 -12.43
CA PHE V 18 33.51 -19.60 -11.38
C PHE V 18 34.22 -18.51 -10.59
N LEU V 19 34.37 -18.74 -9.29
CA LEU V 19 35.04 -17.78 -8.43
C LEU V 19 36.41 -17.43 -9.00
N THR V 20 36.65 -16.14 -9.20
CA THR V 20 37.91 -15.67 -9.78
C THR V 20 39.02 -15.71 -8.74
N ASN V 21 40.27 -15.67 -9.23
CA ASN V 21 41.41 -15.71 -8.32
C ASN V 21 41.41 -14.53 -7.36
N ALA V 22 40.91 -13.37 -7.82
CA ALA V 22 40.80 -12.21 -6.93
C ALA V 22 39.91 -12.53 -5.73
N GLN V 23 38.74 -13.12 -5.99
CA GLN V 23 37.84 -13.48 -4.90
C GLN V 23 38.48 -14.49 -3.97
N PHE V 24 39.20 -15.47 -4.54
CA PHE V 24 39.89 -16.46 -3.72
C PHE V 24 40.87 -15.81 -2.75
N ASP V 25 41.71 -14.91 -3.25
CA ASP V 25 42.69 -14.31 -2.35
C ASP V 25 42.02 -13.45 -1.29
N ALA V 26 40.92 -12.76 -1.64
CA ALA V 26 40.19 -12.01 -0.62
C ALA V 26 39.72 -12.93 0.51
N LEU V 27 39.10 -14.06 0.15
CA LEU V 27 38.62 -14.97 1.18
C LEU V 27 39.77 -15.57 1.99
N SER V 28 40.91 -15.82 1.34
CA SER V 28 42.05 -16.34 2.08
C SER V 28 42.55 -15.34 3.09
N ASN V 29 42.56 -14.06 2.73
CA ASN V 29 42.90 -13.03 3.71
C ASN V 29 41.94 -13.07 4.88
N LEU V 30 40.65 -13.25 4.60
CA LEU V 30 39.68 -13.31 5.69
C LEU V 30 40.00 -14.46 6.64
N VAL V 31 40.35 -15.63 6.09
CA VAL V 31 40.59 -16.77 6.98
C VAL V 31 41.92 -16.61 7.73
N LYS V 32 42.93 -16.00 7.10
CA LYS V 32 44.19 -15.78 7.80
C LYS V 32 44.01 -14.85 8.99
N GLU V 33 42.97 -14.00 8.96
CA GLU V 33 42.63 -13.08 10.03
C GLU V 33 41.47 -13.61 10.86
N GLY V 34 41.29 -14.93 10.89
CA GLY V 34 40.12 -15.51 11.53
C GLY V 34 40.19 -15.60 13.04
N ASN V 35 41.35 -16.00 13.56
CA ASN V 35 41.50 -16.13 15.00
C ASN V 35 41.23 -14.80 15.69
N LYS V 36 41.65 -13.69 15.08
CA LYS V 36 41.34 -12.38 15.63
C LYS V 36 39.84 -12.19 15.76
N ARG V 37 39.10 -12.52 14.71
CA ARG V 37 37.65 -12.39 14.72
C ARG V 37 37.04 -13.19 15.85
N LEU V 38 37.48 -14.45 15.99
CA LEU V 38 36.92 -15.29 17.03
C LEU V 38 37.23 -14.75 18.42
N ASP V 39 38.45 -14.27 18.64
CA ASP V 39 38.79 -13.67 19.92
C ASP V 39 37.88 -12.49 20.24
N ALA V 40 37.69 -11.62 19.26
CA ALA V 40 36.88 -10.43 19.50
C ALA V 40 35.47 -10.81 19.90
N VAL V 41 34.86 -11.74 19.16
CA VAL V 41 33.49 -12.09 19.49
C VAL V 41 33.43 -12.78 20.85
N ASN V 42 34.43 -13.59 21.18
CA ASN V 42 34.43 -14.26 22.49
C ASN V 42 34.47 -13.24 23.62
N ARG V 43 35.33 -12.23 23.48
CA ARG V 43 35.46 -11.24 24.54
C ARG V 43 34.20 -10.40 24.65
N ILE V 44 33.59 -10.03 23.52
CA ILE V 44 32.38 -9.22 23.60
C ILE V 44 31.23 -10.01 24.23
N THR V 45 31.08 -11.28 23.84
CA THR V 45 29.99 -12.07 24.41
C THR V 45 30.23 -12.36 25.89
N SER V 46 31.48 -12.52 26.30
CA SER V 46 31.73 -12.84 27.70
C SER V 46 31.41 -11.65 28.61
N ASN V 47 31.52 -10.42 28.10
CA ASN V 47 31.24 -9.23 28.89
C ASN V 47 29.94 -8.56 28.48
N ALA V 48 29.01 -9.30 27.88
CA ALA V 48 27.79 -8.71 27.35
C ALA V 48 27.03 -7.96 28.44
N SER V 49 26.87 -8.60 29.60
CA SER V 49 26.10 -7.99 30.68
C SER V 49 26.71 -6.66 31.11
N THR V 50 28.02 -6.65 31.31
CA THR V 50 28.67 -5.42 31.75
C THR V 50 28.57 -4.33 30.69
N ILE V 51 28.70 -4.72 29.41
CA ILE V 51 28.59 -3.75 28.34
C ILE V 51 27.24 -3.05 28.37
N VAL V 52 26.17 -3.84 28.41
CA VAL V 52 24.84 -3.24 28.37
C VAL V 52 24.58 -2.43 29.63
N ALA V 53 25.03 -2.91 30.79
CA ALA V 53 24.75 -2.21 32.04
C ALA V 53 25.45 -0.85 32.08
N ASN V 54 26.74 -0.83 31.78
CA ASN V 54 27.48 0.43 31.79
C ASN V 54 26.90 1.40 30.77
N ALA V 55 26.60 0.91 29.57
CA ALA V 55 26.05 1.79 28.55
C ALA V 55 24.71 2.36 28.98
N ALA V 56 23.88 1.56 29.65
CA ALA V 56 22.59 2.05 30.12
C ALA V 56 22.76 3.14 31.17
N ARG V 57 23.66 2.92 32.13
CA ARG V 57 23.92 3.96 33.13
C ARG V 57 24.33 5.26 32.45
N ALA V 58 25.23 5.17 31.47
CA ALA V 58 25.68 6.36 30.77
C ALA V 58 24.54 7.04 30.02
N LEU V 59 23.70 6.25 29.33
CA LEU V 59 22.62 6.83 28.56
C LEU V 59 21.65 7.60 29.45
N PHE V 60 21.28 7.02 30.59
CA PHE V 60 20.34 7.70 31.45
C PHE V 60 20.97 8.87 32.19
N ALA V 61 22.30 8.88 32.33
CA ALA V 61 22.95 10.07 32.88
C ALA V 61 23.01 11.19 31.85
N GLU V 62 23.20 10.86 30.57
CA GLU V 62 23.32 11.88 29.55
C GLU V 62 21.97 12.41 29.10
N GLN V 63 20.91 11.61 29.18
CA GLN V 63 19.57 12.01 28.78
C GLN V 63 18.63 11.77 29.94
N PRO V 64 18.60 12.67 30.93
CA PRO V 64 17.77 12.43 32.11
C PRO V 64 16.29 12.36 31.83
N GLN V 65 15.81 12.97 30.75
CA GLN V 65 14.38 12.99 30.49
C GLN V 65 13.82 11.59 30.27
N LEU V 66 14.66 10.62 29.93
CA LEU V 66 14.18 9.26 29.68
C LEU V 66 13.62 8.62 30.94
N ILE V 67 14.31 8.78 32.08
CA ILE V 67 13.91 8.09 33.31
C ILE V 67 13.06 8.96 34.22
N GLN V 68 12.83 10.22 33.85
CA GLN V 68 11.90 11.04 34.61
C GLN V 68 10.47 10.59 34.35
N PRO V 69 9.55 10.87 35.27
CA PRO V 69 8.17 10.44 35.05
C PRO V 69 7.61 10.99 33.76
N GLY V 70 6.93 10.12 33.01
CA GLY V 70 6.40 10.48 31.72
C GLY V 70 7.34 10.27 30.55
N GLY V 71 8.56 9.82 30.79
CA GLY V 71 9.51 9.56 29.72
C GLY V 71 9.45 8.13 29.25
N MEN V 72 10.07 7.82 28.12
CA MEN V 72 9.90 6.51 27.53
C MEN V 72 10.60 5.33 28.16
O MEN V 72 10.39 4.20 27.71
CB MEN V 72 10.32 6.53 26.07
CG MEN V 72 9.09 6.08 25.31
OD1 MEN V 72 8.84 4.88 25.17
ND2 MEN V 72 8.31 7.05 24.87
CE2 MEN V 72 7.10 6.53 24.14
N ALA V 73 11.40 5.55 29.19
CA ALA V 73 12.05 4.45 29.88
C ALA V 73 11.42 4.24 31.26
N TYR V 74 10.54 5.17 31.63
CA TYR V 74 9.90 5.16 32.94
C TYR V 74 8.93 3.98 33.05
N THR V 75 8.46 3.75 34.27
CA THR V 75 7.49 2.74 34.72
C THR V 75 8.08 1.35 34.97
N ASN V 76 9.39 1.16 34.82
CA ASN V 76 10.07 -0.05 35.29
C ASN V 76 9.72 -1.27 34.44
N ARG V 77 8.74 -1.14 33.57
CA ARG V 77 8.49 -2.19 32.59
C ARG V 77 9.18 -1.83 31.29
N ARG V 78 9.01 -0.58 30.88
CA ARG V 78 9.70 -0.06 29.71
C ARG V 78 11.21 -0.01 29.94
N MET V 79 11.66 0.18 31.17
CA MET V 79 13.09 0.11 31.45
C MET V 79 13.63 -1.29 31.16
N ALA V 80 12.91 -2.31 31.62
CA ALA V 80 13.31 -3.68 31.34
C ALA V 80 13.33 -3.93 29.84
N ALA V 81 12.31 -3.46 29.13
CA ALA V 81 12.29 -3.64 27.68
C ALA V 81 13.47 -2.94 27.02
N CYS V 82 13.82 -1.75 27.50
CA CYS V 82 14.92 -1.01 26.92
C CYS V 82 16.24 -1.76 27.07
N LEU V 83 16.49 -2.28 28.27
CA LEU V 83 17.71 -3.06 28.46
C LEU V 83 17.70 -4.30 27.57
N ARG V 84 16.53 -4.93 27.43
CA ARG V 84 16.43 -6.08 26.56
C ARG V 84 16.80 -5.72 25.12
N ASP V 85 16.32 -4.58 24.64
CA ASP V 85 16.59 -4.20 23.25
C ASP V 85 18.04 -3.85 23.03
N MET V 86 18.67 -3.18 24.00
CA MET V 86 20.09 -2.91 23.86
C MET V 86 20.88 -4.22 23.77
N GLU V 87 20.56 -5.18 24.64
CA GLU V 87 21.23 -6.47 24.56
C GLU V 87 20.94 -7.17 23.24
N ILE V 88 19.74 -7.00 22.70
CA ILE V 88 19.39 -7.64 21.43
C ILE V 88 20.26 -7.08 20.31
N ILE V 89 20.41 -5.76 20.27
CA ILE V 89 21.29 -5.15 19.28
C ILE V 89 22.68 -5.72 19.39
N LEU V 90 23.20 -5.80 20.63
CA LEU V 90 24.53 -6.36 20.83
C LEU V 90 24.62 -7.79 20.32
N ARG V 91 23.57 -8.57 20.57
CA ARG V 91 23.60 -9.98 20.17
C ARG V 91 23.66 -10.13 18.66
N TYR V 92 22.83 -9.39 17.95
CA TYR V 92 22.85 -9.51 16.50
C TYR V 92 24.15 -8.95 15.92
N VAL V 93 24.73 -7.93 16.56
CA VAL V 93 26.01 -7.42 16.08
C VAL V 93 27.11 -8.45 16.30
N THR V 94 27.07 -9.18 17.42
CA THR V 94 28.07 -10.23 17.63
C THR V 94 27.94 -11.33 16.59
N TYR V 95 26.70 -11.72 16.28
CA TYR V 95 26.48 -12.63 15.16
C TYR V 95 27.15 -12.10 13.91
N ALA V 96 26.93 -10.81 13.60
CA ALA V 96 27.48 -10.23 12.39
C ALA V 96 29.01 -10.26 12.41
N ILE V 97 29.62 -9.94 13.54
CA ILE V 97 31.08 -9.90 13.63
C ILE V 97 31.65 -11.27 13.32
N LEU V 98 31.10 -12.31 13.94
CA LEU V 98 31.59 -13.64 13.62
C LEU V 98 31.38 -13.95 12.14
N ALA V 99 30.23 -13.59 11.61
CA ALA V 99 29.93 -13.90 10.22
C ALA V 99 30.92 -13.24 9.26
N GLY V 100 31.31 -12.00 9.56
CA GLY V 100 32.11 -11.22 8.65
C GLY V 100 31.32 -10.39 7.67
N ASP V 101 29.99 -10.41 7.76
CA ASP V 101 29.13 -9.67 6.87
C ASP V 101 27.97 -9.09 7.66
N SER V 102 27.39 -8.01 7.16
CA SER V 102 26.24 -7.40 7.77
C SER V 102 24.93 -7.95 7.23
N SER V 103 24.97 -9.17 6.68
CA SER V 103 23.76 -9.80 6.16
C SER V 103 22.82 -10.20 7.28
N VAL V 104 23.35 -10.84 8.32
CA VAL V 104 22.51 -11.21 9.44
C VAL V 104 22.00 -9.97 10.16
N LEU V 105 22.81 -8.92 10.19
CA LEU V 105 22.43 -7.71 10.92
C LEU V 105 21.27 -7.00 10.25
N ASP V 106 21.11 -7.15 8.94
CA ASP V 106 20.00 -6.54 8.22
C ASP V 106 18.84 -7.50 7.97
N ASP V 107 19.06 -8.80 8.13
CA ASP V 107 17.99 -9.75 7.80
C ASP V 107 17.10 -10.08 9.00
N ARG V 108 17.66 -10.22 10.19
CA ARG V 108 16.88 -10.52 11.38
C ARG V 108 16.92 -9.41 12.40
N CYS V 109 17.64 -8.32 12.12
CA CYS V 109 17.65 -7.14 12.94
C CYS V 109 17.65 -5.92 12.04
N LEU V 110 17.19 -4.80 12.61
CA LEU V 110 17.12 -3.49 11.96
C LEU V 110 16.03 -3.44 10.89
N ASN V 111 15.55 -4.58 10.42
CA ASN V 111 14.53 -4.56 9.38
C ASN V 111 13.18 -4.49 10.07
N GLY V 112 12.56 -3.31 10.02
CA GLY V 112 11.36 -3.02 10.76
C GLY V 112 11.59 -2.32 12.07
N LEU V 113 12.78 -2.46 12.65
CA LEU V 113 13.10 -1.83 13.92
C LEU V 113 12.85 -0.33 13.87
N ARG V 114 13.35 0.31 12.81
CA ARG V 114 13.24 1.76 12.66
C ARG V 114 11.79 2.21 12.81
N GLU V 115 10.88 1.51 12.13
CA GLU V 115 9.48 1.88 12.24
C GLU V 115 8.87 1.41 13.55
N THR V 116 9.43 0.36 14.16
CA THR V 116 8.88 -0.12 15.42
C THR V 116 8.95 0.96 16.49
N TYR V 117 10.09 1.63 16.61
CA TYR V 117 10.16 2.65 17.65
C TYR V 117 9.30 3.86 17.32
N GLN V 118 9.19 4.21 16.04
CA GLN V 118 8.32 5.33 15.66
C GLN V 118 6.88 5.03 16.03
N ALA V 119 6.45 3.78 15.87
CA ALA V 119 5.09 3.41 16.23
C ALA V 119 4.90 3.41 17.74
N LEU V 120 5.81 2.78 18.46
CA LEU V 120 5.66 2.71 19.91
C LEU V 120 5.70 4.08 20.54
N GLY V 121 6.33 5.04 19.87
CA GLY V 121 6.58 6.35 20.42
C GLY V 121 7.99 6.53 20.95
N THR V 122 8.72 5.43 21.18
CA THR V 122 10.08 5.52 21.66
C THR V 122 10.93 6.34 20.71
N PRO V 123 11.66 7.33 21.20
CA PRO V 123 12.54 8.12 20.32
C PRO V 123 13.66 7.25 19.76
N GLY V 124 13.76 7.19 18.43
CA GLY V 124 14.82 6.42 17.80
C GLY V 124 16.17 7.08 17.92
N SER V 125 16.20 8.41 18.02
CA SER V 125 17.46 9.12 18.18
C SER V 125 18.16 8.71 19.47
N SER V 126 17.40 8.60 20.56
CA SER V 126 17.98 8.14 21.81
C SER V 126 18.51 6.72 21.69
N VAL V 127 17.78 5.86 20.97
CA VAL V 127 18.26 4.50 20.73
C VAL V 127 19.60 4.55 20.02
N ALA V 128 19.75 5.45 19.04
CA ALA V 128 21.01 5.57 18.34
C ALA V 128 22.14 5.97 19.28
N VAL V 129 21.87 6.92 20.17
CA VAL V 129 22.88 7.32 21.15
C VAL V 129 23.28 6.11 22.00
N ALA V 130 22.30 5.33 22.42
CA ALA V 130 22.60 4.17 23.25
C ALA V 130 23.45 3.15 22.51
N ILE V 131 23.16 2.93 21.23
CA ILE V 131 23.95 2.00 20.44
C ILE V 131 25.39 2.51 20.33
N GLN V 132 25.56 3.83 20.22
CA GLN V 132 26.92 4.37 20.15
C GLN V 132 27.68 4.18 21.47
N LYS V 133 26.99 4.37 22.60
CA LYS V 133 27.62 4.09 23.89
C LYS V 133 28.07 2.64 23.95
N MET V 134 27.19 1.72 23.55
CA MET V 134 27.57 0.31 23.51
C MET V 134 28.73 0.07 22.56
N LYS V 135 28.79 0.83 21.46
CA LYS V 135 29.90 0.68 20.52
C LYS V 135 31.22 0.99 21.20
N ASP V 136 31.28 2.11 21.92
CA ASP V 136 32.51 2.45 22.61
C ASP V 136 32.90 1.36 23.60
N ALA V 137 31.93 0.91 24.40
CA ALA V 137 32.23 -0.10 25.42
C ALA V 137 32.78 -1.37 24.77
N ALA V 138 32.09 -1.87 23.75
CA ALA V 138 32.48 -3.14 23.14
C ALA V 138 33.82 -3.02 22.42
N ILE V 139 34.03 -1.92 21.70
CA ILE V 139 35.30 -1.73 21.01
C ILE V 139 36.45 -1.72 21.99
N ALA V 140 36.28 -1.01 23.11
CA ALA V 140 37.34 -0.98 24.11
C ALA V 140 37.61 -2.38 24.67
N ILE V 141 36.54 -3.11 25.00
CA ILE V 141 36.72 -4.42 25.61
C ILE V 141 37.41 -5.38 24.64
N ALA V 142 37.08 -5.26 23.34
CA ALA V 142 37.71 -6.14 22.36
C ALA V 142 39.15 -5.73 22.09
N ASN V 143 39.45 -4.44 22.14
CA ASN V 143 40.77 -3.96 21.73
C ASN V 143 41.77 -3.92 22.88
N ASP V 144 41.37 -4.29 24.10
CA ASP V 144 42.31 -4.30 25.21
C ASP V 144 43.45 -5.25 24.88
N PRO V 145 44.70 -4.79 24.84
CA PRO V 145 45.80 -5.69 24.49
C PRO V 145 46.22 -6.61 25.61
N ASN V 146 45.85 -6.31 26.85
CA ASN V 146 46.33 -7.05 28.00
C ASN V 146 45.43 -8.24 28.27
N GLY V 147 46.04 -9.40 28.48
CA GLY V 147 45.32 -10.65 28.64
C GLY V 147 45.25 -11.51 27.40
N ILE V 148 45.90 -11.12 26.31
CA ILE V 148 45.81 -11.83 25.05
C ILE V 148 47.12 -11.68 24.29
N THR V 149 47.40 -12.63 23.41
CA THR V 149 48.59 -12.61 22.59
C THR V 149 48.65 -11.33 21.78
N PRO V 150 49.72 -10.55 21.86
CA PRO V 150 49.75 -9.25 21.19
C PRO V 150 49.79 -9.38 19.68
N GLY V 151 49.27 -8.35 19.02
CA GLY V 151 49.26 -8.32 17.57
C GLY V 151 48.44 -7.15 17.08
N ASP V 152 48.28 -7.09 15.76
CA ASP V 152 47.45 -6.07 15.14
C ASP V 152 46.01 -6.54 15.08
N CYS V 153 45.08 -5.66 15.49
CA CYS V 153 43.67 -5.96 15.35
C CYS V 153 42.86 -4.74 14.89
N SER V 154 43.53 -3.70 14.39
CA SER V 154 42.84 -2.45 14.09
C SER V 154 41.79 -2.66 13.00
N ALA V 155 42.09 -3.47 11.99
CA ALA V 155 41.13 -3.71 10.91
C ALA V 155 39.84 -4.30 11.45
N LEU V 156 39.97 -5.30 12.32
CA LEU V 156 38.79 -5.94 12.91
C LEU V 156 38.00 -4.94 13.75
N MET V 157 38.69 -4.09 14.49
CA MET V 157 38.01 -3.09 15.31
C MET V 157 37.25 -2.11 14.44
N SER V 158 37.84 -1.69 13.33
CA SER V 158 37.13 -0.81 12.41
C SER V 158 35.89 -1.49 11.85
N GLU V 159 35.99 -2.78 11.53
CA GLU V 159 34.82 -3.50 11.03
C GLU V 159 33.72 -3.54 12.08
N ILE V 160 34.08 -3.82 13.34
CA ILE V 160 33.08 -3.85 14.40
C ILE V 160 32.41 -2.48 14.55
N ALA V 161 33.21 -1.42 14.53
CA ALA V 161 32.66 -0.07 14.59
C ALA V 161 31.71 0.17 13.42
N GLY V 162 32.05 -0.34 12.24
CA GLY V 162 31.18 -0.17 11.09
C GLY V 162 29.82 -0.81 11.30
N TYR V 163 29.81 -2.04 11.82
CA TYR V 163 28.53 -2.69 12.12
C TYR V 163 27.71 -1.86 13.10
N PHE V 164 28.33 -1.48 14.22
CA PHE V 164 27.62 -0.71 15.23
C PHE V 164 27.03 0.56 14.62
N ASP V 165 27.83 1.27 13.84
CA ASP V 165 27.39 2.53 13.25
C ASP V 165 26.23 2.29 12.30
N ARG V 166 26.32 1.24 11.48
CA ARG V 166 25.23 0.92 10.57
C ARG V 166 23.93 0.81 11.33
N ALA V 167 23.93 0.01 12.40
CA ALA V 167 22.70 -0.16 13.17
C ALA V 167 22.24 1.15 13.78
N ALA V 168 23.15 1.87 14.44
CA ALA V 168 22.76 3.06 15.17
C ALA V 168 22.16 4.12 14.24
N ALA V 169 22.76 4.30 13.06
CA ALA V 169 22.25 5.31 12.15
C ALA V 169 20.95 4.86 11.49
N ALA V 170 20.85 3.59 11.11
CA ALA V 170 19.65 3.17 10.39
C ALA V 170 18.45 2.94 11.30
N VAL V 171 18.66 2.84 12.61
CA VAL V 171 17.52 2.73 13.52
C VAL V 171 16.93 4.10 13.79
N ALA V 172 17.74 5.14 13.78
CA ALA V 172 17.23 6.49 13.94
C ALA V 172 16.82 7.05 12.59
N MET W 1 21.80 -34.20 26.84
CA MET W 1 22.40 -32.93 27.28
C MET W 1 23.09 -32.21 26.11
N LYS W 2 23.58 -31.01 26.39
CA LYS W 2 24.07 -30.12 25.34
C LYS W 2 25.56 -30.34 25.08
N THR W 3 25.87 -31.56 24.62
CA THR W 3 27.19 -31.99 24.16
C THR W 3 27.34 -31.65 22.68
N PRO W 4 28.52 -31.25 22.21
CA PRO W 4 28.67 -30.93 20.77
C PRO W 4 28.18 -32.04 19.86
N ILE W 5 28.56 -33.28 20.17
CA ILE W 5 28.11 -34.44 19.40
C ILE W 5 26.59 -34.51 19.41
N THR W 6 26.00 -34.40 20.60
CA THR W 6 24.56 -34.51 20.73
C THR W 6 23.86 -33.37 20.01
N GLU W 7 24.41 -32.17 20.08
CA GLU W 7 23.78 -31.04 19.40
C GLU W 7 23.78 -31.24 17.89
N ALA W 8 24.87 -31.75 17.33
CA ALA W 8 24.88 -32.04 15.90
C ALA W 8 23.84 -33.11 15.56
N ILE W 9 23.75 -34.15 16.38
CA ILE W 9 22.75 -35.19 16.13
C ILE W 9 21.35 -34.60 16.14
N ALA W 10 21.05 -33.75 17.12
CA ALA W 10 19.72 -33.17 17.22
C ALA W 10 19.42 -32.27 16.02
N ALA W 11 20.39 -31.47 15.60
CA ALA W 11 20.19 -30.60 14.45
C ALA W 11 19.91 -31.41 13.20
N ALA W 12 20.59 -32.56 13.05
CA ALA W 12 20.32 -33.40 11.89
C ALA W 12 18.98 -34.12 12.01
N ASP W 13 18.57 -34.47 13.23
CA ASP W 13 17.34 -35.24 13.38
C ASP W 13 16.11 -34.36 13.13
N THR W 14 16.15 -33.10 13.57
CA THR W 14 14.99 -32.26 13.33
C THR W 14 14.77 -31.97 11.85
N GLN W 15 15.83 -32.05 11.03
CA GLN W 15 15.69 -31.95 9.60
C GLN W 15 15.36 -33.30 8.95
N GLY W 16 15.65 -34.40 9.62
CA GLY W 16 15.35 -35.71 9.10
C GLY W 16 16.31 -36.21 8.05
N ARG W 17 17.52 -35.68 8.00
CA ARG W 17 18.49 -36.02 6.97
C ARG W 17 19.65 -36.81 7.58
N PHE W 18 20.29 -37.62 6.75
CA PHE W 18 21.50 -38.32 7.18
C PHE W 18 22.61 -37.32 7.47
N LEU W 19 23.54 -37.73 8.32
CA LEU W 19 24.65 -36.88 8.74
C LEU W 19 25.47 -36.40 7.55
N SER W 20 25.42 -35.10 7.27
CA SER W 20 26.22 -34.52 6.18
C SER W 20 27.63 -34.21 6.68
N ASN W 21 28.49 -33.82 5.74
CA ASN W 21 29.89 -33.58 6.10
C ASN W 21 30.05 -32.41 7.07
N THR W 22 29.09 -31.48 7.11
CA THR W 22 29.15 -30.40 8.08
C THR W 22 29.16 -30.94 9.51
N GLU W 23 28.20 -31.81 9.82
CA GLU W 23 28.12 -32.38 11.17
C GLU W 23 29.37 -33.21 11.48
N LEU W 24 29.84 -33.98 10.51
CA LEU W 24 31.03 -34.79 10.72
C LEU W 24 32.25 -33.91 11.01
N GLN W 25 32.38 -32.79 10.31
CA GLN W 25 33.45 -31.85 10.61
C GLN W 25 33.34 -31.32 12.03
N ALA W 26 32.12 -31.01 12.46
CA ALA W 26 31.94 -30.49 13.82
C ALA W 26 32.39 -31.52 14.86
N VAL W 27 31.96 -32.77 14.69
CA VAL W 27 32.36 -33.80 15.65
C VAL W 27 33.87 -34.04 15.60
N ASP W 28 34.47 -33.93 14.41
CA ASP W 28 35.91 -34.02 14.31
C ASP W 28 36.59 -32.94 15.13
N GLY W 29 36.08 -31.71 15.05
CA GLY W 29 36.63 -30.65 15.88
C GLY W 29 36.50 -30.96 17.36
N ARG W 30 35.37 -31.55 17.76
CA ARG W 30 35.21 -31.95 19.15
C ARG W 30 36.29 -32.95 19.56
N PHE W 31 36.55 -33.95 18.72
CA PHE W 31 37.58 -34.93 19.04
C PHE W 31 38.96 -34.27 19.09
N LYS W 32 39.22 -33.34 18.19
CA LYS W 32 40.53 -32.68 18.16
C LYS W 32 40.75 -31.83 19.39
N ARG W 33 39.71 -31.19 19.91
CA ARG W 33 39.85 -30.40 21.12
C ARG W 33 39.60 -31.21 22.38
N ALA W 34 39.32 -32.50 22.26
CA ALA W 34 39.13 -33.37 23.40
C ALA W 34 40.43 -33.97 23.94
N VAL W 35 41.58 -33.59 23.40
CA VAL W 35 42.85 -34.03 23.98
C VAL W 35 43.22 -33.15 25.17
N ALA W 36 43.18 -31.83 24.97
CA ALA W 36 43.52 -30.90 26.03
C ALA W 36 42.49 -30.93 27.15
N SER W 37 41.20 -31.00 26.81
CA SER W 37 40.17 -30.99 27.84
C SER W 37 40.27 -32.21 28.74
N MET W 38 40.54 -33.38 28.16
CA MET W 38 40.67 -34.58 28.98
C MET W 38 41.91 -34.52 29.85
N GLU W 39 43.01 -33.95 29.33
CA GLU W 39 44.17 -33.74 30.19
C GLU W 39 43.81 -32.88 31.39
N ALA W 40 43.10 -31.77 31.13
CA ALA W 40 42.71 -30.87 32.22
C ALA W 40 41.83 -31.58 33.24
N ALA W 41 40.90 -32.39 32.75
CA ALA W 41 40.02 -33.13 33.65
C ALA W 41 40.82 -34.09 34.54
N ARG W 42 41.77 -34.81 33.93
CA ARG W 42 42.62 -35.70 34.71
C ARG W 42 43.35 -34.93 35.80
N ALA W 43 43.94 -33.80 35.43
CA ALA W 43 44.70 -33.01 36.39
C ALA W 43 43.82 -32.57 37.54
N LEU W 44 42.62 -32.07 37.24
CA LEU W 44 41.80 -31.51 38.30
C LEU W 44 41.18 -32.60 39.18
N THR W 45 40.96 -33.81 38.64
CA THR W 45 40.47 -34.89 39.50
C THR W 45 41.57 -35.42 40.41
N ASN W 46 42.82 -35.49 39.91
CA ASN W 46 43.86 -36.09 40.73
C ASN W 46 44.22 -35.23 41.93
N ASN W 47 44.02 -33.91 41.85
CA ASN W 47 44.27 -33.01 42.98
C ASN W 47 42.98 -32.45 43.56
N ALA W 48 41.87 -33.16 43.39
CA ALA W 48 40.56 -32.59 43.73
C ALA W 48 40.46 -32.25 45.21
N GLN W 49 40.91 -33.16 46.07
CA GLN W 49 40.72 -32.97 47.51
C GLN W 49 41.45 -31.72 48.01
N SER W 50 42.70 -31.54 47.60
CA SER W 50 43.47 -30.39 48.06
C SER W 50 42.82 -29.09 47.60
N LEU W 51 42.37 -29.05 46.34
CA LEU W 51 41.81 -27.82 45.81
C LEU W 51 40.46 -27.50 46.45
N ILE W 52 39.64 -28.51 46.76
CA ILE W 52 38.40 -28.21 47.46
C ILE W 52 38.68 -27.71 48.88
N ASP W 53 39.70 -28.28 49.54
CA ASP W 53 40.04 -27.78 50.86
C ASP W 53 40.45 -26.31 50.81
N GLY W 54 41.32 -25.97 49.86
CA GLY W 54 41.75 -24.58 49.71
C GLY W 54 40.58 -23.65 49.43
N ALA W 55 39.67 -24.06 48.55
CA ALA W 55 38.52 -23.23 48.23
C ALA W 55 37.62 -23.04 49.45
N ALA W 56 37.46 -24.10 50.24
CA ALA W 56 36.63 -23.99 51.45
C ALA W 56 37.20 -22.96 52.40
N GLN W 57 38.52 -22.99 52.62
CA GLN W 57 39.11 -21.97 53.49
C GLN W 57 38.99 -20.58 52.88
N ALA W 58 39.10 -20.49 51.55
CA ALA W 58 38.98 -19.19 50.88
C ALA W 58 37.61 -18.57 51.14
N VAL W 59 36.55 -19.36 51.01
CA VAL W 59 35.22 -18.81 51.24
C VAL W 59 35.00 -18.52 52.72
N TYR W 60 35.58 -19.34 53.62
CA TYR W 60 35.47 -19.03 55.04
C TYR W 60 36.10 -17.70 55.37
N GLN W 61 37.23 -17.39 54.75
CA GLN W 61 37.91 -16.12 55.02
C GLN W 61 37.22 -14.95 54.36
N LYS W 62 36.72 -15.13 53.13
CA LYS W 62 36.05 -14.02 52.45
C LYS W 62 34.73 -13.65 53.13
N PHE W 63 34.07 -14.61 53.76
CA PHE W 63 32.78 -14.40 54.40
C PHE W 63 32.80 -14.93 55.82
N PRO W 64 33.58 -14.32 56.71
CA PRO W 64 33.53 -14.73 58.13
C PRO W 64 32.26 -14.28 58.82
N TYR W 65 31.59 -13.24 58.30
CA TYR W 65 30.38 -12.75 58.93
C TYR W 65 29.22 -13.72 58.72
N THR W 66 29.24 -14.50 57.64
CA THR W 66 28.31 -15.62 57.52
C THR W 66 28.81 -16.82 58.32
N THR W 67 30.14 -16.96 58.43
CA THR W 67 30.78 -18.02 59.19
C THR W 67 30.52 -17.91 60.68
N THR W 68 30.04 -16.76 61.16
CA THR W 68 29.77 -16.59 62.59
C THR W 68 28.30 -16.50 62.94
N MET W 69 27.44 -16.02 62.03
CA MET W 69 26.01 -15.96 62.32
C MET W 69 25.44 -17.37 62.34
N GLN W 70 24.70 -17.68 63.41
CA GLN W 70 24.12 -19.01 63.56
C GLN W 70 22.80 -19.10 62.81
N GLY W 71 22.59 -20.24 62.17
CA GLY W 71 21.39 -20.46 61.40
C GLY W 71 21.54 -21.66 60.48
N SER W 72 20.45 -21.94 59.76
CA SER W 72 20.45 -23.08 58.85
C SER W 72 21.22 -22.80 57.57
N GLN W 73 21.22 -21.56 57.10
CA GLN W 73 21.90 -21.20 55.86
C GLN W 73 23.34 -20.78 56.08
N TYR W 74 23.97 -21.21 57.16
CA TYR W 74 25.32 -20.78 57.50
C TYR W 74 26.16 -21.98 57.91
N ALA W 75 27.48 -21.79 57.84
CA ALA W 75 28.45 -22.83 58.18
C ALA W 75 29.08 -22.61 59.55
N SER W 76 28.46 -21.80 60.40
CA SER W 76 29.05 -21.47 61.69
C SER W 76 29.19 -22.71 62.57
N THR W 77 28.18 -23.57 62.57
CA THR W 77 28.20 -24.81 63.33
C THR W 77 28.98 -25.88 62.55
N PRO W 78 29.55 -26.88 63.24
CA PRO W 78 30.32 -27.91 62.52
C PRO W 78 29.52 -28.66 61.46
N GLU W 79 28.24 -28.90 61.73
CA GLU W 79 27.40 -29.53 60.72
C GLU W 79 27.32 -28.66 59.46
N GLY W 80 27.18 -27.35 59.64
CA GLY W 80 27.19 -26.44 58.51
C GLY W 80 28.52 -26.40 57.78
N LYS W 81 29.63 -26.54 58.53
CA LYS W 81 30.94 -26.64 57.90
C LYS W 81 31.02 -27.86 56.99
N ALA W 82 30.48 -28.99 57.45
CA ALA W 82 30.43 -30.19 56.62
C ALA W 82 29.59 -29.96 55.35
N LYS W 83 28.43 -29.31 55.52
CA LYS W 83 27.60 -28.99 54.35
C LYS W 83 28.36 -28.11 53.36
N CYS W 84 29.06 -27.10 53.86
CA CYS W 84 29.80 -26.19 52.97
C CYS W 84 30.86 -26.94 52.18
N ALA W 85 31.59 -27.84 52.86
CA ALA W 85 32.60 -28.63 52.17
C ALA W 85 31.97 -29.46 51.05
N ARG W 86 30.83 -30.11 51.34
CA ARG W 86 30.24 -30.96 50.32
C ARG W 86 29.77 -30.14 49.12
N ASP W 87 29.25 -28.94 49.35
CA ASP W 87 28.74 -28.19 48.19
C ASP W 87 29.87 -27.59 47.34
N ILE W 88 30.95 -27.12 47.98
CA ILE W 88 32.12 -26.72 47.22
C ILE W 88 32.62 -27.88 46.38
N GLY W 89 32.68 -29.07 46.98
CA GLY W 89 33.05 -30.26 46.24
C GLY W 89 32.11 -30.52 45.07
N TYR W 90 30.82 -30.24 45.25
CA TYR W 90 29.87 -30.44 44.17
C TYR W 90 30.21 -29.57 42.97
N TYR W 91 30.57 -28.31 43.22
CA TYR W 91 30.92 -27.44 42.09
C TYR W 91 32.14 -27.99 41.35
N LEU W 92 33.17 -28.41 42.08
CA LEU W 92 34.34 -28.97 41.38
C LEU W 92 33.96 -30.24 40.62
N ARG W 93 33.11 -31.07 41.23
CA ARG W 93 32.70 -32.34 40.64
C ARG W 93 31.94 -32.13 39.35
N MET W 94 31.14 -31.07 39.28
CA MET W 94 30.45 -30.74 38.04
C MET W 94 31.38 -30.14 37.01
N VAL W 95 32.40 -29.38 37.44
CA VAL W 95 33.31 -28.78 36.46
C VAL W 95 34.12 -29.86 35.75
N THR W 96 34.49 -30.93 36.46
CA THR W 96 35.19 -32.01 35.77
C THR W 96 34.31 -32.66 34.71
N TYR W 97 33.03 -32.89 35.04
CA TYR W 97 32.09 -33.41 34.05
C TYR W 97 31.97 -32.48 32.86
N CYS W 98 31.93 -31.17 33.12
CA CYS W 98 31.85 -30.19 32.05
C CYS W 98 33.07 -30.27 31.14
N LEU W 99 34.25 -30.42 31.74
CA LEU W 99 35.47 -30.55 30.94
C LEU W 99 35.42 -31.78 30.05
N VAL W 100 34.96 -32.90 30.60
CA VAL W 100 34.94 -34.13 29.81
C VAL W 100 33.88 -34.06 28.71
N ALA W 101 32.74 -33.43 29.00
CA ALA W 101 31.66 -33.36 28.02
C ALA W 101 31.94 -32.35 26.92
N GLY W 102 32.95 -31.50 27.08
CA GLY W 102 33.28 -30.55 26.03
C GLY W 102 32.21 -29.55 25.72
N GLY W 103 31.26 -29.32 26.63
CA GLY W 103 30.19 -28.39 26.39
C GLY W 103 29.60 -27.90 27.70
N THR W 104 28.58 -27.06 27.59
CA THR W 104 27.90 -26.53 28.76
C THR W 104 26.74 -27.41 29.21
N GLY W 105 26.54 -28.56 28.58
CA GLY W 105 25.45 -29.45 28.91
C GLY W 105 25.36 -29.82 30.38
N PRO W 106 26.45 -30.35 30.94
CA PRO W 106 26.42 -30.67 32.38
C PRO W 106 26.09 -29.47 33.24
N MET W 107 26.59 -28.28 32.87
CA MET W 107 26.28 -27.09 33.64
C MET W 107 24.78 -26.87 33.72
N ASP W 108 24.09 -26.97 32.58
CA ASP W 108 22.66 -26.70 32.59
C ASP W 108 21.88 -27.85 33.22
N GLU W 109 22.38 -29.08 33.12
CA GLU W 109 21.61 -30.22 33.59
C GLU W 109 21.71 -30.39 35.10
N TYR W 110 22.90 -30.20 35.67
CA TYR W 110 23.09 -30.39 37.10
C TYR W 110 23.04 -29.09 37.89
N LEU W 111 23.01 -27.95 37.22
CA LEU W 111 22.90 -26.65 37.90
C LEU W 111 22.35 -25.66 36.87
N ILE W 112 22.48 -24.37 37.16
CA ILE W 112 22.07 -23.30 36.25
C ILE W 112 20.57 -23.33 36.04
N ALA W 113 20.04 -24.47 35.59
CA ALA W 113 18.60 -24.66 35.48
C ALA W 113 17.93 -24.45 36.83
N GLY W 114 17.11 -23.41 36.93
CA GLY W 114 16.50 -23.08 38.21
C GLY W 114 17.48 -22.61 39.27
N LEU W 115 18.56 -21.94 38.86
CA LEU W 115 19.45 -21.36 39.86
C LEU W 115 18.77 -20.20 40.59
N SER W 116 17.92 -19.45 39.90
CA SER W 116 17.28 -18.30 40.51
C SER W 116 16.36 -18.71 41.65
N GLU W 117 15.52 -19.72 41.43
CA GLU W 117 14.57 -20.07 42.48
C GLU W 117 15.29 -20.62 43.70
N ILE W 118 16.35 -21.41 43.49
CA ILE W 118 17.12 -21.91 44.62
C ILE W 118 17.80 -20.77 45.36
N ASN W 119 18.42 -19.84 44.63
CA ASN W 119 19.10 -18.76 45.33
C ASN W 119 18.12 -17.76 45.92
N SER W 120 16.84 -17.87 45.60
CA SER W 120 15.83 -17.05 46.27
C SER W 120 15.24 -17.74 47.49
N THR W 121 15.05 -19.06 47.44
CA THR W 121 14.36 -19.74 48.54
C THR W 121 15.31 -20.02 49.70
N PHE W 122 16.39 -20.75 49.45
CA PHE W 122 17.41 -20.98 50.47
C PHE W 122 18.27 -19.74 50.69
N ASP W 123 18.29 -18.83 49.73
CA ASP W 123 19.05 -17.58 49.80
C ASP W 123 20.52 -17.82 50.12
N LEU W 124 21.09 -18.85 49.48
CA LEU W 124 22.51 -19.14 49.59
C LEU W 124 23.23 -18.32 48.53
N SER W 125 23.87 -17.23 48.95
CA SER W 125 24.41 -16.26 48.01
C SER W 125 25.39 -16.94 47.06
N PRO W 126 25.20 -16.81 45.75
CA PRO W 126 26.17 -17.40 44.80
C PRO W 126 27.57 -16.84 44.95
N SER W 127 27.70 -15.64 45.55
CA SER W 127 29.01 -15.01 45.69
C SER W 127 29.97 -15.89 46.49
N TRP W 128 29.46 -16.62 47.48
CA TRP W 128 30.27 -17.55 48.25
C TRP W 128 31.05 -18.50 47.32
N TYR W 129 30.29 -19.30 46.57
CA TYR W 129 30.89 -20.21 45.61
C TYR W 129 31.74 -19.47 44.58
N ILE W 130 31.33 -18.26 44.18
CA ILE W 130 32.04 -17.55 43.12
C ILE W 130 33.46 -17.23 43.55
N GLU W 131 33.62 -16.73 44.78
CA GLU W 131 34.97 -16.46 45.29
C GLU W 131 35.78 -17.75 45.40
N ALA W 132 35.16 -18.83 45.90
CA ALA W 132 35.90 -20.09 45.97
C ALA W 132 36.39 -20.53 44.60
N LEU W 133 35.52 -20.44 43.59
CA LEU W 133 35.87 -20.91 42.26
C LEU W 133 36.88 -20.00 41.59
N LYS W 134 36.95 -18.72 41.98
CA LYS W 134 38.03 -17.88 41.45
C LYS W 134 39.38 -18.28 42.03
N TYR W 135 39.41 -18.64 43.32
CA TYR W 135 40.62 -19.25 43.88
C TYR W 135 41.04 -20.48 43.05
N ILE W 136 40.08 -21.36 42.78
CA ILE W 136 40.36 -22.53 41.94
C ILE W 136 40.86 -22.10 40.56
N LYS W 137 40.24 -21.06 40.00
CA LYS W 137 40.53 -20.63 38.64
C LYS W 137 41.97 -20.20 38.47
N ALA W 138 42.56 -19.62 39.52
CA ALA W 138 43.98 -19.30 39.43
C ALA W 138 44.89 -20.45 39.83
N ASN W 139 44.48 -21.29 40.79
CA ASN W 139 45.36 -22.31 41.34
C ASN W 139 45.16 -23.69 40.71
N HIS W 140 44.41 -23.77 39.61
CA HIS W 140 44.06 -25.06 39.02
C HIS W 140 45.29 -25.83 38.56
N GLY W 141 46.35 -25.14 38.17
CA GLY W 141 47.55 -25.83 37.73
C GLY W 141 47.51 -26.36 36.31
N LEU W 142 46.65 -25.81 35.46
CA LEU W 142 46.70 -26.10 34.04
C LEU W 142 47.52 -25.04 33.31
N THR W 143 47.84 -25.32 32.06
CA THR W 143 48.65 -24.43 31.23
C THR W 143 48.10 -24.41 29.82
N GLY W 144 48.31 -23.27 29.16
CA GLY W 144 48.03 -23.18 27.73
C GLY W 144 46.57 -23.44 27.39
N GLN W 145 46.37 -24.31 26.40
CA GLN W 145 45.03 -24.58 25.89
C GLN W 145 44.13 -25.19 26.96
N ALA W 146 44.67 -26.12 27.75
CA ALA W 146 43.88 -26.70 28.83
C ALA W 146 43.38 -25.60 29.77
N ALA W 147 44.29 -24.69 30.16
CA ALA W 147 43.93 -23.62 31.06
C ALA W 147 42.87 -22.70 30.45
N VAL W 148 43.04 -22.33 29.18
CA VAL W 148 42.11 -21.36 28.60
C VAL W 148 40.73 -21.97 28.42
N GLU W 149 40.66 -23.24 28.00
CA GLU W 149 39.36 -23.87 27.84
C GLU W 149 38.65 -24.03 29.19
N ALA W 150 39.38 -24.48 30.22
CA ALA W 150 38.78 -24.59 31.54
C ALA W 150 38.30 -23.24 32.04
N ASN W 151 39.12 -22.20 31.85
CA ASN W 151 38.73 -20.85 32.26
C ASN W 151 37.46 -20.41 31.55
N ALA W 152 37.34 -20.76 30.26
CA ALA W 152 36.13 -20.40 29.53
C ALA W 152 34.89 -20.99 30.18
N TYR W 153 34.93 -22.29 30.51
CA TYR W 153 33.77 -22.89 31.16
C TYR W 153 33.49 -22.24 32.51
N ILE W 154 34.56 -22.01 33.31
CA ILE W 154 34.39 -21.45 34.64
C ILE W 154 33.72 -20.08 34.57
N ASP W 155 34.19 -19.23 33.67
CA ASP W 155 33.63 -17.88 33.60
C ASP W 155 32.24 -17.90 32.98
N TYR W 156 31.95 -18.85 32.09
CA TYR W 156 30.57 -19.02 31.65
C TYR W 156 29.66 -19.23 32.84
N ALA W 157 30.05 -20.14 33.74
CA ALA W 157 29.23 -20.40 34.91
C ALA W 157 29.11 -19.15 35.78
N ILE W 158 30.21 -18.45 35.99
CA ILE W 158 30.19 -17.27 36.86
C ILE W 158 29.24 -16.21 36.31
N ASN W 159 29.36 -15.91 35.01
CA ASN W 159 28.47 -14.90 34.44
C ASN W 159 27.04 -15.39 34.32
N ALA W 160 26.83 -16.70 34.24
CA ALA W 160 25.47 -17.23 34.21
C ALA W 160 24.79 -17.08 35.56
N LEU W 161 25.53 -17.28 36.65
CA LEU W 161 24.96 -17.10 37.98
C LEU W 161 24.46 -15.67 38.17
N SER W 162 25.20 -14.70 37.65
CA SER W 162 24.75 -13.31 37.66
C SER W 162 24.25 -12.94 36.27
N MET X 1 18.83 -37.99 25.25
CA MET X 1 19.91 -38.51 24.43
C MET X 1 21.27 -38.26 25.09
N LEU X 2 21.94 -39.34 25.48
CA LEU X 2 23.26 -39.28 26.09
C LEU X 2 24.25 -40.02 25.21
N ASP X 3 25.30 -39.31 24.76
CA ASP X 3 26.39 -39.98 24.06
C ASP X 3 27.35 -40.58 25.09
N ALA X 4 28.44 -41.15 24.61
CA ALA X 4 29.35 -41.90 25.47
C ALA X 4 29.85 -41.04 26.64
N PHE X 5 30.38 -39.86 26.32
CA PHE X 5 30.89 -38.96 27.35
C PHE X 5 29.78 -38.56 28.31
N ALA X 6 28.60 -38.24 27.78
CA ALA X 6 27.48 -37.88 28.63
C ALA X 6 27.05 -39.05 29.49
N LYS X 7 27.11 -40.27 28.95
CA LYS X 7 26.72 -41.44 29.74
C LYS X 7 27.64 -41.62 30.94
N VAL X 8 28.95 -41.50 30.72
CA VAL X 8 29.85 -41.70 31.85
C VAL X 8 29.70 -40.57 32.87
N VAL X 9 29.53 -39.33 32.41
CA VAL X 9 29.38 -38.26 33.38
C VAL X 9 28.07 -38.40 34.15
N ALA X 10 27.00 -38.88 33.50
CA ALA X 10 25.73 -39.03 34.20
C ALA X 10 25.82 -40.13 35.25
N GLN X 11 26.43 -41.26 34.91
CA GLN X 11 26.62 -42.31 35.91
C GLN X 11 27.45 -41.81 37.09
N ALA X 12 28.53 -41.08 36.79
CA ALA X 12 29.36 -40.54 37.85
C ALA X 12 28.61 -39.53 38.71
N ASP X 13 27.71 -38.75 38.11
CA ASP X 13 26.91 -37.80 38.89
C ASP X 13 25.93 -38.53 39.80
N ALA X 14 25.34 -39.63 39.30
CA ALA X 14 24.47 -40.44 40.15
C ALA X 14 25.25 -40.98 41.34
N ARG X 15 26.48 -41.43 41.12
CA ARG X 15 27.29 -41.90 42.23
C ARG X 15 27.77 -40.75 43.11
N GLY X 16 27.88 -39.55 42.55
CA GLY X 16 28.39 -38.42 43.31
C GLY X 16 29.89 -38.41 43.49
N GLU X 17 30.64 -39.07 42.63
CA GLU X 17 32.07 -39.21 42.76
C GLU X 17 32.76 -38.67 41.51
N PHE X 18 33.87 -37.97 41.70
CA PHE X 18 34.67 -37.48 40.59
C PHE X 18 34.97 -38.62 39.62
N LEU X 19 35.06 -38.29 38.34
CA LEU X 19 35.32 -39.28 37.30
C LEU X 19 36.53 -40.13 37.65
N THR X 20 36.33 -41.44 37.69
CA THR X 20 37.37 -42.37 38.11
C THR X 20 38.37 -42.58 36.96
N ASN X 21 39.59 -42.97 37.35
CA ASN X 21 40.66 -43.17 36.37
C ASN X 21 40.24 -44.16 35.29
N ALA X 22 39.54 -45.23 35.66
CA ALA X 22 39.12 -46.24 34.70
C ALA X 22 38.25 -45.62 33.61
N GLN X 23 37.27 -44.81 34.01
CA GLN X 23 36.41 -44.16 33.03
C GLN X 23 37.19 -43.17 32.18
N PHE X 24 38.15 -42.46 32.79
CA PHE X 24 39.04 -41.58 32.04
C PHE X 24 39.70 -42.32 30.89
N ASP X 25 40.33 -43.47 31.19
CA ASP X 25 41.07 -44.17 30.14
C ASP X 25 40.12 -44.80 29.12
N ALA X 26 38.91 -45.20 29.54
CA ALA X 26 37.95 -45.69 28.56
C ALA X 26 37.63 -44.63 27.51
N LEU X 27 37.29 -43.42 27.97
CA LEU X 27 36.96 -42.38 27.00
C LEU X 27 38.20 -41.96 26.21
N SER X 28 39.38 -42.02 26.83
CA SER X 28 40.61 -41.71 26.08
C SER X 28 40.82 -42.71 24.95
N ASN X 29 40.56 -43.99 25.20
CA ASN X 29 40.63 -44.98 24.12
C ASN X 29 39.65 -44.64 23.02
N LEU X 30 38.43 -44.24 23.39
CA LEU X 30 37.47 -43.84 22.35
C LEU X 30 38.02 -42.71 21.50
N VAL X 31 38.63 -41.69 22.12
CA VAL X 31 39.12 -40.54 21.37
C VAL X 31 40.31 -40.93 20.50
N LYS X 32 41.19 -41.80 21.00
CA LYS X 32 42.36 -42.20 20.21
C LYS X 32 41.95 -42.87 18.91
N GLU X 33 40.84 -43.61 18.92
CA GLU X 33 40.31 -44.26 17.74
C GLU X 33 39.19 -43.46 17.08
N GLY X 34 39.17 -42.14 17.30
CA GLY X 34 38.05 -41.33 16.83
C GLY X 34 37.99 -41.20 15.32
N ASN X 35 39.14 -41.07 14.66
CA ASN X 35 39.15 -40.95 13.21
C ASN X 35 38.49 -42.17 12.56
N LYS X 36 38.71 -43.35 13.13
CA LYS X 36 38.09 -44.56 12.61
C LYS X 36 36.57 -44.49 12.71
N ARG X 37 36.05 -44.01 13.84
CA ARG X 37 34.61 -43.86 14.02
C ARG X 37 34.04 -42.90 12.98
N LEU X 38 34.70 -41.76 12.80
CA LEU X 38 34.21 -40.78 11.84
C LEU X 38 34.23 -41.34 10.43
N ASP X 39 35.29 -42.07 10.06
CA ASP X 39 35.36 -42.62 8.73
C ASP X 39 34.27 -43.65 8.50
N ALA X 40 33.98 -44.48 9.50
CA ALA X 40 32.92 -45.47 9.36
C ALA X 40 31.58 -44.79 9.09
N VAL X 41 31.24 -43.79 9.91
CA VAL X 41 29.95 -43.13 9.68
C VAL X 41 29.93 -42.41 8.35
N ASN X 42 31.07 -41.84 7.94
CA ASN X 42 31.13 -41.14 6.66
C ASN X 42 30.88 -42.10 5.50
N ARG X 43 31.49 -43.28 5.55
CA ARG X 43 31.26 -44.26 4.49
C ARG X 43 29.82 -44.73 4.47
N ILE X 44 29.23 -45.00 5.63
CA ILE X 44 27.85 -45.48 5.65
C ILE X 44 26.91 -44.42 5.12
N THR X 45 27.06 -43.17 5.56
CA THR X 45 26.13 -42.13 5.15
C THR X 45 26.36 -41.69 3.71
N SER X 46 27.59 -41.78 3.22
CA SER X 46 27.88 -41.37 1.86
C SER X 46 27.31 -42.35 0.83
N ASN X 47 27.00 -43.57 1.24
CA ASN X 47 26.41 -44.57 0.34
C ASN X 47 24.99 -44.95 0.77
N ALA X 48 24.31 -44.04 1.48
CA ALA X 48 23.02 -44.38 2.09
C ALA X 48 22.02 -44.88 1.05
N SER X 49 21.87 -44.14 -0.05
CA SER X 49 20.89 -44.50 -1.06
C SER X 49 21.15 -45.89 -1.62
N THR X 50 22.41 -46.15 -2.01
CA THR X 50 22.76 -47.44 -2.57
C THR X 50 22.57 -48.56 -1.54
N ILE X 51 22.93 -48.29 -0.28
CA ILE X 51 22.76 -49.29 0.76
C ILE X 51 21.30 -49.71 0.86
N VAL X 52 20.40 -48.73 0.98
CA VAL X 52 18.99 -49.07 1.13
C VAL X 52 18.46 -49.75 -0.12
N ALA X 53 18.87 -49.27 -1.30
CA ALA X 53 18.34 -49.84 -2.54
C ALA X 53 18.78 -51.30 -2.71
N ASN X 54 20.06 -51.58 -2.50
CA ASN X 54 20.54 -52.95 -2.62
C ASN X 54 19.88 -53.85 -1.59
N ALA X 55 19.76 -53.38 -0.36
CA ALA X 55 19.09 -54.18 0.67
C ALA X 55 17.65 -54.47 0.29
N ALA X 56 16.96 -53.49 -0.31
CA ALA X 56 15.57 -53.71 -0.72
C ALA X 56 15.48 -54.76 -1.81
N ARG X 57 16.36 -54.67 -2.81
CA ARG X 57 16.36 -55.69 -3.86
C ARG X 57 16.56 -57.07 -3.27
N ALA X 58 17.49 -57.19 -2.33
CA ALA X 58 17.73 -58.48 -1.69
C ALA X 58 16.51 -58.96 -0.92
N LEU X 59 15.86 -58.05 -0.18
CA LEU X 59 14.69 -58.44 0.60
C LEU X 59 13.58 -58.97 -0.29
N PHE X 60 13.32 -58.29 -1.41
CA PHE X 60 12.26 -58.75 -2.29
C PHE X 60 12.66 -59.99 -3.07
N ALA X 61 13.96 -60.25 -3.21
CA ALA X 61 14.39 -61.50 -3.82
C ALA X 61 14.22 -62.69 -2.87
N GLU X 62 14.49 -62.49 -1.57
CA GLU X 62 14.41 -63.59 -0.62
C GLU X 62 12.98 -63.87 -0.18
N GLN X 63 12.11 -62.86 -0.19
CA GLN X 63 10.72 -63.01 0.22
C GLN X 63 9.82 -62.47 -0.87
N PRO X 64 9.55 -63.26 -1.90
CA PRO X 64 8.72 -62.78 -3.02
C PRO X 64 7.29 -62.45 -2.61
N GLN X 65 6.79 -63.00 -1.50
CA GLN X 65 5.44 -62.70 -1.07
C GLN X 65 5.22 -61.20 -0.87
N LEU X 66 6.30 -60.47 -0.58
CA LEU X 66 6.18 -59.03 -0.37
C LEU X 66 5.74 -58.31 -1.64
N ILE X 67 6.33 -58.65 -2.79
CA ILE X 67 6.01 -57.96 -4.03
C ILE X 67 4.90 -58.66 -4.82
N GLN X 68 4.46 -59.83 -4.38
CA GLN X 68 3.31 -60.47 -4.99
C GLN X 68 2.05 -59.65 -4.72
N PRO X 69 1.11 -59.61 -5.67
CA PRO X 69 -0.11 -58.82 -5.44
C PRO X 69 -0.86 -59.29 -4.20
N GLY X 70 -1.42 -58.31 -3.48
CA GLY X 70 -2.06 -58.60 -2.21
C GLY X 70 -1.09 -59.07 -1.14
N GLY X 71 0.07 -58.43 -1.04
CA GLY X 71 1.07 -58.77 -0.05
C GLY X 71 1.19 -57.70 1.01
N MEN X 72 2.38 -57.50 1.54
CA MEN X 72 2.57 -56.50 2.57
C MEN X 72 3.36 -55.25 2.23
O MEN X 72 3.34 -54.30 3.00
CB MEN X 72 3.22 -57.14 3.79
CG MEN X 72 2.27 -57.01 4.96
OD1 MEN X 72 2.50 -56.24 5.89
ND2 MEN X 72 1.19 -57.78 4.89
CE2 MEN X 72 0.29 -57.59 6.09
N ALA X 73 4.03 -55.24 1.08
CA ALA X 73 4.67 -54.02 0.62
C ALA X 73 4.27 -53.74 -0.82
N TYR X 74 3.27 -54.48 -1.30
CA TYR X 74 2.76 -54.28 -2.64
C TYR X 74 1.99 -52.96 -2.73
N THR X 75 1.71 -52.55 -3.97
CA THR X 75 1.21 -51.22 -4.32
C THR X 75 2.33 -50.20 -4.10
N ASN X 76 2.39 -49.19 -4.96
CA ASN X 76 3.45 -48.19 -4.86
C ASN X 76 3.46 -47.52 -3.48
N ARG X 77 2.29 -47.35 -2.87
CA ARG X 77 2.20 -46.69 -1.57
C ARG X 77 2.94 -47.48 -0.49
N ARG X 78 2.55 -48.75 -0.30
CA ARG X 78 3.20 -49.55 0.72
C ARG X 78 4.66 -49.84 0.37
N MET X 79 4.97 -49.91 -0.92
CA MET X 79 6.38 -50.06 -1.32
C MET X 79 7.20 -48.87 -0.86
N ALA X 80 6.69 -47.66 -1.11
CA ALA X 80 7.37 -46.46 -0.66
C ALA X 80 7.52 -46.45 0.84
N ALA X 81 6.48 -46.88 1.55
CA ALA X 81 6.54 -46.89 3.01
C ALA X 81 7.60 -47.86 3.51
N CYS X 82 7.69 -49.05 2.90
CA CYS X 82 8.69 -50.00 3.35
C CYS X 82 10.10 -49.45 3.12
N LEU X 83 10.34 -48.87 1.94
CA LEU X 83 11.64 -48.26 1.68
C LEU X 83 11.92 -47.15 2.69
N ARG X 84 10.90 -46.35 3.00
CA ARG X 84 11.06 -45.25 3.93
C ARG X 84 11.47 -45.77 5.31
N ASP X 85 10.85 -46.84 5.78
CA ASP X 85 11.15 -47.33 7.12
C ASP X 85 12.53 -47.97 7.18
N MET X 86 12.93 -48.68 6.12
CA MET X 86 14.30 -49.18 6.08
C MET X 86 15.30 -48.03 6.20
N GLU X 87 15.10 -46.97 5.41
CA GLU X 87 16.01 -45.83 5.47
C GLU X 87 15.98 -45.16 6.83
N ILE X 88 14.80 -45.10 7.47
CA ILE X 88 14.68 -44.46 8.78
C ILE X 88 15.51 -45.20 9.82
N ILE X 89 15.40 -46.53 9.83
CA ILE X 89 16.19 -47.32 10.77
C ILE X 89 17.67 -47.09 10.50
N LEU X 90 18.07 -47.05 9.23
CA LEU X 90 19.47 -46.78 8.92
C LEU X 90 19.90 -45.41 9.45
N ARG X 91 19.03 -44.41 9.32
CA ARG X 91 19.40 -43.06 9.75
C ARG X 91 19.60 -43.01 11.26
N TYR X 92 18.70 -43.61 12.01
CA TYR X 92 18.85 -43.54 13.46
C TYR X 92 20.01 -44.40 13.95
N VAL X 93 20.32 -45.51 13.27
CA VAL X 93 21.51 -46.25 13.70
C VAL X 93 22.79 -45.51 13.35
N THR X 94 22.82 -44.76 12.23
CA THR X 94 23.99 -43.95 11.95
C THR X 94 24.19 -42.88 13.01
N TYR X 95 23.08 -42.24 13.43
CA TYR X 95 23.15 -41.33 14.57
C TYR X 95 23.79 -42.03 15.77
N ALA X 96 23.31 -43.23 16.08
CA ALA X 96 23.82 -43.96 17.25
C ALA X 96 25.31 -44.27 17.10
N ILE X 97 25.75 -44.63 15.90
CA ILE X 97 27.16 -44.96 15.70
C ILE X 97 28.02 -43.74 15.97
N LEU X 98 27.64 -42.59 15.41
CA LEU X 98 28.44 -41.39 15.66
C LEU X 98 28.46 -41.05 17.15
N ALA X 99 27.32 -41.18 17.82
CA ALA X 99 27.27 -40.88 19.25
C ALA X 99 28.17 -41.80 20.06
N GLY X 100 28.19 -43.09 19.70
CA GLY X 100 28.90 -44.08 20.48
C GLY X 100 28.05 -44.83 21.49
N ASP X 101 26.76 -44.49 21.59
CA ASP X 101 25.85 -45.16 22.50
C ASP X 101 24.52 -45.35 21.79
N SER X 102 23.72 -46.29 22.30
CA SER X 102 22.47 -46.64 21.67
C SER X 102 21.28 -45.86 22.21
N SER X 103 21.52 -44.83 23.02
CA SER X 103 20.42 -44.11 23.65
C SER X 103 19.47 -43.51 22.62
N VAL X 104 20.02 -42.84 21.60
CA VAL X 104 19.17 -42.22 20.59
C VAL X 104 18.35 -43.28 19.87
N LEU X 105 18.97 -44.42 19.57
CA LEU X 105 18.30 -45.46 18.79
C LEU X 105 17.12 -46.04 19.56
N ASP X 106 17.26 -46.25 20.87
CA ASP X 106 16.16 -46.81 21.63
C ASP X 106 15.17 -45.74 22.10
N ASP X 107 15.52 -44.47 22.04
CA ASP X 107 14.59 -43.43 22.51
C ASP X 107 13.74 -42.84 21.40
N ARG X 108 14.30 -42.67 20.19
CA ARG X 108 13.57 -42.00 19.12
C ARG X 108 13.29 -42.87 17.92
N CYS X 109 13.73 -44.14 17.92
CA CYS X 109 13.39 -45.06 16.84
C CYS X 109 12.71 -46.32 17.35
N LEU X 110 13.26 -46.95 18.39
CA LEU X 110 12.76 -48.24 18.87
C LEU X 110 11.88 -48.09 20.10
N ASN X 111 11.35 -46.90 20.35
CA ASN X 111 10.57 -46.65 21.56
C ASN X 111 9.10 -46.87 21.26
N GLY X 112 8.72 -48.15 21.21
CA GLY X 112 7.37 -48.55 20.90
C GLY X 112 7.14 -48.94 19.45
N LEU X 113 8.20 -48.94 18.63
CA LEU X 113 8.05 -49.31 17.23
C LEU X 113 7.52 -50.73 17.08
N ARG X 114 7.85 -51.61 18.02
CA ARG X 114 7.34 -52.97 17.96
C ARG X 114 5.82 -52.99 18.00
N GLU X 115 5.22 -52.19 18.88
CA GLU X 115 3.77 -52.12 18.94
C GLU X 115 3.17 -51.58 17.65
N THR X 116 3.81 -50.56 17.08
CA THR X 116 3.35 -50.01 15.81
C THR X 116 3.29 -51.08 14.74
N TYR X 117 4.37 -51.87 14.62
CA TYR X 117 4.37 -52.91 13.61
C TYR X 117 3.43 -54.06 13.95
N GLN X 118 3.21 -54.32 15.24
CA GLN X 118 2.22 -55.31 15.62
C GLN X 118 0.84 -54.92 15.13
N ALA X 119 0.49 -53.64 15.27
CA ALA X 119 -0.83 -53.18 14.82
C ALA X 119 -0.91 -53.12 13.30
N LEU X 120 0.14 -52.61 12.64
CA LEU X 120 0.07 -52.38 11.20
C LEU X 120 -0.13 -53.67 10.41
N GLY X 121 0.40 -54.78 10.90
CA GLY X 121 0.43 -56.02 10.15
C GLY X 121 1.77 -56.33 9.49
N THR X 122 2.69 -55.38 9.48
CA THR X 122 4.03 -55.64 9.00
C THR X 122 4.69 -56.72 9.86
N PRO X 123 5.31 -57.72 9.25
CA PRO X 123 6.03 -58.74 10.05
C PRO X 123 7.24 -58.13 10.74
N GLY X 124 7.32 -58.34 12.06
CA GLY X 124 8.51 -57.94 12.79
C GLY X 124 9.72 -58.78 12.45
N SER X 125 9.50 -60.08 12.21
CA SER X 125 10.61 -60.96 11.88
C SER X 125 11.27 -60.55 10.57
N SER X 126 10.47 -60.23 9.56
CA SER X 126 11.01 -59.85 8.27
C SER X 126 11.77 -58.53 8.36
N VAL X 127 11.26 -57.57 9.13
CA VAL X 127 12.01 -56.32 9.27
C VAL X 127 13.32 -56.56 9.99
N ALA X 128 13.34 -57.49 10.96
CA ALA X 128 14.62 -57.83 11.59
C ALA X 128 15.60 -58.39 10.57
N VAL X 129 15.13 -59.27 9.68
CA VAL X 129 16.01 -59.79 8.62
C VAL X 129 16.52 -58.66 7.75
N ALA X 130 15.65 -57.70 7.42
CA ALA X 130 16.08 -56.57 6.60
C ALA X 130 17.15 -55.74 7.31
N ILE X 131 16.98 -55.53 8.61
CA ILE X 131 17.98 -54.80 9.39
C ILE X 131 19.32 -55.53 9.35
N GLN X 132 19.27 -56.87 9.43
CA GLN X 132 20.51 -57.64 9.35
C GLN X 132 21.17 -57.50 7.98
N LYS X 133 20.36 -57.48 6.92
CA LYS X 133 20.91 -57.26 5.58
C LYS X 133 21.64 -55.92 5.50
N MET X 134 21.00 -54.87 6.01
CA MET X 134 21.66 -53.57 6.03
C MET X 134 22.91 -53.60 6.91
N LYS X 135 22.90 -54.42 7.97
CA LYS X 135 24.09 -54.54 8.81
C LYS X 135 25.26 -55.07 8.00
N ASP X 136 25.03 -56.15 7.25
CA ASP X 136 26.10 -56.68 6.41
C ASP X 136 26.55 -55.65 5.39
N ALA X 137 25.60 -54.94 4.77
CA ALA X 137 25.96 -53.94 3.77
C ALA X 137 26.85 -52.85 4.36
N ALA X 138 26.46 -52.29 5.51
CA ALA X 138 27.20 -51.18 6.09
C ALA X 138 28.56 -51.64 6.60
N ILE X 139 28.64 -52.85 7.15
CA ILE X 139 29.93 -53.37 7.61
C ILE X 139 30.86 -53.60 6.44
N ALA X 140 30.33 -54.11 5.33
CA ALA X 140 31.18 -54.36 4.16
C ALA X 140 31.67 -53.06 3.55
N ILE X 141 30.79 -52.07 3.42
CA ILE X 141 31.20 -50.80 2.79
C ILE X 141 32.21 -50.08 3.65
N ALA X 142 32.02 -50.09 4.97
CA ALA X 142 33.03 -49.45 5.82
C ALA X 142 34.33 -50.23 5.82
N ASN X 143 34.28 -51.56 5.71
CA ASN X 143 35.48 -52.38 5.66
C ASN X 143 36.01 -52.53 4.24
N ASP X 144 36.19 -51.40 3.56
CA ASP X 144 36.86 -51.36 2.27
C ASP X 144 38.22 -50.72 2.50
N PRO X 145 39.27 -51.51 2.73
CA PRO X 145 40.59 -50.92 3.02
C PRO X 145 41.18 -50.18 1.85
N ASN X 146 40.69 -50.42 0.65
CA ASN X 146 41.09 -49.66 -0.52
C ASN X 146 40.43 -48.29 -0.48
N GLY X 147 41.24 -47.23 -0.57
CA GLY X 147 40.75 -45.87 -0.53
C GLY X 147 40.92 -45.15 0.80
N ILE X 148 41.57 -45.77 1.78
CA ILE X 148 41.70 -45.19 3.12
C ILE X 148 43.00 -45.68 3.72
N THR X 149 43.58 -44.87 4.62
CA THR X 149 44.79 -45.28 5.32
C THR X 149 44.51 -46.52 6.16
N PRO X 150 45.27 -47.59 5.99
CA PRO X 150 44.88 -48.88 6.56
C PRO X 150 45.08 -48.95 8.06
N GLY X 151 44.44 -49.96 8.65
CA GLY X 151 44.55 -50.25 10.06
C GLY X 151 43.48 -51.23 10.47
N ASP X 152 43.56 -51.65 11.73
CA ASP X 152 42.65 -52.66 12.27
C ASP X 152 41.44 -51.98 12.90
N CYS X 153 40.30 -52.02 12.21
CA CYS X 153 39.07 -51.39 12.67
C CYS X 153 37.93 -52.38 12.90
N SER X 154 38.18 -53.70 12.85
CA SER X 154 37.10 -54.67 13.09
C SER X 154 36.50 -54.49 14.48
N ALA X 155 37.34 -54.09 15.44
CA ALA X 155 36.85 -53.84 16.79
C ALA X 155 35.77 -52.77 16.81
N LEU X 156 35.96 -51.71 16.01
CA LEU X 156 34.96 -50.65 15.95
C LEU X 156 33.74 -51.06 15.14
N MET X 157 33.91 -52.00 14.20
CA MET X 157 32.77 -52.49 13.42
C MET X 157 31.88 -53.40 14.25
N SER X 158 32.44 -54.04 15.28
CA SER X 158 31.62 -54.94 16.10
C SER X 158 30.49 -54.20 16.79
N GLU X 159 30.73 -52.96 17.23
CA GLU X 159 29.64 -52.22 17.89
C GLU X 159 28.63 -51.67 16.90
N ILE X 160 29.05 -51.35 15.67
CA ILE X 160 28.08 -51.03 14.62
C ILE X 160 27.14 -52.22 14.41
N ALA X 161 27.73 -53.41 14.30
CA ALA X 161 26.93 -54.62 14.23
C ALA X 161 26.04 -54.75 15.45
N GLY X 162 26.55 -54.39 16.63
CA GLY X 162 25.74 -54.47 17.84
C GLY X 162 24.54 -53.57 17.79
N TYR X 163 24.69 -52.37 17.20
CA TYR X 163 23.55 -51.46 17.10
C TYR X 163 22.51 -51.98 16.12
N PHE X 164 22.97 -52.49 14.97
CA PHE X 164 22.02 -53.13 14.05
C PHE X 164 21.28 -54.28 14.74
N ASP X 165 22.01 -55.11 15.50
CA ASP X 165 21.40 -56.22 16.21
C ASP X 165 20.40 -55.74 17.25
N ARG X 166 20.74 -54.68 17.97
CA ARG X 166 19.82 -54.13 18.96
C ARG X 166 18.50 -53.73 18.31
N ALA X 167 18.59 -53.06 17.15
CA ALA X 167 17.36 -52.71 16.43
C ALA X 167 16.60 -53.96 16.00
N ALA X 168 17.31 -54.95 15.46
CA ALA X 168 16.63 -56.14 14.95
C ALA X 168 15.92 -56.89 16.08
N ALA X 169 16.52 -56.92 17.26
CA ALA X 169 15.89 -57.58 18.40
C ALA X 169 14.75 -56.74 18.97
N ALA X 170 14.84 -55.41 18.87
CA ALA X 170 13.79 -54.57 19.43
C ALA X 170 12.57 -54.45 18.53
N VAL X 171 12.72 -54.71 17.23
CA VAL X 171 11.63 -54.45 16.31
C VAL X 171 10.58 -55.56 16.30
N ALA X 172 10.94 -56.78 16.70
CA ALA X 172 9.98 -57.85 16.84
C ALA X 172 9.97 -58.35 18.28
N PRO Y 14 -8.25 29.10 -39.96
CA PRO Y 14 -9.38 28.19 -39.74
C PRO Y 14 -9.96 28.35 -38.36
N SER Y 15 -10.47 29.56 -38.06
CA SER Y 15 -10.82 29.92 -36.69
C SER Y 15 -9.63 29.66 -35.75
N GLY Y 16 -8.45 29.99 -36.26
CA GLY Y 16 -7.21 29.76 -35.56
C GLY Y 16 -6.08 30.44 -36.30
N ALA Y 17 -4.86 30.07 -35.93
CA ALA Y 17 -3.66 30.67 -36.52
C ALA Y 17 -3.76 32.18 -36.38
N ARG Y 18 -3.23 32.93 -37.36
CA ARG Y 18 -3.36 34.38 -37.41
C ARG Y 18 -3.00 35.02 -36.09
N VAL Y 19 -1.82 34.66 -35.56
CA VAL Y 19 -1.49 35.03 -34.19
C VAL Y 19 -1.40 36.55 -34.05
N PHE Y 20 -1.74 37.02 -32.86
CA PHE Y 20 -1.73 38.44 -32.51
C PHE Y 20 -0.69 38.68 -31.43
N ARG Y 21 0.14 39.69 -31.59
CA ARG Y 21 1.11 40.05 -30.56
C ARG Y 21 0.49 41.08 -29.62
N TYR Y 22 0.68 40.84 -28.32
CA TYR Y 22 0.22 41.72 -27.26
C TYR Y 22 1.41 42.43 -26.63
N GLU Y 23 1.22 43.70 -26.26
CA GLU Y 23 2.24 44.47 -25.55
C GLU Y 23 1.65 44.98 -24.24
N VAL Y 24 2.35 44.74 -23.14
CA VAL Y 24 1.76 44.84 -21.79
C VAL Y 24 2.41 45.97 -21.01
N VAL Y 25 1.57 46.87 -20.49
CA VAL Y 25 1.98 47.88 -19.52
C VAL Y 25 2.56 47.21 -18.29
N GLY Y 26 3.56 47.85 -17.70
CA GLY Y 26 4.18 47.37 -16.48
C GLY Y 26 3.22 46.93 -15.41
N LEU Y 27 3.25 45.64 -15.07
CA LEU Y 27 2.44 45.12 -13.97
C LEU Y 27 2.98 45.68 -12.66
N ARG Y 28 2.17 46.50 -11.99
CA ARG Y 28 2.61 47.06 -10.71
C ARG Y 28 2.96 45.95 -9.73
N GLN Y 29 2.27 44.81 -9.82
CA GLN Y 29 2.50 43.67 -8.96
C GLN Y 29 2.30 44.04 -7.49
N ASN Y 30 2.44 43.05 -6.61
CA ASN Y 30 2.17 43.24 -5.20
C ASN Y 30 0.84 43.98 -5.00
N GLU Y 31 -0.14 43.58 -5.81
CA GLU Y 31 -1.51 44.09 -5.70
C GLU Y 31 -2.42 42.99 -6.23
N GLU Y 32 -2.97 42.19 -5.33
CA GLU Y 32 -3.82 41.02 -5.59
C GLU Y 32 -3.03 39.85 -6.17
N THR Y 33 -1.72 40.01 -6.39
CA THR Y 33 -0.89 38.93 -6.91
C THR Y 33 0.20 38.54 -5.91
N ASP Y 34 0.01 38.87 -4.63
CA ASP Y 34 0.93 38.45 -3.59
C ASP Y 34 1.07 36.94 -3.55
N ARG Y 35 -0.03 36.22 -3.82
CA ARG Y 35 -0.02 34.77 -3.77
C ARG Y 35 0.92 34.14 -4.80
N MET Y 36 1.20 34.86 -5.89
CA MET Y 36 2.05 34.32 -6.95
C MET Y 36 3.42 33.95 -6.40
N GLU Y 37 3.88 32.75 -6.75
CA GLU Y 37 5.07 32.20 -6.11
C GLU Y 37 6.35 32.87 -6.61
N PHE Y 38 6.43 33.13 -7.91
CA PHE Y 38 7.65 33.73 -8.41
C PHE Y 38 7.55 35.25 -8.37
N PRO Y 39 8.59 35.95 -7.91
CA PRO Y 39 8.55 37.42 -7.92
C PRO Y 39 8.79 37.92 -9.34
N ILE Y 40 7.95 38.86 -9.78
CA ILE Y 40 8.12 39.38 -11.13
C ILE Y 40 9.40 40.21 -11.19
N ARG Y 41 10.15 40.01 -12.28
CA ARG Y 41 11.48 40.60 -12.38
C ARG Y 41 11.53 41.84 -13.26
N ARG Y 42 10.51 42.09 -14.07
CA ARG Y 42 10.46 43.28 -14.92
C ARG Y 42 9.02 43.60 -15.25
N SER Y 43 8.68 44.89 -15.27
CA SER Y 43 7.32 45.35 -15.51
C SER Y 43 7.26 46.21 -16.76
N GLY Y 44 6.47 45.80 -17.75
CA GLY Y 44 6.29 46.58 -18.96
C GLY Y 44 7.33 46.26 -19.99
N SER Y 45 7.18 46.86 -21.17
CA SER Y 45 8.08 46.60 -22.29
C SER Y 45 8.19 45.09 -22.53
N THR Y 46 7.06 44.39 -22.40
CA THR Y 46 7.02 42.95 -22.54
C THR Y 46 6.07 42.60 -23.68
N PHE Y 47 6.51 41.74 -24.58
CA PHE Y 47 5.72 41.32 -25.72
C PHE Y 47 5.43 39.82 -25.59
N ILE Y 48 4.16 39.46 -25.64
CA ILE Y 48 3.71 38.07 -25.53
C ILE Y 48 3.04 37.68 -26.84
N THR Y 49 3.52 36.60 -27.47
CA THR Y 49 2.84 36.11 -28.67
C THR Y 49 1.60 35.35 -28.24
N VAL Y 50 0.43 35.85 -28.61
CA VAL Y 50 -0.81 35.15 -28.27
C VAL Y 50 -1.42 34.58 -29.54
N PRO Y 51 -1.84 33.32 -29.54
CA PRO Y 51 -2.59 32.79 -30.69
C PRO Y 51 -4.05 33.18 -30.63
N TYR Y 52 -4.70 33.10 -31.79
CA TYR Y 52 -6.09 33.53 -31.88
C TYR Y 52 -7.01 32.68 -31.00
N ASN Y 53 -6.78 31.36 -30.97
CA ASN Y 53 -7.69 30.49 -30.24
C ASN Y 53 -7.65 30.74 -28.74
N ARG Y 54 -6.49 31.06 -28.19
CA ARG Y 54 -6.35 31.35 -26.76
C ARG Y 54 -6.46 32.83 -26.45
N MET Y 55 -6.82 33.65 -27.43
CA MET Y 55 -6.85 35.10 -27.22
C MET Y 55 -7.83 35.48 -26.13
N ASN Y 56 -9.01 34.86 -26.13
CA ASN Y 56 -10.02 35.12 -25.12
C ASN Y 56 -9.47 34.91 -23.72
N GLU Y 57 -8.90 33.73 -23.48
CA GLU Y 57 -8.38 33.41 -22.15
C GLU Y 57 -7.22 34.32 -21.77
N GLU Y 58 -6.34 34.62 -22.72
CA GLU Y 58 -5.15 35.42 -22.39
C GLU Y 58 -5.53 36.83 -21.97
N MET Y 59 -6.52 37.42 -22.63
CA MET Y 59 -7.05 38.70 -22.17
C MET Y 59 -7.45 38.61 -20.71
N GLN Y 60 -8.24 37.59 -20.37
CA GLN Y 60 -8.68 37.42 -19.00
C GLN Y 60 -7.51 37.38 -18.03
N ARG Y 61 -6.48 36.59 -18.36
CA ARG Y 61 -5.37 36.41 -17.43
C ARG Y 61 -4.59 37.71 -17.23
N ILE Y 62 -4.20 38.36 -18.32
CA ILE Y 62 -3.40 39.58 -18.20
C ILE Y 62 -4.14 40.62 -17.40
N THR Y 63 -5.42 40.80 -17.70
CA THR Y 63 -6.18 41.83 -17.01
C THR Y 63 -6.45 41.47 -15.55
N ARG Y 64 -6.65 40.18 -15.26
CA ARG Y 64 -6.84 39.78 -13.88
C ARG Y 64 -5.60 40.05 -13.03
N MET Y 65 -4.42 39.79 -13.59
CA MET Y 65 -3.20 40.09 -12.85
C MET Y 65 -3.09 41.58 -12.54
N GLY Y 66 -3.60 42.43 -13.42
CA GLY Y 66 -3.52 43.87 -13.31
C GLY Y 66 -2.91 44.46 -14.55
N GLY Y 67 -2.54 45.73 -14.47
CA GLY Y 67 -1.90 46.36 -15.62
C GLY Y 67 -2.87 46.54 -16.79
N LYS Y 68 -2.28 46.87 -17.94
CA LYS Y 68 -3.04 47.17 -19.14
C LYS Y 68 -2.31 46.58 -20.34
N ILE Y 69 -2.92 46.72 -21.53
CA ILE Y 69 -2.28 46.34 -22.78
C ILE Y 69 -2.03 47.61 -23.59
N VAL Y 70 -0.76 47.84 -23.92
CA VAL Y 70 -0.38 49.01 -24.70
C VAL Y 70 -0.92 48.91 -26.12
N SER Y 71 -0.53 47.86 -26.84
CA SER Y 71 -0.86 47.74 -28.24
C SER Y 71 -1.00 46.28 -28.62
N ILE Y 72 -1.73 46.04 -29.70
CA ILE Y 72 -1.93 44.71 -30.25
C ILE Y 72 -1.66 44.76 -31.74
N THR Y 73 -0.67 44.00 -32.20
CA THR Y 73 -0.28 44.04 -33.60
C THR Y 73 -0.57 42.70 -34.26
N PRO Y 74 -1.45 42.65 -35.25
CA PRO Y 74 -1.57 41.44 -36.07
C PRO Y 74 -0.31 41.26 -36.91
N VAL Y 75 0.25 40.07 -36.87
CA VAL Y 75 1.54 39.83 -37.49
C VAL Y 75 1.36 39.17 -38.86
N ALA Z 6 14.42 13.96 7.28
CA ALA Z 6 14.35 12.62 6.70
C ALA Z 6 14.21 12.70 5.19
N ALA Z 7 15.36 12.71 4.50
CA ALA Z 7 15.42 13.01 3.08
C ALA Z 7 15.76 11.80 2.22
N SER Z 8 16.86 11.11 2.52
CA SER Z 8 17.36 10.08 1.62
C SER Z 8 16.38 8.93 1.48
N ARG Z 9 15.88 8.41 2.60
CA ARG Z 9 14.98 7.27 2.55
C ARG Z 9 13.70 7.61 1.81
N LEU Z 10 13.12 8.77 2.10
CA LEU Z 10 11.85 9.15 1.47
C LEU Z 10 12.00 9.30 -0.04
N GLY Z 11 13.20 9.65 -0.50
CA GLY Z 11 13.49 9.77 -1.91
C GLY Z 11 13.83 11.16 -2.36
N THR Z 12 13.43 12.20 -1.62
CA THR Z 12 13.71 13.58 -2.01
C THR Z 12 15.18 13.86 -1.71
N SER Z 13 16.04 13.40 -2.62
CA SER Z 13 17.47 13.62 -2.49
C SER Z 13 17.78 15.11 -2.36
N ALA Z 14 17.50 15.87 -3.41
CA ALA Z 14 17.60 17.32 -3.35
C ALA Z 14 16.71 17.89 -4.47
N PHE Z 15 15.54 18.38 -4.08
CA PHE Z 15 14.64 19.09 -4.97
C PHE Z 15 14.45 20.52 -4.48
N SER Z 16 15.54 21.15 -4.04
CA SER Z 16 15.50 22.31 -3.15
C SER Z 16 15.80 23.63 -3.85
N ASP Z 17 15.32 23.86 -5.07
CA ASP Z 17 15.40 25.18 -5.72
C ASP Z 17 14.48 25.17 -6.94
N ALA Z 18 14.42 26.32 -7.62
CA ALA Z 18 13.50 26.50 -8.76
C ALA Z 18 14.26 27.09 -9.95
N PRO Z 19 14.22 26.44 -11.11
CA PRO Z 19 15.01 26.87 -12.29
C PRO Z 19 14.26 27.78 -13.25
N PRO Z 20 14.27 29.10 -13.09
CA PRO Z 20 13.67 29.95 -14.10
C PRO Z 20 14.57 30.17 -15.30
N VAL Z 21 13.96 30.57 -16.41
CA VAL Z 21 14.72 30.96 -17.59
C VAL Z 21 14.59 32.45 -17.90
N GLU Z 22 13.58 33.13 -17.37
CA GLU Z 22 13.43 34.56 -17.61
C GLU Z 22 14.69 35.30 -17.21
N LEU Z 23 15.22 36.09 -18.14
CA LEU Z 23 16.44 36.86 -17.94
C LEU Z 23 16.56 37.85 -19.09
N ARG Z 24 17.36 38.89 -18.86
CA ARG Z 24 17.83 39.69 -19.98
C ARG Z 24 18.49 38.80 -21.02
N ALA Z 25 19.38 37.91 -20.55
CA ALA Z 25 19.88 36.82 -21.35
C ALA Z 25 18.98 35.61 -21.07
N ASN Z 26 17.79 35.64 -21.68
CA ASN Z 26 16.88 34.50 -21.53
C ASN Z 26 17.52 33.23 -22.02
N TRP Z 27 18.28 33.32 -23.11
CA TRP Z 27 19.14 32.20 -23.50
C TRP Z 27 20.22 31.97 -22.44
N SER Z 28 20.86 33.05 -21.99
CA SER Z 28 21.96 33.01 -21.03
C SER Z 28 23.12 32.16 -21.51
N GLU Z 29 23.06 31.70 -22.76
CA GLU Z 29 24.07 30.99 -23.53
C GLU Z 29 24.31 29.58 -23.00
N GLU Z 30 23.96 29.34 -21.74
CA GLU Z 30 24.11 28.03 -21.14
C GLU Z 30 22.88 27.63 -20.35
N ASP Z 31 22.28 28.60 -19.65
CA ASP Z 31 21.17 28.30 -18.74
C ASP Z 31 19.99 27.73 -19.49
N LEU Z 32 19.78 28.17 -20.73
CA LEU Z 32 18.66 27.67 -21.51
C LEU Z 32 18.79 26.17 -21.76
N GLU Z 33 20.02 25.68 -21.97
CA GLU Z 33 20.24 24.26 -22.09
C GLU Z 33 19.73 23.52 -20.85
N THR Z 34 20.07 24.05 -19.68
CA THR Z 34 19.62 23.47 -18.42
C THR Z 34 18.09 23.47 -18.32
N VAL Z 35 17.47 24.59 -18.68
CA VAL Z 35 16.02 24.68 -18.56
C VAL Z 35 15.34 23.67 -19.48
N ILE Z 36 15.84 23.54 -20.70
CA ILE Z 36 15.27 22.58 -21.63
C ILE Z 36 15.37 21.16 -21.07
N ARG Z 37 16.56 20.81 -20.53
CA ARG Z 37 16.71 19.50 -19.93
C ARG Z 37 15.70 19.28 -18.80
N ALA Z 38 15.57 20.26 -17.92
CA ALA Z 38 14.69 20.10 -16.75
C ALA Z 38 13.24 19.95 -17.16
N VAL Z 39 12.81 20.70 -18.19
CA VAL Z 39 11.44 20.51 -18.67
C VAL Z 39 11.26 19.10 -19.20
N TYR Z 40 12.24 18.60 -19.96
CA TYR Z 40 12.11 17.23 -20.46
C TYR Z 40 12.03 16.24 -19.32
N ARG Z 41 12.80 16.45 -18.26
CA ARG Z 41 12.78 15.52 -17.14
C ARG Z 41 11.44 15.53 -16.43
N GLN Z 42 10.83 16.70 -16.27
CA GLN Z 42 9.59 16.76 -15.50
C GLN Z 42 8.37 16.39 -16.34
N VAL Z 43 8.28 16.89 -17.58
CA VAL Z 43 7.09 16.67 -18.38
C VAL Z 43 7.01 15.23 -18.87
N LEU Z 44 8.12 14.71 -19.38
CA LEU Z 44 8.14 13.35 -19.90
C LEU Z 44 8.43 12.30 -18.84
N GLY Z 45 8.36 12.67 -17.56
CA GLY Z 45 8.54 11.71 -16.49
C GLY Z 45 9.91 11.08 -16.45
N ASN Z 46 10.97 11.87 -16.63
CA ASN Z 46 12.34 11.39 -16.60
C ASN Z 46 12.59 10.32 -17.65
N ASP Z 47 11.85 10.37 -18.75
CA ASP Z 47 12.06 9.43 -19.84
C ASP Z 47 13.33 9.81 -20.60
N TYR Z 48 14.06 8.79 -21.07
CA TYR Z 48 15.32 9.01 -21.78
C TYR Z 48 15.02 9.36 -23.22
N VAL Z 49 14.86 10.65 -23.51
CA VAL Z 49 14.51 11.06 -24.86
C VAL Z 49 15.76 10.99 -25.74
N MET Z 50 15.63 10.29 -26.87
CA MET Z 50 16.74 10.21 -27.80
C MET Z 50 16.88 11.53 -28.55
N ALA Z 51 18.10 11.78 -29.03
CA ALA Z 51 18.42 13.09 -29.61
C ALA Z 51 17.57 13.39 -30.84
N SER Z 52 17.29 12.37 -31.65
CA SER Z 52 16.59 12.61 -32.91
C SER Z 52 15.15 13.06 -32.70
N GLU Z 53 14.50 12.60 -31.63
CA GLU Z 53 13.08 12.82 -31.44
C GLU Z 53 12.78 13.99 -30.51
N ARG Z 54 13.78 14.79 -30.15
CA ARG Z 54 13.52 15.99 -29.37
C ARG Z 54 12.73 16.99 -30.19
N LEU Z 55 11.98 17.85 -29.49
CA LEU Z 55 11.05 18.77 -30.13
C LEU Z 55 11.79 20.05 -30.52
N VAL Z 56 12.53 19.97 -31.63
CA VAL Z 56 13.43 21.07 -32.02
C VAL Z 56 12.63 22.33 -32.35
N SER Z 57 11.46 22.17 -32.98
CA SER Z 57 10.67 23.31 -33.38
C SER Z 57 10.31 24.18 -32.18
N ALA Z 58 9.93 23.56 -31.07
CA ALA Z 58 9.58 24.32 -29.88
C ALA Z 58 10.78 25.08 -29.33
N GLU Z 59 11.94 24.44 -29.25
CA GLU Z 59 13.13 25.10 -28.73
C GLU Z 59 13.52 26.30 -29.57
N SER Z 60 13.28 26.24 -30.88
CA SER Z 60 13.54 27.40 -31.73
C SER Z 60 12.84 28.64 -31.19
N LEU Z 61 11.51 28.56 -31.07
CA LEU Z 61 10.75 29.67 -30.50
C LEU Z 61 11.16 29.94 -29.05
N LEU Z 62 11.60 28.91 -28.33
CA LEU Z 62 11.94 29.10 -26.92
C LEU Z 62 13.11 30.06 -26.77
N ARG Z 63 14.21 29.83 -27.49
CA ARG Z 63 15.29 30.80 -27.38
C ARG Z 63 14.88 32.14 -28.00
N ASN Z 64 14.12 32.10 -29.10
CA ASN Z 64 13.75 33.37 -29.72
C ASN Z 64 12.97 34.28 -28.79
N GLY Z 65 12.35 33.74 -27.76
CA GLY Z 65 11.51 34.50 -26.88
C GLY Z 65 10.07 34.62 -27.33
N LYS Z 66 9.75 34.11 -28.52
CA LYS Z 66 8.37 34.12 -28.99
C LYS Z 66 7.46 33.31 -28.07
N ILE Z 67 7.97 32.24 -27.47
CA ILE Z 67 7.20 31.42 -26.55
C ILE Z 67 7.85 31.47 -25.18
N THR Z 68 7.01 31.44 -24.14
CA THR Z 68 7.48 31.39 -22.78
C THR Z 68 7.64 29.95 -22.34
N VAL Z 69 8.11 29.76 -21.10
CA VAL Z 69 8.27 28.40 -20.58
C VAL Z 69 6.93 27.69 -20.51
N ARG Z 70 5.86 28.42 -20.17
CA ARG Z 70 4.53 27.82 -20.17
C ARG Z 70 4.21 27.24 -21.55
N GLU Z 71 4.47 28.02 -22.60
CA GLU Z 71 4.19 27.54 -23.94
C GLU Z 71 5.06 26.36 -24.30
N PHE Z 72 6.31 26.35 -23.83
CA PHE Z 72 7.20 25.21 -24.08
C PHE Z 72 6.68 23.95 -23.42
N VAL Z 73 6.25 24.06 -22.16
CA VAL Z 73 5.73 22.92 -21.43
C VAL Z 73 4.48 22.40 -22.10
N ARG Z 74 3.60 23.29 -22.54
CA ARG Z 74 2.41 22.86 -23.25
C ARG Z 74 2.78 22.18 -24.56
N ALA Z 75 3.75 22.72 -25.28
CA ALA Z 75 4.14 22.14 -26.55
C ALA Z 75 4.62 20.71 -26.38
N VAL Z 76 5.46 20.48 -25.37
CA VAL Z 76 5.88 19.10 -25.11
C VAL Z 76 4.68 18.26 -24.70
N ALA Z 77 3.82 18.81 -23.83
CA ALA Z 77 2.72 18.01 -23.28
C ALA Z 77 1.76 17.56 -24.37
N LYS Z 78 1.50 18.41 -25.37
CA LYS Z 78 0.59 18.06 -26.44
C LYS Z 78 1.28 17.43 -27.64
N SER Z 79 2.61 17.44 -27.68
CA SER Z 79 3.32 16.82 -28.79
C SER Z 79 3.20 15.31 -28.71
N GLU Z 80 3.31 14.65 -29.86
CA GLU Z 80 3.12 13.21 -29.87
C GLU Z 80 4.22 12.48 -29.10
N LEU Z 81 5.36 13.14 -28.86
CA LEU Z 81 6.37 12.57 -27.99
C LEU Z 81 5.78 12.20 -26.63
N TYR Z 82 5.04 13.14 -26.03
CA TYR Z 82 4.39 12.87 -24.75
C TYR Z 82 3.26 11.86 -24.90
N LYS Z 83 2.50 11.95 -26.00
CA LYS Z 83 1.33 11.10 -26.15
C LYS Z 83 1.72 9.63 -26.25
N GLU Z 84 2.78 9.32 -27.00
CA GLU Z 84 3.17 7.93 -27.17
C GLU Z 84 3.59 7.30 -25.85
N LYS Z 85 4.26 8.07 -24.99
CA LYS Z 85 4.73 7.52 -23.73
C LYS Z 85 3.58 7.23 -22.78
N PHE Z 86 2.67 8.19 -22.59
CA PHE Z 86 1.66 8.08 -21.56
C PHE Z 86 0.25 8.04 -22.11
N LEU Z 87 -0.14 9.04 -22.88
CA LEU Z 87 -1.55 9.26 -23.20
C LEU Z 87 -2.16 8.06 -23.90
N TYR Z 88 -1.50 7.56 -24.94
CA TYR Z 88 -2.00 6.45 -25.73
C TYR Z 88 -1.28 5.18 -25.25
N GLY Z 89 -1.97 4.40 -24.43
CA GLY Z 89 -1.38 3.20 -23.87
C GLY Z 89 -1.78 2.91 -22.44
N ASN Z 90 -2.44 3.87 -21.79
CA ASN Z 90 -2.86 3.72 -20.41
C ASN Z 90 -4.35 4.01 -20.27
N PHE Z 91 -4.93 3.46 -19.21
CA PHE Z 91 -6.27 3.80 -18.78
C PHE Z 91 -6.40 5.31 -18.61
N GLN Z 92 -7.55 5.85 -18.98
CA GLN Z 92 -7.70 7.30 -19.03
C GLN Z 92 -7.50 7.94 -17.66
N THR Z 93 -8.04 7.32 -16.61
CA THR Z 93 -7.83 7.84 -15.26
C THR Z 93 -6.36 7.85 -14.88
N ARG Z 94 -5.64 6.78 -15.25
CA ARG Z 94 -4.20 6.75 -15.03
C ARG Z 94 -3.52 7.90 -15.77
N VAL Z 95 -4.01 8.23 -16.96
CA VAL Z 95 -3.44 9.36 -17.70
C VAL Z 95 -3.68 10.66 -16.95
N ILE Z 96 -4.86 10.79 -16.32
CA ILE Z 96 -5.12 11.98 -15.52
C ILE Z 96 -4.12 12.09 -14.38
N GLU Z 97 -3.86 10.97 -13.72
CA GLU Z 97 -2.85 10.97 -12.65
C GLU Z 97 -1.49 11.42 -13.18
N LEU Z 98 -1.09 10.87 -14.32
CA LEU Z 98 0.21 11.23 -14.87
C LEU Z 98 0.28 12.71 -15.25
N ASN Z 99 -0.82 13.25 -15.78
CA ASN Z 99 -0.83 14.67 -16.09
C ASN Z 99 -0.65 15.50 -14.83
N TYR Z 100 -1.33 15.13 -13.75
CA TYR Z 100 -1.15 15.87 -12.51
C TYR Z 100 0.28 15.79 -12.03
N LYS Z 101 0.92 14.64 -12.22
CA LYS Z 101 2.29 14.50 -11.74
C LYS Z 101 3.26 15.33 -12.59
N HIS Z 102 3.06 15.36 -13.90
CA HIS Z 102 4.04 15.98 -14.79
C HIS Z 102 3.85 17.48 -14.98
N LEU Z 103 2.61 17.96 -14.97
CA LEU Z 103 2.37 19.37 -15.25
C LEU Z 103 2.18 20.21 -13.99
N LEU Z 104 1.43 19.72 -13.02
CA LEU Z 104 1.17 20.47 -11.81
C LEU Z 104 1.98 20.00 -10.61
N GLY Z 105 2.82 18.99 -10.78
CA GLY Z 105 3.71 18.56 -9.72
C GLY Z 105 3.00 18.16 -8.44
N ARG Z 106 1.89 17.43 -8.56
CA ARG Z 106 1.15 16.95 -7.40
C ARG Z 106 0.38 15.71 -7.81
N ALA Z 107 -0.47 15.23 -6.91
CA ALA Z 107 -1.30 14.07 -7.14
C ALA Z 107 -2.76 14.46 -6.92
N PRO Z 108 -3.71 13.73 -7.50
CA PRO Z 108 -5.12 14.08 -7.31
C PRO Z 108 -5.49 14.08 -5.83
N TYR Z 109 -6.07 15.19 -5.39
CA TYR Z 109 -6.44 15.33 -3.98
C TYR Z 109 -7.80 14.71 -3.66
N ASP Z 110 -8.70 14.60 -4.64
CA ASP Z 110 -10.01 14.02 -4.41
C ASP Z 110 -10.60 13.59 -5.76
N GLU Z 111 -11.70 12.84 -5.68
CA GLU Z 111 -12.28 12.24 -6.89
C GLU Z 111 -12.80 13.29 -7.86
N SER Z 112 -13.20 14.46 -7.36
CA SER Z 112 -13.73 15.50 -8.23
C SER Z 112 -12.72 15.88 -9.31
N GLU Z 113 -11.42 15.81 -9.00
CA GLU Z 113 -10.40 16.11 -10.00
C GLU Z 113 -10.53 15.18 -11.19
N VAL Z 114 -10.66 13.87 -10.94
CA VAL Z 114 -10.83 12.93 -12.03
C VAL Z 114 -12.12 13.22 -12.76
N ILE Z 115 -13.19 13.53 -12.02
CA ILE Z 115 -14.47 13.82 -12.69
C ILE Z 115 -14.30 14.92 -13.72
N PHE Z 116 -13.72 16.04 -13.28
CA PHE Z 116 -13.61 17.21 -14.17
C PHE Z 116 -12.71 16.93 -15.36
N HIS Z 117 -11.49 16.44 -15.11
CA HIS Z 117 -10.56 16.25 -16.21
C HIS Z 117 -11.08 15.20 -17.18
N LEU Z 118 -11.67 14.13 -16.67
CA LEU Z 118 -12.22 13.10 -17.52
C LEU Z 118 -13.34 13.65 -18.40
N ASP Z 119 -14.22 14.47 -17.85
CA ASP Z 119 -15.30 15.01 -18.67
C ASP Z 119 -14.74 15.88 -19.78
N LEU Z 120 -13.72 16.69 -19.48
CA LEU Z 120 -13.05 17.43 -20.54
C LEU Z 120 -12.58 16.50 -21.65
N TYR Z 121 -11.91 15.41 -21.27
CA TYR Z 121 -11.40 14.49 -22.27
C TYR Z 121 -12.53 13.88 -23.09
N GLU Z 122 -13.63 13.53 -22.43
CA GLU Z 122 -14.73 12.86 -23.12
C GLU Z 122 -15.40 13.77 -24.13
N ASN Z 123 -15.55 15.05 -23.82
CA ASN Z 123 -16.22 15.96 -24.74
C ASN Z 123 -15.25 16.79 -25.57
N GLU Z 124 -14.39 17.56 -24.91
CA GLU Z 124 -13.60 18.55 -25.62
C GLU Z 124 -12.42 17.94 -26.35
N GLY Z 125 -11.84 16.87 -25.82
CA GLY Z 125 -10.65 16.29 -26.39
C GLY Z 125 -9.45 16.45 -25.46
N PHE Z 126 -8.41 15.68 -25.76
CA PHE Z 126 -7.23 15.65 -24.89
C PHE Z 126 -6.53 16.99 -24.86
N ASP Z 127 -6.44 17.66 -26.01
CA ASP Z 127 -5.77 18.95 -26.07
C ASP Z 127 -6.37 19.90 -25.05
N ALA Z 128 -7.70 19.94 -24.94
CA ALA Z 128 -8.34 20.80 -23.95
C ALA Z 128 -8.00 20.36 -22.52
N ASP Z 129 -7.86 19.06 -22.29
CA ASP Z 129 -7.50 18.58 -20.96
C ASP Z 129 -6.14 19.13 -20.54
N ILE Z 130 -5.14 18.97 -21.42
CA ILE Z 130 -3.83 19.54 -21.12
C ILE Z 130 -3.92 21.04 -20.93
N ASP Z 131 -4.75 21.69 -21.75
CA ASP Z 131 -4.95 23.13 -21.59
C ASP Z 131 -5.40 23.46 -20.19
N SER Z 132 -6.37 22.71 -19.67
CA SER Z 132 -6.88 22.99 -18.33
C SER Z 132 -5.78 22.86 -17.29
N TYR Z 133 -4.97 21.80 -17.36
CA TYR Z 133 -3.86 21.72 -16.41
C TYR Z 133 -2.93 22.92 -16.56
N ILE Z 134 -2.59 23.27 -17.79
CA ILE Z 134 -1.57 24.28 -18.03
C ILE Z 134 -2.00 25.64 -17.49
N ASP Z 135 -3.26 26.01 -17.73
CA ASP Z 135 -3.73 27.33 -17.33
C ASP Z 135 -4.56 27.32 -16.07
N SER Z 136 -4.56 26.21 -15.32
CA SER Z 136 -5.23 26.20 -14.04
C SER Z 136 -4.56 27.20 -13.11
N PRO Z 137 -5.30 27.75 -12.14
CA PRO Z 137 -4.69 28.72 -11.23
C PRO Z 137 -3.44 28.19 -10.56
N GLU Z 138 -3.40 26.90 -10.26
CA GLU Z 138 -2.25 26.31 -9.61
C GLU Z 138 -0.99 26.44 -10.46
N TYR Z 139 -1.07 26.08 -11.74
CA TYR Z 139 0.09 26.21 -12.61
C TYR Z 139 0.48 27.68 -12.78
N THR Z 140 -0.51 28.55 -12.89
CA THR Z 140 -0.23 29.97 -13.07
C THR Z 140 0.45 30.57 -11.85
N ASN Z 141 0.21 30.02 -10.66
CA ASN Z 141 0.79 30.58 -9.44
C ASN Z 141 2.11 29.94 -9.06
N SER Z 142 2.10 28.62 -8.83
CA SER Z 142 3.32 27.94 -8.39
C SER Z 142 4.44 28.13 -9.39
N PHE Z 143 4.13 27.98 -10.67
CA PHE Z 143 5.03 28.27 -11.76
C PHE Z 143 4.53 29.54 -12.45
N GLY Z 144 5.36 30.14 -13.31
CA GLY Z 144 4.99 31.47 -13.75
C GLY Z 144 5.18 31.82 -15.20
N ASP Z 145 5.09 30.83 -16.09
CA ASP Z 145 5.41 30.95 -17.52
C ASP Z 145 6.91 31.15 -17.73
N TRP Z 146 7.68 31.26 -16.65
CA TRP Z 146 9.14 31.37 -16.77
C TRP Z 146 9.83 30.45 -15.76
N VAL Z 147 9.12 29.48 -15.19
CA VAL Z 147 9.65 28.59 -14.17
C VAL Z 147 9.29 27.17 -14.55
N VAL Z 148 10.29 26.31 -14.69
CA VAL Z 148 10.03 24.91 -15.02
C VAL Z 148 9.23 24.28 -13.90
N PRO Z 149 8.20 23.48 -14.19
CA PRO Z 149 7.46 22.81 -13.11
C PRO Z 149 8.37 21.91 -12.29
N TYR Z 150 8.14 21.89 -10.98
CA TYR Z 150 8.86 21.05 -10.04
C TYR Z 150 7.85 20.37 -9.13
N TYR Z 151 8.28 19.28 -8.49
CA TYR Z 151 7.37 18.54 -7.62
C TYR Z 151 7.11 19.31 -6.35
N ARG Z 152 6.12 20.19 -6.35
CA ARG Z 152 5.79 20.93 -5.14
C ARG Z 152 4.90 20.14 -4.19
N GLY Z 153 4.51 18.93 -4.56
CA GLY Z 153 3.69 18.12 -3.68
C GLY Z 153 4.37 17.78 -2.38
N PHE Z 154 5.70 17.64 -2.40
CA PHE Z 154 6.42 17.38 -1.16
C PHE Z 154 6.19 18.49 -0.15
N ASN Z 155 6.41 19.74 -0.56
CA ASN Z 155 6.10 20.87 0.30
C ASN Z 155 4.58 21.01 0.46
N THR Z 156 4.16 21.41 1.65
CA THR Z 156 2.73 21.50 1.95
C THR Z 156 2.19 22.92 1.93
N GLN Z 157 3.03 23.90 1.62
CA GLN Z 157 2.62 25.30 1.71
C GLN Z 157 1.34 25.66 0.96
N PRO Z 158 1.06 25.14 -0.25
CA PRO Z 158 -0.08 25.67 -1.01
C PRO Z 158 -1.44 25.57 -0.33
N GLY Z 159 -1.71 24.48 0.39
CA GLY Z 159 -3.07 24.23 0.85
C GLY Z 159 -3.65 23.00 0.16
N GLN Z 160 -3.67 21.88 0.87
CA GLN Z 160 -3.94 20.60 0.23
C GLN Z 160 -4.39 19.61 1.30
N LYS Z 161 -5.11 18.59 0.86
CA LYS Z 161 -5.47 17.50 1.76
C LYS Z 161 -4.22 16.74 2.16
N THR Z 162 -4.18 16.27 3.41
CA THR Z 162 -3.01 15.55 3.89
C THR Z 162 -2.71 14.36 3.00
N VAL Z 163 -3.76 13.66 2.55
CA VAL Z 163 -3.60 12.47 1.72
C VAL Z 163 -2.69 12.76 0.55
N GLY Z 164 -2.68 14.02 0.07
CA GLY Z 164 -1.86 14.37 -1.06
C GLY Z 164 -0.43 13.91 -0.90
N PHE Z 165 0.16 14.18 0.27
CA PHE Z 165 1.53 13.75 0.50
C PHE Z 165 1.66 12.26 0.25
N ASN Z 166 0.81 11.47 0.93
CA ASN Z 166 0.81 10.03 0.71
C ASN Z 166 0.73 9.73 -0.78
N ARG Z 167 -0.24 10.32 -1.45
CA ARG Z 167 -0.49 9.94 -2.83
C ARG Z 167 0.67 10.29 -3.73
N ILE Z 168 1.36 11.40 -3.47
CA ILE Z 168 2.43 11.74 -4.40
C ILE Z 168 3.52 10.69 -4.31
N PHE Z 169 3.72 10.10 -3.13
CA PHE Z 169 4.77 9.09 -3.02
C PHE Z 169 4.40 7.80 -3.72
N ARG Z 170 3.13 7.61 -4.08
CA ARG Z 170 2.81 6.49 -4.95
C ARG Z 170 3.30 6.74 -6.36
N LEU Z 171 3.20 7.99 -6.84
CA LEU Z 171 3.57 8.25 -8.23
C LEU Z 171 5.08 8.36 -8.38
N TYR Z 172 5.74 9.04 -7.46
CA TYR Z 172 7.19 9.16 -7.46
C TYR Z 172 7.78 7.97 -6.71
N ARG Z 173 8.35 7.02 -7.45
CA ARG Z 173 8.98 5.86 -6.84
C ARG Z 173 10.50 5.92 -6.93
N GLY Z 174 11.06 7.13 -6.88
CA GLY Z 174 12.49 7.27 -6.85
C GLY Z 174 13.02 8.30 -7.82
N TYR Z 175 14.23 8.80 -7.55
CA TYR Z 175 14.84 9.73 -8.48
C TYR Z 175 15.13 9.08 -9.82
N ALA Z 176 15.59 7.84 -9.80
CA ALA Z 176 15.92 7.15 -11.05
C ALA Z 176 14.67 6.78 -11.84
N ASN Z 177 13.56 6.52 -11.15
CA ASN Z 177 12.40 5.92 -11.79
C ASN Z 177 11.81 6.84 -12.86
N SER Z 178 11.19 6.22 -13.86
CA SER Z 178 10.39 6.92 -14.85
C SER Z 178 9.01 6.28 -14.90
N ASP Z 179 7.98 7.09 -15.15
CA ASP Z 179 6.62 6.56 -15.13
C ASP Z 179 6.33 5.64 -16.30
N ARG Z 180 7.13 5.69 -17.36
CA ARG Z 180 6.99 4.69 -18.41
C ARG Z 180 7.47 3.32 -17.93
N ALA Z 181 8.26 3.27 -16.85
CA ALA Z 181 8.87 2.04 -16.36
C ALA Z 181 8.82 2.00 -14.84
N GLN Z 182 7.75 1.42 -14.30
CA GLN Z 182 7.58 1.35 -12.85
C GLN Z 182 6.98 -0.01 -12.50
N ALA Z 183 7.04 -0.34 -11.21
CA ALA Z 183 6.67 -1.68 -10.75
C ALA Z 183 5.23 -2.01 -11.13
N GLU Z 184 4.31 -1.09 -10.86
CA GLU Z 184 2.88 -1.31 -11.06
C GLU Z 184 2.40 -0.74 -12.40
N GLY Z 185 3.30 -0.45 -13.32
CA GLY Z 185 2.93 0.24 -14.53
C GLY Z 185 2.01 -0.58 -15.42
N SER Z 186 1.38 0.13 -16.35
CA SER Z 186 0.36 -0.33 -17.31
C SER Z 186 -1.02 -0.43 -16.68
N MET Z 187 -1.19 -0.03 -15.42
CA MET Z 187 -2.50 -0.08 -14.78
C MET Z 187 -2.58 1.06 -13.78
N SER Z 188 -3.81 1.45 -13.44
CA SER Z 188 -4.02 2.60 -12.57
C SER Z 188 -3.33 2.41 -11.24
N ARG Z 189 -2.60 3.44 -10.81
CA ARG Z 189 -1.85 3.38 -9.57
C ARG Z 189 -2.57 4.04 -8.41
N LEU Z 190 -3.45 5.00 -8.68
CA LEU Z 190 -4.19 5.73 -7.66
C LEU Z 190 -5.65 5.88 -8.07
N ALA Z 191 -6.29 4.79 -8.44
CA ALA Z 191 -7.69 4.82 -8.85
C ALA Z 191 -8.63 4.23 -7.82
N ARG Z 192 -8.39 3.00 -7.38
CA ARG Z 192 -9.26 2.40 -6.37
C ARG Z 192 -9.26 3.23 -5.10
N ASP Z 193 -8.09 3.76 -4.72
CA ASP Z 193 -8.00 4.56 -3.50
C ASP Z 193 -8.73 5.89 -3.66
N LEU Z 194 -8.65 6.48 -4.84
CA LEU Z 194 -9.18 7.83 -5.03
C LEU Z 194 -10.69 7.88 -4.85
N ALA Z 195 -11.39 6.81 -5.22
CA ALA Z 195 -12.84 6.79 -5.07
C ALA Z 195 -13.24 6.66 -3.61
N THR Z 196 -12.48 5.89 -2.85
CA THR Z 196 -12.78 5.65 -1.44
C THR Z 196 -12.13 6.64 -0.51
N ASN Z 197 -11.35 7.59 -1.03
CA ASN Z 197 -10.61 8.55 -0.22
C ASN Z 197 -9.78 7.84 0.84
N ARG Z 198 -9.10 6.78 0.42
CA ARG Z 198 -8.32 5.93 1.32
C ARG Z 198 -6.87 6.37 1.33
N ALA Z 199 -6.29 6.44 2.53
CA ALA Z 199 -4.88 6.78 2.67
C ALA Z 199 -4.01 5.60 2.23
N ASN Z 200 -2.75 5.91 1.94
CA ASN Z 200 -1.80 4.92 1.46
C ASN Z 200 -0.55 4.96 2.34
N THR Z 201 -0.06 3.80 2.72
CA THR Z 201 1.22 3.75 3.42
C THR Z 201 2.33 4.15 2.45
N VAL Z 202 3.32 4.87 2.96
CA VAL Z 202 4.39 5.39 2.11
C VAL Z 202 5.37 4.26 1.84
N VAL Z 203 5.57 3.94 0.57
CA VAL Z 203 6.51 2.91 0.14
C VAL Z 203 7.82 3.60 -0.21
N PRO Z 204 8.86 3.51 0.63
CA PRO Z 204 10.12 4.14 0.30
C PRO Z 204 10.72 3.53 -0.96
N PRO Z 205 11.31 4.34 -1.82
CA PRO Z 205 12.00 3.79 -2.99
C PRO Z 205 13.29 3.08 -2.57
N SER Z 206 13.75 2.19 -3.45
CA SER Z 206 14.91 1.37 -3.14
C SER Z 206 16.15 2.23 -2.94
N ASN Z 207 17.01 1.84 -1.98
CA ASN Z 207 18.28 2.55 -1.80
C ASN Z 207 19.31 1.60 -1.20
N SER Z 208 20.07 0.94 -2.08
CA SER Z 208 21.20 0.08 -1.68
C SER Z 208 20.82 -0.88 -0.55
N ASP Z 209 19.65 -1.49 -0.70
CA ASP Z 209 19.14 -2.52 0.19
C ASP Z 209 17.97 -3.17 -0.54
N THR Z 210 17.46 -4.27 0.02
CA THR Z 210 16.41 -5.01 -0.66
C THR Z 210 15.14 -4.19 -0.76
N ALA Z 211 14.47 -4.30 -1.90
CA ALA Z 211 13.21 -3.61 -2.16
C ALA Z 211 12.11 -4.62 -2.38
N PHE Z 212 10.92 -4.33 -1.85
CA PHE Z 212 9.74 -5.17 -2.06
C PHE Z 212 8.52 -4.25 -2.15
N ALA Z 213 8.20 -3.84 -3.38
CA ALA Z 213 7.08 -2.93 -3.60
C ALA Z 213 5.81 -3.50 -3.00
N TYR Z 214 5.27 -2.81 -2.01
CA TYR Z 214 4.14 -3.32 -1.25
C TYR Z 214 2.85 -2.80 -1.87
N TYR Z 215 2.25 -3.60 -2.74
CA TYR Z 215 0.91 -3.29 -3.20
C TYR Z 215 -0.05 -3.38 -2.03
N THR Z 216 -1.05 -2.51 -1.99
CA THR Z 216 -1.98 -2.46 -0.87
C THR Z 216 -3.44 -2.51 -1.32
N PRO Z 217 -3.84 -3.53 -2.08
CA PRO Z 217 -5.27 -3.69 -2.38
C PRO Z 217 -6.00 -4.13 -1.12
N SER Z 218 -6.98 -3.32 -0.70
CA SER Z 218 -7.74 -3.65 0.49
C SER Z 218 -8.77 -4.74 0.25
N ALA Z 219 -8.74 -5.37 -0.94
CA ALA Z 219 -9.65 -6.46 -1.21
C ALA Z 219 -9.46 -7.60 -0.21
N ASP Z 220 -8.21 -7.98 0.05
CA ASP Z 220 -7.91 -8.98 1.08
C ASP Z 220 -6.78 -8.46 1.98
N VAL Z 221 -7.12 -7.59 2.92
CA VAL Z 221 -6.20 -7.17 3.98
C VAL Z 221 -7.04 -6.92 5.24
N PRO Z 222 -6.44 -6.99 6.43
CA PRO Z 222 -7.18 -6.59 7.63
C PRO Z 222 -7.44 -5.09 7.60
N PRO Z 223 -8.49 -4.64 8.28
CA PRO Z 223 -8.79 -3.20 8.29
C PRO Z 223 -7.67 -2.41 8.97
N ARG Z 224 -7.62 -1.12 8.65
CA ARG Z 224 -6.61 -0.25 9.26
C ARG Z 224 -6.72 -0.27 10.78
N ALA Z 225 -7.95 -0.27 11.29
CA ALA Z 225 -8.18 -0.39 12.73
C ALA Z 225 -8.37 -1.86 13.11
N CYS Z 226 -8.29 -2.13 14.41
CA CYS Z 226 -8.48 -3.49 14.90
C CYS Z 226 -9.94 -3.91 14.86
N LEU Z 227 -10.85 -2.96 15.07
CA LEU Z 227 -12.30 -3.21 15.02
C LEU Z 227 -12.73 -4.27 16.02
N GLY Z 228 -12.15 -4.22 17.22
CA GLY Z 228 -12.48 -5.17 18.26
C GLY Z 228 -11.55 -5.02 19.44
N GLY Z 229 -11.54 -6.04 20.28
CA GLY Z 229 -10.57 -6.11 21.35
C GLY Z 229 -9.34 -6.90 21.00
N SER Z 230 -9.31 -7.49 19.81
CA SER Z 230 -8.27 -8.41 19.38
C SER Z 230 -8.06 -9.49 20.44
N PHE Z 231 -6.81 -9.83 20.75
CA PHE Z 231 -6.58 -10.88 21.72
C PHE Z 231 -7.08 -10.52 23.11
N GLY Z 232 -7.18 -9.23 23.42
CA GLY Z 232 -7.59 -8.80 24.73
C GLY Z 232 -6.46 -8.62 25.73
N GLU Z 233 -5.22 -8.89 25.33
CA GLU Z 233 -4.09 -8.67 26.20
C GLU Z 233 -3.89 -7.18 26.45
N SER Z 234 -3.15 -6.87 27.51
CA SER Z 234 -2.89 -5.49 27.87
C SER Z 234 -2.18 -4.77 26.73
N GLY Z 235 -2.70 -3.60 26.36
CA GLY Z 235 -2.12 -2.83 25.28
C GLY Z 235 -2.91 -2.98 23.99
N ARG Z 236 -2.70 -2.02 23.10
CA ARG Z 236 -3.48 -1.93 21.87
C ARG Z 236 -2.90 -2.89 20.83
N VAL Z 237 -3.42 -2.79 19.61
CA VAL Z 237 -3.19 -3.76 18.56
C VAL Z 237 -2.42 -3.09 17.44
N TYR Z 238 -1.21 -3.58 17.19
CA TYR Z 238 -0.32 -2.99 16.21
C TYR Z 238 -0.42 -3.78 14.91
N ARG Z 239 -0.62 -3.06 13.80
CA ARG Z 239 -0.78 -3.66 12.48
C ARG Z 239 0.57 -3.69 11.80
N ILE Z 240 1.03 -4.88 11.43
CA ILE Z 240 2.36 -5.07 10.85
C ILE Z 240 2.19 -5.53 9.40
N GLU Z 241 2.83 -4.82 8.47
CA GLU Z 241 2.81 -5.18 7.07
C GLU Z 241 4.10 -5.88 6.67
N VAL Z 242 4.04 -6.67 5.60
CA VAL Z 242 5.20 -7.36 5.07
C VAL Z 242 4.94 -7.67 3.60
N ALA Z 243 6.02 -7.80 2.82
CA ALA Z 243 5.90 -8.03 1.38
C ALA Z 243 6.53 -9.32 0.91
N GLY Z 244 7.80 -9.56 1.23
CA GLY Z 244 8.53 -10.66 0.63
C GLY Z 244 8.56 -11.96 1.39
N ILE Z 245 7.41 -12.59 1.58
CA ILE Z 245 7.33 -13.87 2.27
C ILE Z 245 7.53 -14.98 1.25
N ARG Z 246 8.65 -15.69 1.32
CA ARG Z 246 8.96 -16.69 0.31
C ARG Z 246 9.39 -18.05 0.88
N GLN Z 247 10.04 -18.06 2.05
CA GLN Z 247 10.56 -19.31 2.58
C GLN Z 247 9.48 -20.36 2.84
N PRO Z 248 8.38 -20.05 3.52
CA PRO Z 248 7.44 -21.14 3.88
C PRO Z 248 6.34 -21.35 2.83
N GLY Z 249 6.70 -21.83 1.65
CA GLY Z 249 5.68 -22.04 0.64
C GLY Z 249 5.09 -23.45 0.63
N TYR Z 250 3.98 -23.64 1.37
CA TYR Z 250 3.34 -24.95 1.48
C TYR Z 250 2.43 -25.22 0.28
N PRO Z 251 1.41 -24.42 0.01
CA PRO Z 251 0.82 -24.42 -1.33
C PRO Z 251 1.50 -23.40 -2.24
N GLY Z 252 2.46 -22.67 -1.68
CA GLY Z 252 2.92 -21.44 -2.28
C GLY Z 252 2.67 -20.22 -1.42
N VAL Z 253 2.75 -20.34 -0.09
CA VAL Z 253 2.62 -19.19 0.82
C VAL Z 253 1.28 -18.50 0.70
N ARG Z 254 0.98 -17.98 -0.49
CA ARG Z 254 -0.23 -17.24 -0.83
C ARG Z 254 -0.23 -15.83 -0.25
N ARG Z 255 -0.67 -14.86 -1.05
CA ARG Z 255 -0.75 -13.46 -0.65
C ARG Z 255 0.58 -13.01 -0.03
N SER Z 256 1.64 -13.13 -0.83
CA SER Z 256 2.99 -12.91 -0.31
C SER Z 256 3.10 -11.57 0.39
N SER Z 257 2.45 -10.55 -0.14
CA SER Z 257 2.42 -9.23 0.49
C SER Z 257 1.09 -9.08 1.23
N THR Z 258 1.17 -8.83 2.53
CA THR Z 258 -0.03 -8.80 3.37
C THR Z 258 0.31 -8.14 4.70
N ALA Z 259 -0.73 -7.86 5.47
CA ALA Z 259 -0.61 -7.30 6.80
C ALA Z 259 -1.29 -8.20 7.81
N PHE Z 260 -0.81 -8.15 9.06
CA PHE Z 260 -1.40 -8.90 10.16
C PHE Z 260 -1.62 -7.95 11.34
N LEU Z 261 -2.83 -7.97 11.90
CA LEU Z 261 -3.10 -7.23 13.13
C LEU Z 261 -2.70 -8.09 14.32
N VAL Z 262 -1.72 -7.60 15.10
CA VAL Z 262 -1.14 -8.41 16.16
C VAL Z 262 -1.25 -7.66 17.48
N PRO Z 263 -1.66 -8.32 18.57
CA PRO Z 263 -1.69 -7.62 19.86
C PRO Z 263 -0.28 -7.28 20.34
N TYR Z 264 -0.20 -6.24 21.16
CA TYR Z 264 1.09 -5.66 21.53
C TYR Z 264 2.05 -6.72 22.04
N GLU Z 265 1.61 -7.51 23.01
CA GLU Z 265 2.52 -8.42 23.71
C GLU Z 265 3.19 -9.40 22.75
N GLN Z 266 2.53 -9.76 21.66
CA GLN Z 266 3.08 -10.76 20.77
C GLN Z 266 3.97 -10.18 19.69
N LEU Z 267 4.04 -8.84 19.57
CA LEU Z 267 4.71 -8.22 18.43
C LEU Z 267 6.10 -8.80 18.22
N SER Z 268 6.90 -8.82 19.29
CA SER Z 268 8.27 -9.29 19.18
C SER Z 268 8.32 -10.65 18.50
N ALA Z 269 7.55 -11.61 19.03
CA ALA Z 269 7.57 -12.95 18.45
C ALA Z 269 7.21 -12.87 16.98
N LYS Z 270 6.09 -12.23 16.66
CA LYS Z 270 5.66 -12.14 15.28
C LYS Z 270 6.77 -11.55 14.44
N MET Z 271 7.41 -10.49 14.95
CA MET Z 271 8.45 -9.82 14.18
C MET Z 271 9.47 -10.83 13.70
N GLN Z 272 10.02 -11.62 14.62
CA GLN Z 272 11.08 -12.53 14.22
C GLN Z 272 10.59 -13.53 13.19
N GLN Z 273 9.37 -14.05 13.38
CA GLN Z 273 8.80 -14.94 12.38
C GLN Z 273 8.84 -14.28 11.01
N LEU Z 274 8.32 -13.05 10.92
CA LEU Z 274 8.32 -12.36 9.66
C LEU Z 274 9.73 -12.22 9.11
N GLN Z 275 10.68 -11.82 9.97
CA GLN Z 275 12.04 -11.65 9.49
C GLN Z 275 12.60 -12.97 8.99
N ARG Z 276 12.17 -14.09 9.57
CA ARG Z 276 12.67 -15.38 9.13
C ARG Z 276 12.29 -15.63 7.67
N THR Z 277 11.08 -15.22 7.27
CA THR Z 277 10.67 -15.48 5.89
C THR Z 277 11.41 -14.58 4.92
N GLY Z 278 11.97 -13.47 5.38
CA GLY Z 278 12.71 -12.56 4.53
C GLY Z 278 11.98 -11.29 4.15
N ALA Z 279 10.68 -11.22 4.40
CA ALA Z 279 9.94 -10.00 4.14
C ALA Z 279 10.43 -8.88 5.05
N ARG Z 280 10.66 -7.70 4.48
CA ARG Z 280 11.08 -6.54 5.24
C ARG Z 280 9.83 -5.75 5.62
N ILE Z 281 9.57 -5.64 6.92
CA ILE Z 281 8.34 -5.03 7.40
C ILE Z 281 8.21 -3.62 6.83
N ILE Z 282 7.11 -3.36 6.13
CA ILE Z 282 6.89 -2.05 5.55
C ILE Z 282 6.55 -1.03 6.64
N SER Z 283 5.63 -1.39 7.53
CA SER Z 283 5.15 -0.44 8.52
C SER Z 283 4.61 -1.19 9.72
N VAL Z 284 4.58 -0.51 10.86
CA VAL Z 284 4.00 -1.02 12.10
C VAL Z 284 3.14 0.10 12.66
N ASN Z 285 1.86 0.09 12.36
CA ASN Z 285 1.05 1.23 12.77
C ASN Z 285 0.07 0.84 13.86
N PRO Z 286 -0.08 1.61 14.93
CA PRO Z 286 -1.13 1.30 15.91
C PRO Z 286 -2.51 1.34 15.27
N ALA Z 287 -3.35 0.39 15.67
CA ALA Z 287 -4.69 0.29 15.12
C ALA Z 287 -5.73 0.57 16.19
N THR AA 2 9.68 -21.58 34.85
CA THR AA 2 10.53 -21.70 36.04
C THR AA 2 11.51 -22.85 35.87
N ILE AA 3 11.05 -23.92 35.25
CA ILE AA 3 11.86 -25.12 35.03
C ILE AA 3 11.77 -25.48 33.56
N PRO AA 4 12.88 -25.82 32.90
CA PRO AA 4 12.78 -26.39 31.55
C PRO AA 4 11.96 -27.66 31.61
N LEU AA 5 10.85 -27.67 30.87
CA LEU AA 5 9.86 -28.73 30.97
C LEU AA 5 10.51 -30.10 30.87
N LEU AA 6 10.28 -30.92 31.91
CA LEU AA 6 10.98 -32.20 32.05
C LEU AA 6 10.86 -33.02 30.78
N SER AA 7 12.01 -33.47 30.29
CA SER AA 7 12.05 -34.05 28.94
C SER AA 7 11.24 -35.32 28.87
N TYR AA 8 10.54 -35.50 27.75
CA TYR AA 8 9.73 -36.68 27.49
C TYR AA 8 10.31 -37.44 26.30
N ALA AA 9 10.11 -38.76 26.31
CA ALA AA 9 10.62 -39.63 25.27
C ALA AA 9 9.53 -39.86 24.22
N PRO AA 10 9.73 -39.45 22.98
CA PRO AA 10 8.65 -39.56 21.98
C PRO AA 10 8.52 -40.96 21.43
N SER AA 11 7.27 -41.37 21.19
CA SER AA 11 6.95 -42.68 20.66
C SER AA 11 6.57 -42.59 19.20
N SER AA 12 6.80 -43.68 18.47
CA SER AA 12 6.46 -43.72 17.06
C SER AA 12 4.95 -43.58 16.87
N GLN AA 13 4.56 -42.67 15.99
CA GLN AA 13 3.15 -42.42 15.72
C GLN AA 13 2.97 -42.06 14.25
N ASN AA 14 1.74 -42.22 13.77
CA ASN AA 14 1.41 -41.83 12.40
C ASN AA 14 1.78 -40.37 12.14
N GLN AA 15 1.44 -39.50 13.08
CA GLN AA 15 1.74 -38.08 12.90
C GLN AA 15 3.25 -37.85 12.85
N ARG AA 16 4.01 -38.58 13.66
CA ARG AA 16 5.46 -38.44 13.60
C ARG AA 16 6.03 -39.01 12.31
N VAL AA 17 5.40 -40.05 11.76
CA VAL AA 17 5.95 -40.70 10.60
C VAL AA 17 5.75 -39.84 9.35
N ALA AA 18 6.56 -40.10 8.34
CA ALA AA 18 6.40 -39.52 7.03
C ALA AA 18 5.74 -40.54 6.10
N GLY AA 19 4.92 -40.04 5.18
CA GLY AA 19 4.23 -40.89 4.24
C GLY AA 19 3.88 -40.19 2.95
N TYR AA 20 4.23 -40.80 1.81
CA TYR AA 20 4.06 -40.17 0.51
C TYR AA 20 2.72 -40.55 -0.13
N GLU AA 21 1.65 -40.21 0.58
CA GLU AA 21 0.29 -40.59 0.19
C GLU AA 21 -0.44 -39.40 -0.41
N VAL AA 22 -1.19 -39.65 -1.48
CA VAL AA 22 -2.15 -38.68 -1.97
C VAL AA 22 -3.32 -38.72 -1.02
N PRO AA 23 -4.13 -37.66 -0.92
CA PRO AA 23 -5.22 -37.66 0.06
C PRO AA 23 -6.19 -38.82 -0.17
N ASN AA 24 -6.62 -39.42 0.93
CA ASN AA 24 -7.60 -40.49 0.89
C ASN AA 24 -9.00 -39.92 1.02
N GLU AA 25 -10.00 -40.79 1.10
CA GLU AA 25 -11.33 -40.37 1.47
C GLU AA 25 -11.44 -40.13 2.97
N GLU AA 26 -10.51 -40.68 3.76
CA GLU AA 26 -10.42 -40.41 5.17
C GLU AA 26 -9.58 -39.18 5.48
N THR AA 27 -9.16 -38.45 4.45
CA THR AA 27 -8.37 -37.25 4.68
C THR AA 27 -9.14 -36.29 5.59
N PRO AA 28 -8.49 -35.65 6.54
CA PRO AA 28 -9.22 -34.89 7.57
C PRO AA 28 -10.04 -33.75 7.01
N TRP AA 29 -9.69 -33.23 5.82
CA TRP AA 29 -10.30 -32.05 5.20
C TRP AA 29 -9.71 -30.79 5.83
N ARG AA 30 -9.27 -29.85 5.00
CA ARG AA 30 -8.47 -28.71 5.43
C ARG AA 30 -9.29 -27.43 5.25
N TYR AA 31 -9.72 -26.84 6.37
CA TYR AA 31 -10.49 -25.60 6.35
C TYR AA 31 -9.52 -24.43 6.48
N SER AA 32 -9.19 -23.82 5.35
CA SER AA 32 -8.20 -22.73 5.32
C SER AA 32 -8.88 -21.41 5.04
N LEU AA 33 -8.74 -20.46 5.97
CA LEU AA 33 -9.28 -19.12 5.77
C LEU AA 33 -8.36 -18.24 4.95
N GLU AA 34 -7.20 -18.76 4.54
CA GLU AA 34 -6.22 -17.96 3.82
C GLU AA 34 -6.80 -17.43 2.50
N ASP AA 35 -7.58 -18.26 1.81
CA ASP AA 35 -8.17 -17.82 0.55
C ASP AA 35 -9.14 -16.66 0.74
N ALA AA 36 -9.59 -16.42 1.97
CA ALA AA 36 -10.56 -15.36 2.28
C ALA AA 36 -11.84 -15.58 1.47
N VAL AA 37 -12.42 -16.77 1.66
CA VAL AA 37 -13.61 -17.21 0.95
C VAL AA 37 -14.80 -16.36 1.35
N ASP AA 38 -15.91 -16.47 0.61
CA ASP AA 38 -17.10 -15.70 0.90
C ASP AA 38 -17.66 -16.07 2.28
N GLN AA 39 -18.57 -15.23 2.76
CA GLN AA 39 -19.06 -15.38 4.13
C GLN AA 39 -19.68 -16.75 4.37
N SER AA 40 -20.38 -17.29 3.36
CA SER AA 40 -21.03 -18.58 3.53
C SER AA 40 -20.03 -19.69 3.81
N ASP AA 41 -18.90 -19.71 3.10
CA ASP AA 41 -17.87 -20.71 3.36
C ASP AA 41 -17.14 -20.44 4.67
N ILE AA 42 -16.97 -19.15 5.02
CA ILE AA 42 -16.39 -18.80 6.30
C ILE AA 42 -17.22 -19.38 7.43
N ASP AA 43 -18.54 -19.47 7.24
CA ASP AA 43 -19.38 -20.12 8.24
C ASP AA 43 -18.96 -21.58 8.45
N GLU AA 44 -18.71 -22.30 7.36
CA GLU AA 44 -18.25 -23.69 7.49
C GLU AA 44 -16.94 -23.75 8.26
N LEU AA 45 -16.00 -22.87 7.94
CA LEU AA 45 -14.72 -22.89 8.63
C LEU AA 45 -14.88 -22.65 10.13
N ILE AA 46 -15.67 -21.64 10.48
CA ILE AA 46 -15.93 -21.34 11.87
C ILE AA 46 -16.57 -22.55 12.56
N TRP AA 47 -17.51 -23.19 11.88
CA TRP AA 47 -18.18 -24.35 12.45
C TRP AA 47 -17.18 -25.48 12.69
N ALA AA 48 -16.24 -25.68 11.77
CA ALA AA 48 -15.27 -26.75 11.96
C ALA AA 48 -14.38 -26.48 13.16
N ALA AA 49 -13.96 -25.22 13.34
CA ALA AA 49 -13.18 -24.91 14.53
C ALA AA 49 -13.99 -25.14 15.80
N TYR AA 50 -15.27 -24.73 15.79
CA TYR AA 50 -16.14 -25.02 16.93
C TYR AA 50 -16.25 -26.52 17.17
N ARG AA 51 -16.36 -27.29 16.08
CA ARG AA 51 -16.49 -28.73 16.14
C ARG AA 51 -15.22 -29.39 16.67
N GLN AA 52 -14.08 -28.73 16.52
CA GLN AA 52 -12.82 -29.29 16.98
C GLN AA 52 -12.53 -28.93 18.43
N VAL AA 53 -12.53 -27.63 18.78
CA VAL AA 53 -12.16 -27.25 20.14
C VAL AA 53 -13.17 -27.79 21.13
N PHE AA 54 -14.44 -27.43 20.95
CA PHE AA 54 -15.53 -28.13 21.62
C PHE AA 54 -15.96 -29.29 20.74
N SER AA 55 -16.56 -30.30 21.36
CA SER AA 55 -17.05 -31.40 20.56
C SER AA 55 -18.35 -31.02 19.86
N GLU AA 56 -18.66 -31.73 18.77
CA GLU AA 56 -19.95 -31.57 18.11
C GLU AA 56 -21.09 -31.63 19.11
N HIS AA 57 -20.88 -32.35 20.20
CA HIS AA 57 -21.95 -32.62 21.15
C HIS AA 57 -22.32 -31.39 21.94
N VAL AA 58 -21.35 -30.53 22.27
CA VAL AA 58 -21.56 -29.49 23.26
C VAL AA 58 -21.67 -28.10 22.64
N VAL AA 59 -21.66 -27.99 21.32
CA VAL AA 59 -21.63 -26.67 20.66
C VAL AA 59 -23.08 -26.22 20.50
N LEU AA 60 -23.62 -25.60 21.54
CA LEU AA 60 -24.98 -25.09 21.56
C LEU AA 60 -24.97 -23.58 21.44
N LYS AA 61 -26.16 -22.98 21.52
CA LYS AA 61 -26.30 -21.54 21.33
C LYS AA 61 -25.51 -20.77 22.40
N SER AA 62 -25.66 -21.17 23.67
CA SER AA 62 -24.93 -20.48 24.73
C SER AA 62 -23.43 -20.67 24.58
N THR AA 63 -23.01 -21.81 24.07
CA THR AA 63 -21.58 -22.04 23.82
C THR AA 63 -21.06 -21.09 22.74
N ARG AA 64 -21.87 -20.82 21.73
CA ARG AA 64 -21.44 -19.98 20.61
C ARG AA 64 -21.10 -18.58 21.11
N GLN AA 65 -19.88 -18.13 20.83
CA GLN AA 65 -19.47 -16.77 21.16
C GLN AA 65 -19.82 -15.87 19.98
N PRO AA 66 -20.74 -14.92 20.14
CA PRO AA 66 -21.05 -14.04 19.01
C PRO AA 66 -19.83 -13.28 18.51
N HIS AA 67 -18.97 -12.86 19.43
CA HIS AA 67 -17.79 -12.12 19.05
C HIS AA 67 -16.91 -12.94 18.13
N LEU AA 68 -16.72 -14.24 18.42
CA LEU AA 68 -15.89 -15.09 17.58
C LEU AA 68 -16.46 -15.21 16.17
N GLU AA 69 -17.78 -15.40 16.07
CA GLU AA 69 -18.44 -15.44 14.78
C GLU AA 69 -18.12 -14.18 13.99
N SER AA 70 -18.18 -13.02 14.64
CA SER AA 70 -17.82 -11.80 13.94
C SER AA 70 -16.31 -11.70 13.70
N GLN AA 71 -15.52 -12.29 14.58
CA GLN AA 71 -14.06 -12.23 14.46
C GLN AA 71 -13.62 -12.83 13.14
N LEU AA 72 -13.88 -14.10 12.98
CA LEU AA 72 -13.34 -14.76 11.80
C LEU AA 72 -14.05 -14.37 10.52
N ALA AA 73 -14.93 -13.38 10.55
CA ALA AA 73 -15.62 -12.94 9.35
C ALA AA 73 -14.98 -11.73 8.70
N ASN AA 74 -14.31 -10.89 9.47
CA ASN AA 74 -13.69 -9.66 8.96
C ASN AA 74 -12.19 -9.82 8.81
N ARG AA 75 -11.73 -11.00 8.38
CA ARG AA 75 -10.32 -11.29 8.16
C ARG AA 75 -9.45 -10.73 9.28
N ALA AA 76 -9.84 -11.11 10.50
CA ALA AA 76 -9.26 -10.68 11.76
C ALA AA 76 -8.15 -11.64 12.19
N ILE AA 77 -7.89 -11.71 13.50
CA ILE AA 77 -6.92 -12.61 14.09
C ILE AA 77 -7.02 -13.99 13.45
N SER AA 78 -5.87 -14.63 13.23
CA SER AA 78 -5.78 -15.90 12.53
C SER AA 78 -6.70 -16.96 13.13
N VAL AA 79 -7.04 -17.97 12.33
CA VAL AA 79 -7.82 -19.10 12.82
C VAL AA 79 -7.18 -19.69 14.06
N ARG AA 80 -5.86 -19.66 14.13
CA ARG AA 80 -5.16 -20.12 15.33
C ARG AA 80 -5.60 -19.32 16.55
N ASP AA 81 -5.64 -18.00 16.42
CA ASP AA 81 -6.06 -17.17 17.56
C ASP AA 81 -7.52 -17.39 17.88
N PHE AA 82 -8.34 -17.65 16.87
CA PHE AA 82 -9.74 -18.03 17.09
C PHE AA 82 -9.83 -19.31 17.90
N ILE AA 83 -8.97 -20.28 17.58
CA ILE AA 83 -8.91 -21.54 18.33
C ILE AA 83 -8.53 -21.25 19.78
N ARG AA 84 -7.53 -20.39 19.97
CA ARG AA 84 -7.11 -20.03 21.32
C ARG AA 84 -8.24 -19.36 22.09
N GLY AA 85 -9.00 -18.51 21.41
CA GLY AA 85 -10.14 -17.87 22.05
C GLY AA 85 -11.20 -18.86 22.48
N LEU AA 86 -11.51 -19.82 21.62
CA LEU AA 86 -12.38 -20.92 22.04
C LEU AA 86 -11.82 -21.62 23.26
N ALA AA 87 -10.52 -21.90 23.24
CA ALA AA 87 -9.90 -22.71 24.29
C ALA AA 87 -9.95 -22.01 25.64
N LYS AA 88 -9.65 -20.72 25.68
CA LYS AA 88 -9.60 -20.01 26.94
C LYS AA 88 -10.95 -19.47 27.37
N SER AA 89 -11.99 -19.66 26.57
CA SER AA 89 -13.31 -19.17 26.92
C SER AA 89 -13.83 -19.89 28.15
N GLU AA 90 -14.69 -19.20 28.90
CA GLU AA 90 -15.14 -19.73 30.18
C GLU AA 90 -15.92 -21.03 30.00
N THR AA 91 -16.72 -21.13 28.94
CA THR AA 91 -17.49 -22.34 28.73
C THR AA 91 -16.58 -23.54 28.53
N PHE AA 92 -15.46 -23.37 27.83
CA PHE AA 92 -14.50 -24.46 27.68
C PHE AA 92 -13.92 -24.86 29.03
N ARG AA 93 -13.56 -23.87 29.85
CA ARG AA 93 -12.99 -24.18 31.16
C ARG AA 93 -13.98 -24.94 32.02
N ARG AA 94 -15.26 -24.56 31.96
CA ARG AA 94 -16.29 -25.28 32.70
C ARG AA 94 -16.49 -26.69 32.15
N LEU AA 95 -16.47 -26.83 30.82
CA LEU AA 95 -16.78 -28.11 30.21
C LEU AA 95 -15.62 -29.09 30.28
N VAL AA 96 -14.38 -28.61 30.17
CA VAL AA 96 -13.25 -29.51 30.06
C VAL AA 96 -12.30 -29.37 31.24
N VAL AA 97 -11.82 -28.15 31.48
CA VAL AA 97 -10.77 -27.97 32.49
C VAL AA 97 -11.27 -28.36 33.87
N GLU AA 98 -12.49 -27.95 34.22
CA GLU AA 98 -12.98 -28.23 35.56
C GLU AA 98 -13.27 -29.72 35.76
N THR AA 99 -13.52 -30.46 34.69
CA THR AA 99 -13.95 -31.84 34.78
C THR AA 99 -12.82 -32.85 34.67
N ASN AA 100 -11.58 -32.40 34.52
CA ASN AA 100 -10.47 -33.32 34.34
C ASN AA 100 -9.27 -32.85 35.16
N SER AA 101 -8.37 -33.78 35.45
CA SER AA 101 -7.11 -33.43 36.08
C SER AA 101 -6.11 -32.95 35.05
N ASN AA 102 -5.05 -32.30 35.52
CA ASN AA 102 -4.03 -31.78 34.62
C ASN AA 102 -3.51 -32.86 33.68
N TYR AA 103 -3.29 -34.07 34.21
CA TYR AA 103 -2.70 -35.13 33.42
C TYR AA 103 -3.62 -35.53 32.27
N ARG AA 104 -4.93 -35.61 32.53
CA ARG AA 104 -5.87 -35.88 31.46
C ARG AA 104 -6.09 -34.65 30.57
N LEU AA 105 -5.95 -33.45 31.15
CA LEU AA 105 -6.13 -32.23 30.37
C LEU AA 105 -5.07 -32.10 29.29
N VAL AA 106 -3.83 -32.48 29.60
CA VAL AA 106 -2.78 -32.48 28.60
C VAL AA 106 -3.21 -33.31 27.40
N GLU AA 107 -3.73 -34.51 27.67
CA GLU AA 107 -4.16 -35.41 26.61
C GLU AA 107 -5.32 -34.82 25.80
N ILE AA 108 -6.34 -34.31 26.50
CA ILE AA 108 -7.52 -33.80 25.78
C ILE AA 108 -7.14 -32.63 24.89
N ALA AA 109 -6.43 -31.65 25.46
CA ALA AA 109 -6.07 -30.46 24.69
C ALA AA 109 -5.16 -30.83 23.53
N LEU AA 110 -4.19 -31.73 23.75
CA LEU AA 110 -3.32 -32.15 22.66
C LEU AA 110 -4.12 -32.81 21.55
N LYS AA 111 -5.07 -33.66 21.91
CA LYS AA 111 -5.87 -34.33 20.89
C LYS AA 111 -6.70 -33.34 20.09
N ARG AA 112 -7.29 -32.35 20.77
CA ARG AA 112 -8.19 -31.44 20.07
C ARG AA 112 -7.45 -30.21 19.52
N LEU AA 113 -6.82 -29.43 20.40
CA LEU AA 113 -6.18 -28.20 19.94
C LEU AA 113 -4.99 -28.50 19.03
N LEU AA 114 -4.00 -29.22 19.54
CA LEU AA 114 -2.84 -29.52 18.72
C LEU AA 114 -3.13 -30.63 17.70
N GLY AA 115 -4.04 -31.53 18.01
CA GLY AA 115 -4.46 -32.52 17.04
C GLY AA 115 -3.64 -33.78 16.97
N ARG AA 116 -2.70 -33.98 17.88
CA ARG AA 116 -1.98 -35.25 17.97
C ARG AA 116 -2.13 -35.82 19.37
N ALA AA 117 -2.17 -37.15 19.44
CA ALA AA 117 -2.29 -37.82 20.72
C ALA AA 117 -1.01 -37.62 21.54
N PRO AA 118 -1.08 -37.82 22.85
CA PRO AA 118 0.14 -37.74 23.66
C PRO AA 118 1.18 -38.73 23.16
N TYR AA 119 2.44 -38.29 23.14
CA TYR AA 119 3.52 -39.18 22.70
C TYR AA 119 3.65 -40.37 23.65
N ASN AA 120 3.54 -40.13 24.95
CA ASN AA 120 3.54 -41.19 25.96
C ASN AA 120 3.05 -40.60 27.26
N LYS AA 121 2.88 -41.47 28.27
CA LYS AA 121 2.47 -41.00 29.59
C LYS AA 121 3.45 -39.98 30.15
N GLN AA 122 4.74 -40.13 29.84
CA GLN AA 122 5.74 -39.20 30.31
C GLN AA 122 5.49 -37.80 29.80
N GLU AA 123 4.97 -37.67 28.57
CA GLU AA 123 4.65 -36.33 28.07
C GLU AA 123 3.43 -35.74 28.77
N GLU AA 124 2.43 -36.58 29.06
CA GLU AA 124 1.29 -36.12 29.86
C GLU AA 124 1.79 -35.48 31.15
N LEU AA 125 2.72 -36.18 31.82
CA LEU AA 125 3.35 -35.60 33.00
C LEU AA 125 4.14 -34.35 32.65
N ALA AA 126 4.82 -34.36 31.50
CA ALA AA 126 5.77 -33.30 31.17
C ALA AA 126 5.09 -31.94 31.06
N TRP AA 127 3.89 -31.91 30.50
CA TRP AA 127 3.18 -30.65 30.34
C TRP AA 127 2.11 -30.38 31.41
N SER AA 128 1.85 -31.34 32.31
CA SER AA 128 0.96 -31.05 33.42
C SER AA 128 1.43 -29.82 34.22
N ILE AA 129 2.72 -29.71 34.49
CA ILE AA 129 3.21 -28.56 35.24
C ILE AA 129 2.99 -27.28 34.45
N ARG AA 130 3.12 -27.33 33.13
CA ARG AA 130 2.84 -26.14 32.36
C ARG AA 130 1.45 -25.61 32.73
N ILE AA 131 0.47 -26.51 32.75
CA ILE AA 131 -0.87 -26.12 33.20
C ILE AA 131 -0.82 -25.50 34.59
N ALA AA 132 -0.08 -26.13 35.51
CA ALA AA 132 -0.12 -25.67 36.89
C ALA AA 132 0.57 -24.31 37.10
N THR AA 133 1.88 -24.26 36.87
CA THR AA 133 2.63 -23.02 37.14
C THR AA 133 2.17 -21.89 36.23
N ASP AA 134 2.14 -22.12 34.92
CA ASP AA 134 1.90 -20.97 34.05
C ASP AA 134 0.43 -20.57 34.05
N GLY AA 135 -0.47 -21.51 34.28
CA GLY AA 135 -1.89 -21.27 34.20
C GLY AA 135 -2.48 -21.84 32.93
N TRP AA 136 -3.75 -22.25 32.99
CA TRP AA 136 -4.35 -22.92 31.85
C TRP AA 136 -4.31 -22.04 30.61
N GLN AA 137 -4.57 -20.75 30.78
CA GLN AA 137 -4.49 -19.84 29.64
C GLN AA 137 -3.09 -19.87 29.04
N LYS AA 138 -2.06 -19.82 29.88
CA LYS AA 138 -0.70 -19.86 29.35
C LYS AA 138 -0.36 -21.22 28.79
N PHE AA 139 -0.93 -22.29 29.35
CA PHE AA 139 -0.69 -23.61 28.78
C PHE AA 139 -1.23 -23.72 27.37
N VAL AA 140 -2.48 -23.28 27.14
CA VAL AA 140 -2.98 -23.35 25.77
C VAL AA 140 -2.21 -22.38 24.88
N ASP AA 141 -1.77 -21.25 25.45
CA ASP AA 141 -0.94 -20.33 24.67
C ASP AA 141 0.29 -21.04 24.13
N THR AA 142 1.05 -21.69 24.99
CA THR AA 142 2.24 -22.39 24.51
C THR AA 142 1.87 -23.59 23.65
N LEU AA 143 0.72 -24.21 23.90
CA LEU AA 143 0.30 -25.36 23.12
C LEU AA 143 0.08 -24.98 21.67
N VAL AA 144 -0.56 -23.83 21.42
CA VAL AA 144 -0.75 -23.37 20.05
C VAL AA 144 0.39 -22.49 19.58
N ASP AA 145 1.34 -22.15 20.44
CA ASP AA 145 2.52 -21.41 20.03
C ASP AA 145 3.74 -22.32 19.87
N SER AA 146 3.56 -23.63 19.93
CA SER AA 146 4.66 -24.56 19.72
C SER AA 146 5.10 -24.55 18.26
N ASP AA 147 6.40 -24.77 18.04
CA ASP AA 147 6.92 -24.85 16.68
C ASP AA 147 6.18 -25.91 15.88
N GLU AA 148 5.89 -27.05 16.52
CA GLU AA 148 5.11 -28.08 15.87
C GLU AA 148 3.80 -27.52 15.34
N TYR AA 149 3.09 -26.73 16.15
CA TYR AA 149 1.80 -26.20 15.70
C TYR AA 149 1.98 -25.31 14.48
N THR AA 150 2.98 -24.41 14.52
CA THR AA 150 3.17 -23.51 13.39
C THR AA 150 3.46 -24.28 12.12
N GLN AA 151 4.14 -25.41 12.22
CA GLN AA 151 4.32 -26.23 11.03
C GLN AA 151 3.04 -26.98 10.67
N ASN AA 152 2.30 -27.46 11.66
CA ASN AA 152 1.17 -28.34 11.41
C ASN AA 152 0.02 -27.59 10.73
N PHE AA 153 -0.31 -26.41 11.23
CA PHE AA 153 -1.51 -25.73 10.74
C PHE AA 153 -1.24 -24.27 10.38
N GLY AA 154 0.02 -23.91 10.10
CA GLY AA 154 0.36 -22.54 9.77
C GLY AA 154 -0.30 -21.52 10.68
N ASP AA 155 -1.09 -20.63 10.11
CA ASP AA 155 -1.88 -19.71 10.91
C ASP AA 155 -3.38 -19.80 10.63
N ASN AA 156 -3.77 -19.88 9.35
CA ASN AA 156 -5.18 -19.78 8.98
C ASN AA 156 -5.81 -21.14 8.69
N THR AA 157 -5.28 -22.21 9.25
CA THR AA 157 -5.79 -23.55 9.03
C THR AA 157 -6.39 -24.10 10.32
N VAL AA 158 -7.64 -24.54 10.25
CA VAL AA 158 -8.30 -25.11 11.42
C VAL AA 158 -7.58 -26.39 11.83
N PRO AA 159 -7.34 -26.63 13.11
CA PRO AA 159 -6.67 -27.86 13.52
C PRO AA 159 -7.49 -29.09 13.17
N TYR AA 160 -6.80 -30.15 12.76
CA TYR AA 160 -7.43 -31.42 12.44
C TYR AA 160 -6.54 -32.55 12.94
N GLN AA 161 -7.15 -33.71 13.16
CA GLN AA 161 -6.38 -34.89 13.52
C GLN AA 161 -5.34 -35.16 12.45
N ARG AA 162 -4.08 -35.27 12.87
CA ARG AA 162 -2.97 -35.18 11.92
C ARG AA 162 -3.08 -36.26 10.84
N ARG AA 163 -3.14 -37.53 11.25
CA ARG AA 163 -3.44 -38.61 10.31
C ARG AA 163 -3.92 -39.82 11.12
N ARG AA 164 -5.24 -40.03 11.15
CA ARG AA 164 -5.80 -41.20 11.81
C ARG AA 164 -5.93 -42.34 10.81
N TYR AA 165 -4.78 -42.80 10.35
CA TYR AA 165 -4.70 -43.89 9.37
C TYR AA 165 -5.02 -45.20 10.08
N LYS AA 166 -6.18 -45.78 9.75
CA LYS AA 166 -6.67 -46.99 10.41
C LYS AA 166 -6.72 -46.80 11.92
N ASP AA 167 -7.16 -45.61 12.34
CA ASP AA 167 -7.14 -45.23 13.74
C ASP AA 167 -8.45 -44.57 14.10
N ARG AA 168 -8.92 -44.83 15.32
CA ARG AA 168 -10.16 -44.22 15.78
C ARG AA 168 -9.99 -42.71 15.87
N PRO AA 169 -10.96 -41.92 15.41
CA PRO AA 169 -10.86 -40.46 15.56
C PRO AA 169 -10.87 -40.06 17.03
N PHE AA 170 -10.08 -39.03 17.35
CA PHE AA 170 -9.94 -38.61 18.74
C PHE AA 170 -11.30 -38.25 19.35
N ASN AA 171 -12.14 -37.56 18.59
CA ASN AA 171 -13.45 -37.16 19.11
C ASN AA 171 -14.27 -38.38 19.50
N LEU AA 172 -14.18 -39.46 18.73
CA LEU AA 172 -15.00 -40.63 18.94
C LEU AA 172 -14.34 -41.65 19.86
N VAL AA 173 -13.14 -41.35 20.36
CA VAL AA 173 -12.49 -42.19 21.35
C VAL AA 173 -12.33 -41.49 22.68
N THR AA 174 -12.40 -40.15 22.71
CA THR AA 174 -12.21 -39.38 23.92
C THR AA 174 -13.51 -38.68 24.30
N PRO AA 175 -14.04 -38.91 25.48
CA PRO AA 175 -15.20 -38.16 25.95
C PRO AA 175 -14.78 -36.78 26.43
N ARG AA 176 -15.80 -35.95 26.71
CA ARG AA 176 -15.55 -34.67 27.32
C ARG AA 176 -14.78 -34.83 28.63
N TYR AA 177 -15.17 -35.81 29.43
CA TYR AA 177 -14.44 -36.13 30.65
C TYR AA 177 -14.49 -37.63 30.87
N SER AA 178 -13.43 -38.16 31.47
CA SER AA 178 -13.29 -39.60 31.68
C SER AA 178 -14.16 -40.06 32.84
N ASP AA 179 -14.28 -41.38 32.96
CA ASP AA 179 -15.11 -41.97 34.01
C ASP AA 179 -14.61 -41.66 35.41
N TYR AA 180 -13.36 -41.18 35.53
CA TYR AA 180 -12.81 -40.87 36.85
C TYR AA 180 -13.65 -39.80 37.55
N TRP AA 181 -14.07 -38.77 36.82
CA TRP AA 181 -14.95 -37.75 37.37
C TRP AA 181 -16.38 -38.24 37.54
N ARG AA 182 -16.74 -39.36 36.91
CA ARG AA 182 -18.09 -39.91 37.06
C ARG AA 182 -18.39 -40.30 38.49
N ASP AA 183 -17.38 -40.30 39.38
CA ASP AA 183 -17.63 -40.50 40.80
C ASP AA 183 -18.55 -39.41 41.35
N LYS AA 184 -18.52 -38.22 40.75
CA LYS AA 184 -19.43 -37.15 41.14
C LYS AA 184 -20.78 -37.25 40.46
N LEU AA 185 -21.08 -38.38 39.82
CA LEU AA 185 -22.32 -38.58 39.09
C LEU AA 185 -22.96 -39.91 39.50
N GLU AA 186 -24.25 -40.01 39.26
CA GLU AA 186 -24.99 -41.23 39.55
C GLU AA 186 -25.75 -41.72 38.32
CHA CYC BA . 34.34 21.62 -43.82
NA CYC BA . 34.53 22.09 -41.44
C1A CYC BA . 33.89 22.07 -42.63
C2A CYC BA . 32.55 22.64 -42.48
C3A CYC BA . 32.51 22.99 -41.09
C4A CYC BA . 33.77 22.62 -40.47
CMA CYC BA . 31.31 23.62 -40.45
CAA CYC BA . 31.49 22.83 -43.52
CBA CYC BA . 31.38 24.17 -44.06
CGA CYC BA . 32.75 24.56 -44.53
O1A CYC BA . 33.36 25.32 -43.77
O2A CYC BA . 33.21 24.13 -45.62
CHB CYC BA . 34.25 22.75 -39.09
NB CYC BA . 33.58 24.98 -38.55
C1B CYC BA . 34.05 23.79 -38.19
C2B CYC BA . 34.29 23.75 -36.79
C3B CYC BA . 33.97 25.00 -36.25
C4B CYC BA . 33.54 25.67 -37.43
CMB CYC BA . 34.81 22.60 -36.06
CAB CYC BA . 34.05 25.53 -34.84
CBB CYC BA . 35.00 26.73 -34.70
OB CYC BA . 33.11 26.96 -37.35
NC CYC BA . 39.72 17.49 -44.42
C1C CYC BA . 40.44 16.43 -44.15
C2C CYC BA . 40.64 16.14 -42.67
C3C CYC BA . 39.88 17.24 -42.06
C4C CYC BA . 39.32 18.02 -43.24
CMC CYC BA . 40.44 14.68 -42.30
CAC CYC BA . 40.67 18.06 -41.00
CBC CYC BA . 41.04 17.29 -39.82
OC CYC BA . 41.01 15.61 -45.01
CHD CYC BA . 38.54 19.16 -43.18
ND CYC BA . 36.50 20.46 -43.28
C1D CYC BA . 37.35 19.58 -43.93
C2D CYC BA . 36.83 19.31 -45.23
C3D CYC BA . 35.59 20.07 -45.37
C4D CYC BA . 35.45 20.76 -44.11
CMD CYC BA . 37.39 18.41 -46.33
CAD CYC BA . 34.68 20.12 -46.55
CBD CYC BA . 33.63 19.13 -46.56
CGD CYC BA . 32.65 19.28 -47.71
O1D CYC BA . 32.01 18.35 -48.08
O2D CYC BA . 32.46 20.41 -48.33
CHA CYC CA . 9.02 48.24 -7.98
NA CYC CA . 11.21 47.38 -8.70
C1A CYC CA . 9.86 47.52 -8.75
C2A CYC CA . 9.30 46.74 -9.83
C3A CYC CA . 10.45 46.11 -10.41
C4A CYC CA . 11.64 46.54 -9.69
CMA CYC CA . 10.38 45.19 -11.59
CAA CYC CA . 7.86 46.63 -10.21
CBA CYC CA . 7.18 45.38 -9.91
CGA CYC CA . 7.52 44.99 -8.51
O1A CYC CA . 8.33 44.05 -8.43
O2A CYC CA . 7.01 45.57 -7.53
CHB CYC CA . 13.04 46.18 -9.88
NB CYC CA . 12.68 43.87 -9.61
C1B CYC CA . 13.48 44.88 -9.96
C2B CYC CA . 14.75 44.39 -10.39
C3B CYC CA . 14.73 42.99 -10.30
C4B CYC CA . 13.41 42.80 -9.81
CMB CYC CA . 15.87 45.21 -10.84
CAB CYC CA . 15.80 41.97 -10.61
CBB CYC CA . 16.16 41.09 -9.40
OB CYC CA . 12.95 41.53 -9.58
NC CYC CA . 10.40 53.38 -3.91
C1C CYC CA . 10.82 54.58 -3.62
C2C CYC CA . 12.24 54.91 -4.10
C3C CYC CA . 12.62 53.63 -4.70
C4C CYC CA . 11.39 52.76 -4.59
CMC CYC CA . 12.33 56.20 -4.93
CAC CYC CA . 13.82 52.92 -4.02
CBC CYC CA . 14.98 53.78 -3.79
OC CYC CA . 10.16 55.51 -2.98
CHD CYC CA . 11.30 51.46 -5.04
ND CYC CA . 10.42 49.86 -6.62
C1D CYC CA . 10.16 50.66 -5.53
C2D CYC CA . 8.81 50.51 -5.12
C3D CYC CA . 8.20 49.55 -6.04
C4D CYC CA . 9.26 49.19 -6.93
CMD CYC CA . 8.07 51.18 -3.98
CAD CYC CA . 6.80 49.03 -6.05
CBD CYC CA . 5.85 49.92 -6.67
CGD CYC CA . 4.43 49.69 -6.20
O1D CYC CA . 3.56 50.48 -6.44
O2D CYC CA . 4.08 48.64 -5.50
CHA CYC DA . 46.03 39.71 0.85
NA CYC DA . 43.77 38.89 1.25
C1A CYC DA . 45.10 38.76 1.02
C2A CYC DA . 45.48 37.36 0.95
C3A CYC DA . 44.25 36.70 1.18
C4A CYC DA . 43.17 37.69 1.37
CMA CYC DA . 44.26 35.20 1.20
CAA CYC DA . 46.83 36.77 0.72
CBA CYC DA . 47.78 36.85 1.83
CGA CYC DA . 47.00 36.74 3.10
O1A CYC DA . 46.93 35.58 3.54
O2A CYC DA . 46.49 37.74 3.65
CHB CYC DA . 41.72 37.56 1.61
NB CYC DA . 41.51 35.64 0.33
C1B CYC DA . 40.91 36.66 0.92
C2B CYC DA . 39.51 36.60 0.69
C3B CYC DA . 39.25 35.45 -0.10
C4B CYC DA . 40.57 34.96 -0.23
CMB CYC DA . 38.52 37.56 1.17
CAB CYC DA . 38.01 34.82 -0.68
CBB CYC DA . 37.74 33.47 0.02
OB CYC DA . 40.85 33.81 -0.90
NC CYC DA . 44.78 46.11 1.10
C1C CYC DA . 44.42 47.34 1.32
C2C CYC DA . 42.91 47.57 1.31
C3C CYC DA . 42.41 46.19 1.11
C4C CYC DA . 43.66 45.35 1.01
CMC CYC DA . 42.36 48.59 2.32
CAC CYC DA . 41.59 46.01 -0.20
CBC CYC DA . 40.40 46.85 -0.31
OC CYC DA . 45.22 48.37 1.48
CHD CYC DA . 43.75 44.00 0.75
ND CYC DA . 44.67 41.79 0.86
C1D CYC DA . 44.93 43.13 0.64
C2D CYC DA . 46.32 43.30 0.34
C3D CYC DA . 46.94 41.97 0.38
C4D CYC DA . 45.84 41.11 0.71
CMD CYC DA . 47.11 44.55 0.02
CAD CYC DA . 48.36 41.56 0.16
CBD CYC DA . 48.90 41.75 -1.15
CGD CYC DA . 48.07 41.17 -2.27
O1D CYC DA . 47.61 40.07 -2.19
O2D CYC DA . 47.82 41.83 -3.38
CHA CYC EA . -32.68 35.69 -39.69
NA CYC EA . -31.02 33.93 -40.01
C1A CYC EA . -31.45 35.16 -39.65
C2A CYC EA . -30.32 35.97 -39.17
C3A CYC EA . -29.21 35.09 -39.28
C4A CYC EA . -29.69 33.81 -39.81
CMA CYC EA . -27.82 35.49 -38.89
CAA CYC EA . -30.36 37.38 -38.67
CBA CYC EA . -29.93 38.39 -39.63
CGA CYC EA . -31.02 38.47 -40.65
O1A CYC EA . -30.81 37.80 -41.67
O2A CYC EA . -32.03 39.16 -40.45
CHB CYC EA . -28.96 32.57 -40.11
NB CYC EA . -27.03 33.49 -41.16
C1B CYC EA . -27.77 32.45 -40.81
C2B CYC EA . -27.17 31.23 -41.25
C3B CYC EA . -25.96 31.55 -41.91
C4B CYC EA . -26.00 32.97 -41.78
CMB CYC EA . -27.73 29.91 -41.03
CAB CYC EA . -24.96 30.63 -42.57
CBB CYC EA . -24.35 31.13 -43.90
OB CYC EA . -24.99 33.74 -42.28
NC CYC EA . -38.36 32.59 -41.46
C1C CYC EA . -39.30 31.70 -41.48
C2C CYC EA . -38.84 30.27 -41.72
C3C CYC EA . -37.37 30.42 -41.73
C4C CYC EA . -37.17 31.94 -41.62
CMC CYC EA . -39.67 29.16 -41.06
CAC CYC EA . -36.53 29.69 -42.84
CBC CYC EA . -36.55 28.23 -42.79
OC CYC EA . -40.61 31.92 -41.37
CHD CYC EA . -35.96 32.60 -41.63
ND CYC EA . -34.18 33.93 -40.69
C1D CYC EA . -35.51 33.89 -41.09
C2D CYC EA . -36.11 35.17 -40.89
C3D CYC EA . -35.08 36.03 -40.32
C4D CYC EA . -33.91 35.18 -40.22
CMD CYC EA . -37.52 35.63 -41.18
CAD CYC EA . -35.18 37.45 -39.90
CBD CYC EA . -35.49 37.61 -38.50
CGD CYC EA . -35.13 38.96 -37.94
O1D CYC EA . -35.32 39.20 -36.78
O2D CYC EA . -34.62 39.92 -38.65
CHA CYC FA . 18.74 31.12 -35.49
NA CYC FA . 16.61 30.86 -36.65
C1A CYC FA . 17.40 31.15 -35.58
C2A CYC FA . 16.59 31.54 -34.43
C3A CYC FA . 15.26 31.43 -34.94
C4A CYC FA . 15.31 31.01 -36.33
CMA CYC FA . 14.05 31.74 -34.11
CAA CYC FA . 17.11 31.94 -33.08
CBA CYC FA . 16.80 31.12 -31.93
CGA CYC FA . 17.20 29.71 -32.22
O1A CYC FA . 16.38 28.86 -31.81
O2A CYC FA . 18.27 29.44 -32.81
CHB CYC FA . 14.24 30.75 -37.31
NB CYC FA . 12.85 29.29 -36.02
C1B CYC FA . 13.17 29.87 -37.17
C2B CYC FA . 12.29 29.45 -38.20
C3B CYC FA . 11.36 28.55 -37.65
C4B CYC FA . 11.81 28.54 -36.30
CMB CYC FA . 12.35 29.89 -39.59
CAB CYC FA . 10.20 27.81 -38.26
CBB CYC FA . 8.97 28.74 -38.40
OB CYC FA . 11.14 27.78 -35.41
NC CYC FA . 22.70 32.00 -40.75
C1C CYC FA . 23.28 32.31 -41.87
C2C CYC FA . 22.42 32.16 -43.12
C3C CYC FA . 21.16 31.69 -42.53
C4C CYC FA . 21.43 31.65 -41.03
CMC CYC FA . 22.46 33.37 -44.07
CAC CYC FA . 20.67 30.33 -43.11
CBC CYC FA . 20.46 30.32 -44.54
OC CYC FA . 24.53 32.71 -42.00
CHD CYC FA . 20.57 31.25 -40.04
ND CYC FA . 19.47 31.15 -37.89
C1D CYC FA . 20.65 31.35 -38.56
C2D CYC FA . 21.68 31.61 -37.60
C3D CYC FA . 21.07 31.57 -36.29
C4D CYC FA . 19.69 31.26 -36.54
CMD CYC FA . 23.15 31.90 -37.79
CAD CYC FA . 21.75 31.75 -34.97
CBD CYC FA . 21.63 33.02 -34.29
CGD CYC FA . 22.39 33.01 -32.99
O1D CYC FA . 23.28 33.80 -32.79
O2D CYC FA . 22.15 32.18 -32.01
CHA CYC GA . 3.60 9.25 -62.61
NA CYC GA . 3.71 9.44 -60.17
C1A CYC GA . 3.14 9.10 -61.35
C2A CYC GA . 1.82 8.53 -61.11
C3A CYC GA . 1.70 8.55 -59.70
C4A CYC GA . 2.91 9.13 -59.12
CMA CYC GA . 0.46 8.03 -59.02
CAA CYC GA . 0.85 8.01 -62.15
CBA CYC GA . 1.22 6.73 -62.77
CGA CYC GA . 1.86 5.93 -61.68
O1A CYC GA . 3.11 5.93 -61.68
O2A CYC GA . 1.16 5.33 -60.84
CHB CYC GA . 3.32 9.40 -57.73
NB CYC GA . 2.23 9.89 -55.66
C1B CYC GA . 2.66 9.02 -56.57
C2B CYC GA . 2.32 7.69 -56.19
C3B CYC GA . 1.65 7.76 -54.95
C4B CYC GA . 1.65 9.16 -54.74
CMB CYC GA . 2.63 6.48 -56.94
CAB CYC GA . 1.05 6.67 -54.10
CBB CYC GA . -0.37 6.32 -54.60
OB CYC GA . 1.07 9.65 -53.62
NC CYC GA . 8.34 12.51 -65.37
C1C CYC GA . 8.92 13.32 -66.19
C2C CYC GA . 8.85 14.81 -65.80
C3C CYC GA . 8.06 14.77 -64.55
C4C CYC GA . 7.85 13.27 -64.34
CMC CYC GA . 10.25 15.43 -65.79
CAC CYC GA . 6.82 15.78 -64.37
CBC CYC GA . 7.30 16.91 -63.56
OC CYC GA . 9.56 12.99 -67.30
CHD CYC GA . 7.12 12.66 -63.34
ND CYC GA . 5.50 10.92 -62.73
C1D CYC GA . 5.92 11.87 -63.66
C2D CYC GA . 5.03 11.85 -64.78
C3D CYC GA . 4.02 10.84 -64.51
C4D CYC GA . 4.38 10.30 -63.23
CMD CYC GA . 5.03 12.70 -66.05
CAD CYC GA . 2.88 10.46 -65.39
CBD CYC GA . 1.82 11.41 -65.28
CGD CYC GA . 1.35 11.49 -63.86
O1D CYC GA . 0.50 10.73 -63.48
O2D CYC GA . 1.83 12.32 -62.98
CHA CYC HA . 13.43 30.06 23.28
NA CYC HA . 14.88 29.78 21.35
C1A CYC HA . 13.75 29.57 22.08
C2A CYC HA . 12.83 28.69 21.38
C3A CYC HA . 13.53 28.41 20.17
C4A CYC HA . 14.82 29.10 20.19
CMA CYC HA . 12.96 27.51 19.11
CAA CYC HA . 11.47 28.22 21.83
CBA CYC HA . 11.41 26.85 22.32
CGA CYC HA . 12.15 26.82 23.62
O1A CYC HA . 13.35 26.52 23.52
O2A CYC HA . 11.57 27.08 24.69
CHB CYC HA . 15.90 29.15 19.21
NB CYC HA . 16.00 26.83 18.63
C1B CYC HA . 16.47 28.07 18.55
C2B CYC HA . 17.63 28.11 17.73
C3B CYC HA . 17.89 26.81 17.26
C4B CYC HA . 16.81 26.11 17.88
CMB CYC HA . 18.39 29.31 17.45
CAB CYC HA . 18.99 26.32 16.36
CBB CYC HA . 19.76 25.07 16.85
OB CYC HA . 16.64 24.78 17.69
NC CYC HA . 16.46 34.85 26.41
C1C CYC HA . 16.92 35.97 26.85
C2C CYC HA . 18.11 36.52 26.06
C3C CYC HA . 18.27 35.50 25.02
C4C CYC HA . 17.16 34.49 25.32
CMC CYC HA . 18.04 38.03 25.77
CAC CYC HA . 19.73 34.91 24.93
CBC CYC HA . 20.71 35.91 24.52
OC CYC HA . 16.47 36.63 27.89
CHD CYC HA . 16.83 33.31 24.71
ND CYC HA . 15.29 31.68 23.78
C1D CYC HA . 15.61 32.48 24.87
C2D CYC HA . 14.63 32.28 25.89
C3D CYC HA . 13.67 31.31 25.39
C4D CYC HA . 14.14 31.00 24.08
CMD CYC HA . 14.45 32.86 27.29
CAD CYC HA . 12.47 30.78 26.08
CBD CYC HA . 11.30 31.58 25.83
CGD CYC HA . 10.00 30.93 26.24
O1D CYC HA . 8.95 31.39 25.88
O2D CYC HA . 9.93 29.88 27.00
CHA CYC IA . 16.00 2.44 -19.51
NA CYC IA . 17.05 3.31 -17.53
C1A CYC IA . 16.01 3.18 -18.39
C2A CYC IA . 14.85 3.96 -17.92
C3A CYC IA . 15.35 4.53 -16.72
C4A CYC IA . 16.73 4.12 -16.50
CMA CYC IA . 14.48 5.43 -15.88
CAA CYC IA . 13.46 4.15 -18.46
CBA CYC IA . 13.07 3.85 -19.85
CGA CYC IA . 13.65 4.92 -20.72
O1A CYC IA . 12.84 5.78 -21.08
O2A CYC IA . 14.85 4.91 -21.04
CHB CYC IA . 17.71 4.40 -15.44
NB CYC IA . 17.19 6.64 -14.82
C1B CYC IA . 18.00 5.59 -14.81
C2B CYC IA . 19.18 5.88 -14.06
C3B CYC IA . 19.08 7.20 -13.58
C4B CYC IA . 17.82 7.56 -14.11
CMB CYC IA . 20.29 4.97 -13.85
CAB CYC IA . 20.04 8.01 -12.76
CBB CYC IA . 20.39 9.35 -13.44
OB CYC IA . 17.32 8.81 -13.87
NC CYC IA . 20.01 -2.72 -20.88
C1C CYC IA . 20.91 -3.64 -21.03
C2C CYC IA . 22.16 -3.52 -20.14
C3C CYC IA . 21.83 -2.28 -19.43
C4C CYC IA . 20.47 -1.84 -19.96
CMC CYC IA . 22.51 -4.79 -19.37
CAC CYC IA . 22.98 -1.22 -19.50
CBC CYC IA . 24.16 -1.67 -18.77
OC CYC IA . 20.84 -4.67 -21.84
CHD CYC IA . 19.75 -0.74 -19.56
ND CYC IA . 17.99 0.89 -19.31
C1D CYC IA . 18.54 -0.08 -20.11
C2D CYC IA . 17.77 -0.20 -21.30
C3D CYC IA . 16.69 0.76 -21.22
C4D CYC IA . 16.89 1.40 -19.95
CMD CYC IA . 17.96 -1.11 -22.49
CAD CYC IA . 15.61 1.03 -22.21
CBD CYC IA . 14.39 0.29 -22.08
CGD CYC IA . 13.24 0.92 -22.81
O1D CYC IA . 12.47 0.27 -23.45
O2D CYC IA . 13.01 2.21 -22.78
CHA CYC JA . 49.73 16.13 -5.89
NA CYC JA . 47.77 17.06 -7.03
C1A CYC JA . 49.08 17.03 -6.68
C2A CYC JA . 49.78 18.15 -7.31
C3A CYC JA . 48.75 18.81 -8.03
C4A CYC JA . 47.49 18.11 -7.84
CMA CYC JA . 49.01 20.04 -8.84
CAA CYC JA . 51.23 18.53 -7.21
CBA CYC JA . 52.18 17.61 -7.85
CGA CYC JA . 51.40 16.91 -8.92
O1A CYC JA . 51.14 15.73 -8.67
O2A CYC JA . 51.07 17.51 -9.95
CHB CYC JA . 46.15 18.36 -8.35
NB CYC JA . 45.95 20.68 -7.91
C1B CYC JA . 45.46 19.55 -8.39
C2B CYC JA . 44.16 19.74 -8.95
C3B CYC JA . 43.83 21.10 -8.79
C4B CYC JA . 45.00 21.57 -8.14
CMB CYC JA . 43.36 18.71 -9.57
CAB CYC JA . 42.58 21.86 -9.19
CBB CYC JA . 42.48 22.06 -10.72
OB CYC JA . 45.13 22.87 -7.80
NC CYC JA . 51.05 9.73 -7.41
C1C CYC JA . 51.01 8.44 -7.65
C2C CYC JA . 49.74 7.95 -8.35
C3C CYC JA . 48.94 9.18 -8.43
C4C CYC JA . 49.88 10.25 -7.86
CMC CYC JA . 50.01 7.17 -9.64
CAC CYC JA . 47.46 9.03 -7.81
CBC CYC JA . 46.52 9.17 -8.93
OC CYC JA . 51.96 7.56 -7.38
CHD CYC JA . 49.62 11.60 -7.75
ND CYC JA . 49.63 13.90 -7.04
C1D CYC JA . 49.79 12.59 -6.68
C2D CYC JA . 50.11 12.50 -5.30
C3D CYC JA . 50.13 13.87 -4.79
C4D CYC JA . 49.82 14.70 -5.94
CMD CYC JA . 50.38 11.28 -4.46
CAD CYC JA . 50.40 14.31 -3.38
CBD CYC JA . 51.70 14.91 -3.16
CGD CYC JA . 51.70 16.40 -3.39
O1D CYC JA . 50.82 17.08 -2.93
O2D CYC JA . 52.60 17.02 -4.09
CHA CYC KA . 28.19 -2.61 -34.69
NA CYC KA . 25.89 -2.14 -35.25
C1A CYC KA . 26.93 -2.27 -34.41
C2A CYC KA . 26.53 -2.00 -33.04
C3A CYC KA . 25.16 -1.69 -33.17
C4A CYC KA . 24.79 -1.78 -34.57
CMA CYC KA . 24.28 -1.33 -31.99
CAA CYC KA . 27.42 -2.04 -31.82
CBA CYC KA . 27.16 -3.07 -30.83
CGA CYC KA . 27.01 -4.36 -31.60
O1A CYC KA . 25.83 -4.70 -31.77
O2A CYC KA . 28.01 -4.98 -32.01
CHB CYC KA . 23.54 -1.57 -35.30
NB CYC KA . 21.95 -2.57 -33.81
C1B CYC KA . 22.27 -1.98 -34.96
C2B CYC KA . 21.14 -1.82 -35.79
C3B CYC KA . 20.03 -2.35 -35.12
C4B CYC KA . 20.65 -2.77 -33.90
CMB CYC KA . 21.19 -1.21 -37.11
CAB CYC KA . 18.59 -2.44 -35.54
CBB CYC KA . 18.10 -3.89 -35.71
OB CYC KA . 19.92 -3.35 -32.93
NC CYC KA . 31.69 -2.32 -40.34
C1C CYC KA . 32.26 -2.04 -41.47
C2C CYC KA . 31.33 -1.64 -42.61
C3C CYC KA . 30.02 -1.68 -41.92
C4C CYC KA . 30.35 -2.16 -40.50
CMC CYC KA . 31.79 -0.43 -43.43
CAC CYC KA . 28.81 -2.29 -42.71
CBC CYC KA . 28.11 -1.18 -43.39
OC CYC KA . 33.56 -2.10 -41.72
CHD CYC KA . 29.47 -2.36 -39.46
ND CYC KA . 28.62 -2.35 -37.18
C1D CYC KA . 29.65 -2.72 -38.03
C2D CYC KA . 30.66 -3.38 -37.28
C3D CYC KA . 30.21 -3.42 -35.89
C4D CYC KA . 28.93 -2.75 -35.91
CMD CYC KA . 31.98 -3.98 -37.73
CAD CYC KA . 30.91 -3.99 -34.70
CBD CYC KA . 31.27 -2.99 -33.74
CGD CYC KA . 32.55 -3.21 -32.97
O1D CYC KA . 33.01 -2.33 -32.30
O2D CYC KA . 33.20 -4.34 -32.99
CHA CYC LA . -18.66 6.90 -12.94
NA CYC LA . -17.13 5.77 -14.42
C1A CYC LA . -17.44 6.58 -13.39
C2A CYC LA . -16.26 7.09 -12.74
C3A CYC LA . -15.21 6.51 -13.50
C4A CYC LA . -15.80 5.68 -14.56
CMA CYC LA . -13.76 6.75 -13.22
CAA CYC LA . -16.24 8.01 -11.53
CBA CYC LA . -15.74 9.37 -11.66
CGA CYC LA . -16.74 10.20 -12.42
O1A CYC LA . -16.22 11.12 -13.06
O2A CYC LA . -17.96 9.96 -12.38
CHB CYC LA . -15.22 4.86 -15.63
NB CYC LA . -13.45 6.24 -16.35
C1B CYC LA . -14.28 5.23 -16.56
C2B CYC LA . -14.04 4.64 -17.84
C3B CYC LA . -13.00 5.34 -18.45
C4B CYC LA . -12.72 6.29 -17.44
CMB CYC LA . -14.77 3.50 -18.41
CAB CYC LA . -12.33 5.16 -19.79
CBB CYC LA . -11.36 3.97 -19.77
OB CYC LA . -11.72 7.21 -17.63
NC CYC LA . -23.74 2.87 -13.74
C1C CYC LA . -24.73 2.08 -13.98
C2C CYC LA . -24.56 1.18 -15.21
C3C CYC LA . -23.28 1.66 -15.72
C4C CYC LA . -22.81 2.68 -14.69
CMC CYC LA . -24.73 -0.31 -14.88
CAC CYC LA . -23.47 2.23 -17.16
CBC CYC LA . -24.19 1.35 -18.06
OC CYC LA . -25.81 1.97 -13.25
CHD CYC LA . -21.66 3.44 -14.65
ND CYC LA . -20.03 5.06 -13.97
C1D CYC LA . -21.29 4.55 -13.75
C2D CYC LA . -21.90 5.27 -12.67
C3D CYC LA . -20.95 6.28 -12.23
C4D CYC LA . -19.82 6.09 -13.08
CMD CYC LA . -23.25 5.16 -12.00
CAD CYC LA . -21.11 7.27 -11.13
CBD CYC LA . -20.58 6.79 -9.88
CGD CYC LA . -20.64 7.78 -8.72
O1D CYC LA . -20.58 7.40 -7.59
O2D CYC LA . -20.74 9.07 -8.89
CHA CYC MA . -19.81 -3.04 -51.19
NA CYC MA . -19.39 -0.82 -50.23
C1A CYC MA . -19.28 -1.80 -51.18
C2A CYC MA . -18.45 -1.33 -52.29
C3A CYC MA . -18.09 -0.02 -51.90
C4A CYC MA . -18.69 0.29 -50.61
CMA CYC MA . -17.22 0.87 -52.75
CAA CYC MA . -18.07 -2.09 -53.53
CBA CYC MA . -19.11 -2.39 -54.52
CGA CYC MA . -19.87 -1.13 -54.81
O1A CYC MA . -21.02 -1.12 -54.38
O2A CYC MA . -19.34 -0.20 -55.46
CHB CYC MA . -18.64 1.51 -49.78
NB CYC MA . -16.28 1.64 -49.71
C1B CYC MA . -17.46 1.96 -49.20
C2B CYC MA . -17.32 2.76 -48.02
C3B CYC MA . -15.94 2.95 -47.81
C4B CYC MA . -15.42 2.21 -48.92
CMB CYC MA . -18.42 3.27 -47.22
CAB CYC MA . -15.18 3.71 -46.75
CBB CYC MA . -15.13 5.22 -47.04
OB CYC MA . -14.08 2.14 -49.12
NC CYC MA . -22.37 -7.29 -46.95
C1C CYC MA . -23.35 -7.74 -46.20
C2C CYC MA . -23.78 -6.81 -45.04
C3C CYC MA . -22.79 -5.75 -45.22
C4C CYC MA . -22.02 -6.07 -46.46
CMC CYC MA . -25.28 -6.49 -45.05
CAC CYC MA . -21.66 -5.68 -44.17
CBC CYC MA . -21.64 -4.24 -43.71
OC CYC MA . -23.98 -8.88 -46.35
CHD CYC MA . -21.00 -5.30 -46.98
ND CYC MA . -20.49 -3.92 -48.91
C1D CYC MA . -20.53 -5.19 -48.36
C2D CYC MA . -20.10 -6.16 -49.32
C3D CYC MA . -19.76 -5.41 -50.53
C4D CYC MA . -20.03 -4.04 -50.21
CMD CYC MA . -19.98 -7.66 -49.16
CAD CYC MA . -19.27 -5.94 -51.83
CBD CYC MA . -17.93 -6.45 -51.81
CGD CYC MA . -16.96 -5.55 -51.09
O1D CYC MA . -16.46 -4.61 -51.63
O2D CYC MA . -16.61 -5.74 -49.84
CHA CYC NA . 10.00 53.95 11.99
NA CYC NA . 7.93 52.87 11.34
C1A CYC NA . 9.15 53.41 11.10
C2A CYC NA . 9.48 53.36 9.70
C3A CYC NA . 8.34 52.73 9.13
C4A CYC NA . 7.38 52.44 10.18
CMA CYC NA . 8.25 52.45 7.65
CAA CYC NA . 10.74 53.85 9.04
CBA CYC NA . 10.63 55.15 8.40
CGA CYC NA . 10.42 56.20 9.47
O1A CYC NA . 9.25 56.55 9.62
O2A CYC NA . 11.39 56.65 10.11
CHB CYC NA . 6.06 51.82 10.14
NB CYC NA . 5.30 52.98 8.21
C1B CYC NA . 5.06 52.19 9.24
C2B CYC NA . 3.70 51.80 9.27
C3B CYC NA . 3.04 52.40 8.18
C4B CYC NA . 4.15 53.10 7.60
CMB CYC NA . 3.11 50.95 10.27
CAB CYC NA . 1.59 52.31 7.77
CBB CYC NA . 0.98 53.54 7.08
OB CYC NA . 4.01 53.83 6.47
NC CYC NA . 9.19 53.74 18.46
C1C CYC NA . 9.05 53.38 19.69
C2C CYC NA . 7.71 52.70 20.02
C3C CYC NA . 7.08 52.66 18.69
C4C CYC NA . 8.09 53.32 17.77
CMC CYC NA . 7.73 51.53 21.01
CAC CYC NA . 5.76 53.47 18.62
CBC CYC NA . 4.78 53.27 19.66
OC CYC NA . 9.91 53.62 20.65
CHD CYC NA . 7.99 53.60 16.42
ND CYC NA . 8.79 53.64 14.16
C1D CYC NA . 9.01 54.03 15.46
C2D CYC NA . 10.23 54.79 15.52
C3D CYC NA . 10.76 54.84 14.17
C4D CYC NA . 9.81 54.10 13.39
CMD CYC NA . 10.93 55.45 16.68
CAD CYC NA . 12.01 55.48 13.67
CBD CYC NA . 13.09 54.55 13.60
CGD CYC NA . 14.22 54.98 12.69
O1D CYC NA . 15.21 54.30 12.59
O2D CYC NA . 14.20 56.08 11.99
CHA CYC OA . -13.96 38.10 -31.50
NA CYC OA . -13.99 39.35 -29.42
C1A CYC OA . -13.41 38.59 -30.38
C2A CYC OA . -11.99 38.38 -30.10
C3A CYC OA . -11.83 39.08 -28.86
C4A CYC OA . -13.09 39.66 -28.47
CMA CYC OA . -10.52 39.14 -28.14
CAA CYC OA . -11.02 37.60 -30.94
CBA CYC OA . -10.85 36.20 -30.55
CGA CYC OA . -12.16 35.48 -30.76
O1A CYC OA . -12.92 35.49 -29.78
O2A CYC OA . -12.42 34.93 -31.84
CHB CYC OA . -13.45 40.47 -27.30
NB CYC OA . -12.64 38.85 -25.79
C1B CYC OA . -13.26 40.01 -26.01
C2B CYC OA . -13.65 40.61 -24.77
C3B CYC OA . -13.23 39.77 -23.73
C4B CYC OA . -12.63 38.73 -24.48
CMB CYC OA . -14.35 41.87 -24.61
CAB CYC OA . -13.39 39.91 -22.24
CBB CYC OA . -13.91 38.63 -21.56
OB CYC OA . -12.06 37.65 -23.86
NC CYC OA . -18.60 41.60 -34.37
C1C CYC OA . -19.44 42.41 -34.92
C2C CYC OA . -19.98 43.50 -33.99
C3C CYC OA . -19.38 43.11 -32.72
C4C CYC OA . -18.46 41.95 -33.07
CMC CYC OA . -19.66 44.88 -34.54
CAC CYC OA . -20.56 42.74 -31.75
CBC CYC OA . -21.60 43.77 -31.70
OC CYC OA . -19.81 42.39 -36.17
CHD CYC OA . -17.61 41.19 -32.30
ND CYC OA . -15.80 39.74 -31.73
C1D CYC OA . -16.69 40.12 -32.72
C2D CYC OA . -16.43 39.31 -33.88
C3D CYC OA . -15.33 38.42 -33.57
C4D CYC OA . -15.00 38.74 -32.22
CMD CYC OA . -17.07 39.27 -35.25
CAD CYC OA . -14.71 37.40 -34.46
CBD CYC OA . -13.59 37.93 -35.19
CGD CYC OA . -12.92 36.93 -36.09
O1D CYC OA . -13.16 36.90 -37.26
O2D CYC OA . -12.05 36.05 -35.67
CHA CYC PA . -37.47 48.13 -2.09
NA CYC PA . -36.58 45.97 -2.85
C1A CYC PA . -37.09 46.85 -1.95
C2A CYC PA . -37.21 46.21 -0.64
C3A CYC PA . -36.73 44.90 -0.88
C4A CYC PA . -36.34 44.76 -2.28
CMA CYC PA . -36.68 43.89 0.23
CAA CYC PA . -37.73 46.84 0.63
CBA CYC PA . -39.17 47.03 0.71
CGA CYC PA . -39.76 45.94 -0.11
O1A CYC PA . -40.15 46.28 -1.23
O2A CYC PA . -39.83 44.77 0.34
CHB CYC PA . -35.77 43.64 -3.05
NB CYC PA . -34.41 42.71 -1.36
C1B CYC PA . -34.68 42.88 -2.66
C2B CYC PA . -33.69 42.20 -3.46
C3B CYC PA . -32.77 41.59 -2.57
C4B CYC PA . -33.33 41.97 -1.33
CMB CYC PA . -33.65 42.16 -4.91
CAB CYC PA . -31.55 40.75 -2.80
CBB CYC PA . -31.77 39.32 -2.26
OB CYC PA . -32.74 41.57 -0.16
NC CYC PA . -39.08 51.07 -7.37
C1C CYC PA . -39.43 51.76 -8.42
C2C CYC PA . -38.77 51.30 -9.73
C3C CYC PA . -37.94 50.18 -9.26
C4C CYC PA . -38.23 50.11 -7.77
CMC CYC PA . -39.74 51.15 -10.92
CAC CYC PA . -36.41 50.13 -9.57
CBC CYC PA . -36.08 48.74 -9.97
OC CYC PA . -40.26 52.78 -8.42
CHD CYC PA . -37.70 49.28 -6.81
ND CYC PA . -37.58 48.50 -4.53
C1D CYC PA . -37.64 49.59 -5.37
C2D CYC PA . -37.67 50.79 -4.59
C3D CYC PA . -37.59 50.41 -3.19
C4D CYC PA . -37.55 48.95 -3.25
CMD CYC PA . -37.74 52.25 -4.98
CAD CYC PA . -37.63 51.37 -2.04
CBD CYC PA . -36.80 51.16 -0.89
CGD CYC PA . -35.36 51.55 -1.07
O1D CYC PA . -35.06 52.35 -1.92
O2D CYC PA . -34.39 51.07 -0.34
CHA CYC QA . -37.85 9.00 -18.04
NA CYC QA . -36.86 10.78 -16.71
C1A CYC QA . -36.84 9.61 -17.40
C2A CYC QA . -35.51 9.02 -17.38
C3A CYC QA . -34.76 9.96 -16.61
C4A CYC QA . -35.64 11.06 -16.20
CMA CYC QA . -33.30 9.76 -16.32
CAA CYC QA . -35.08 7.74 -18.01
CBA CYC QA . -34.84 6.61 -17.13
CGA CYC QA . -36.20 6.12 -16.71
O1A CYC QA . -36.55 6.54 -15.61
O2A CYC QA . -36.86 5.38 -17.45
CHB CYC QA . -35.40 12.26 -15.42
NB CYC QA . -34.06 11.28 -13.71
C1B CYC QA . -34.70 12.33 -14.21
C2B CYC QA . -34.56 13.46 -13.36
C3B CYC QA . -33.77 13.07 -12.26
C4B CYC QA . -33.53 11.72 -12.59
CMB CYC QA . -35.13 14.77 -13.62
CAB CYC QA . -33.32 13.88 -11.06
CBB CYC QA . -33.53 13.17 -9.71
OB CYC QA . -32.78 10.94 -11.77
NC CYC QA . -43.67 12.00 -19.12
C1C CYC QA . -44.59 12.84 -19.47
C2C CYC QA . -44.47 14.23 -18.82
C3C CYC QA . -43.25 14.06 -18.02
C4C CYC QA . -42.80 12.63 -18.29
CMC CYC QA . -44.72 15.41 -19.76
CAC CYC QA . -43.42 14.44 -16.53
CBC CYC QA . -43.68 15.86 -16.35
OC CYC QA . -45.60 12.62 -20.28
CHD CYC QA . -41.73 11.96 -17.76
ND CYC QA . -39.71 10.66 -17.78
C1D CYC QA . -41.03 10.74 -18.18
C2D CYC QA . -41.36 9.57 -18.93
C3D CYC QA . -40.16 8.75 -18.96
C4D CYC QA . -39.17 9.48 -18.23
CMD CYC QA . -42.65 9.16 -19.60
CAD CYC QA . -39.97 7.43 -19.63
CBD CYC QA . -39.47 7.66 -20.96
CGD CYC QA . -38.88 6.44 -21.63
O1D CYC QA . -38.49 6.49 -22.76
O2D CYC QA . -38.77 5.28 -21.03
CHA CYC RA . 6.35 18.24 8.02
NA CYC RA . 3.91 18.23 8.20
C1A CYC RA . 5.10 18.10 7.55
C2A CYC RA . 4.85 17.75 6.15
C3A CYC RA . 3.44 17.70 6.07
C4A CYC RA . 2.87 18.01 7.38
CMA CYC RA . 2.71 17.37 4.79
CAA CYC RA . 5.88 17.52 5.09
CBA CYC RA . 6.02 18.57 4.10
CGA CYC RA . 6.28 19.85 4.84
O1A CYC RA . 5.33 20.63 4.84
O2A CYC RA . 7.38 20.06 5.38
CHB CYC RA . 1.47 18.08 7.85
NB CYC RA . 0.66 19.37 6.03
C1B CYC RA . 0.44 18.72 7.17
C2B CYC RA . -0.93 18.79 7.52
C3B CYC RA . -1.61 19.52 6.53
C4B CYC RA . -0.52 19.82 5.68
CMB CYC RA . -1.53 18.18 8.70
CAB CYC RA . -3.07 19.89 6.43
CBB CYC RA . -3.33 21.27 5.79
OB CYC RA . -0.71 20.55 4.54
NC CYC RA . 7.61 18.22 14.60
C1C CYC RA . 7.57 17.87 15.86
C2C CYC RA . 6.18 17.63 16.44
C3C CYC RA . 5.35 17.94 15.29
C4C CYC RA . 6.33 18.26 14.16
CMC CYC RA . 6.05 16.28 17.13
CAC CYC RA . 4.34 19.10 15.60
CBC CYC RA . 3.43 18.82 16.70
OC CYC RA . 8.61 17.71 16.65
CHD CYC RA . 6.03 18.61 12.87
ND CYC RA . 5.97 18.43 10.47
C1D CYC RA . 6.76 18.49 11.60
C2D CYC RA . 8.13 18.43 11.21
C3D CYC RA . 8.16 18.31 9.76
C4D CYC RA . 6.78 18.32 9.38
CMD CYC RA . 9.38 18.45 12.06
CAD CYC RA . 9.37 18.21 8.88
CBD CYC RA . 9.96 16.91 8.78
CGD CYC RA . 11.20 16.84 7.91
O1D CYC RA . 12.02 15.98 8.06
O2D CYC RA . 11.47 17.70 6.96
CHA CYC SA . -25.70 36.91 22.14
NA CYC SA . -24.09 37.34 20.35
C1A CYC SA . -25.29 37.45 20.98
C2A CYC SA . -26.20 38.28 20.17
C3A CYC SA . -25.40 38.63 19.04
C4A CYC SA . -24.07 38.02 19.19
CMA CYC SA . -25.93 39.49 17.94
CAA CYC SA . -27.63 38.66 20.47
CBA CYC SA . -27.92 39.51 21.63
CGA CYC SA . -26.91 40.61 21.71
O1A CYC SA . -26.13 40.51 22.66
O2A CYC SA . -26.90 41.52 20.87
CHB CYC SA . -22.85 38.05 18.35
NB CYC SA . -23.74 38.13 16.13
C1B CYC SA . -22.71 37.98 16.97
C2B CYC SA . -21.50 37.78 16.24
C3B CYC SA . -21.80 37.79 14.85
C4B CYC SA . -23.20 38.02 14.93
CMB CYC SA . -20.18 37.57 16.82
CAB CYC SA . -20.93 37.62 13.65
CBB CYC SA . -20.11 38.89 13.34
OB CYC SA . -23.93 38.13 13.79
NC CYC SA . -22.85 32.71 26.23
C1C CYC SA . -22.07 32.19 27.13
C2C CYC SA . -20.58 32.08 26.73
C3C CYC SA . -20.64 32.61 25.37
C4C CYC SA . -22.09 33.03 25.17
CMC CYC SA . -19.62 32.71 27.74
CAC CYC SA . -20.17 31.71 24.20
CBC CYC SA . -19.29 32.55 23.34
OC CYC SA . -22.42 31.75 28.33
CHD CYC SA . -22.61 33.59 24.01
ND CYC SA . -23.92 35.34 22.99
C1D CYC SA . -23.93 34.19 23.75
C2D CYC SA . -25.26 33.86 24.10
C3D CYC SA . -26.12 34.88 23.52
C4D CYC SA . -25.22 35.77 22.84
CMD CYC SA . -25.77 32.69 24.93
CAD CYC SA . -27.61 34.99 23.62
CBD CYC SA . -28.30 34.12 22.73
CGD CYC SA . -27.67 34.11 21.36
O1D CYC SA . -28.01 34.90 20.52
O2D CYC SA . -26.73 33.27 21.02
CHA CYC TA . -41.65 -10.46 10.37
NA CYC TA . -40.25 -12.06 9.17
C1A CYC TA . -40.50 -10.91 9.84
C2A CYC TA . -39.28 -10.14 9.96
C3A CYC TA . -38.31 -10.93 9.29
C4A CYC TA . -38.96 -12.14 8.80
CMA CYC TA . -36.88 -10.50 9.17
CAA CYC TA . -39.10 -8.81 10.63
CBA CYC TA . -39.14 -7.65 9.74
CGA CYC TA . -40.55 -7.52 9.24
O1A CYC TA . -40.69 -7.77 8.03
O2A CYC TA . -41.47 -7.19 10.01
CHB CYC TA . -38.46 -13.31 8.06
NB CYC TA . -37.02 -12.14 6.58
C1B CYC TA . -37.63 -13.25 6.95
C2B CYC TA . -37.30 -14.32 6.07
C3B CYC TA . -36.43 -13.82 5.09
C4B CYC TA . -36.33 -12.47 5.52
CMB CYC TA . -37.81 -15.68 6.18
CAB CYC TA . -35.78 -14.51 3.92
CBB CYC TA . -35.96 -13.67 2.63
OB CYC TA . -35.54 -11.57 4.86
NC CYC TA . -47.46 -13.65 10.55
C1C CYC TA . -48.39 -14.53 10.74
C2C CYC TA . -48.14 -15.89 10.08
C3C CYC TA . -46.82 -15.68 9.46
C4C CYC TA . -46.47 -14.24 9.82
CMC CYC TA . -48.47 -17.09 10.98
CAC CYC TA . -46.73 -16.06 7.96
CBC CYC TA . -46.79 -17.51 7.72
OC CYC TA . -49.51 -14.36 11.42
CHD CYC TA . -45.34 -13.53 9.44
ND CYC TA . -43.38 -12.20 9.79
C1D CYC TA . -44.75 -12.29 9.94
C2D CYC TA . -45.24 -11.10 10.57
C3D CYC TA . -44.09 -10.25 10.80
C4D CYC TA . -42.97 -11.00 10.30
CMD CYC TA . -46.64 -10.69 10.95
CAD CYC TA . -44.04 -8.91 11.45
CBD CYC TA . -43.79 -9.12 12.85
CGD CYC TA . -43.34 -7.92 13.65
O1D CYC TA . -43.36 -7.98 14.84
O2D CYC TA . -42.94 -6.81 13.12
CHA CYC UA . 6.86 -18.23 -6.19
NA CYC UA . 4.47 -18.08 -6.66
C1A CYC UA . 5.58 -17.98 -5.88
C2A CYC UA . 5.24 -17.52 -4.56
C3A CYC UA . 3.83 -17.36 -4.65
C4A CYC UA . 3.37 -17.73 -5.98
CMA CYC UA . 3.00 -16.87 -3.50
CAA CYC UA . 6.21 -17.27 -3.44
CBA CYC UA . 6.23 -18.20 -2.32
CGA CYC UA . 6.43 -19.59 -2.84
O1A CYC UA . 5.71 -20.42 -2.30
O2A CYC UA . 7.26 -19.87 -3.73
CHB CYC UA . 2.03 -17.74 -6.59
NB CYC UA . 0.96 -19.10 -4.97
C1B CYC UA . 0.92 -18.42 -6.12
C2B CYC UA . -0.36 -18.52 -6.73
C3B CYC UA . -1.18 -19.31 -5.91
C4B CYC UA . -0.26 -19.60 -4.86
CMB CYC UA . -0.76 -17.91 -7.99
CAB CYC UA . -2.61 -19.72 -6.10
CBB CYC UA . -2.92 -21.17 -5.66
OB CYC UA . -0.64 -20.38 -3.80
NC CYC UA . 9.08 -17.22 -12.13
C1C CYC UA . 9.50 -16.83 -13.28
C2C CYC UA . 8.41 -16.53 -14.31
C3C CYC UA . 7.21 -16.89 -13.54
C4C CYC UA . 7.74 -17.26 -12.16
CMC CYC UA . 8.56 -15.14 -14.92
CAC CYC UA . 6.42 -18.04 -14.23
CBC CYC UA . 6.25 -17.87 -15.67
OC CYC UA . 10.77 -16.66 -13.59
CHD CYC UA . 7.12 -17.68 -11.01
ND CYC UA . 6.79 -17.95 -8.65
C1D CYC UA . 7.72 -17.80 -9.65
C2D CYC UA . 9.04 -17.82 -9.07
C3D CYC UA . 8.86 -17.98 -7.63
C4D CYC UA . 7.45 -18.06 -7.47
CMD CYC UA . 10.44 -17.71 -9.62
CAD CYC UA . 9.93 -18.06 -6.59
CBD CYC UA . 10.38 -16.77 -6.14
CGD CYC UA . 11.53 -16.79 -5.16
O1D CYC UA . 12.19 -15.80 -4.99
O2D CYC UA . 11.87 -17.83 -4.46
CHA CYC VA . -21.39 -35.87 -27.62
NA CYC VA . -20.14 -36.44 -25.59
C1A CYC VA . -21.12 -36.62 -26.53
C2A CYC VA . -21.92 -37.80 -26.22
C3A CYC VA . -21.33 -38.27 -25.02
C4A CYC VA . -20.21 -37.41 -24.64
CMA CYC VA . -21.83 -39.51 -24.32
CAA CYC VA . -23.09 -38.35 -26.99
CBA CYC VA . -22.89 -38.93 -28.31
CGA CYC VA . -21.88 -40.04 -28.20
O1A CYC VA . -22.38 -41.16 -28.03
O2A CYC VA . -20.66 -39.79 -28.28
CHB CYC VA . -19.26 -37.45 -23.51
NB CYC VA . -20.78 -37.94 -21.75
C1B CYC VA . -19.58 -37.52 -22.16
C2B CYC VA . -18.76 -37.20 -21.03
C3B CYC VA . -19.51 -37.43 -19.86
C4B CYC VA . -20.73 -37.89 -20.43
CMB CYC VA . -17.39 -36.71 -21.08
CAB CYC VA . -19.15 -37.25 -18.40
CBB CYC VA . -18.18 -38.35 -17.89
OB CYC VA . -21.77 -38.25 -19.63
NC CYC VA . -17.44 -31.68 -31.03
C1C CYC VA . -16.51 -30.96 -31.58
C2C CYC VA . -15.32 -30.63 -30.66
C3C CYC VA . -15.74 -31.29 -29.41
C4C CYC VA . -17.06 -31.96 -29.75
CMC CYC VA . -13.96 -30.95 -31.30
CAC CYC VA . -15.95 -30.33 -28.21
CBC CYC VA . -14.85 -29.41 -27.91
OC CYC VA . -16.48 -30.50 -32.80
CHD CYC VA . -17.82 -32.69 -28.85
ND CYC VA . -19.40 -34.37 -28.08
C1D CYC VA . -19.17 -33.28 -28.92
C2D CYC VA . -20.36 -32.98 -29.64
C3D CYC VA . -21.37 -33.96 -29.22
C4D CYC VA . -20.69 -34.78 -28.26
CMD CYC VA . -20.61 -31.89 -30.66
CAD CYC VA . -22.78 -34.10 -29.69
CBD CYC VA . -23.70 -33.16 -29.08
CGD CYC VA . -23.64 -33.12 -27.57
O1D CYC VA . -24.14 -33.97 -26.90
O2D CYC VA . -23.06 -32.16 -26.91
CHA CYC WA . 18.56 3.66 40.43
NA CYC WA . 16.17 3.10 40.80
C1A CYC WA . 17.32 3.24 40.07
C2A CYC WA . 17.09 2.83 38.69
C3A CYC WA . 15.71 2.46 38.69
C4A CYC WA . 15.16 2.64 40.02
CMA CYC WA . 15.01 1.97 37.45
CAA CYC WA . 18.07 2.83 37.56
CBA CYC WA . 17.95 3.95 36.63
CGA CYC WA . 18.27 5.19 37.43
O1A CYC WA . 17.27 5.74 37.93
O2A CYC WA . 19.44 5.57 37.57
CHB CYC WA . 13.80 2.39 40.51
NB CYC WA . 12.60 3.57 38.81
C1B CYC WA . 12.62 2.70 39.83
C2B CYC WA . 11.32 2.18 40.09
C3B CYC WA . 10.43 2.77 39.17
C4B CYC WA . 11.33 3.60 38.45
CMB CYC WA . 10.99 1.22 41.13
CAB CYC WA . 8.94 2.61 38.98
CBB CYC WA . 8.20 3.93 39.27
OB CYC WA . 10.88 4.37 37.42
NC CYC WA . 20.47 4.62 46.94
C1C CYC WA . 20.62 4.12 48.13
C2C CYC WA . 19.44 3.30 48.66
C3C CYC WA . 18.52 3.36 47.52
C4C CYC WA . 19.25 4.21 46.48
CMC CYC WA . 19.83 2.02 49.38
CAC CYC WA . 17.05 3.75 47.91
CBC CYC WA . 16.34 2.69 48.61
OC CYC WA . 21.66 4.26 48.94
CHD CYC WA . 18.79 4.60 45.24
ND CYC WA . 18.46 4.08 42.90
C1D CYC WA . 19.35 4.49 43.88
C2D CYC WA . 20.63 4.71 43.30
C3D CYC WA . 20.49 4.41 41.87
C4D CYC WA . 19.11 4.03 41.70
CMD CYC WA . 21.90 5.16 43.98
CAD CYC WA . 21.55 4.48 40.82
CBD CYC WA . 22.27 3.25 40.67
CGD CYC WA . 23.14 3.19 39.43
O1D CYC WA . 23.74 2.19 39.13
O2D CYC WA . 23.29 4.21 38.62
CHA CYC XA . -21.86 -7.03 9.65
NA CYC XA . -21.00 -5.83 11.60
C1A CYC XA . -20.90 -6.60 10.48
C2A CYC XA . -19.51 -6.94 10.21
C3A CYC XA . -18.82 -6.31 11.28
C4A CYC XA . -19.78 -5.62 12.13
CMA CYC XA . -17.32 -6.40 11.40
CAA CYC XA . -18.98 -7.77 9.08
CBA CYC XA . -18.42 -9.07 9.41
CGA CYC XA . -19.31 -9.72 10.42
O1A CYC XA . -18.74 -10.07 11.45
O2A CYC XA . -20.53 -9.86 10.19
CHB CYC XA . -19.60 -4.82 13.36
NB CYC XA . -18.09 -6.34 14.32
C1B CYC XA . -18.87 -5.27 14.45
C2B CYC XA . -18.82 -4.77 15.78
C3B CYC XA . -17.93 -5.59 16.50
C4B CYC XA . -17.55 -6.50 15.50
CMB CYC XA . -19.56 -3.62 16.27
CAB CYC XA . -17.45 -5.57 17.92
CBB CYC XA . -16.02 -5.00 17.92
OB CYC XA . -16.65 -7.50 15.78
NC CYC XA . -27.59 -3.52 8.86
C1C CYC XA . -28.60 -2.69 8.96
C2C CYC XA . -28.65 -1.87 10.26
C3C CYC XA . -27.46 -2.36 10.94
C4C CYC XA . -26.84 -3.37 9.98
CMC CYC XA . -28.94 -0.37 10.10
CAC CYC XA . -27.73 -2.88 12.38
CBC CYC XA . -27.93 -1.81 13.36
OC CYC XA . -29.56 -2.50 8.09
CHD CYC XA . -25.70 -4.09 10.23
ND CYC XA . -23.72 -5.44 10.11
C1D CYC XA . -24.96 -5.17 9.55
C2D CYC XA . -25.18 -6.05 8.45
C3D CYC XA . -24.00 -6.89 8.33
C4D CYC XA . -23.14 -6.45 9.40
CMD CYC XA . -26.37 -6.15 7.53
CAD CYC XA . -23.74 -7.98 7.35
CBD CYC XA . -22.88 -7.62 6.25
CGD CYC XA . -22.27 -8.82 5.55
O1D CYC XA . -22.61 -9.14 4.46
O2D CYC XA . -21.36 -9.58 6.11
CHA CYC YA . -29.87 3.56 46.65
NA CYC YA . -29.52 1.34 45.66
C1A CYC YA . -29.63 2.22 46.69
C2A CYC YA . -29.42 1.54 47.96
C3A CYC YA . -29.18 0.19 47.57
C4A CYC YA . -29.25 0.09 46.12
CMA CYC YA . -28.93 -0.89 48.57
CAA CYC YA . -29.44 2.14 49.35
CBA CYC YA . -30.72 2.62 49.88
CGA CYC YA . -31.78 1.60 49.60
O1A CYC YA . -32.54 1.89 48.66
O2A CYC YA . -31.86 0.55 50.28
CHB CYC YA . -29.11 -1.04 45.18
NB CYC YA . -27.37 -2.37 46.16
C1B CYC YA . -28.21 -2.10 45.16
C2B CYC YA . -28.05 -3.05 44.10
C3B CYC YA . -27.03 -3.96 44.47
C4B CYC YA . -26.70 -3.43 45.75
CMB CYC YA . -28.79 -3.07 42.85
CAB CYC YA . -26.45 -5.14 43.72
CBB CYC YA . -27.44 -6.32 43.69
OB CYC YA . -25.73 -4.04 46.49
NC CYC YA . -32.79 7.46 41.92
C1C CYC YA . -33.45 7.95 40.90
C2C CYC YA . -33.57 7.02 39.69
C3C CYC YA . -32.78 5.89 40.15
C4C CYC YA . -32.40 6.21 41.59
CMC CYC YA . -35.02 6.77 39.21
CAC CYC YA . -31.58 5.58 39.18
CBC CYC YA . -31.87 4.29 38.51
OC CYC YA . -34.01 9.15 40.82
CHD CYC YA . -31.66 5.39 42.43
ND CYC YA . -30.79 4.25 44.39
C1D CYC YA . -31.19 5.46 43.83
C2D CYC YA . -31.02 6.49 44.80
C3D CYC YA . -30.50 5.87 46.00
C4D CYC YA . -30.37 4.47 45.67
CMD CYC YA . -31.32 7.98 44.67
CAD CYC YA . -30.15 6.51 47.31
CBD CYC YA . -28.91 7.24 47.31
CGD CYC YA . -27.70 6.42 46.92
O1D CYC YA . -27.16 5.71 47.72
O2D CYC YA . -27.16 6.46 45.73
CHA CYC ZA . 10.89 -53.56 -11.03
NA CYC ZA . 8.67 -52.61 -10.82
C1A CYC ZA . 9.86 -53.06 -10.35
C2A CYC ZA . 9.91 -52.91 -8.89
C3A CYC ZA . 8.63 -52.35 -8.58
C4A CYC ZA . 7.87 -52.17 -9.81
CMA CYC ZA . 8.21 -52.03 -7.17
CAA CYC ZA . 11.05 -53.28 -7.98
CBA CYC ZA . 10.83 -54.42 -7.09
CGA CYC ZA . 10.71 -55.62 -7.97
O1A CYC ZA . 11.52 -55.93 -7.10
O2A CYC ZA . 10.89 -56.77 -8.42
CHB CYC ZA . 6.53 -51.65 -10.07
NB CYC ZA . 5.27 -52.59 -8.25
C1B CYC ZA . 5.37 -51.82 -9.34
C2B CYC ZA . 4.12 -51.21 -9.63
C3B CYC ZA . 3.18 -51.61 -8.67
C4B CYC ZA . 4.01 -52.46 -7.87
CMB CYC ZA . 3.87 -50.30 -10.74
CAB CYC ZA . 1.73 -51.25 -8.51
CBB CYC ZA . 0.76 -52.34 -9.02
OB CYC ZA . 3.49 -53.09 -6.78
NC CYC ZA . 11.79 -53.46 -17.73
C1C CYC ZA . 11.93 -53.01 -18.94
C2C CYC ZA . 10.77 -52.12 -19.42
C3C CYC ZA . 9.90 -52.10 -18.24
C4C CYC ZA . 10.63 -52.96 -17.21
CMC CYC ZA . 11.23 -50.84 -20.14
CAC CYC ZA . 8.39 -52.43 -18.50
CBC CYC ZA . 7.71 -51.40 -19.29
OC CYC ZA . 12.92 -53.27 -19.77
CHD CYC ZA . 10.24 -53.28 -15.93
ND CYC ZA . 10.30 -53.32 -13.50
C1D CYC ZA . 10.99 -53.56 -14.69
C2D CYC ZA . 12.30 -54.06 -14.39
C3D CYC ZA . 12.40 -54.11 -12.94
C4D CYC ZA . 11.13 -53.64 -12.45
CMD CYC ZA . 13.42 -54.47 -15.32
CAD CYC ZA . 13.56 -54.54 -12.11
CBD CYC ZA . 14.39 -53.45 -11.70
CGD CYC ZA . 15.64 -53.86 -10.96
O1D CYC ZA . 16.68 -53.28 -11.15
O2D CYC ZA . 15.67 -54.82 -10.08
CHA CYC AB . -22.56 -37.12 25.43
NA CYC AB . -22.16 -38.56 23.53
C1A CYC AB . -21.78 -37.72 24.52
C2A CYC AB . -20.33 -37.52 24.51
C3A CYC AB . -19.91 -38.33 23.41
C4A CYC AB . -21.08 -38.97 22.82
CMA CYC AB . -18.49 -38.48 22.98
CAA CYC AB . -19.57 -36.67 25.48
CBA CYC AB . -18.57 -35.72 25.03
CGA CYC AB . -19.35 -34.63 24.36
O1A CYC AB . -18.86 -34.29 23.28
O2A CYC AB . -20.38 -34.17 24.89
CHB CYC AB . -21.22 -39.89 21.68
NB CYC AB . -19.88 -38.63 20.20
C1B CYC AB . -20.70 -39.65 20.42
C2B CYC AB . -20.92 -40.41 19.24
C3B CYC AB . -20.19 -39.81 18.20
C4B CYC AB . -19.60 -38.74 18.92
CMB CYC AB . -21.77 -41.59 19.16
CAB CYC AB . -20.07 -40.20 16.75
CBB CYC AB . -20.09 -39.00 15.78
OB CYC AB . -18.76 -37.85 18.32
NC CYC AB . -28.53 -39.59 26.99
C1C CYC AB . -29.57 -40.32 27.22
C2C CYC AB . -29.88 -41.39 26.17
C3C CYC AB . -28.81 -41.13 25.22
C4C CYC AB . -27.98 -40.03 25.83
CMC CYC AB . -30.07 -42.80 26.75
CAC CYC AB . -29.43 -40.70 23.85
CBC CYC AB . -30.16 -41.76 23.16
OC CYC AB . -30.39 -40.21 28.26
CHD CYC AB . -26.85 -39.46 25.29
ND CYC AB . -24.66 -38.44 25.18
C1D CYC AB . -25.89 -38.48 25.82
C2D CYC AB . -25.91 -37.49 26.85
C3D CYC AB . -24.61 -36.84 26.84
C4D CYC AB . -23.89 -37.49 25.77
CMD CYC AB . -27.00 -37.11 27.84
CAD CYC AB . -24.13 -35.75 27.73
CBD CYC AB . -23.54 -36.25 28.93
CGD CYC AB . -23.05 -35.17 29.85
O1D CYC AB . -23.20 -35.27 31.04
O2D CYC AB . -22.45 -34.08 29.44
CHA CYC BB . -38.74 -45.59 -9.74
NA CYC BB . -37.72 -43.56 -8.80
C1A CYC BB . -38.17 -44.37 -9.80
C2A CYC BB . -37.94 -43.72 -11.10
C3A CYC BB . -37.32 -42.48 -10.74
C4A CYC BB . -37.20 -42.41 -9.29
CMA CYC BB . -36.88 -41.45 -11.75
CAA CYC BB . -38.26 -44.24 -12.48
CBA CYC BB . -39.67 -44.38 -12.84
CGA CYC BB . -40.40 -43.13 -12.46
O1A CYC BB . -41.15 -43.26 -11.48
O2A CYC BB . -40.25 -42.07 -13.10
CHB CYC BB . -36.64 -41.36 -8.42
NB CYC BB . -34.51 -41.40 -9.39
C1B CYC BB . -35.29 -41.05 -8.38
C2B CYC BB . -34.55 -40.39 -7.35
C3B CYC BB . -33.20 -40.32 -7.77
C4B CYC BB . -33.31 -40.97 -9.03
CMB CYC BB . -35.09 -39.88 -6.10
CAB CYC BB . -31.97 -39.74 -7.11
CBB CYC BB . -31.90 -38.22 -7.28
OB CYC BB . -32.22 -41.12 -9.82
NC CYC BB . -40.87 -49.31 -4.54
C1C CYC BB . -41.50 -49.60 -3.42
C2C CYC BB . -41.14 -48.73 -2.21
C3C CYC BB . -40.14 -47.86 -2.81
C4C CYC BB . -40.07 -48.23 -4.29
CMC CYC BB . -42.32 -48.19 -1.38
CAC CYC BB . -38.81 -48.28 -2.12
CBC CYC BB . -38.61 -47.98 -0.74
OC CYC BB . -42.36 -50.58 -3.23
CHD CYC BB . -39.25 -47.67 -5.25
ND CYC BB . -38.93 -46.41 -7.33
C1D CYC BB . -39.28 -47.61 -6.73
C2D CYC BB . -39.59 -48.56 -7.76
C3D CYC BB . -39.41 -47.88 -9.04
C4D CYC BB . -39.00 -46.54 -8.69
CMD CYC BB . -40.02 -50.00 -7.62
CAD CYC BB . -39.61 -48.43 -10.41
CBD CYC BB . -38.51 -49.21 -10.89
CGD CYC BB . -37.17 -48.53 -10.78
O1D CYC BB . -36.48 -48.70 -9.81
O2D CYC BB . -36.69 -47.73 -11.70
CHA CYC CB . -41.84 -30.94 26.98
NA CYC CB . -40.17 -29.85 28.39
C1A CYC CB . -40.61 -30.79 27.51
C2A CYC CB . -39.53 -31.70 27.15
C3A CYC CB . -38.42 -31.21 27.90
C4A CYC CB . -38.85 -30.05 28.67
CMA CYC CB . -37.07 -31.84 27.85
CAA CYC CB . -39.58 -32.88 26.22
CBA CYC CB . -39.85 -34.18 26.84
CGA CYC CB . -41.20 -34.10 27.48
O1A CYC CB . -41.19 -33.97 28.71
O2A CYC CB . -42.24 -34.15 26.78
CHB CYC CB . -38.14 -29.15 29.59
NB CYC CB . -36.57 -30.60 30.69
C1B CYC CB . -37.09 -29.39 30.46
C2B CYC CB . -36.43 -28.40 31.22
C3B CYC CB . -35.43 -29.01 31.98
C4B CYC CB . -35.61 -30.37 31.57
CMB CYC CB . -36.78 -26.99 31.19
CAB CYC CB . -34.44 -28.43 32.95
CBB CYC CB . -34.64 -28.93 34.40
OB CYC CB . -34.81 -31.35 32.08
NC CYC CB . -47.24 -27.16 28.16
C1C CYC CB . -47.99 -26.11 28.11
C2C CYC CB . -47.38 -24.83 28.69
C3C CYC CB . -46.07 -25.32 29.11
C4C CYC CB . -46.05 -26.79 28.72
CMC CYC CB . -47.51 -23.61 27.78
CAC CYC CB . -45.76 -24.95 30.60
CBC CYC CB . -45.55 -23.53 30.82
OC CYC CB . -49.22 -26.05 27.65
CHD CYC CB . -45.04 -27.72 28.89
ND CYC CB . -43.28 -29.18 28.08
C1D CYC CB . -44.64 -28.88 28.07
C2D CYC CB . -45.32 -29.81 27.23
C3D CYC CB . -44.32 -30.73 26.71
C4D CYC CB . -43.07 -30.27 27.28
CMD CYC CB . -46.79 -29.92 26.89
CAD CYC CB . -44.52 -31.89 25.78
CBD CYC CB . -44.24 -31.59 24.40
CGD CYC CB . -44.58 -32.71 23.45
O1D CYC CB . -44.66 -32.50 22.27
O2D CYC CB . -44.79 -33.94 23.83
CHA CYC DB . 8.51 -33.55 38.94
NA CYC DB . 6.30 -33.02 39.74
C1A CYC DB . 7.19 -33.47 38.82
C2A CYC DB . 6.52 -33.93 37.62
C3A CYC DB . 5.14 -33.69 37.94
C4A CYC DB . 5.05 -33.11 39.27
CMA CYC DB . 4.01 -34.00 37.00
CAA CYC DB . 7.19 -34.51 36.40
CBA CYC DB . 7.04 -33.86 35.11
CGA CYC DB . 7.60 -32.47 35.16
O1A CYC DB . 6.94 -31.66 34.50
O2A CYC DB . 8.63 -32.20 35.80
CHB CYC DB . 3.91 -32.68 40.10
NB CYC DB . 2.69 -31.17 38.66
C1B CYC DB . 2.81 -31.91 39.77
C2B CYC DB . 1.64 -31.81 40.55
C3B CYC DB . 0.73 -30.96 39.92
C4B CYC DB . 1.49 -30.62 38.76
CMB CYC DB . 1.44 -32.48 41.82
CAB CYC DB . -0.65 -30.53 40.35
CBB CYC DB . -1.72 -31.02 39.36
OB CYC DB . 0.95 -29.77 37.84
NC CYC DB . 11.15 -34.17 44.83
C1C CYC DB . 11.55 -34.69 45.93
C2C CYC DB . 10.46 -34.97 46.95
C3C CYC DB . 9.29 -34.41 46.25
C4C CYC DB . 9.81 -34.00 44.89
CMC CYC DB . 10.45 -36.46 47.29
CAC CYC DB . 8.72 -33.25 47.10
CBC CYC DB . 8.44 -33.67 48.47
OC CYC DB . 12.78 -35.00 46.22
CHD CYC DB . 9.19 -33.46 43.79
ND CYC DB . 8.63 -33.48 41.43
C1D CYC DB . 9.64 -33.54 42.38
C2D CYC DB . 10.89 -33.71 41.69
C3D CYC DB . 10.61 -33.73 40.27
C4D CYC DB . 9.19 -33.58 40.19
CMD CYC DB . 12.32 -33.86 42.18
CAD CYC DB . 11.58 -33.89 39.15
CBD CYC DB . 11.81 -35.25 38.77
CGD CYC DB . 12.87 -35.44 37.71
O1D CYC DB . 13.57 -36.41 37.72
O2D CYC DB . 13.08 -34.59 36.74
CHA CYC EB . -12.80 -9.27 62.14
NA CYC EB . -11.73 -9.34 59.94
C1A CYC EB . -12.58 -8.84 60.87
C2A CYC EB . -13.31 -7.71 60.30
C3A CYC EB . -12.79 -7.61 58.97
C4A CYC EB . -11.79 -8.66 58.77
CMA CYC EB . -13.26 -6.56 58.01
CAA CYC EB . -14.36 -6.87 60.98
CBA CYC EB . -13.85 -5.89 61.94
CGA CYC EB . -12.47 -5.51 61.48
O1A CYC EB . -11.56 -6.00 62.15
O2A CYC EB . -12.31 -4.77 60.49
CHB CYC EB . -10.95 -9.00 57.62
NB CYC EB . -12.43 -8.63 55.77
C1B CYC EB . -11.25 -9.00 56.26
C2B CYC EB . -10.36 -9.39 55.20
C3B CYC EB . -11.05 -9.24 53.98
C4B CYC EB . -12.30 -8.77 54.47
CMB CYC EB . -8.99 -9.84 55.39
CAB CYC EB . -10.63 -9.48 52.56
CBB CYC EB . -10.41 -8.15 51.80
OB CYC EB . -13.30 -8.48 53.60
NC CYC EB . -10.53 -15.03 65.08
C1C CYC EB . -9.51 -15.75 65.47
C2C CYC EB . -8.38 -15.90 64.45
C3C CYC EB . -8.97 -15.18 63.32
C4C CYC EB . -10.26 -14.60 63.82
CMC CYC EB . -7.00 -15.49 64.95
CAC CYC EB . -9.21 -16.16 62.14
CBC CYC EB . -8.01 -16.05 61.24
OC CYC EB . -9.37 -16.36 66.64
CHD CYC EB . -11.12 -13.83 63.06
ND CYC EB . -11.81 -11.59 62.39
C1D CYC EB . -11.91 -12.61 63.33
C2D CYC EB . -12.79 -12.20 64.37
C3D CYC EB . -13.26 -10.86 64.03
C4D CYC EB . -12.58 -10.54 62.79
CMD CYC EB . -13.19 -13.00 65.60
CAD CYC EB . -14.18 -9.96 64.79
CBD CYC EB . -15.57 -10.32 64.74
CGD CYC EB . -16.10 -10.57 63.35
O1D CYC EB . -15.96 -9.76 62.48
O2D CYC EB . -16.75 -11.66 63.02
CHA CYC FB . 17.33 -27.97 -20.10
NA CYC FB . 18.40 -27.98 -17.93
C1A CYC FB . 17.41 -27.67 -18.80
C2A CYC FB . 16.37 -26.91 -18.10
C3A CYC FB . 16.85 -26.84 -16.76
C4A CYC FB . 18.14 -27.52 -16.69
CMA CYC FB . 16.12 -26.14 -15.64
CAA CYC FB . 15.08 -26.36 -18.67
CBA CYC FB . 15.02 -24.92 -18.86
CGA CYC FB . 15.90 -24.57 -20.02
O1A CYC FB . 17.04 -24.20 -19.71
O2A CYC FB . 15.48 -24.66 -21.19
CHB CYC FB . 19.05 -27.72 -15.55
NB CYC FB . 19.20 -25.44 -14.88
C1B CYC FB . 19.52 -26.73 -14.72
C2B CYC FB . 20.38 -26.89 -13.60
C3B CYC FB . 20.62 -25.62 -13.02
C4B CYC FB . 19.83 -24.81 -13.90
CMB CYC FB . 20.91 -28.17 -13.16
CAB CYC FB . 21.45 -25.23 -11.82
CBB CYC FB . 22.34 -24.00 -12.04
OB CYC FB . 19.74 -23.47 -13.72
NC CYC FB . 21.31 -32.62 -22.93
C1C CYC FB . 21.89 -33.78 -23.08
C2C CYC FB . 22.67 -34.28 -21.85
C3C CYC FB . 22.43 -33.18 -20.90
C4C CYC FB . 21.54 -32.20 -21.66
CMC CYC FB . 22.46 -35.75 -21.49
CAC CYC FB . 23.75 -32.59 -20.31
CBC CYC FB . 24.43 -33.46 -19.37
OC CYC FB . 21.89 -34.53 -24.18
CHD CYC FB . 21.05 -31.00 -21.21
ND CYC FB . 19.30 -29.50 -20.46
C1D CYC FB . 19.84 -30.22 -21.50
C2D CYC FB . 19.04 -30.02 -22.67
C3D CYC FB . 17.95 -29.10 -22.28
C4D CYC FB . 18.19 -28.83 -20.89
CMD CYC FB . 19.21 -30.58 -24.06
CAD CYC FB . 16.86 -28.59 -23.14
CBD CYC FB . 15.65 -29.36 -23.11
CGD CYC FB . 14.46 -28.62 -23.66
O1D CYC FB . 13.36 -29.09 -23.58
O2D CYC FB . 14.54 -27.45 -24.24
CHA CYC GB . 9.48 -2.52 23.02
NA CYC GB . 11.17 -3.37 21.49
C1A CYC GB . 9.89 -3.18 21.92
C2A CYC GB . 8.95 -3.80 21.01
C3A CYC GB . 9.79 -4.36 20.01
C4A CYC GB . 11.19 -4.07 20.33
CMA CYC GB . 9.26 -5.11 18.83
CAA CYC GB . 7.46 -3.82 21.13
CBA CYC GB . 6.88 -5.08 21.57
CGA CYC GB . 7.61 -5.47 22.81
O1A CYC GB . 8.52 -6.30 22.63
O2A CYC GB . 7.30 -4.97 23.90
CHB CYC GB . 12.43 -4.41 19.64
NB CYC GB . 11.97 -6.68 19.08
C1B CYC GB . 12.77 -5.60 19.03
C2B CYC GB . 13.94 -5.89 18.29
C3B CYC GB . 13.87 -7.22 17.86
C4B CYC GB . 12.61 -7.60 18.40
CMB CYC GB . 15.04 -4.97 18.04
CAB CYC GB . 14.85 -8.02 17.04
CBB CYC GB . 15.16 -9.38 17.69
OB CYC GB . 12.12 -8.84 18.21
NC CYC GB . 13.09 2.55 25.51
C1C CYC GB . 13.87 3.57 25.72
C2C CYC GB . 15.16 3.58 24.91
C3C CYC GB . 15.02 2.33 24.16
C4C CYC GB . 13.68 1.76 24.57
CMC CYC GB . 15.39 4.88 24.15
CAC CYC GB . 16.23 1.37 24.35
CBC CYC GB . 17.51 1.93 23.91
OC CYC GB . 13.63 4.55 26.56
CHD CYC GB . 13.10 0.59 24.14
ND CYC GB . 11.44 -1.02 23.43
C1D CYC GB . 11.75 0.02 24.29
C2D CYC GB . 10.62 0.24 25.13
C3D CYC GB . 9.58 -0.70 24.76
C4D CYC GB . 10.17 -1.47 23.69
CMD CYC GB . 10.42 1.26 26.23
CAD CYC GB . 8.23 -0.85 25.34
CBD CYC GB . 7.22 -0.06 24.69
CGD CYC GB . 5.83 -0.27 25.23
O1D CYC GB . 4.95 0.50 24.97
O2D CYC GB . 5.50 -1.28 25.99
CHA CYC HB . 45.78 -15.21 18.25
NA CYC HB . 43.80 -16.34 19.19
C1A CYC HB . 45.03 -16.27 18.61
C2A CYC HB . 45.53 -17.62 18.40
C3A CYC HB . 44.49 -18.45 18.90
C4A CYC HB . 43.40 -17.61 19.39
CMA CYC HB . 44.62 -19.94 18.87
CAA CYC HB . 46.86 -18.00 17.81
CBA CYC HB . 48.00 -17.78 18.69
CGA CYC HB . 47.50 -17.86 20.10
O1A CYC HB . 47.35 -16.76 20.66
O2A CYC HB . 47.26 -18.97 20.63
CHB CYC HB . 42.08 -17.93 20.00
NB CYC HB . 41.57 -20.08 19.15
C1B CYC HB . 41.18 -18.94 19.71
C2B CYC HB . 39.77 -18.96 19.96
C3B CYC HB . 39.27 -20.20 19.50
C4B CYC HB . 40.46 -20.80 19.03
CMB CYC HB . 39.01 -17.88 20.57
CAB CYC HB . 37.87 -20.77 19.49
CBB CYC HB . 37.77 -22.01 20.39
OB CYC HB . 40.44 -22.05 18.49
NC CYC HB . 44.92 -9.01 19.45
C1C CYC HB . 44.74 -7.75 19.73
C2C CYC HB . 43.33 -7.40 20.21
C3C CYC HB . 42.68 -8.72 20.13
C4C CYC HB . 43.77 -9.66 19.71
CMC CYC HB . 43.32 -6.62 21.53
CAC CYC HB . 41.55 -8.86 19.08
CBC CYC HB . 40.60 -7.78 19.00
OC CYC HB . 45.65 -6.81 19.61
CHD CYC HB . 43.68 -10.99 19.45
ND CYC HB . 44.56 -13.16 19.01
C1D CYC HB . 44.64 -11.82 18.72
C2D CYC HB . 45.66 -11.59 17.75
C3D CYC HB . 46.24 -12.89 17.45
C4D CYC HB . 45.50 -13.81 18.27
CMD CYC HB . 46.16 -10.30 17.09
CAD CYC HB . 47.36 -13.21 16.50
CBD CYC HB . 47.09 -12.98 15.11
CGD CYC HB . 45.88 -13.71 14.56
O1D CYC HB . 45.85 -14.01 13.40
O2D CYC HB . 44.84 -14.06 15.26
CHA CYC IB . 22.54 -26.36 50.90
NA CYC IB . 23.27 -26.66 48.55
C1A CYC IB . 22.45 -26.80 49.62
C2A CYC IB . 21.28 -27.59 49.23
C3A CYC IB . 21.50 -27.87 47.86
C4A CYC IB . 22.77 -27.27 47.44
CMA CYC IB . 20.53 -28.67 47.04
CAA CYC IB . 20.12 -27.99 50.11
CBA CYC IB . 20.04 -29.38 50.55
CGA CYC IB . 21.41 -29.75 51.03
O1A CYC IB . 22.04 -30.48 50.26
O2A CYC IB . 21.84 -29.33 52.13
CHB CYC IB . 23.47 -27.26 46.15
NB CYC IB . 22.92 -29.42 45.28
C1B CYC IB . 23.62 -28.29 45.22
C2B CYC IB . 24.53 -28.33 44.12
C3B CYC IB . 24.36 -29.57 43.44
C4B CYC IB . 23.33 -30.14 44.26
CMB CYC IB . 25.46 -27.28 43.76
CAB CYC IB . 25.05 -30.14 42.23
CBB CYC IB . 25.57 -31.58 42.44
OB CYC IB . 22.82 -31.37 43.98
NC CYC IB . 27.21 -22.39 53.89
C1C CYC IB . 28.09 -21.45 54.13
C2C CYC IB . 29.06 -21.16 52.97
C3C CYC IB . 28.56 -22.09 51.94
C4C CYC IB . 27.41 -22.85 52.62
CMC CYC IB . 29.42 -19.69 52.70
CAC CYC IB . 29.67 -22.89 51.16
CBC CYC IB . 30.19 -22.07 50.06
OC CYC IB . 28.24 -20.77 55.25
CHD CYC IB . 26.64 -23.84 52.03
ND CYC IB . 24.68 -25.03 51.26
C1D CYC IB . 25.39 -24.58 52.36
C2D CYC IB . 24.70 -24.98 53.54
C3D CYC IB . 23.51 -25.72 53.13
C4D CYC IB . 23.57 -25.71 51.68
CMD CYC IB . 25.08 -24.72 54.99
CAD CYC IB . 22.44 -26.35 53.98
CBD CYC IB . 21.27 -25.53 54.15
CGD CYC IB . 20.02 -26.27 54.57
O1D CYC IB . 19.08 -25.68 55.03
O2D CYC IB . 19.87 -27.56 54.45
CHA CYC JB . 3.88 -46.80 7.42
NA CYC JB . 5.58 -46.67 9.14
C1A CYC JB . 4.35 -46.43 8.62
C2A CYC JB . 3.52 -45.73 9.59
C3A CYC JB . 4.40 -45.57 10.70
C4A CYC JB . 5.69 -46.18 10.39
CMA CYC JB . 3.99 -44.88 11.99
CAA CYC JB . 2.09 -45.30 9.38
CBA CYC JB . 1.74 -43.87 9.46
CGA CYC JB . 2.46 -43.06 8.42
O1A CYC JB . 2.65 -41.87 8.76
O2A CYC JB . 2.81 -43.53 7.33
CHB CYC JB . 6.96 -46.31 11.15
NB CYC JB . 7.14 -44.16 12.16
C1B CYC JB . 7.68 -45.32 11.80
C2B CYC JB . 9.05 -45.35 12.18
C3B CYC JB . 9.38 -44.13 12.81
C4B CYC JB . 8.11 -43.50 12.74
CMB CYC JB . 9.96 -46.47 11.94
CAB CYC JB . 10.68 -43.65 13.39
CBB CYC JB . 11.04 -42.19 13.04
OB CYC JB . 7.94 -42.25 13.26
NC CYC JB . 5.99 -52.91 5.38
C1C CYC JB . 6.72 -53.92 5.00
C2C CYC JB . 8.15 -53.96 5.53
C3C CYC JB . 8.19 -52.73 6.33
C4C CYC JB . 6.77 -52.15 6.19
CMC CYC JB . 8.60 -55.31 6.07
CAC CYC JB . 9.42 -51.88 5.88
CBC CYC JB . 10.59 -52.13 6.73
OC CYC JB . 6.35 -54.89 4.19
CHD CYC JB . 6.26 -50.99 6.77
ND CYC JB . 5.18 -48.91 7.19
C1D CYC JB . 5.16 -50.04 6.43
C2D CYC JB . 4.05 -49.98 5.53
C3D CYC JB . 3.36 -48.71 5.79
C4D CYC JB . 4.15 -48.09 6.83
CMD CYC JB . 3.60 -50.99 4.50
CAD CYC JB . 2.16 -48.15 5.08
CBD CYC JB . 0.87 -48.28 5.72
CGD CYC JB . -0.28 -47.95 4.79
O1D CYC JB . -1.33 -48.52 4.88
O2D CYC JB . -0.20 -47.04 3.86
CHA CYC KB . 42.33 -42.48 9.04
NA CYC KB . 40.15 -41.43 8.85
C1A CYC KB . 41.49 -41.43 9.01
C2A CYC KB . 42.00 -40.07 9.15
C3A CYC KB . 40.81 -39.28 9.04
C4A CYC KB . 39.66 -40.17 8.85
CMA CYC KB . 40.90 -37.78 9.14
CAA CYC KB . 43.42 -39.63 9.34
CBA CYC KB . 44.27 -39.73 8.17
CGA CYC KB . 43.43 -39.24 7.03
O1A CYC KB . 42.92 -40.14 6.34
O2A CYC KB . 43.25 -38.02 6.85
CHB CYC KB . 38.22 -39.93 8.68
NB CYC KB . 38.04 -37.98 10.01
C1B CYC KB . 37.51 -38.83 9.12
C2B CYC KB . 36.20 -38.42 8.76
C3B CYC KB . 35.90 -37.23 9.46
C4B CYC KB . 37.11 -37.07 10.18
CMB CYC KB . 35.35 -39.14 7.83
CAB CYC KB . 34.69 -36.34 9.48
CBB CYC KB . 34.78 -35.21 8.44
OB CYC KB . 37.28 -36.02 10.99
NC CYC KB . 40.46 -48.87 8.42
C1C CYC KB . 39.97 -49.91 7.80
C2C CYC KB . 38.59 -49.71 7.16
C3C CYC KB . 38.36 -48.32 7.52
C4C CYC KB . 39.58 -47.85 8.25
CMC CYC KB . 38.53 -50.13 5.69
CAC CYC KB . 37.29 -47.95 8.54
CBC CYC KB . 36.40 -47.00 7.74
OC CYC KB . 40.53 -51.10 7.72
CHD CYC KB . 39.69 -46.57 8.76
ND CYC KB . 40.78 -44.44 8.80
C1D CYC KB . 40.88 -45.78 9.08
C2D CYC KB . 42.16 -46.08 9.63
C3D CYC KB . 42.89 -44.82 9.68
C4D CYC KB . 41.98 -43.86 9.14
CMD CYC KB . 42.71 -47.39 10.08
CAD CYC KB . 44.28 -44.58 10.16
CBD CYC KB . 44.35 -44.32 11.58
CGD CYC KB . 43.35 -43.28 12.04
O1D CYC KB . 43.60 -42.11 11.95
O2D CYC KB . 42.18 -43.58 12.52
#